data_2XOK
#
_entry.id   2XOK
#
_cell.length_a   135.352
_cell.length_b   173.711
_cell.length_c   137.889
_cell.angle_alpha   90.00
_cell.angle_beta   91.77
_cell.angle_gamma   90.00
#
_symmetry.space_group_name_H-M   'P 1 21 1'
#
loop_
_entity.id
_entity.type
_entity.pdbx_description
1 polymer 'ATP SYNTHASE SUBUNIT ALPHA, MITOCHONDRIAL'
2 polymer 'ATP SYNTHASE SUBUNIT BETA, MITOCHONDRIAL'
3 polymer 'ATP SYNTHASE SUBUNIT GAMMA, MITOCHONDRIAL'
4 polymer 'ATP SYNTHASE'
5 polymer 'ATP SYNTHASE CATALYTIC SECTOR F1 EPSILON SUBUNIT'
6 polymer 'ATP SYNTHASE SUBUNIT 9, MITOCHONDRIAL'
7 non-polymer 'PHOSPHOAMINOPHOSPHONIC ACID-ADENYLATE ESTER'
8 non-polymer 'MAGNESIUM ION'
#
loop_
_entity_poly.entity_id
_entity_poly.type
_entity_poly.pdbx_seq_one_letter_code
_entity_poly.pdbx_strand_id
1 'polypeptide(L)'
;MLARTAAIRSLSRTLINSTKAARPAAAALASTRRLASTKAQPTEVSSILEERIKGVSDEANLNETGRVLAVGDGIARVFG
LNNIQAEELVEFSSGVKGMALNLEPGQVGIVLFGSDRLVKEGELVKRTGNIVDVPVGPGLLGRVVDALGNPIDGKGPIDA
AGRSRAQVKAPGILPRRSVHEPVQTGLKAVDALVPIGRGQRELIIGDRQTGKTAVALDTILNQKRWNNGSDESKKLYCVY
VAVGQKRSTVAQLVQTLEQHDAMKYSIIVAATASEAAPLQYLAPFTAASIGEWFRDNGKHALIVYDDLSKQAVAYRQLSL
LLRRPPGREAYPGDVFYLHSRLLERAAKLSEKEGSGSLTALPVIETQGGDVSAYIPTNVISITDGQIFLEAELFYKGIRP
AINVGLSVSRVGSAAQVKALKQVAGSLKLFLAQYREVAAFAQFGSDLDASTKQTLVRGERLTQLLKQNQYSPLATEEQVP
LIYAGVNGHLDGIELSRIGEFESSFLSYLKSNHNELLTEIREKGELSKELLASLKSATESFVATF
;
A,B,C
2 'polypeptide(L)'
;MVLPRLYTATSRAAFKAAKQSAPLLSTSWKRCMASAAQSTPITGKVTAVIGAIVDVHFEQSELPAILNALEIKTPQGKLV
LEVAQHLGENTVRTIAMDGTEGLVRGEKVLDTGGPISVPVGRETLGRIINVIGEPIDERGPIKSKLRKPIHADPPSFAEQ
STSAEILETGIKVVDLLAPYARGGKIGLFGGAGVGKTVFIQELINNIAKAHGGFSVFTGVGERTREGNDLYREMKETGVI
NLEGESKVALVFGQMNEPPGARARVALTGLTIAEYFRDEEGQDVLLFIDNIFRFTQAGSEVSALLGRIPSAVGYQPTLAT
DMGLLQERITTTKKGSVTSVQAVYVPADDLTDPAPATTFAHLDATTVLSRGISELGIYPAVDPLDSKSRLLDAAVVGQEH
YDVASKVQETLQTYKSLQDIIAILGMDELSEQDKLTVERARKIQRFLSQPFAVAEVFTGIPGKLVRLKDTVASFKAVLEG
KYDNIPEHAFYMVGGIEDVVAKAEKLAAEAN
;
D,E,F
3 'polypeptide(L)'
;MLSRIVSNNATRSVMCHQAQVGILYKTNPVRTYATLKEVEMRLKSIKNIEKITKTMKIVASTRLSKAEKAKISAKKMDEA
EQLFYKNAETKNLDVEATETGAPKELIVAITSDKGLCGSIHSQLAKAVRRHLNDQPNADIVTIGDKIKMQLLRTHPNNIK
LSINGIGKDAPTFQESALIADKLLSVMKAGTYPKISIFYNDPVSSLSFEPSEKPIFNAKTIEQSPSFGKFEIDTDANVPR
DLFEYTLANQMLTAMAQGYAAEISARRNAMDNASKNAGDMINRYSILYNRTRQAVITNELVDIITGASSLG
;
G
4 'polypeptide(L)'
;MLRSIIGKSASRSLNFVAKRSYAEAAAASSGLKLQFALPHETLYSGSEVTQVNLPAKSGRIGVLANHVPTVEQLLPGVVE
VMEGSNSKKFFISGGFATVQPDSQLCVTAIEAFPLESFSQENIKNLLAEAKKNVSSSDAREAAEAAIQVEVLENLQSVLK
;
H
5 'polypeptide(L)' SAWRKAGMSYAAYLNVAAQAIRSSLKTELQTASVTNRSQTDAFYTQYKNGTAASEPTPMTK I
6 'polypeptide(L)' MQLVLAAKYIGAGISTIGLLGAGIGIAIVFAALINGVSRNPSIKDTVFPMAILGFALSEATGLFCLMVSFLLLFGV K,L,M,N,O,P,Q,R,S,T
#
loop_
_chem_comp.id
_chem_comp.type
_chem_comp.name
_chem_comp.formula
ANP non-polymer 'PHOSPHOAMINOPHOSPHONIC ACID-ADENYLATE ESTER' 'C10 H17 N6 O12 P3'
MG non-polymer 'MAGNESIUM ION' 'Mg 2'
#
# COMPACT_ATOMS: atom_id res chain seq x y z
N ASN A 61 67.04 16.82 -36.22
CA ASN A 61 66.30 18.09 -35.92
C ASN A 61 65.55 18.07 -34.57
N LEU A 62 64.40 17.39 -34.54
CA LEU A 62 63.62 17.06 -33.34
C LEU A 62 63.08 18.21 -32.47
N ASN A 63 63.09 19.42 -32.96
CA ASN A 63 62.46 20.47 -32.19
C ASN A 63 61.16 20.82 -32.84
N GLU A 64 61.11 20.64 -34.15
CA GLU A 64 59.92 20.95 -34.89
C GLU A 64 59.28 19.67 -35.40
N THR A 65 60.06 18.60 -35.45
CA THR A 65 59.56 17.31 -35.92
C THR A 65 59.81 16.18 -34.93
N GLY A 66 59.00 15.12 -35.06
CA GLY A 66 59.10 13.92 -34.23
C GLY A 66 58.94 12.61 -34.98
N ARG A 67 59.17 11.51 -34.26
CA ARG A 67 59.02 10.18 -34.81
C ARG A 67 58.05 9.40 -33.96
N VAL A 68 57.00 8.89 -34.61
CA VAL A 68 56.09 7.96 -33.94
C VAL A 68 56.87 6.76 -33.36
N LEU A 69 56.80 6.61 -32.05
CA LEU A 69 57.32 5.40 -31.39
C LEU A 69 56.36 4.23 -31.53
N ALA A 70 55.07 4.48 -31.29
CA ALA A 70 53.99 3.48 -31.36
C ALA A 70 52.63 4.12 -31.71
N VAL A 71 51.72 3.32 -32.26
CA VAL A 71 50.36 3.82 -32.51
C VAL A 71 49.28 2.74 -32.36
N GLY A 72 48.12 3.14 -31.85
CA GLY A 72 46.95 2.27 -31.72
C GLY A 72 45.81 2.99 -31.03
N ASP A 73 44.60 2.45 -31.17
CA ASP A 73 43.42 2.97 -30.46
C ASP A 73 43.31 4.53 -30.49
N GLY A 74 43.52 5.12 -31.66
CA GLY A 74 43.43 6.56 -31.82
C GLY A 74 44.56 7.37 -31.19
N ILE A 75 45.44 6.71 -30.44
CA ILE A 75 46.57 7.39 -29.80
C ILE A 75 47.88 7.08 -30.51
N ALA A 76 48.74 8.09 -30.68
CA ALA A 76 50.11 7.81 -31.10
C ALA A 76 51.12 8.50 -30.20
N ARG A 77 52.10 7.71 -29.76
CA ARG A 77 53.23 8.18 -28.96
C ARG A 77 54.39 8.56 -29.86
N VAL A 78 54.93 9.75 -29.65
CA VAL A 78 55.89 10.31 -30.55
C VAL A 78 57.11 10.85 -29.83
N PHE A 79 58.27 10.54 -30.39
CA PHE A 79 59.56 11.01 -29.91
C PHE A 79 59.89 12.37 -30.45
N GLY A 80 60.37 13.25 -29.56
CA GLY A 80 60.80 14.58 -29.99
C GLY A 80 59.70 15.61 -30.03
N LEU A 81 59.64 16.35 -31.14
CA LEU A 81 58.76 17.50 -31.22
C LEU A 81 58.97 18.36 -29.99
N ASN A 82 60.21 18.70 -29.72
CA ASN A 82 60.57 19.22 -28.40
C ASN A 82 60.07 20.60 -28.08
N ASN A 83 59.77 21.38 -29.11
CA ASN A 83 59.30 22.74 -28.91
C ASN A 83 57.81 22.88 -28.89
N ILE A 84 57.12 21.74 -28.86
CA ILE A 84 55.67 21.74 -29.03
C ILE A 84 54.94 22.32 -27.81
N GLN A 85 53.88 23.07 -28.09
CA GLN A 85 53.01 23.58 -27.04
C GLN A 85 51.93 22.59 -26.68
N ALA A 86 51.50 22.62 -25.42
CA ALA A 86 50.38 21.78 -24.98
C ALA A 86 49.12 22.14 -25.74
N GLU A 87 48.56 21.15 -26.42
CA GLU A 87 47.34 21.30 -27.20
C GLU A 87 47.64 21.89 -28.58
N GLU A 88 48.89 21.76 -29.00
CA GLU A 88 49.27 22.11 -30.35
C GLU A 88 48.77 21.06 -31.32
N LEU A 89 48.19 21.52 -32.42
CA LEU A 89 47.79 20.64 -33.51
C LEU A 89 49.02 20.17 -34.25
N VAL A 90 49.11 18.88 -34.56
CA VAL A 90 50.20 18.36 -35.42
C VAL A 90 49.75 17.50 -36.60
N GLU A 91 50.69 17.28 -37.50
CA GLU A 91 50.39 16.63 -38.75
C GLU A 91 51.35 15.53 -39.02
N PHE A 92 50.81 14.44 -39.55
CA PHE A 92 51.54 13.19 -39.73
C PHE A 92 51.91 13.06 -41.20
N SER A 93 52.94 12.26 -41.49
CA SER A 93 53.38 11.97 -42.87
C SER A 93 52.25 11.63 -43.85
N SER A 94 51.26 10.90 -43.35
CA SER A 94 50.11 10.46 -44.13
C SER A 94 49.10 11.57 -44.38
N GLY A 95 49.17 12.64 -43.58
CA GLY A 95 48.26 13.76 -43.72
C GLY A 95 47.15 13.87 -42.68
N VAL A 96 46.97 12.85 -41.86
CA VAL A 96 46.01 12.94 -40.76
C VAL A 96 46.55 13.90 -39.72
N LYS A 97 45.67 14.66 -39.08
CA LYS A 97 46.10 15.60 -38.07
C LYS A 97 45.82 14.95 -36.77
N GLY A 98 46.37 15.53 -35.71
CA GLY A 98 46.12 15.06 -34.34
C GLY A 98 46.52 16.16 -33.38
N MET A 99 46.16 16.06 -32.10
CA MET A 99 46.66 17.07 -31.18
C MET A 99 47.43 16.49 -30.02
N ALA A 100 48.39 17.27 -29.53
CA ALA A 100 49.28 16.80 -28.49
C ALA A 100 48.69 17.19 -27.14
N LEU A 101 48.38 16.19 -26.33
CA LEU A 101 47.72 16.42 -25.05
C LEU A 101 48.63 16.14 -23.85
N ASN A 102 49.35 15.01 -23.88
CA ASN A 102 50.35 14.70 -22.85
C ASN A 102 51.73 15.06 -23.37
N LEU A 103 52.41 15.95 -22.66
CA LEU A 103 53.80 16.22 -22.93
C LEU A 103 54.63 15.60 -21.81
N GLU A 104 55.27 14.48 -22.15
CA GLU A 104 55.99 13.65 -21.19
C GLU A 104 57.48 13.81 -21.42
N PRO A 105 58.30 13.52 -20.40
CA PRO A 105 59.76 13.58 -20.47
C PRO A 105 60.33 13.16 -21.81
N GLY A 106 60.10 11.91 -22.22
CA GLY A 106 60.69 11.42 -23.47
C GLY A 106 59.85 11.50 -24.73
N GLN A 107 58.55 11.68 -24.59
CA GLN A 107 57.66 11.46 -25.72
C GLN A 107 56.47 12.38 -25.61
N VAL A 108 55.78 12.59 -26.72
CA VAL A 108 54.56 13.37 -26.70
C VAL A 108 53.41 12.42 -26.93
N GLY A 109 52.27 12.68 -26.30
CA GLY A 109 51.09 11.86 -26.45
C GLY A 109 50.07 12.55 -27.32
N ILE A 110 49.99 12.14 -28.59
CA ILE A 110 49.10 12.81 -29.55
C ILE A 110 47.89 11.97 -29.79
N VAL A 111 46.72 12.61 -29.76
CA VAL A 111 45.41 12.01 -30.09
C VAL A 111 45.09 12.23 -31.59
N LEU A 112 44.55 11.21 -32.25
CA LEU A 112 44.35 11.31 -33.72
C LEU A 112 42.99 11.88 -34.15
N PHE A 113 42.96 12.61 -35.25
CA PHE A 113 41.69 13.07 -35.79
C PHE A 113 41.11 12.11 -36.82
N GLY A 114 41.88 11.11 -37.24
CA GLY A 114 41.42 10.21 -38.30
C GLY A 114 41.82 8.80 -37.99
N SER A 115 41.50 7.88 -38.89
CA SER A 115 41.82 6.46 -38.66
C SER A 115 43.33 6.31 -38.46
N ASP A 116 43.72 5.60 -37.42
CA ASP A 116 45.14 5.33 -37.18
C ASP A 116 45.72 4.22 -38.05
N ARG A 117 44.93 3.71 -38.99
CA ARG A 117 45.47 2.86 -40.03
C ARG A 117 46.47 3.66 -40.87
N LEU A 118 46.29 4.97 -40.88
CA LEU A 118 47.12 5.89 -41.67
C LEU A 118 48.51 6.08 -41.07
N VAL A 119 48.63 5.79 -39.79
CA VAL A 119 49.84 6.06 -39.08
C VAL A 119 50.61 4.76 -38.93
N LYS A 120 51.94 4.83 -39.09
CA LYS A 120 52.83 3.70 -38.79
C LYS A 120 53.96 4.10 -37.83
N GLU A 121 54.54 3.10 -37.16
CA GLU A 121 55.72 3.30 -36.34
C GLU A 121 56.86 3.86 -37.20
N GLY A 122 57.52 4.91 -36.70
CA GLY A 122 58.74 5.48 -37.31
C GLY A 122 58.45 6.68 -38.21
N GLU A 123 57.19 6.84 -38.54
CA GLU A 123 56.69 7.92 -39.35
C GLU A 123 57.15 9.29 -38.81
N LEU A 124 57.23 10.27 -39.72
CA LEU A 124 57.59 11.65 -39.38
C LEU A 124 56.37 12.45 -38.95
N VAL A 125 56.53 13.28 -37.92
CA VAL A 125 55.42 14.13 -37.46
C VAL A 125 55.86 15.59 -37.44
N LYS A 126 55.02 16.48 -37.95
CA LYS A 126 55.36 17.90 -38.03
C LYS A 126 54.49 18.74 -37.13
N ARG A 127 55.13 19.54 -36.28
CA ARG A 127 54.50 20.66 -35.59
C ARG A 127 53.74 21.49 -36.59
N THR A 128 52.60 22.04 -36.18
CA THR A 128 52.01 23.11 -36.96
C THR A 128 52.07 24.42 -36.18
N GLY A 129 52.73 24.39 -35.02
CA GLY A 129 52.89 25.57 -34.17
C GLY A 129 51.57 26.27 -33.86
N ASN A 130 50.49 25.50 -33.77
CA ASN A 130 49.15 26.06 -33.75
C ASN A 130 48.22 25.44 -32.73
N ILE A 131 47.85 26.19 -31.70
CA ILE A 131 46.77 25.76 -30.81
C ILE A 131 45.47 25.68 -31.62
N VAL A 132 44.71 24.61 -31.44
CA VAL A 132 43.46 24.45 -32.17
C VAL A 132 42.66 25.75 -32.20
N ASP A 133 42.36 26.23 -33.40
CA ASP A 133 41.49 27.36 -33.52
C ASP A 133 40.39 27.03 -34.51
N VAL A 134 39.60 28.04 -34.89
CA VAL A 134 38.45 27.82 -35.75
C VAL A 134 38.10 29.13 -36.46
N PRO A 135 37.66 29.05 -37.72
CA PRO A 135 37.20 30.30 -38.34
C PRO A 135 35.89 30.76 -37.66
N VAL A 136 35.75 32.06 -37.45
CA VAL A 136 34.56 32.61 -36.82
C VAL A 136 34.06 33.80 -37.61
N GLY A 137 32.80 34.16 -37.41
CA GLY A 137 32.23 35.27 -38.18
C GLY A 137 31.02 34.88 -39.00
N PRO A 138 30.30 35.88 -39.49
CA PRO A 138 28.98 35.66 -40.03
C PRO A 138 28.99 34.96 -41.39
N GLY A 139 30.17 34.82 -41.99
CA GLY A 139 30.26 34.09 -43.23
C GLY A 139 29.95 32.63 -42.97
N LEU A 140 29.61 32.32 -41.73
CA LEU A 140 29.38 30.94 -41.33
C LEU A 140 27.90 30.61 -41.24
N LEU A 141 27.08 31.66 -41.16
CA LEU A 141 25.65 31.52 -41.04
C LEU A 141 25.13 30.69 -42.21
N GLY A 142 24.27 29.74 -41.92
CA GLY A 142 23.66 28.91 -42.95
C GLY A 142 24.58 27.81 -43.43
N ARG A 143 25.65 27.53 -42.68
CA ARG A 143 26.68 26.57 -43.08
C ARG A 143 26.70 25.40 -42.16
N VAL A 144 27.19 24.26 -42.67
CA VAL A 144 27.35 23.05 -41.87
C VAL A 144 28.82 22.64 -41.88
N VAL A 145 29.45 22.80 -40.72
CA VAL A 145 30.87 22.57 -40.58
C VAL A 145 31.10 21.37 -39.71
N ASP A 146 32.31 20.82 -39.78
CA ASP A 146 32.77 19.84 -38.80
C ASP A 146 33.37 20.63 -37.64
N ALA A 147 33.99 19.96 -36.68
CA ALA A 147 34.41 20.65 -35.49
C ALA A 147 35.64 21.55 -35.70
N LEU A 148 36.35 21.41 -36.81
CA LEU A 148 37.54 22.24 -37.04
C LEU A 148 37.23 23.43 -37.92
N GLY A 149 35.98 23.54 -38.32
CA GLY A 149 35.55 24.68 -39.14
C GLY A 149 35.45 24.32 -40.59
N ASN A 150 35.71 23.06 -40.91
CA ASN A 150 35.66 22.64 -42.30
C ASN A 150 34.26 22.54 -42.84
N PRO A 151 34.09 22.82 -44.14
CA PRO A 151 32.74 22.76 -44.68
C PRO A 151 32.34 21.33 -45.00
N ILE A 152 31.21 20.88 -44.50
CA ILE A 152 30.82 19.53 -44.79
C ILE A 152 29.57 19.42 -45.71
N ASP A 153 29.14 20.56 -46.27
CA ASP A 153 27.86 20.66 -47.03
C ASP A 153 27.97 20.96 -48.55
N GLY A 154 29.17 20.84 -49.11
CA GLY A 154 29.41 21.09 -50.52
C GLY A 154 29.20 22.52 -50.99
N LYS A 155 29.40 23.49 -50.08
CA LYS A 155 29.16 24.89 -50.40
C LYS A 155 30.41 25.77 -50.47
N GLY A 156 31.57 25.18 -50.74
CA GLY A 156 32.82 25.95 -50.88
C GLY A 156 33.39 26.42 -49.55
N PRO A 157 34.47 27.23 -49.60
CA PRO A 157 35.23 27.63 -48.42
C PRO A 157 34.40 28.50 -47.52
N ILE A 158 34.64 28.43 -46.22
CA ILE A 158 34.05 29.39 -45.29
C ILE A 158 34.76 30.73 -45.44
N ASP A 159 33.98 31.81 -45.51
CA ASP A 159 34.50 33.17 -45.37
C ASP A 159 34.57 33.62 -43.91
N ALA A 160 35.76 33.48 -43.34
CA ALA A 160 35.99 33.76 -41.94
C ALA A 160 36.34 35.21 -41.69
N ALA A 161 35.58 35.85 -40.80
CA ALA A 161 35.93 37.17 -40.31
C ALA A 161 37.22 37.13 -39.49
N GLY A 162 37.67 35.94 -39.14
CA GLY A 162 38.90 35.79 -38.39
C GLY A 162 39.00 34.37 -37.87
N ARG A 163 39.86 34.16 -36.87
CA ARG A 163 39.99 32.84 -36.23
C ARG A 163 40.04 33.03 -34.73
N SER A 164 39.39 32.12 -33.99
CA SER A 164 39.47 32.08 -32.51
C SER A 164 39.87 30.70 -32.01
N ARG A 165 40.72 30.67 -30.99
CA ARG A 165 41.15 29.41 -30.38
C ARG A 165 39.93 28.71 -29.83
N ALA A 166 39.95 27.37 -29.81
CA ALA A 166 38.85 26.59 -29.27
C ALA A 166 38.68 26.87 -27.77
N GLN A 167 39.78 27.12 -27.07
CA GLN A 167 39.77 27.41 -25.66
C GLN A 167 39.83 28.90 -25.44
N VAL A 168 38.92 29.45 -24.62
CA VAL A 168 38.98 30.87 -24.26
C VAL A 168 38.41 31.12 -22.87
N LYS A 169 39.10 31.97 -22.11
CA LYS A 169 38.58 32.45 -20.82
C LYS A 169 37.11 32.92 -20.91
N ALA A 170 36.33 32.54 -19.90
CA ALA A 170 34.99 33.06 -19.76
C ALA A 170 35.09 34.53 -19.35
N PRO A 171 34.16 35.36 -19.83
CA PRO A 171 34.01 36.72 -19.33
C PRO A 171 33.92 36.73 -17.81
N GLY A 172 34.74 37.56 -17.17
CA GLY A 172 34.97 37.50 -15.72
C GLY A 172 33.81 37.94 -14.85
N ILE A 173 34.12 38.37 -13.64
CA ILE A 173 33.09 38.86 -12.73
C ILE A 173 32.60 40.23 -13.19
N LEU A 174 33.51 41.01 -13.75
CA LEU A 174 33.29 42.43 -14.03
C LEU A 174 32.53 42.78 -15.32
N PRO A 175 32.88 42.16 -16.48
CA PRO A 175 32.26 42.56 -17.74
C PRO A 175 30.93 41.87 -18.06
N ARG A 176 30.09 41.69 -17.04
CA ARG A 176 28.78 41.09 -17.23
C ARG A 176 27.72 41.99 -16.66
N ARG A 177 26.54 41.96 -17.27
CA ARG A 177 25.34 42.58 -16.71
C ARG A 177 24.36 41.48 -16.33
N SER A 178 23.35 41.81 -15.54
CA SER A 178 22.31 40.85 -15.21
C SER A 178 21.40 40.56 -16.40
N VAL A 179 21.16 39.27 -16.65
CA VAL A 179 20.27 38.81 -17.72
C VAL A 179 18.92 39.53 -17.67
N HIS A 180 18.43 40.08 -18.79
CA HIS A 180 17.20 40.90 -18.74
C HIS A 180 16.32 40.90 -20.00
N GLU A 181 16.79 40.27 -21.07
CA GLU A 181 16.04 40.20 -22.32
C GLU A 181 15.60 38.77 -22.50
N PRO A 182 14.34 38.55 -22.92
CA PRO A 182 13.83 37.20 -23.16
C PRO A 182 14.44 36.50 -24.37
N VAL A 183 14.59 35.19 -24.28
CA VAL A 183 14.68 34.34 -25.45
C VAL A 183 13.27 33.79 -25.55
N GLN A 184 12.51 34.24 -26.54
CA GLN A 184 11.15 33.72 -26.72
C GLN A 184 11.18 32.46 -27.59
N THR A 185 10.78 31.35 -26.99
CA THR A 185 10.94 30.06 -27.65
C THR A 185 9.74 29.70 -28.52
N GLY A 186 8.63 30.39 -28.26
CA GLY A 186 7.35 30.09 -28.92
C GLY A 186 6.56 29.01 -28.20
N LEU A 187 7.22 28.27 -27.32
CA LEU A 187 6.56 27.22 -26.58
C LEU A 187 5.87 27.78 -25.35
N LYS A 188 4.55 27.67 -25.34
CA LYS A 188 3.67 28.19 -24.30
C LYS A 188 4.13 27.81 -22.92
N ALA A 189 4.35 26.52 -22.73
CA ALA A 189 4.76 26.00 -21.43
C ALA A 189 6.08 26.63 -20.95
N VAL A 190 7.04 26.74 -21.87
CA VAL A 190 8.37 27.21 -21.53
C VAL A 190 8.37 28.71 -21.34
N ASP A 191 7.86 29.44 -22.33
CA ASP A 191 7.86 30.89 -22.26
C ASP A 191 7.09 31.40 -21.04
N ALA A 192 5.93 30.80 -20.77
CA ALA A 192 5.08 31.15 -19.62
C ALA A 192 5.59 30.69 -18.26
N LEU A 193 6.05 29.44 -18.17
CA LEU A 193 6.39 28.86 -16.88
C LEU A 193 7.88 28.70 -16.58
N VAL A 194 8.70 28.62 -17.62
CA VAL A 194 10.14 28.47 -17.44
C VAL A 194 10.86 29.50 -18.34
N PRO A 195 10.79 30.79 -17.97
CA PRO A 195 11.22 31.84 -18.88
C PRO A 195 12.74 31.89 -18.98
N ILE A 196 13.24 31.98 -20.21
CA ILE A 196 14.68 31.96 -20.47
C ILE A 196 15.13 33.36 -20.80
N GLY A 197 16.25 33.77 -20.21
CA GLY A 197 16.83 35.06 -20.48
C GLY A 197 18.04 34.97 -21.38
N ARG A 198 18.43 36.09 -21.96
CA ARG A 198 19.53 36.13 -22.90
C ARG A 198 20.83 36.17 -22.15
N GLY A 199 21.71 35.21 -22.43
CA GLY A 199 22.93 35.09 -21.66
C GLY A 199 22.79 33.98 -20.66
N GLN A 200 21.56 33.60 -20.35
CA GLN A 200 21.28 32.51 -19.42
C GLN A 200 21.89 31.18 -19.86
N ARG A 201 21.87 30.19 -18.97
CA ARG A 201 22.18 28.82 -19.31
C ARG A 201 21.07 27.94 -18.76
N GLU A 202 20.12 27.64 -19.63
CA GLU A 202 19.04 26.75 -19.29
C GLU A 202 19.44 25.42 -19.85
N LEU A 203 19.27 24.39 -19.02
CA LEU A 203 19.59 23.02 -19.41
C LEU A 203 18.36 22.22 -19.81
N ILE A 204 18.41 21.60 -20.99
CA ILE A 204 17.37 20.66 -21.39
C ILE A 204 17.76 19.25 -20.99
N ILE A 205 16.92 18.62 -20.16
CA ILE A 205 17.20 17.32 -19.58
C ILE A 205 16.01 16.33 -19.53
N GLY A 206 16.33 15.07 -19.83
CA GLY A 206 15.39 13.97 -19.79
C GLY A 206 16.00 12.69 -20.32
N ASP A 207 15.27 11.58 -20.13
CA ASP A 207 15.66 10.30 -20.73
C ASP A 207 15.64 10.38 -22.24
N ARG A 208 16.11 9.32 -22.89
CA ARG A 208 16.07 9.23 -24.34
C ARG A 208 14.65 9.35 -24.80
N GLN A 209 14.49 9.86 -26.01
CA GLN A 209 13.21 9.93 -26.74
C GLN A 209 12.04 10.67 -26.05
N THR A 210 12.36 11.61 -25.18
CA THR A 210 11.35 12.37 -24.45
C THR A 210 10.94 13.64 -25.18
N GLY A 211 11.84 14.22 -25.95
CA GLY A 211 11.51 15.43 -26.71
C GLY A 211 12.53 16.54 -26.62
N LYS A 212 13.75 16.23 -26.19
CA LYS A 212 14.73 17.25 -25.80
C LYS A 212 15.12 18.18 -26.95
N THR A 213 15.26 17.57 -28.12
CA THR A 213 15.76 18.24 -29.32
C THR A 213 14.67 19.14 -29.86
N ALA A 214 13.45 18.61 -29.84
CA ALA A 214 12.24 19.34 -30.19
C ALA A 214 12.09 20.69 -29.48
N VAL A 215 12.43 20.75 -28.19
CA VAL A 215 12.38 21.98 -27.40
C VAL A 215 13.36 23.00 -27.96
N ALA A 216 14.60 22.57 -28.14
CA ALA A 216 15.66 23.38 -28.74
C ALA A 216 15.30 23.84 -30.16
N LEU A 217 14.96 22.88 -31.02
CA LEU A 217 14.60 23.16 -32.41
C LEU A 217 13.43 24.16 -32.58
N ASP A 218 12.49 24.16 -31.65
CA ASP A 218 11.39 25.12 -31.69
C ASP A 218 11.82 26.50 -31.27
N THR A 219 12.85 26.57 -30.43
CA THR A 219 13.44 27.85 -30.09
C THR A 219 14.07 28.43 -31.33
N ILE A 220 14.90 27.62 -31.98
CA ILE A 220 15.54 27.98 -33.24
C ILE A 220 14.50 28.38 -34.31
N LEU A 221 13.50 27.55 -34.54
CA LEU A 221 12.49 27.87 -35.54
C LEU A 221 11.73 29.15 -35.24
N ASN A 222 11.66 29.54 -33.96
CA ASN A 222 10.87 30.70 -33.57
C ASN A 222 11.57 32.02 -33.76
N GLN A 223 12.86 32.01 -34.09
CA GLN A 223 13.57 33.29 -34.27
C GLN A 223 13.26 34.08 -35.58
N LYS A 224 12.59 33.45 -36.56
CA LYS A 224 12.23 34.13 -37.81
C LYS A 224 11.53 35.46 -37.52
N ARG A 225 10.69 35.46 -36.49
CA ARG A 225 10.03 36.68 -36.03
C ARG A 225 10.96 37.88 -36.03
N TRP A 226 12.20 37.72 -35.60
CA TRP A 226 13.13 38.85 -35.52
C TRP A 226 14.28 38.81 -36.54
N ASN A 227 14.82 37.62 -36.76
CA ASN A 227 15.93 37.46 -37.67
C ASN A 227 15.61 37.94 -39.09
N ASN A 228 14.34 37.88 -39.47
CA ASN A 228 13.90 38.39 -40.75
C ASN A 228 13.69 39.90 -40.74
N GLY A 229 13.62 40.47 -39.54
CA GLY A 229 13.41 41.90 -39.39
C GLY A 229 14.66 42.72 -39.61
N SER A 230 14.66 43.94 -39.08
CA SER A 230 15.79 44.86 -39.21
C SER A 230 16.64 44.97 -37.95
N ASP A 231 15.99 45.08 -36.79
CA ASP A 231 16.64 45.50 -35.54
C ASP A 231 17.60 44.47 -34.93
N GLU A 232 18.89 44.80 -35.01
CA GLU A 232 19.96 43.92 -34.57
C GLU A 232 19.80 43.43 -33.15
N SER A 233 19.71 44.34 -32.19
CA SER A 233 19.59 43.98 -30.77
C SER A 233 18.45 43.00 -30.52
N LYS A 234 17.54 42.87 -31.48
CA LYS A 234 16.38 41.98 -31.33
C LYS A 234 16.46 40.62 -32.05
N LYS A 235 17.42 40.47 -32.97
CA LYS A 235 17.69 39.19 -33.63
C LYS A 235 18.50 38.26 -32.74
N LEU A 236 18.58 36.99 -33.15
CA LEU A 236 19.22 35.92 -32.37
C LEU A 236 19.72 34.80 -33.28
N TYR A 237 21.04 34.58 -33.29
CA TYR A 237 21.61 33.65 -34.24
C TYR A 237 21.79 32.27 -33.61
N CYS A 238 21.47 31.24 -34.38
CA CYS A 238 21.40 29.91 -33.81
C CYS A 238 22.63 29.05 -34.03
N VAL A 239 23.09 28.37 -32.98
CA VAL A 239 24.22 27.48 -33.12
C VAL A 239 23.96 26.13 -32.49
N TYR A 240 23.81 25.14 -33.37
CA TYR A 240 23.47 23.79 -33.04
C TYR A 240 24.68 22.88 -33.13
N VAL A 241 25.21 22.48 -31.98
CA VAL A 241 26.37 21.63 -31.88
C VAL A 241 25.92 20.16 -31.79
N ALA A 242 26.05 19.42 -32.91
CA ALA A 242 25.62 18.00 -32.97
C ALA A 242 26.74 17.05 -32.56
N VAL A 243 26.56 16.33 -31.46
CA VAL A 243 27.64 15.47 -30.96
C VAL A 243 27.28 13.99 -31.03
N GLY A 244 28.01 13.28 -31.88
CA GLY A 244 27.90 11.83 -31.92
C GLY A 244 26.48 11.50 -32.28
N GLN A 245 26.00 12.15 -33.33
CA GLN A 245 24.74 11.77 -33.90
C GLN A 245 24.97 11.12 -35.25
N LYS A 246 24.12 10.14 -35.51
CA LYS A 246 23.92 9.58 -36.83
C LYS A 246 23.87 10.75 -37.87
N ARG A 247 24.76 10.73 -38.87
CA ARG A 247 24.81 11.77 -39.92
C ARG A 247 23.48 11.98 -40.62
N SER A 248 22.72 10.90 -40.75
CA SER A 248 21.42 10.96 -41.41
C SER A 248 20.46 11.78 -40.59
N THR A 249 20.63 11.75 -39.27
CA THR A 249 19.88 12.62 -38.35
C THR A 249 20.20 14.07 -38.61
N VAL A 250 21.48 14.41 -38.54
CA VAL A 250 21.94 15.77 -38.81
C VAL A 250 21.38 16.27 -40.16
N ALA A 251 21.72 15.56 -41.24
CA ALA A 251 21.13 15.74 -42.57
C ALA A 251 19.64 16.14 -42.57
N GLN A 252 18.84 15.36 -41.85
CA GLN A 252 17.44 15.63 -41.63
C GLN A 252 17.18 16.84 -40.73
N LEU A 253 18.07 17.15 -39.79
CA LEU A 253 17.84 18.32 -38.99
C LEU A 253 18.09 19.55 -39.83
N VAL A 254 19.07 19.45 -40.73
CA VAL A 254 19.29 20.45 -41.76
C VAL A 254 18.04 20.56 -42.62
N GLN A 255 17.61 19.43 -43.19
CA GLN A 255 16.47 19.44 -44.10
C GLN A 255 15.22 19.97 -43.42
N THR A 256 15.29 20.17 -42.13
CA THR A 256 14.14 20.63 -41.36
C THR A 256 14.14 22.13 -41.12
N LEU A 257 15.32 22.68 -40.87
CA LEU A 257 15.44 24.12 -40.74
C LEU A 257 15.30 24.82 -42.11
N GLU A 258 15.78 24.16 -43.18
CA GLU A 258 15.64 24.72 -44.52
C GLU A 258 14.19 24.70 -44.92
N GLN A 259 13.46 23.72 -44.41
CA GLN A 259 12.03 23.68 -44.61
C GLN A 259 11.28 24.74 -43.81
N HIS A 260 11.95 25.39 -42.87
CA HIS A 260 11.32 26.49 -42.16
C HIS A 260 12.04 27.81 -42.37
N ASP A 261 12.95 27.85 -43.34
CA ASP A 261 13.81 29.02 -43.61
C ASP A 261 14.53 29.51 -42.36
N ALA A 262 15.03 28.56 -41.57
CA ALA A 262 15.79 28.88 -40.37
C ALA A 262 17.30 28.76 -40.56
N MET A 263 17.71 27.88 -41.47
CA MET A 263 19.13 27.75 -41.85
C MET A 263 19.86 29.08 -42.05
N LYS A 264 19.27 29.99 -42.79
CA LYS A 264 19.90 31.26 -43.02
C LYS A 264 20.49 31.98 -41.79
N TYR A 265 20.15 31.57 -40.58
CA TYR A 265 20.69 32.26 -39.40
C TYR A 265 21.17 31.30 -38.34
N SER A 266 21.49 30.08 -38.77
CA SER A 266 21.87 28.98 -37.91
C SER A 266 23.20 28.48 -38.35
N ILE A 267 23.93 27.87 -37.41
CA ILE A 267 25.20 27.17 -37.71
C ILE A 267 25.19 25.78 -37.07
N ILE A 268 25.53 24.77 -37.87
CA ILE A 268 25.63 23.41 -37.41
C ILE A 268 27.10 23.03 -37.41
N VAL A 269 27.60 22.76 -36.21
CA VAL A 269 28.90 22.16 -36.01
C VAL A 269 28.62 20.69 -35.77
N ALA A 270 29.16 19.85 -36.66
CA ALA A 270 28.81 18.43 -36.73
C ALA A 270 29.99 17.54 -36.32
N ALA A 271 29.77 16.71 -35.29
CA ALA A 271 30.78 15.78 -34.83
C ALA A 271 30.09 14.44 -34.66
N THR A 272 29.80 13.85 -35.82
CA THR A 272 28.89 12.69 -35.92
C THR A 272 29.42 11.39 -35.31
N ALA A 273 28.48 10.49 -35.02
CA ALA A 273 28.75 9.22 -34.33
C ALA A 273 30.13 8.66 -34.63
N SER A 274 30.56 8.74 -35.89
CA SER A 274 31.67 7.93 -36.37
C SER A 274 32.99 8.64 -36.42
N GLU A 275 33.08 9.81 -35.84
CA GLU A 275 34.30 10.58 -36.02
C GLU A 275 35.21 10.44 -34.79
N ALA A 276 36.51 10.67 -34.99
CA ALA A 276 37.48 10.57 -33.91
C ALA A 276 37.02 11.33 -32.68
N ALA A 277 37.31 10.75 -31.54
CA ALA A 277 36.86 11.27 -30.27
C ALA A 277 37.31 12.69 -30.02
N PRO A 278 38.53 13.04 -30.42
CA PRO A 278 38.95 14.41 -30.22
C PRO A 278 37.97 15.40 -30.83
N LEU A 279 37.48 15.12 -32.03
CA LEU A 279 36.55 16.03 -32.72
C LEU A 279 35.26 16.19 -31.92
N GLN A 280 34.75 15.09 -31.38
CA GLN A 280 33.57 15.08 -30.48
C GLN A 280 33.83 15.80 -29.15
N TYR A 281 35.07 15.76 -28.70
CA TYR A 281 35.50 16.46 -27.51
C TYR A 281 35.58 17.98 -27.80
N LEU A 282 35.98 18.34 -29.02
CA LEU A 282 36.35 19.70 -29.39
C LEU A 282 35.18 20.55 -29.83
N ALA A 283 34.32 19.91 -30.63
CA ALA A 283 33.15 20.55 -31.27
C ALA A 283 32.44 21.62 -30.44
N PRO A 284 32.07 21.35 -29.16
CA PRO A 284 31.38 22.35 -28.37
C PRO A 284 32.20 23.58 -28.03
N PHE A 285 33.47 23.42 -27.76
CA PHE A 285 34.35 24.58 -27.57
C PHE A 285 34.54 25.33 -28.89
N THR A 286 34.81 24.55 -29.93
CA THR A 286 34.89 25.02 -31.27
C THR A 286 33.67 25.90 -31.58
N ALA A 287 32.47 25.38 -31.32
CA ALA A 287 31.25 26.12 -31.60
C ALA A 287 31.07 27.26 -30.60
N ALA A 288 31.46 27.04 -29.33
CA ALA A 288 31.46 28.10 -28.32
C ALA A 288 32.07 29.40 -28.83
N SER A 289 33.24 29.26 -29.47
CA SER A 289 34.01 30.40 -29.96
C SER A 289 33.36 31.05 -31.15
N ILE A 290 32.62 30.25 -31.91
CA ILE A 290 31.78 30.77 -32.97
C ILE A 290 30.67 31.70 -32.41
N GLY A 291 30.04 31.27 -31.32
CA GLY A 291 29.00 32.04 -30.65
C GLY A 291 29.55 33.36 -30.14
N GLU A 292 30.67 33.27 -29.41
CA GLU A 292 31.25 34.45 -28.79
C GLU A 292 31.52 35.55 -29.79
N TRP A 293 31.83 35.18 -31.05
CA TRP A 293 31.98 36.17 -32.11
C TRP A 293 30.81 37.15 -32.05
N PHE A 294 29.60 36.60 -32.11
CA PHE A 294 28.40 37.39 -32.00
C PHE A 294 28.32 38.10 -30.67
N ARG A 295 28.58 37.39 -29.56
CA ARG A 295 28.58 38.00 -28.24
C ARG A 295 29.49 39.22 -28.19
N ASP A 296 30.74 39.02 -28.57
CA ASP A 296 31.77 40.06 -28.54
C ASP A 296 31.47 41.24 -29.47
N ASN A 297 30.61 41.03 -30.46
CA ASN A 297 30.33 42.03 -31.48
C ASN A 297 28.98 42.72 -31.32
N GLY A 298 28.54 42.85 -30.07
CA GLY A 298 27.28 43.52 -29.76
C GLY A 298 25.98 42.86 -30.22
N LYS A 299 26.10 41.65 -30.78
CA LYS A 299 24.94 40.84 -31.22
C LYS A 299 24.59 39.73 -30.21
N HIS A 300 23.67 38.82 -30.59
CA HIS A 300 23.18 37.76 -29.70
C HIS A 300 23.06 36.42 -30.39
N ALA A 301 23.73 35.44 -29.83
CA ALA A 301 23.51 34.08 -30.22
C ALA A 301 23.01 33.29 -29.04
N LEU A 302 22.62 32.07 -29.36
CA LEU A 302 22.06 31.09 -28.47
C LEU A 302 22.71 29.85 -29.03
N ILE A 303 23.07 28.91 -28.17
CA ILE A 303 23.84 27.76 -28.60
C ILE A 303 23.32 26.47 -27.93
N VAL A 304 23.01 25.48 -28.77
CA VAL A 304 22.41 24.21 -28.34
C VAL A 304 23.45 23.11 -28.44
N TYR A 305 23.70 22.45 -27.31
CA TYR A 305 24.69 21.41 -27.22
C TYR A 305 24.03 20.05 -27.14
N ASP A 306 24.03 19.34 -28.26
CA ASP A 306 23.25 18.12 -28.40
C ASP A 306 24.15 16.94 -28.76
N ASP A 307 24.74 16.27 -27.77
CA ASP A 307 24.55 16.60 -26.34
C ASP A 307 25.85 16.54 -25.52
N LEU A 308 25.78 17.03 -24.27
CA LEU A 308 26.94 17.07 -23.39
C LEU A 308 27.25 15.69 -22.86
N SER A 309 26.22 14.87 -22.70
CA SER A 309 26.42 13.49 -22.29
C SER A 309 27.51 12.88 -23.18
N LYS A 310 27.33 13.02 -24.49
CA LYS A 310 28.18 12.35 -25.44
C LYS A 310 29.57 12.97 -25.56
N GLN A 311 29.65 14.27 -25.30
CA GLN A 311 30.93 14.95 -25.19
C GLN A 311 31.76 14.37 -24.02
N ALA A 312 31.14 14.24 -22.85
CA ALA A 312 31.79 13.63 -21.71
C ALA A 312 32.27 12.19 -22.03
N VAL A 313 31.41 11.38 -22.64
CA VAL A 313 31.80 10.07 -23.10
C VAL A 313 33.03 10.17 -23.96
N ALA A 314 33.11 11.18 -24.85
CA ALA A 314 34.27 11.32 -25.74
C ALA A 314 35.54 11.64 -24.96
N TYR A 315 35.49 12.70 -24.17
CA TYR A 315 36.58 13.06 -23.29
C TYR A 315 37.10 11.84 -22.57
N ARG A 316 36.17 11.01 -22.10
CA ARG A 316 36.54 9.79 -21.40
C ARG A 316 37.43 8.92 -22.27
N GLN A 317 37.02 8.70 -23.52
CA GLN A 317 37.74 7.82 -24.40
C GLN A 317 39.19 8.23 -24.53
N LEU A 318 39.41 9.54 -24.67
CA LEU A 318 40.73 10.09 -24.86
C LEU A 318 41.59 9.83 -23.67
N SER A 319 41.00 10.02 -22.48
CA SER A 319 41.75 10.04 -21.26
C SER A 319 42.26 8.65 -20.92
N LEU A 320 41.31 7.73 -20.90
CA LEU A 320 41.57 6.35 -20.60
C LEU A 320 42.65 5.87 -21.54
N LEU A 321 42.53 6.19 -22.83
CA LEU A 321 43.52 5.74 -23.77
C LEU A 321 44.88 6.34 -23.49
N LEU A 322 44.92 7.66 -23.28
CA LEU A 322 46.13 8.30 -22.76
C LEU A 322 46.53 7.80 -21.37
N ARG A 323 45.69 6.94 -20.79
CA ARG A 323 45.97 6.33 -19.49
C ARG A 323 46.11 7.36 -18.40
N ARG A 324 45.40 8.47 -18.58
CA ARG A 324 45.12 9.34 -17.46
C ARG A 324 44.22 8.60 -16.45
N PRO A 325 44.47 8.78 -15.14
CA PRO A 325 43.83 8.06 -14.04
C PRO A 325 42.32 8.33 -13.92
N PRO A 326 41.49 7.28 -13.78
CA PRO A 326 40.04 7.40 -13.77
C PRO A 326 39.40 7.50 -12.37
N GLY A 327 38.25 8.16 -12.30
CA GLY A 327 37.46 8.24 -11.07
C GLY A 327 36.09 7.61 -11.27
N ARG A 328 35.09 8.18 -10.61
CA ARG A 328 33.69 7.79 -10.76
C ARG A 328 33.32 7.57 -12.22
N GLU A 329 32.87 6.35 -12.51
CA GLU A 329 32.45 5.91 -13.86
C GLU A 329 33.53 6.00 -14.92
N ALA A 330 34.78 6.10 -14.46
CA ALA A 330 35.95 6.10 -15.32
C ALA A 330 36.18 7.43 -16.02
N TYR A 331 35.51 8.49 -15.56
CA TYR A 331 35.85 9.86 -15.99
C TYR A 331 37.06 10.38 -15.21
N PRO A 332 37.88 11.19 -15.89
CA PRO A 332 39.01 11.92 -15.30
C PRO A 332 38.53 12.95 -14.31
N GLY A 333 39.42 13.39 -13.41
CA GLY A 333 39.06 14.37 -12.38
C GLY A 333 38.46 15.62 -12.98
N ASP A 334 39.08 16.13 -14.05
CA ASP A 334 38.66 17.38 -14.67
C ASP A 334 37.50 17.32 -15.70
N VAL A 335 36.62 16.35 -15.56
CA VAL A 335 35.40 16.28 -16.38
C VAL A 335 34.44 17.40 -16.00
N PHE A 336 34.41 17.75 -14.71
CA PHE A 336 33.67 18.93 -14.27
C PHE A 336 34.24 20.13 -14.99
N TYR A 337 35.52 20.39 -14.74
CA TYR A 337 36.27 21.49 -15.33
C TYR A 337 36.07 21.60 -16.83
N LEU A 338 35.97 20.45 -17.50
CA LEU A 338 35.55 20.40 -18.90
C LEU A 338 34.29 21.22 -19.09
N HIS A 339 33.17 20.77 -18.50
CA HIS A 339 31.88 21.45 -18.67
C HIS A 339 31.73 22.83 -18.03
N SER A 340 32.45 23.10 -16.95
CA SER A 340 32.35 24.41 -16.34
C SER A 340 32.90 25.41 -17.32
N ARG A 341 34.13 25.17 -17.78
CA ARG A 341 34.76 25.99 -18.84
C ARG A 341 33.81 26.28 -19.99
N LEU A 342 33.16 25.25 -20.52
CA LEU A 342 32.21 25.42 -21.64
C LEU A 342 31.11 26.40 -21.29
N LEU A 343 30.30 26.05 -20.30
CA LEU A 343 29.13 26.84 -19.97
C LEU A 343 29.38 28.19 -19.28
N GLU A 344 30.46 28.34 -18.54
CA GLU A 344 30.77 29.67 -18.02
C GLU A 344 31.02 30.69 -19.14
N ARG A 345 31.32 30.22 -20.35
CA ARG A 345 31.55 31.13 -21.47
C ARG A 345 30.28 31.84 -21.94
N ALA A 346 29.12 31.31 -21.55
CA ALA A 346 27.86 31.92 -21.93
C ALA A 346 27.58 33.08 -20.99
N ALA A 347 27.14 34.21 -21.53
CA ALA A 347 26.86 35.39 -20.69
C ALA A 347 26.07 36.54 -21.32
N LYS A 348 25.62 37.45 -20.48
CA LYS A 348 25.18 38.77 -20.91
C LYS A 348 26.27 39.78 -20.52
N LEU A 349 26.99 40.27 -21.53
CA LEU A 349 28.09 41.22 -21.34
C LEU A 349 27.60 42.62 -21.01
N SER A 350 28.39 43.39 -20.27
CA SER A 350 27.99 44.75 -19.84
C SER A 350 28.09 45.80 -20.95
N GLU A 351 27.37 46.91 -20.77
CA GLU A 351 27.34 47.97 -21.77
C GLU A 351 28.68 48.28 -22.40
N LYS A 352 29.73 48.34 -21.58
CA LYS A 352 31.06 48.62 -22.07
C LYS A 352 31.57 47.57 -23.08
N GLU A 353 31.01 46.36 -23.01
CA GLU A 353 31.46 45.28 -23.88
C GLU A 353 30.65 45.10 -25.16
N GLY A 354 29.79 46.07 -25.45
CA GLY A 354 28.89 45.99 -26.61
C GLY A 354 27.56 45.37 -26.24
N SER A 355 27.43 44.99 -24.97
CA SER A 355 26.21 44.42 -24.39
C SER A 355 25.70 43.19 -25.14
N GLY A 356 26.57 42.58 -25.93
CA GLY A 356 26.22 41.35 -26.64
C GLY A 356 25.93 40.25 -25.64
N SER A 357 25.54 39.09 -26.13
CA SER A 357 25.11 38.00 -25.26
C SER A 357 25.23 36.61 -25.89
N LEU A 358 25.47 35.59 -25.07
CA LEU A 358 25.43 34.20 -25.51
C LEU A 358 24.62 33.30 -24.55
N THR A 359 23.58 32.67 -25.06
CA THR A 359 22.67 31.83 -24.27
C THR A 359 22.94 30.37 -24.55
N ALA A 360 22.77 29.53 -23.55
CA ALA A 360 23.16 28.15 -23.71
C ALA A 360 22.04 27.15 -23.44
N LEU A 361 21.81 26.29 -24.42
CA LEU A 361 20.90 25.16 -24.25
C LEU A 361 21.62 23.82 -24.28
N PRO A 362 22.40 23.50 -23.22
CA PRO A 362 22.96 22.15 -23.20
C PRO A 362 21.87 21.10 -23.03
N VAL A 363 22.04 20.02 -23.79
CA VAL A 363 21.19 18.85 -23.69
C VAL A 363 21.89 17.80 -22.80
N ILE A 364 21.16 17.26 -21.85
CA ILE A 364 21.71 16.19 -21.02
C ILE A 364 20.75 15.02 -20.94
N GLU A 365 21.27 13.83 -21.18
CA GLU A 365 20.45 12.64 -21.33
C GLU A 365 20.47 11.78 -20.08
N THR A 366 19.39 11.77 -19.32
CA THR A 366 19.39 10.94 -18.15
C THR A 366 19.23 9.48 -18.56
N GLN A 367 19.49 8.57 -17.61
CA GLN A 367 19.33 7.16 -17.86
C GLN A 367 18.37 6.67 -16.81
N GLY A 368 17.19 6.24 -17.26
CA GLY A 368 16.13 5.87 -16.33
C GLY A 368 15.82 6.97 -15.32
N GLY A 369 16.10 8.22 -15.70
CA GLY A 369 15.75 9.38 -14.91
C GLY A 369 16.75 9.79 -13.83
N ASP A 370 17.98 9.30 -13.93
CA ASP A 370 18.93 9.47 -12.81
C ASP A 370 19.68 10.80 -12.82
N VAL A 371 19.14 11.77 -12.09
CA VAL A 371 19.78 13.09 -11.92
C VAL A 371 21.04 13.07 -11.02
N SER A 372 21.20 11.99 -10.25
CA SER A 372 22.38 11.79 -9.43
C SER A 372 23.53 11.23 -10.24
N ALA A 373 23.22 10.69 -11.42
CA ALA A 373 24.24 10.12 -12.33
C ALA A 373 25.39 11.10 -12.43
N TYR A 374 26.59 10.59 -12.57
CA TYR A 374 27.76 11.46 -12.44
C TYR A 374 27.66 12.73 -13.29
N ILE A 375 27.51 12.59 -14.60
CA ILE A 375 27.52 13.76 -15.46
C ILE A 375 26.36 14.73 -15.20
N PRO A 376 25.10 14.27 -15.25
CA PRO A 376 23.98 15.14 -14.89
C PRO A 376 24.15 15.97 -13.61
N THR A 377 24.85 15.42 -12.61
CA THR A 377 25.13 16.13 -11.37
C THR A 377 25.96 17.37 -11.65
N ASN A 378 27.17 17.15 -12.16
CA ASN A 378 28.04 18.23 -12.57
C ASN A 378 27.26 19.32 -13.30
N VAL A 379 26.60 18.93 -14.40
CA VAL A 379 25.99 19.90 -15.32
C VAL A 379 24.84 20.64 -14.65
N ILE A 380 23.95 19.91 -13.99
CA ILE A 380 22.86 20.56 -13.23
C ILE A 380 23.37 21.63 -12.27
N SER A 381 24.56 21.43 -11.71
CA SER A 381 25.09 22.35 -10.72
C SER A 381 25.87 23.50 -11.35
N ILE A 382 26.03 23.45 -12.68
CA ILE A 382 26.60 24.56 -13.44
C ILE A 382 25.52 25.50 -14.04
N THR A 383 24.40 24.93 -14.46
CA THR A 383 23.39 25.66 -15.22
C THR A 383 22.51 26.51 -14.32
N ASP A 384 21.70 27.37 -14.93
CA ASP A 384 20.77 28.23 -14.20
C ASP A 384 19.39 27.61 -14.20
N GLY A 385 19.33 26.32 -14.43
CA GLY A 385 18.05 25.68 -14.37
C GLY A 385 17.86 24.65 -15.45
N GLN A 386 16.73 23.96 -15.36
CA GLN A 386 16.49 22.84 -16.23
C GLN A 386 15.08 22.87 -16.78
N ILE A 387 14.96 22.44 -18.03
CA ILE A 387 13.69 22.05 -18.60
C ILE A 387 13.68 20.52 -18.58
N PHE A 388 12.66 19.96 -17.94
CA PHE A 388 12.70 18.57 -17.58
C PHE A 388 11.66 17.76 -18.31
N LEU A 389 12.14 16.74 -19.00
CA LEU A 389 11.24 15.93 -19.79
C LEU A 389 11.01 14.52 -19.24
N GLU A 390 9.82 13.99 -19.47
CA GLU A 390 9.43 12.67 -18.97
C GLU A 390 8.52 11.96 -19.96
N ALA A 391 8.95 10.78 -20.38
CA ALA A 391 8.17 9.92 -21.28
C ALA A 391 6.77 9.60 -20.73
N GLU A 392 6.60 9.62 -19.41
CA GLU A 392 5.29 9.40 -18.77
C GLU A 392 4.31 10.45 -19.25
N LEU A 393 4.66 11.70 -18.99
CA LEU A 393 3.90 12.84 -19.46
C LEU A 393 3.74 12.75 -20.97
N PHE A 394 4.80 12.34 -21.65
CA PHE A 394 4.76 12.18 -23.09
C PHE A 394 3.71 11.17 -23.59
N TYR A 395 3.58 10.01 -22.97
CA TYR A 395 2.60 9.03 -23.47
C TYR A 395 1.19 9.41 -23.05
N LYS A 396 1.09 10.26 -22.02
CA LYS A 396 -0.18 10.83 -21.63
C LYS A 396 -0.67 11.71 -22.76
N GLY A 397 0.28 12.21 -23.56
CA GLY A 397 -0.02 13.11 -24.68
C GLY A 397 0.30 14.58 -24.41
N ILE A 398 0.86 14.86 -23.25
CA ILE A 398 1.25 16.22 -22.89
C ILE A 398 2.58 16.57 -23.57
N ARG A 399 2.52 17.15 -24.75
CA ARG A 399 3.72 17.58 -25.49
C ARG A 399 3.69 19.09 -25.79
N PRO A 400 4.75 19.83 -25.38
CA PRO A 400 5.99 19.35 -24.85
C PRO A 400 5.74 18.65 -23.53
N ALA A 401 6.52 17.59 -23.28
CA ALA A 401 6.37 16.76 -22.10
C ALA A 401 7.10 17.35 -20.91
N ILE A 402 6.81 18.62 -20.60
CA ILE A 402 7.55 19.33 -19.58
C ILE A 402 7.00 19.04 -18.21
N ASN A 403 7.82 18.40 -17.40
CA ASN A 403 7.54 18.39 -15.99
C ASN A 403 7.73 19.81 -15.48
N VAL A 404 6.63 20.40 -15.02
CA VAL A 404 6.64 21.77 -14.52
C VAL A 404 7.20 21.81 -13.11
N GLY A 405 6.83 20.84 -12.28
CA GLY A 405 7.27 20.81 -10.91
C GLY A 405 8.78 20.71 -10.76
N LEU A 406 9.42 20.09 -11.74
CA LEU A 406 10.87 19.85 -11.70
C LEU A 406 11.72 20.87 -12.47
N SER A 407 11.08 21.63 -13.36
CA SER A 407 11.77 22.62 -14.18
C SER A 407 11.86 23.97 -13.48
N VAL A 408 13.07 24.52 -13.38
CA VAL A 408 13.28 25.87 -12.83
C VAL A 408 14.23 26.65 -13.73
N SER A 409 14.05 27.98 -13.72
CA SER A 409 14.97 28.92 -14.34
C SER A 409 15.37 29.98 -13.29
N ARG A 410 16.57 29.82 -12.73
CA ARG A 410 17.09 30.66 -11.62
C ARG A 410 17.04 32.14 -11.94
N VAL A 411 17.13 32.44 -13.24
CA VAL A 411 16.99 33.78 -13.80
C VAL A 411 15.52 34.22 -13.72
N GLY A 412 14.63 33.39 -14.26
CA GLY A 412 13.17 33.52 -14.08
C GLY A 412 12.48 34.83 -14.43
N SER A 413 11.76 35.37 -13.45
CA SER A 413 10.99 36.60 -13.59
C SER A 413 11.63 37.57 -14.57
N ALA A 414 12.90 37.89 -14.31
CA ALA A 414 13.61 38.98 -14.98
C ALA A 414 13.66 38.91 -16.51
N ALA A 415 13.28 37.77 -17.06
CA ALA A 415 13.50 37.49 -18.49
C ALA A 415 12.23 37.26 -19.29
N GLN A 416 11.10 37.73 -18.77
CA GLN A 416 9.80 37.36 -19.30
C GLN A 416 9.14 38.58 -19.94
N VAL A 417 8.59 38.40 -21.13
CA VAL A 417 7.77 39.45 -21.72
C VAL A 417 6.84 39.90 -20.61
N LYS A 418 7.02 41.14 -20.15
CA LYS A 418 6.26 41.61 -18.99
C LYS A 418 4.79 41.19 -19.07
N ALA A 419 4.24 41.18 -20.29
CA ALA A 419 2.82 40.85 -20.56
C ALA A 419 2.45 39.41 -20.26
N LEU A 420 3.34 38.49 -20.60
CA LEU A 420 3.15 37.08 -20.34
C LEU A 420 3.29 36.83 -18.85
N LYS A 421 4.24 37.51 -18.22
CA LYS A 421 4.44 37.45 -16.76
C LYS A 421 3.26 38.09 -16.02
N GLN A 422 2.51 38.94 -16.71
CA GLN A 422 1.36 39.60 -16.11
C GLN A 422 0.17 38.67 -15.93
N VAL A 423 -0.11 37.85 -16.94
CA VAL A 423 -1.24 36.93 -16.91
C VAL A 423 -0.85 35.50 -16.52
N ALA A 424 0.28 35.32 -15.82
CA ALA A 424 0.78 33.97 -15.50
C ALA A 424 1.43 33.79 -14.13
N GLY A 425 1.56 34.87 -13.35
CA GLY A 425 2.02 34.75 -11.95
C GLY A 425 1.09 33.81 -11.18
N SER A 426 -0.15 33.76 -11.66
CA SER A 426 -1.15 32.82 -11.21
C SER A 426 -0.94 31.39 -11.73
N LEU A 427 -0.32 31.24 -12.91
CA LEU A 427 -0.23 29.93 -13.61
C LEU A 427 0.60 28.90 -12.88
N LYS A 428 1.74 29.31 -12.34
CA LYS A 428 2.55 28.37 -11.56
C LYS A 428 1.84 28.03 -10.26
N LEU A 429 1.08 29.00 -9.74
CA LEU A 429 0.26 28.83 -8.54
C LEU A 429 -0.79 27.74 -8.76
N PHE A 430 -1.66 27.92 -9.77
CA PHE A 430 -2.73 26.98 -10.08
C PHE A 430 -2.19 25.57 -10.33
N LEU A 431 -1.20 25.44 -11.21
CA LEU A 431 -0.65 24.14 -11.58
C LEU A 431 0.12 23.44 -10.44
N ALA A 432 0.52 24.22 -9.44
CA ALA A 432 1.13 23.69 -8.21
C ALA A 432 0.09 22.97 -7.34
N GLN A 433 -1.04 23.64 -7.14
CA GLN A 433 -2.12 23.11 -6.35
C GLN A 433 -2.85 21.98 -7.07
N TYR A 434 -2.78 21.99 -8.40
CA TYR A 434 -3.34 20.92 -9.22
C TYR A 434 -2.50 19.65 -9.19
N ARG A 435 -1.22 19.80 -8.94
CA ARG A 435 -0.36 18.64 -8.75
C ARG A 435 -0.58 17.97 -7.39
N GLU A 436 -1.13 18.72 -6.45
CA GLU A 436 -1.29 18.25 -5.07
C GLU A 436 -2.64 17.62 -4.77
N VAL A 437 -3.62 17.88 -5.63
CA VAL A 437 -4.96 17.31 -5.46
C VAL A 437 -5.23 16.39 -6.65
N ALA A 438 -4.17 15.90 -7.28
CA ALA A 438 -4.28 15.18 -8.54
C ALA A 438 -4.86 13.79 -8.37
N ALA A 439 -4.36 13.07 -7.36
CA ALA A 439 -4.78 11.71 -7.03
C ALA A 439 -6.25 11.63 -6.60
N PHE A 440 -6.88 12.80 -6.41
CA PHE A 440 -8.30 12.86 -6.09
C PHE A 440 -9.17 12.66 -7.32
N ALA A 441 -8.53 12.41 -8.46
CA ALA A 441 -9.24 12.15 -9.71
C ALA A 441 -9.98 10.78 -9.74
N GLN A 442 -9.97 10.06 -8.61
CA GLN A 442 -10.79 8.85 -8.44
C GLN A 442 -11.40 8.79 -7.05
N SER A 445 -14.73 10.78 -6.77
CA SER A 445 -16.17 10.47 -6.79
C SER A 445 -16.98 11.35 -5.84
N ASP A 446 -16.37 11.75 -4.73
CA ASP A 446 -17.04 12.56 -3.72
C ASP A 446 -16.13 13.70 -3.24
N LEU A 447 -15.86 14.66 -4.13
CA LEU A 447 -14.95 15.75 -3.82
C LEU A 447 -15.72 17.04 -3.58
N ASP A 448 -15.28 17.83 -2.59
CA ASP A 448 -15.92 19.11 -2.29
C ASP A 448 -15.61 20.16 -3.37
N ALA A 449 -16.55 21.09 -3.57
CA ALA A 449 -16.49 22.04 -4.70
C ALA A 449 -15.17 22.81 -4.89
N SER A 450 -14.38 22.92 -3.81
CA SER A 450 -13.10 23.63 -3.86
C SER A 450 -12.04 22.82 -4.59
N THR A 451 -11.82 21.60 -4.13
CA THR A 451 -10.88 20.71 -4.76
C THR A 451 -11.47 20.09 -6.04
N LYS A 452 -12.76 20.29 -6.26
CA LYS A 452 -13.39 19.94 -7.53
C LYS A 452 -12.93 20.95 -8.58
N GLN A 453 -13.07 22.22 -8.23
CA GLN A 453 -12.67 23.37 -9.06
C GLN A 453 -11.20 23.30 -9.48
N THR A 454 -10.33 23.03 -8.52
CA THR A 454 -8.91 22.92 -8.76
C THR A 454 -8.61 21.90 -9.86
N LEU A 455 -9.37 20.80 -9.90
CA LEU A 455 -9.24 19.82 -10.96
C LEU A 455 -9.85 20.30 -12.27
N VAL A 456 -10.71 21.30 -12.20
CA VAL A 456 -11.35 21.84 -13.40
C VAL A 456 -10.39 22.75 -14.19
N ARG A 457 -9.64 23.61 -13.48
CA ARG A 457 -8.63 24.46 -14.13
C ARG A 457 -7.53 23.61 -14.70
N GLY A 458 -7.00 22.75 -13.84
CA GLY A 458 -5.77 22.00 -14.10
C GLY A 458 -5.76 21.24 -15.41
N GLU A 459 -6.81 20.44 -15.61
CA GLU A 459 -6.95 19.68 -16.85
C GLU A 459 -6.94 20.62 -18.07
N ARG A 460 -7.75 21.68 -18.02
CA ARG A 460 -7.82 22.66 -19.11
C ARG A 460 -6.50 23.35 -19.36
N LEU A 461 -5.92 23.89 -18.29
CA LEU A 461 -4.59 24.49 -18.31
C LEU A 461 -3.52 23.57 -18.89
N THR A 462 -3.45 22.34 -18.40
CA THR A 462 -2.50 21.38 -18.92
C THR A 462 -2.73 21.18 -20.42
N GLN A 463 -4.00 21.08 -20.80
CA GLN A 463 -4.39 20.92 -22.19
C GLN A 463 -3.88 22.08 -23.03
N LEU A 464 -3.96 23.28 -22.46
CA LEU A 464 -3.58 24.51 -23.14
C LEU A 464 -2.10 24.63 -23.42
N LEU A 465 -1.32 23.79 -22.76
CA LEU A 465 0.12 23.87 -22.90
C LEU A 465 0.64 22.73 -23.75
N LYS A 466 -0.27 21.92 -24.30
CA LYS A 466 0.10 20.99 -25.37
C LYS A 466 0.28 21.86 -26.60
N GLN A 467 1.15 21.43 -27.51
CA GLN A 467 1.52 22.27 -28.65
C GLN A 467 2.19 21.42 -29.70
N ASN A 468 1.55 21.19 -30.84
CA ASN A 468 2.15 20.34 -31.88
C ASN A 468 3.54 20.82 -32.20
N GLN A 469 4.36 19.92 -32.72
CA GLN A 469 5.73 20.28 -33.01
C GLN A 469 5.81 21.39 -34.06
N TYR A 470 6.94 22.10 -34.09
CA TYR A 470 7.28 23.03 -35.18
C TYR A 470 6.39 24.27 -35.31
N SER A 471 5.36 24.35 -34.47
CA SER A 471 4.43 25.46 -34.52
C SER A 471 4.60 26.31 -33.25
N PRO A 472 5.71 27.06 -33.15
CA PRO A 472 5.82 27.89 -31.96
C PRO A 472 4.95 29.13 -32.10
N LEU A 473 4.43 29.61 -30.98
CA LEU A 473 3.50 30.73 -30.97
C LEU A 473 4.16 32.06 -30.66
N ALA A 474 3.74 33.11 -31.37
CA ALA A 474 4.11 34.48 -31.07
C ALA A 474 3.56 34.89 -29.70
N THR A 475 4.32 35.69 -28.96
CA THR A 475 3.89 36.15 -27.64
C THR A 475 2.46 36.70 -27.64
N GLU A 476 2.20 37.66 -28.52
CA GLU A 476 0.85 38.23 -28.68
C GLU A 476 -0.19 37.17 -29.01
N GLU A 477 0.26 35.95 -29.29
CA GLU A 477 -0.63 34.81 -29.54
C GLU A 477 -0.73 33.89 -28.33
N GLN A 478 0.25 33.96 -27.44
CA GLN A 478 0.23 33.18 -26.20
C GLN A 478 -0.65 33.83 -25.13
N VAL A 479 -0.40 35.11 -24.89
CA VAL A 479 -1.03 35.87 -23.79
C VAL A 479 -2.58 35.85 -23.78
N PRO A 480 -3.24 35.85 -24.97
CA PRO A 480 -4.68 35.66 -24.93
C PRO A 480 -5.11 34.30 -24.39
N LEU A 481 -4.51 33.24 -24.89
CA LEU A 481 -4.87 31.91 -24.45
C LEU A 481 -4.59 31.71 -22.96
N ILE A 482 -3.42 32.17 -22.52
CA ILE A 482 -3.09 32.05 -21.12
C ILE A 482 -3.98 32.98 -20.28
N TYR A 483 -4.46 34.07 -20.87
CA TYR A 483 -5.43 34.91 -20.16
C TYR A 483 -6.78 34.21 -19.96
N ALA A 484 -7.41 33.77 -21.05
CA ALA A 484 -8.71 33.07 -20.99
C ALA A 484 -8.66 31.87 -20.07
N GLY A 485 -7.51 31.21 -20.04
CA GLY A 485 -7.27 30.09 -19.15
C GLY A 485 -7.32 30.54 -17.70
N VAL A 486 -6.27 31.23 -17.26
CA VAL A 486 -6.08 31.61 -15.85
C VAL A 486 -7.31 32.30 -15.24
N ASN A 487 -7.97 33.16 -16.01
CA ASN A 487 -9.11 33.90 -15.49
C ASN A 487 -10.44 33.19 -15.71
N GLY A 488 -10.37 31.88 -15.93
CA GLY A 488 -11.52 30.98 -15.81
C GLY A 488 -12.56 31.00 -16.91
N HIS A 489 -12.12 31.28 -18.14
CA HIS A 489 -13.03 31.32 -19.27
C HIS A 489 -13.07 30.02 -20.04
N LEU A 490 -12.41 29.00 -19.52
CA LEU A 490 -12.42 27.69 -20.15
C LEU A 490 -13.13 26.62 -19.31
N ASP A 491 -13.36 26.94 -18.03
CA ASP A 491 -14.04 26.02 -17.10
C ASP A 491 -15.37 25.53 -17.64
N GLY A 492 -16.07 26.40 -18.37
CA GLY A 492 -17.30 26.06 -19.07
C GLY A 492 -17.05 25.07 -20.20
N ILE A 493 -16.00 25.30 -20.97
CA ILE A 493 -15.71 24.46 -22.12
C ILE A 493 -15.27 23.08 -21.68
N GLU A 494 -15.67 22.09 -22.44
CA GLU A 494 -15.24 20.70 -22.25
C GLU A 494 -13.77 20.54 -22.60
N LEU A 495 -13.19 19.45 -22.10
CA LEU A 495 -11.75 19.25 -22.17
C LEU A 495 -11.22 18.84 -23.54
N SER A 496 -12.07 18.25 -24.37
CA SER A 496 -11.64 17.84 -25.71
C SER A 496 -11.67 19.00 -26.70
N ARG A 497 -12.58 19.94 -26.48
CA ARG A 497 -12.71 21.09 -27.36
C ARG A 497 -11.61 22.15 -27.17
N ILE A 498 -10.84 22.06 -26.09
CA ILE A 498 -9.74 23.00 -25.87
C ILE A 498 -8.74 22.98 -27.05
N GLY A 499 -8.74 21.89 -27.80
CA GLY A 499 -8.01 21.79 -29.06
C GLY A 499 -8.44 22.87 -30.02
N GLU A 500 -9.59 22.66 -30.66
CA GLU A 500 -10.13 23.63 -31.61
C GLU A 500 -10.38 25.04 -31.02
N PHE A 501 -10.39 25.17 -29.69
CA PHE A 501 -10.61 26.47 -29.04
C PHE A 501 -9.54 27.46 -29.46
N GLU A 502 -8.29 27.06 -29.23
CA GLU A 502 -7.12 27.88 -29.49
C GLU A 502 -7.11 28.38 -30.93
N SER A 503 -7.25 27.46 -31.89
CA SER A 503 -7.25 27.79 -33.32
C SER A 503 -8.25 28.88 -33.69
N SER A 504 -9.48 28.71 -33.22
CA SER A 504 -10.60 29.56 -33.60
C SER A 504 -10.58 30.88 -32.87
N PHE A 505 -10.07 30.86 -31.63
CA PHE A 505 -9.96 32.07 -30.82
C PHE A 505 -8.99 33.03 -31.48
N LEU A 506 -7.82 32.51 -31.82
CA LEU A 506 -6.73 33.29 -32.36
C LEU A 506 -7.01 33.88 -33.72
N SER A 507 -7.61 33.08 -34.61
CA SER A 507 -8.01 33.57 -35.92
C SER A 507 -9.15 34.60 -35.82
N TYR A 508 -10.04 34.41 -34.83
CA TYR A 508 -11.07 35.41 -34.56
C TYR A 508 -10.44 36.67 -34.00
N LEU A 509 -9.59 36.53 -32.98
CA LEU A 509 -8.88 37.69 -32.43
C LEU A 509 -8.13 38.44 -33.51
N LYS A 510 -7.55 37.72 -34.47
CA LYS A 510 -6.85 38.34 -35.59
C LYS A 510 -7.76 39.26 -36.43
N SER A 511 -8.91 38.75 -36.85
CA SER A 511 -9.85 39.53 -37.68
C SER A 511 -10.55 40.66 -36.91
N ASN A 512 -11.10 40.33 -35.75
CA ASN A 512 -11.97 41.23 -35.01
C ASN A 512 -11.31 42.03 -33.87
N HIS A 513 -10.04 41.75 -33.60
CA HIS A 513 -9.34 42.43 -32.50
C HIS A 513 -7.84 42.59 -32.75
N ASN A 514 -7.45 42.56 -34.02
CA ASN A 514 -6.05 42.70 -34.41
C ASN A 514 -5.33 43.87 -33.75
N GLU A 515 -6.10 44.79 -33.21
CA GLU A 515 -5.57 45.99 -32.63
C GLU A 515 -5.02 45.76 -31.22
N LEU A 516 -5.71 44.95 -30.43
CA LEU A 516 -5.25 44.61 -29.08
C LEU A 516 -3.99 43.76 -29.18
N LEU A 517 -4.04 42.76 -30.08
CA LEU A 517 -2.90 41.89 -30.38
C LEU A 517 -1.68 42.73 -30.73
N THR A 518 -1.90 43.75 -31.57
CA THR A 518 -0.87 44.68 -32.00
C THR A 518 -0.25 45.45 -30.84
N GLU A 519 -1.08 45.88 -29.90
CA GLU A 519 -0.60 46.62 -28.73
C GLU A 519 0.31 45.76 -27.84
N ILE A 520 -0.10 44.51 -27.61
CA ILE A 520 0.68 43.51 -26.86
C ILE A 520 2.03 43.28 -27.52
N ARG A 521 2.01 42.98 -28.82
CA ARG A 521 3.21 42.84 -29.63
C ARG A 521 4.09 44.08 -29.61
N GLU A 522 3.49 45.26 -29.55
CA GLU A 522 4.26 46.48 -29.56
C GLU A 522 4.62 47.03 -28.18
N LYS A 523 3.63 47.23 -27.32
CA LYS A 523 3.86 47.76 -25.97
C LYS A 523 4.54 46.74 -25.02
N GLY A 524 4.22 45.46 -25.19
CA GLY A 524 4.83 44.40 -24.38
C GLY A 524 4.29 44.34 -22.98
N GLU A 525 3.32 45.19 -22.68
CA GLU A 525 2.68 45.26 -21.35
C GLU A 525 1.18 45.38 -21.55
N LEU A 526 0.43 45.25 -20.46
CA LEU A 526 -1.03 45.33 -20.53
C LEU A 526 -1.63 46.48 -19.70
N SER A 527 -2.25 47.43 -20.41
CA SER A 527 -2.97 48.55 -19.81
C SER A 527 -4.12 48.04 -18.97
N LYS A 528 -4.62 48.87 -18.06
CA LYS A 528 -5.85 48.54 -17.33
C LYS A 528 -6.99 48.44 -18.34
N GLU A 529 -6.85 49.21 -19.43
CA GLU A 529 -7.79 49.21 -20.56
C GLU A 529 -7.65 47.95 -21.37
N LEU A 530 -6.43 47.61 -21.76
CA LEU A 530 -6.14 46.38 -22.49
C LEU A 530 -6.66 45.10 -21.80
N LEU A 531 -6.67 45.11 -20.47
CA LEU A 531 -7.19 43.99 -19.67
C LEU A 531 -8.71 43.87 -19.77
N ALA A 532 -9.39 45.01 -19.90
CA ALA A 532 -10.83 45.02 -20.13
C ALA A 532 -11.15 44.74 -21.59
N SER A 533 -10.22 45.12 -22.47
CA SER A 533 -10.32 44.86 -23.92
C SER A 533 -10.35 43.36 -24.18
N LEU A 534 -9.29 42.70 -23.70
CA LEU A 534 -9.14 41.27 -23.85
C LEU A 534 -10.31 40.55 -23.18
N LYS A 535 -10.55 40.89 -21.91
CA LYS A 535 -11.69 40.38 -21.14
C LYS A 535 -12.99 40.39 -21.93
N SER A 536 -13.29 41.55 -22.51
CA SER A 536 -14.50 41.74 -23.30
C SER A 536 -14.52 40.88 -24.57
N ALA A 537 -13.36 40.77 -25.23
CA ALA A 537 -13.23 40.06 -26.49
C ALA A 537 -13.33 38.56 -26.27
N THR A 538 -12.83 38.14 -25.10
CA THR A 538 -12.91 36.76 -24.65
C THR A 538 -14.35 36.39 -24.32
N GLU A 539 -14.97 37.16 -23.42
CA GLU A 539 -16.33 36.88 -22.96
C GLU A 539 -17.29 36.83 -24.12
N SER A 540 -16.94 37.60 -25.15
CA SER A 540 -17.66 37.59 -26.41
C SER A 540 -17.43 36.30 -27.19
N PHE A 541 -16.19 35.81 -27.25
CA PHE A 541 -15.92 34.58 -27.98
C PHE A 541 -16.40 33.35 -27.24
N VAL A 542 -16.31 33.37 -25.92
CA VAL A 542 -16.73 32.26 -25.06
C VAL A 542 -18.25 32.14 -25.04
N ALA A 543 -18.94 33.27 -25.06
CA ALA A 543 -20.39 33.29 -25.23
C ALA A 543 -20.79 32.77 -26.61
N THR A 544 -19.95 33.03 -27.61
CA THR A 544 -20.25 32.62 -28.99
C THR A 544 -19.72 31.22 -29.31
N PHE A 545 -19.21 30.52 -28.44
N ALA B 60 78.94 9.05 3.78
CA ALA B 60 79.50 7.70 3.45
C ALA B 60 78.84 6.61 4.27
N ASN B 61 78.90 6.76 5.59
CA ASN B 61 78.42 5.76 6.54
C ASN B 61 76.90 5.81 6.65
N LEU B 62 76.22 5.35 5.60
CA LEU B 62 74.74 5.24 5.56
C LEU B 62 74.24 4.12 6.46
N ASN B 63 74.40 4.26 7.76
CA ASN B 63 74.01 3.20 8.67
C ASN B 63 73.28 3.71 9.87
N GLU B 64 73.41 5.00 10.12
CA GLU B 64 72.51 5.70 11.04
C GLU B 64 71.73 6.71 10.22
N THR B 65 72.13 6.85 8.96
CA THR B 65 71.62 7.94 8.12
C THR B 65 71.24 7.53 6.70
N GLY B 66 70.40 8.35 6.10
CA GLY B 66 70.03 8.21 4.70
C GLY B 66 69.65 9.54 4.08
N ARG B 67 69.33 9.51 2.78
CA ARG B 67 68.88 10.71 2.09
C ARG B 67 67.56 10.45 1.39
N VAL B 68 66.65 11.43 1.45
CA VAL B 68 65.35 11.34 0.80
C VAL B 68 65.57 11.24 -0.69
N LEU B 69 64.99 10.22 -1.31
CA LEU B 69 65.01 10.10 -2.76
C LEU B 69 63.79 10.77 -3.35
N ALA B 70 62.65 10.56 -2.72
CA ALA B 70 61.40 11.16 -3.14
C ALA B 70 60.48 11.18 -1.95
N VAL B 71 59.64 12.21 -1.92
CA VAL B 71 58.65 12.39 -0.87
C VAL B 71 57.34 12.85 -1.50
N GLY B 72 56.23 12.26 -1.05
CA GLY B 72 54.89 12.66 -1.49
C GLY B 72 53.78 11.84 -0.85
N ASP B 73 52.60 12.43 -0.68
CA ASP B 73 51.43 11.72 -0.15
C ASP B 73 51.65 11.12 1.25
N GLY B 74 52.45 11.79 2.07
CA GLY B 74 52.71 11.32 3.43
C GLY B 74 53.77 10.25 3.57
N ILE B 75 54.40 9.87 2.46
CA ILE B 75 55.51 8.91 2.48
C ILE B 75 56.77 9.58 1.99
N ALA B 76 57.90 9.00 2.38
CA ALA B 76 59.20 9.43 1.89
C ALA B 76 60.04 8.20 1.68
N ARG B 77 60.52 8.02 0.46
CA ARG B 77 61.42 6.94 0.18
C ARG B 77 62.87 7.35 0.37
N VAL B 78 63.48 6.87 1.45
CA VAL B 78 64.85 7.21 1.83
C VAL B 78 65.84 6.22 1.23
N PHE B 79 67.02 6.71 0.85
CA PHE B 79 68.11 5.87 0.37
C PHE B 79 69.10 5.54 1.46
N GLY B 80 69.56 4.30 1.49
CA GLY B 80 70.48 3.87 2.53
C GLY B 80 69.80 3.42 3.81
N LEU B 81 70.19 4.01 4.94
CA LEU B 81 69.81 3.52 6.26
C LEU B 81 69.87 1.99 6.29
N ASN B 82 71.08 1.44 6.20
CA ASN B 82 71.27 0.00 6.07
C ASN B 82 71.12 -0.80 7.36
N ASN B 83 71.38 -0.16 8.48
CA ASN B 83 71.23 -0.86 9.74
C ASN B 83 69.86 -0.68 10.34
N ILE B 84 69.02 0.10 9.67
CA ILE B 84 67.68 0.35 10.15
C ILE B 84 66.92 -0.95 10.35
N GLN B 85 65.99 -0.94 11.31
CA GLN B 85 65.07 -2.05 11.53
C GLN B 85 63.67 -1.55 11.29
N ALA B 86 62.78 -2.46 10.87
CA ALA B 86 61.35 -2.15 10.60
C ALA B 86 60.64 -1.62 11.84
N GLU B 87 59.75 -0.66 11.61
CA GLU B 87 59.00 0.02 12.68
C GLU B 87 59.84 0.90 13.65
N GLU B 88 61.13 1.06 13.34
CA GLU B 88 62.01 1.97 14.06
C GLU B 88 61.67 3.41 13.66
N LEU B 89 61.85 4.35 14.59
CA LEU B 89 61.60 5.77 14.33
C LEU B 89 62.75 6.40 13.52
N VAL B 90 62.47 7.49 12.80
CA VAL B 90 63.52 8.27 12.10
C VAL B 90 63.30 9.79 12.19
N GLU B 91 64.38 10.56 12.35
CA GLU B 91 64.29 12.03 12.34
C GLU B 91 64.88 12.62 11.05
N PHE B 92 64.20 13.66 10.54
CA PHE B 92 64.60 14.32 9.29
C PHE B 92 65.24 15.69 9.56
N SER B 93 65.85 16.27 8.52
CA SER B 93 66.60 17.53 8.64
C SER B 93 65.88 18.64 9.41
N SER B 94 64.54 18.64 9.35
CA SER B 94 63.72 19.63 10.06
C SER B 94 62.98 19.04 11.28
N GLY B 95 63.58 18.03 11.91
CA GLY B 95 63.07 17.46 13.14
C GLY B 95 61.72 16.78 13.09
N VAL B 96 61.26 16.49 11.88
CA VAL B 96 59.98 15.78 11.67
C VAL B 96 60.19 14.26 11.74
N LYS B 97 59.48 13.62 12.66
CA LYS B 97 59.65 12.19 12.90
C LYS B 97 58.88 11.37 11.88
N GLY B 98 59.57 10.38 11.33
CA GLY B 98 58.94 9.43 10.43
C GLY B 98 59.00 8.05 11.04
N MET B 99 58.54 7.06 10.29
CA MET B 99 58.65 5.69 10.73
C MET B 99 58.99 4.79 9.56
N ALA B 100 59.84 3.80 9.82
CA ALA B 100 60.28 2.86 8.80
C ALA B 100 59.19 1.84 8.58
N LEU B 101 58.52 1.95 7.45
CA LEU B 101 57.48 1.00 7.12
C LEU B 101 58.14 -0.22 6.54
N ASN B 102 58.34 -0.21 5.23
CA ASN B 102 58.94 -1.35 4.58
C ASN B 102 60.39 -1.11 4.16
N LEU B 103 61.18 -2.19 4.17
CA LEU B 103 62.58 -2.16 3.86
C LEU B 103 62.77 -3.04 2.64
N GLU B 104 63.18 -2.42 1.53
CA GLU B 104 63.47 -3.14 0.29
C GLU B 104 64.96 -3.13 0.02
N PRO B 105 65.41 -3.93 -0.95
CA PRO B 105 66.78 -3.66 -1.37
C PRO B 105 66.82 -2.29 -2.05
N GLY B 106 67.69 -1.41 -1.56
CA GLY B 106 67.88 -0.11 -2.20
C GLY B 106 67.30 1.07 -1.45
N GLN B 107 66.10 0.92 -0.90
CA GLN B 107 65.44 2.06 -0.24
C GLN B 107 64.56 1.66 0.91
N VAL B 108 64.30 2.62 1.78
CA VAL B 108 63.41 2.42 2.90
C VAL B 108 62.20 3.31 2.78
N GLY B 109 61.01 2.71 2.75
CA GLY B 109 59.76 3.45 2.79
C GLY B 109 59.51 3.99 4.21
N ILE B 110 59.32 5.29 4.31
CA ILE B 110 59.18 5.91 5.61
C ILE B 110 57.93 6.74 5.69
N VAL B 111 57.11 6.48 6.70
CA VAL B 111 55.86 7.20 6.85
C VAL B 111 56.06 8.41 7.72
N LEU B 112 55.62 9.56 7.23
CA LEU B 112 55.80 10.81 7.95
C LEU B 112 54.75 11.02 9.06
N PHE B 113 55.22 11.31 10.27
CA PHE B 113 54.35 11.80 11.33
C PHE B 113 54.23 13.31 11.21
N GLY B 114 53.73 13.78 10.07
CA GLY B 114 53.53 15.20 9.89
C GLY B 114 53.27 15.64 8.47
N SER B 115 53.24 16.95 8.27
CA SER B 115 53.15 17.55 6.96
C SER B 115 54.31 17.10 6.09
N ASP B 116 54.03 16.90 4.81
CA ASP B 116 55.08 16.59 3.81
C ASP B 116 55.99 17.81 3.60
N ARG B 117 55.43 19.01 3.74
CA ARG B 117 56.17 20.27 3.52
C ARG B 117 57.48 20.33 4.30
N LEU B 118 57.48 19.71 5.47
CA LEU B 118 58.61 19.71 6.38
C LEU B 118 59.78 18.81 5.94
N VAL B 119 59.62 18.15 4.78
CA VAL B 119 60.66 17.30 4.17
C VAL B 119 60.99 17.80 2.76
N LYS B 120 62.22 17.55 2.32
CA LYS B 120 62.64 17.83 0.94
C LYS B 120 63.44 16.65 0.39
N GLU B 121 63.23 16.31 -0.88
CA GLU B 121 64.11 15.36 -1.55
C GLU B 121 65.55 15.83 -1.41
N GLY B 122 66.40 14.97 -0.88
CA GLY B 122 67.80 15.30 -0.70
C GLY B 122 68.21 15.32 0.76
N GLU B 123 67.26 15.62 1.65
CA GLU B 123 67.53 15.79 3.08
C GLU B 123 68.22 14.62 3.78
N LEU B 124 69.00 14.93 4.82
CA LEU B 124 69.68 13.92 5.62
C LEU B 124 68.75 13.38 6.69
N VAL B 125 68.70 12.05 6.79
CA VAL B 125 67.77 11.37 7.71
C VAL B 125 68.52 10.53 8.73
N LYS B 126 68.20 10.71 9.99
CA LYS B 126 68.90 10.02 11.09
C LYS B 126 68.03 8.92 11.69
N ARG B 127 68.69 7.88 12.18
CA ARG B 127 68.04 6.81 12.94
C ARG B 127 67.76 7.26 14.36
N THR B 128 66.81 6.61 15.03
CA THR B 128 66.62 6.81 16.46
C THR B 128 67.10 5.60 17.24
N GLY B 129 67.06 4.43 16.61
CA GLY B 129 67.35 3.18 17.31
C GLY B 129 66.16 2.76 18.15
N ASN B 130 65.21 3.66 18.31
CA ASN B 130 63.98 3.35 19.00
C ASN B 130 62.91 2.90 18.03
N ILE B 131 62.21 1.82 18.36
CA ILE B 131 60.95 1.50 17.71
C ILE B 131 59.93 2.48 18.30
N VAL B 132 58.95 2.88 17.49
CA VAL B 132 57.93 3.84 17.90
C VAL B 132 57.52 3.66 19.37
N ASP B 133 57.68 4.71 20.18
CA ASP B 133 57.52 4.60 21.66
C ASP B 133 57.12 5.87 22.44
N VAL B 134 56.57 5.68 23.63
CA VAL B 134 56.00 6.77 24.44
C VAL B 134 56.52 6.84 25.88
N PRO B 135 56.46 8.04 26.50
CA PRO B 135 56.67 8.09 27.94
C PRO B 135 55.49 7.45 28.64
N VAL B 136 55.76 6.77 29.74
CA VAL B 136 54.73 6.08 30.52
C VAL B 136 54.98 6.26 32.02
N GLY B 137 54.05 5.80 32.85
CA GLY B 137 54.21 5.85 34.30
C GLY B 137 53.32 6.87 34.98
N PRO B 138 53.42 6.96 36.32
CA PRO B 138 52.47 7.71 37.14
C PRO B 138 52.35 9.18 36.75
N GLY B 139 53.50 9.81 36.50
CA GLY B 139 53.57 11.24 36.24
C GLY B 139 52.53 11.78 35.30
N LEU B 140 52.34 11.08 34.18
CA LEU B 140 51.46 11.52 33.10
C LEU B 140 50.10 12.09 33.52
N LEU B 141 49.50 11.53 34.57
CA LEU B 141 48.17 11.96 35.03
C LEU B 141 48.04 13.47 35.15
N GLY B 142 46.85 14.00 34.84
CA GLY B 142 46.58 15.44 34.94
C GLY B 142 47.25 16.27 33.86
N ARG B 143 47.96 15.59 32.97
CA ARG B 143 48.58 16.20 31.78
C ARG B 143 47.85 15.78 30.50
N VAL B 144 48.11 16.51 29.42
CA VAL B 144 47.49 16.27 28.10
C VAL B 144 48.56 16.18 27.01
N VAL B 145 48.72 14.99 26.42
CA VAL B 145 49.76 14.77 25.40
C VAL B 145 49.27 14.37 24.00
N ASP B 146 50.17 14.44 23.03
CA ASP B 146 49.88 14.00 21.68
C ASP B 146 50.41 12.59 21.47
N ALA B 147 50.26 12.10 20.22
CA ALA B 147 50.56 10.71 19.82
C ALA B 147 51.99 10.26 20.14
N LEU B 148 52.88 11.22 20.36
CA LEU B 148 54.24 10.89 20.79
C LEU B 148 54.54 11.30 22.23
N GLY B 149 53.49 11.30 23.05
CA GLY B 149 53.61 11.66 24.44
C GLY B 149 54.31 13.00 24.60
N ASN B 150 54.23 13.81 23.56
CA ASN B 150 54.75 15.16 23.64
C ASN B 150 53.74 16.02 24.36
N PRO B 151 54.21 16.74 25.39
CA PRO B 151 53.38 17.60 26.21
C PRO B 151 52.80 18.71 25.35
N ILE B 152 51.51 18.95 25.47
CA ILE B 152 50.85 20.02 24.69
C ILE B 152 49.96 20.95 25.50
N ASP B 153 49.73 20.64 26.77
CA ASP B 153 49.02 21.61 27.62
C ASP B 153 49.95 22.73 28.05
N GLY B 154 51.25 22.57 27.77
CA GLY B 154 52.26 23.57 28.11
C GLY B 154 52.64 23.59 29.60
N LYS B 155 52.22 22.55 30.32
CA LYS B 155 52.52 22.39 31.74
C LYS B 155 53.86 21.68 31.93
N GLY B 156 54.88 22.20 31.25
CA GLY B 156 56.25 21.71 31.35
C GLY B 156 56.56 20.46 30.54
N PRO B 157 57.54 19.66 30.99
CA PRO B 157 57.89 18.40 30.36
C PRO B 157 57.10 17.23 30.97
N ILE B 158 56.89 16.18 30.18
CA ILE B 158 56.26 14.95 30.67
C ILE B 158 57.16 14.24 31.67
N ASP B 159 56.64 14.00 32.88
CA ASP B 159 57.36 13.23 33.90
C ASP B 159 57.10 11.72 33.72
N ALA B 160 58.15 11.00 33.30
CA ALA B 160 58.04 9.60 32.90
C ALA B 160 58.51 8.63 33.95
N ALA B 161 58.10 7.38 33.81
CA ALA B 161 58.65 6.27 34.58
C ALA B 161 59.61 5.49 33.68
N GLY B 162 59.26 5.44 32.40
CA GLY B 162 60.04 4.72 31.41
C GLY B 162 59.43 4.98 30.05
N ARG B 163 59.67 4.06 29.12
CA ARG B 163 59.19 4.23 27.74
C ARG B 163 58.72 2.92 27.10
N SER B 164 57.41 2.75 27.03
CA SER B 164 56.80 1.61 26.34
C SER B 164 56.71 1.82 24.83
N ARG B 165 56.86 0.73 24.09
CA ARG B 165 56.62 0.75 22.66
C ARG B 165 55.14 0.95 22.43
N ALA B 166 54.78 1.62 21.33
CA ALA B 166 53.39 1.72 20.94
C ALA B 166 52.91 0.38 20.38
N GLN B 167 53.86 -0.46 19.97
CA GLN B 167 53.55 -1.81 19.51
C GLN B 167 54.02 -2.89 20.49
N VAL B 168 53.18 -3.18 21.49
CA VAL B 168 53.40 -4.30 22.40
C VAL B 168 52.34 -5.37 22.12
N LYS B 169 52.67 -6.62 22.46
CA LYS B 169 51.77 -7.75 22.22
C LYS B 169 50.85 -8.00 23.42
N ALA B 170 49.74 -8.67 23.16
CA ALA B 170 48.66 -8.83 24.14
C ALA B 170 48.98 -9.93 25.16
N PRO B 171 48.55 -9.73 26.43
CA PRO B 171 48.67 -10.84 27.39
C PRO B 171 47.86 -12.05 26.88
N GLY B 172 48.51 -13.21 26.80
CA GLY B 172 47.95 -14.39 26.14
C GLY B 172 46.90 -15.16 26.91
N ILE B 173 46.83 -16.47 26.64
CA ILE B 173 45.82 -17.36 27.22
C ILE B 173 46.06 -17.56 28.73
N LEU B 174 47.31 -17.50 29.15
CA LEU B 174 47.64 -17.94 30.47
C LEU B 174 47.73 -16.88 31.58
N PRO B 175 48.25 -15.68 31.25
CA PRO B 175 48.43 -14.67 32.32
C PRO B 175 47.11 -13.99 32.68
N ARG B 176 46.03 -14.52 32.11
CA ARG B 176 44.71 -13.91 32.17
C ARG B 176 43.79 -14.50 33.22
N ARG B 177 42.73 -13.76 33.50
CA ARG B 177 41.81 -14.09 34.55
C ARG B 177 40.45 -13.50 34.23
N SER B 178 39.40 -14.32 34.37
CA SER B 178 38.00 -13.87 34.21
C SER B 178 37.65 -12.57 34.96
N VAL B 179 37.21 -11.59 34.19
CA VAL B 179 36.82 -10.27 34.69
C VAL B 179 35.73 -10.42 35.75
N HIS B 180 35.86 -9.70 36.86
CA HIS B 180 34.91 -9.87 37.95
C HIS B 180 34.55 -8.63 38.79
N GLU B 181 35.48 -7.68 38.91
CA GLU B 181 35.20 -6.43 39.62
C GLU B 181 34.42 -5.51 38.70
N PRO B 182 33.31 -4.92 39.18
CA PRO B 182 32.51 -4.03 38.33
C PRO B 182 33.15 -2.67 38.14
N VAL B 183 32.88 -2.05 37.00
CA VAL B 183 33.22 -0.65 36.79
C VAL B 183 31.92 0.13 36.88
N GLN B 184 31.69 0.79 38.02
CA GLN B 184 30.42 1.45 38.30
C GLN B 184 30.29 2.74 37.49
N THR B 185 29.36 2.75 36.54
CA THR B 185 29.22 3.85 35.59
C THR B 185 28.27 4.92 36.13
N GLY B 186 27.51 4.54 37.15
CA GLY B 186 26.52 5.43 37.77
C GLY B 186 25.31 5.63 36.90
N LEU B 187 25.20 4.84 35.84
CA LEU B 187 24.16 5.00 34.83
C LEU B 187 23.21 3.82 34.84
N LYS B 188 22.05 4.05 35.44
CA LYS B 188 21.02 3.04 35.68
C LYS B 188 20.91 2.06 34.53
N ALA B 189 20.62 2.60 33.34
CA ALA B 189 20.43 1.79 32.14
C ALA B 189 21.63 0.87 31.90
N VAL B 190 22.82 1.39 32.14
CA VAL B 190 24.06 0.63 31.95
C VAL B 190 24.24 -0.39 33.07
N ASP B 191 24.50 0.08 34.29
CA ASP B 191 24.78 -0.77 35.45
C ASP B 191 23.82 -1.94 35.62
N ALA B 192 22.53 -1.66 35.55
CA ALA B 192 21.50 -2.70 35.63
C ALA B 192 21.53 -3.66 34.44
N LEU B 193 21.51 -3.12 33.23
CA LEU B 193 21.31 -3.94 32.04
C LEU B 193 22.59 -4.46 31.38
N VAL B 194 23.44 -3.54 30.93
CA VAL B 194 24.71 -3.94 30.32
C VAL B 194 25.89 -3.49 31.18
N PRO B 195 26.18 -4.24 32.26
CA PRO B 195 27.20 -3.79 33.22
C PRO B 195 28.58 -4.10 32.69
N ILE B 196 29.58 -3.34 33.12
CA ILE B 196 30.94 -3.52 32.59
C ILE B 196 31.96 -3.82 33.68
N GLY B 197 32.59 -4.98 33.60
CA GLY B 197 33.65 -5.35 34.54
C GLY B 197 34.99 -4.72 34.19
N ARG B 198 35.91 -4.72 35.14
CA ARG B 198 37.27 -4.26 34.90
C ARG B 198 37.99 -5.29 34.04
N GLY B 199 38.60 -4.84 32.95
CA GLY B 199 39.30 -5.73 32.02
C GLY B 199 38.46 -6.06 30.80
N GLN B 200 37.14 -5.94 30.95
CA GLN B 200 36.20 -6.07 29.85
C GLN B 200 36.39 -4.94 28.85
N ARG B 201 35.96 -5.19 27.62
CA ARG B 201 36.14 -4.27 26.52
C ARG B 201 34.77 -3.98 25.93
N GLU B 202 34.13 -2.91 26.41
CA GLU B 202 32.76 -2.58 26.01
C GLU B 202 32.64 -1.48 24.96
N LEU B 203 31.95 -1.77 23.87
CA LEU B 203 31.78 -0.81 22.78
C LEU B 203 30.63 0.17 23.02
N ILE B 204 30.78 1.38 22.47
CA ILE B 204 29.75 2.40 22.47
C ILE B 204 29.48 2.76 21.01
N ILE B 205 28.35 2.32 20.48
CA ILE B 205 28.10 2.40 19.06
C ILE B 205 26.76 3.05 18.73
N GLY B 206 26.82 4.30 18.30
CA GLY B 206 25.60 5.03 17.94
C GLY B 206 25.79 5.96 16.75
N ASP B 207 24.72 6.64 16.35
CA ASP B 207 24.83 7.69 15.34
C ASP B 207 25.37 8.96 16.00
N ARG B 208 25.95 9.84 15.20
CA ARG B 208 26.43 11.13 15.68
C ARG B 208 25.35 11.85 16.49
N GLN B 209 25.76 12.46 17.61
CA GLN B 209 24.84 13.22 18.47
C GLN B 209 23.88 12.35 19.29
N THR B 210 24.38 11.24 19.84
CA THR B 210 23.51 10.30 20.56
C THR B 210 23.83 10.18 22.04
N GLY B 211 24.89 10.84 22.48
CA GLY B 211 25.38 10.67 23.85
C GLY B 211 26.36 9.51 23.96
N LYS B 212 27.24 9.38 22.98
CA LYS B 212 28.29 8.38 23.01
C LYS B 212 29.42 8.83 23.92
N THR B 213 29.82 10.09 23.79
CA THR B 213 30.82 10.67 24.70
C THR B 213 30.20 10.82 26.08
N ALA B 214 28.98 11.35 26.11
CA ALA B 214 28.24 11.54 27.36
C ALA B 214 28.38 10.30 28.24
N VAL B 215 28.03 9.14 27.69
CA VAL B 215 28.16 7.87 28.38
C VAL B 215 29.58 7.67 28.89
N ALA B 216 30.56 7.80 27.99
CA ALA B 216 31.95 7.59 28.32
C ALA B 216 32.44 8.60 29.37
N LEU B 217 32.24 9.89 29.09
CA LEU B 217 32.60 10.98 29.98
C LEU B 217 32.06 10.77 31.39
N ASP B 218 30.76 10.45 31.47
CA ASP B 218 30.07 10.23 32.74
C ASP B 218 30.71 9.14 33.61
N THR B 219 31.22 8.10 32.97
CA THR B 219 31.96 7.05 33.68
C THR B 219 33.24 7.63 34.27
N ILE B 220 33.97 8.39 33.46
CA ILE B 220 35.21 9.05 33.89
C ILE B 220 34.94 9.97 35.08
N LEU B 221 33.72 10.49 35.15
CA LEU B 221 33.32 11.35 36.25
C LEU B 221 33.10 10.52 37.53
N ASN B 222 32.29 9.46 37.38
CA ASN B 222 31.82 8.63 38.50
C ASN B 222 32.91 8.03 39.41
N GLN B 223 34.09 7.79 38.86
CA GLN B 223 35.21 7.14 39.58
C GLN B 223 35.73 7.95 40.77
N LYS B 224 35.30 9.22 40.85
CA LYS B 224 35.72 10.12 41.90
C LYS B 224 35.34 9.61 43.30
N ARG B 225 34.22 8.90 43.39
CA ARG B 225 33.82 8.23 44.64
C ARG B 225 34.96 7.37 45.16
N TRP B 226 35.68 6.72 44.25
CA TRP B 226 36.71 5.74 44.59
C TRP B 226 38.14 6.27 44.52
N ASN B 227 38.44 7.04 43.47
CA ASN B 227 39.79 7.58 43.29
C ASN B 227 40.18 8.61 44.33
N ASN B 228 39.21 8.97 45.17
CA ASN B 228 39.42 9.87 46.31
C ASN B 228 40.06 9.21 47.54
N GLY B 229 39.55 8.04 47.93
CA GLY B 229 39.90 7.39 49.21
C GLY B 229 41.20 6.59 49.27
N SER B 230 41.51 6.12 50.48
CA SER B 230 42.73 5.37 50.80
C SER B 230 42.93 4.13 49.94
N ASP B 231 41.81 3.54 49.53
CA ASP B 231 41.74 2.25 48.83
C ASP B 231 42.46 2.16 47.48
N GLU B 232 43.55 1.41 47.47
CA GLU B 232 44.42 1.25 46.31
C GLU B 232 43.85 0.39 45.18
N SER B 233 42.90 -0.47 45.54
CA SER B 233 42.35 -1.48 44.63
C SER B 233 41.02 -1.06 43.99
N LYS B 234 40.32 -0.17 44.68
CA LYS B 234 39.05 0.40 44.20
C LYS B 234 39.25 1.51 43.14
N LYS B 235 40.51 1.84 42.86
CA LYS B 235 40.86 2.98 42.01
C LYS B 235 40.96 2.58 40.53
N LEU B 236 40.33 3.38 39.67
CA LEU B 236 40.42 3.22 38.22
C LEU B 236 40.82 4.54 37.59
N TYR B 237 42.02 4.59 37.02
CA TYR B 237 42.49 5.78 36.31
C TYR B 237 41.95 5.82 34.86
N CYS B 238 41.86 7.03 34.30
CA CYS B 238 41.20 7.24 33.02
C CYS B 238 42.16 7.69 31.95
N VAL B 239 42.07 7.05 30.78
CA VAL B 239 42.83 7.47 29.61
C VAL B 239 41.86 7.83 28.50
N TYR B 240 41.85 9.10 28.12
CA TYR B 240 40.99 9.54 27.05
C TYR B 240 41.82 9.84 25.81
N VAL B 241 41.73 8.93 24.84
CA VAL B 241 42.24 9.18 23.49
C VAL B 241 41.16 9.99 22.78
N ALA B 242 41.60 10.98 22.00
CA ALA B 242 40.70 11.88 21.26
C ALA B 242 40.93 11.87 19.73
N VAL B 243 40.63 10.73 19.11
CA VAL B 243 41.01 10.46 17.71
C VAL B 243 40.14 11.14 16.63
N GLY B 244 40.72 12.11 15.95
CA GLY B 244 40.05 12.84 14.88
C GLY B 244 39.10 13.93 15.31
N GLN B 245 39.12 14.26 16.60
CA GLN B 245 38.24 15.25 17.19
C GLN B 245 38.68 16.69 16.86
N LYS B 246 37.91 17.68 17.31
CA LYS B 246 38.32 19.06 17.15
C LYS B 246 39.16 19.56 18.33
N ARG B 247 40.01 20.55 18.07
CA ARG B 247 40.83 21.17 19.09
C ARG B 247 39.96 21.86 20.13
N SER B 248 38.89 22.48 19.63
CA SER B 248 37.90 23.14 20.45
C SER B 248 37.16 22.15 21.35
N THR B 249 36.71 21.03 20.77
CA THR B 249 35.98 19.99 21.52
C THR B 249 36.79 19.46 22.70
N VAL B 250 38.09 19.25 22.47
CA VAL B 250 39.00 18.68 23.49
C VAL B 250 39.25 19.66 24.64
N ALA B 251 39.44 20.93 24.30
CA ALA B 251 39.59 22.00 25.28
C ALA B 251 38.46 21.92 26.30
N GLN B 252 37.24 22.08 25.80
CA GLN B 252 36.04 22.04 26.63
C GLN B 252 35.89 20.71 27.36
N LEU B 253 36.36 19.63 26.73
CA LEU B 253 36.32 18.32 27.36
C LEU B 253 37.31 18.20 28.49
N VAL B 254 38.44 18.91 28.39
CA VAL B 254 39.39 19.02 29.51
C VAL B 254 38.84 19.95 30.62
N GLN B 255 38.33 21.11 30.19
CA GLN B 255 37.63 22.03 31.07
C GLN B 255 36.61 21.34 31.96
N THR B 256 35.72 20.56 31.35
CA THR B 256 34.68 19.87 32.11
C THR B 256 35.24 18.71 32.94
N LEU B 257 36.43 18.23 32.59
CA LEU B 257 37.10 17.23 33.43
C LEU B 257 37.85 17.88 34.61
N GLU B 258 38.28 19.12 34.42
CA GLU B 258 38.84 19.91 35.51
C GLU B 258 37.75 20.53 36.36
N GLN B 259 36.63 20.88 35.73
CA GLN B 259 35.46 21.40 36.44
C GLN B 259 34.88 20.37 37.41
N HIS B 260 35.17 19.09 37.16
CA HIS B 260 34.76 18.01 38.05
C HIS B 260 35.96 17.36 38.75
N ASP B 261 37.13 17.99 38.62
CA ASP B 261 38.35 17.62 39.34
C ASP B 261 39.01 16.36 38.80
N ALA B 262 38.27 15.63 37.98
CA ALA B 262 38.70 14.32 37.44
C ALA B 262 40.01 14.37 36.65
N MET B 263 40.54 15.58 36.45
CA MET B 263 41.81 15.75 35.75
C MET B 263 42.95 15.10 36.50
N LYS B 264 43.08 15.45 37.78
CA LYS B 264 44.10 14.89 38.68
C LYS B 264 44.37 13.38 38.49
N TYR B 265 43.31 12.63 38.19
CA TYR B 265 43.43 11.18 38.02
C TYR B 265 43.31 10.65 36.58
N SER B 266 43.42 11.54 35.59
CA SER B 266 43.25 11.15 34.20
C SER B 266 44.31 11.70 33.25
N ILE B 267 44.72 10.87 32.28
CA ILE B 267 45.56 11.31 31.17
C ILE B 267 44.78 11.39 29.85
N ILE B 268 45.02 12.47 29.10
CA ILE B 268 44.40 12.70 27.81
C ILE B 268 45.45 12.75 26.72
N VAL B 269 45.24 11.89 25.72
CA VAL B 269 46.02 11.89 24.48
C VAL B 269 45.08 12.29 23.34
N ALA B 270 45.47 13.28 22.55
CA ALA B 270 44.62 13.74 21.46
C ALA B 270 45.37 14.01 20.18
N ALA B 271 44.75 13.54 19.09
CA ALA B 271 45.24 13.68 17.71
C ALA B 271 44.12 14.27 16.88
N THR B 272 43.93 15.59 16.98
CA THR B 272 42.78 16.27 16.37
C THR B 272 42.71 16.20 14.83
N ALA B 273 41.56 16.60 14.26
CA ALA B 273 41.26 16.42 12.81
C ALA B 273 42.25 17.09 11.84
N SER B 274 43.12 17.96 12.37
CA SER B 274 44.15 18.63 11.56
C SER B 274 45.41 17.78 11.41
N GLU B 275 45.77 17.07 12.49
CA GLU B 275 47.03 16.33 12.59
C GLU B 275 47.22 15.24 11.55
N ALA B 276 48.45 14.77 11.44
CA ALA B 276 48.80 13.80 10.42
C ALA B 276 48.05 12.47 10.56
N ALA B 277 47.66 11.91 9.42
CA ALA B 277 47.06 10.58 9.34
C ALA B 277 47.72 9.54 10.24
N PRO B 278 49.06 9.39 10.20
CA PRO B 278 49.67 8.39 11.07
C PRO B 278 49.75 8.83 12.54
N LEU B 279 49.47 10.10 12.83
CA LEU B 279 49.36 10.48 14.22
C LEU B 279 48.01 9.97 14.72
N GLN B 280 46.93 10.40 14.08
CA GLN B 280 45.57 9.91 14.36
C GLN B 280 45.46 8.37 14.39
N TYR B 281 46.39 7.70 13.73
CA TYR B 281 46.44 6.25 13.65
C TYR B 281 47.22 5.67 14.84
N LEU B 282 48.33 6.31 15.16
CA LEU B 282 49.22 5.83 16.20
C LEU B 282 48.72 6.16 17.61
N ALA B 283 47.77 7.09 17.69
CA ALA B 283 47.30 7.66 18.94
C ALA B 283 46.73 6.65 19.96
N PRO B 284 45.76 5.81 19.53
CA PRO B 284 45.17 4.81 20.41
C PRO B 284 46.19 3.80 20.95
N PHE B 285 47.12 3.41 20.09
CA PHE B 285 48.19 2.50 20.45
C PHE B 285 49.09 3.03 21.54
N THR B 286 49.51 4.28 21.39
CA THR B 286 50.41 4.91 22.36
C THR B 286 49.67 5.16 23.68
N ALA B 287 48.39 5.52 23.59
CA ALA B 287 47.53 5.61 24.75
C ALA B 287 47.45 4.22 25.40
N ALA B 288 47.36 3.20 24.56
CA ALA B 288 47.28 1.81 25.03
C ALA B 288 48.43 1.46 25.99
N SER B 289 49.65 1.82 25.60
CA SER B 289 50.85 1.58 26.41
C SER B 289 50.84 2.38 27.68
N ILE B 290 50.40 3.63 27.57
CA ILE B 290 50.26 4.53 28.71
C ILE B 290 49.37 3.90 29.79
N GLY B 291 48.18 3.45 29.37
CA GLY B 291 47.28 2.72 30.25
C GLY B 291 47.88 1.40 30.71
N GLU B 292 48.56 0.72 29.80
CA GLU B 292 49.15 -0.61 30.05
C GLU B 292 50.05 -0.63 31.27
N TRP B 293 50.73 0.49 31.54
CA TRP B 293 51.61 0.62 32.69
C TRP B 293 50.89 0.27 34.00
N PHE B 294 49.66 0.74 34.16
CA PHE B 294 48.83 0.51 35.36
C PHE B 294 48.40 -0.93 35.51
N ARG B 295 47.86 -1.49 34.42
CA ARG B 295 47.51 -2.90 34.31
C ARG B 295 48.69 -3.81 34.65
N ASP B 296 49.91 -3.32 34.41
CA ASP B 296 51.13 -4.08 34.68
C ASP B 296 51.62 -3.96 36.11
N ASN B 297 51.57 -2.74 36.65
CA ASN B 297 51.99 -2.50 38.02
C ASN B 297 50.83 -2.62 39.02
N GLY B 298 49.99 -3.62 38.77
CA GLY B 298 48.98 -4.08 39.73
C GLY B 298 47.84 -3.12 40.03
N LYS B 299 47.62 -2.16 39.14
CA LYS B 299 46.55 -1.19 39.31
C LYS B 299 45.48 -1.34 38.23
N HIS B 300 44.49 -0.45 38.26
CA HIS B 300 43.39 -0.50 37.29
C HIS B 300 43.29 0.80 36.50
N ALA B 301 43.10 0.68 35.19
CA ALA B 301 43.01 1.82 34.29
C ALA B 301 41.83 1.68 33.35
N LEU B 302 41.20 2.80 33.01
CA LEU B 302 40.11 2.81 32.02
C LEU B 302 40.41 3.69 30.80
N ILE B 303 40.85 3.05 29.74
CA ILE B 303 41.07 3.71 28.43
C ILE B 303 39.77 3.88 27.61
N VAL B 304 39.64 5.04 26.95
CA VAL B 304 38.48 5.35 26.10
C VAL B 304 38.90 5.75 24.67
N TYR B 305 38.52 4.93 23.69
CA TYR B 305 38.94 5.14 22.29
C TYR B 305 37.91 5.93 21.48
N ASP B 306 38.04 7.25 21.50
CA ASP B 306 37.02 8.10 20.93
C ASP B 306 37.52 8.90 19.71
N ASP B 307 37.27 8.39 18.50
CA ASP B 307 36.67 7.06 18.29
C ASP B 307 37.53 6.15 17.42
N LEU B 308 37.17 4.86 17.39
CA LEU B 308 37.81 3.96 16.47
C LEU B 308 37.44 4.19 14.97
N SER B 309 36.23 4.69 14.70
CA SER B 309 35.78 4.92 13.33
C SER B 309 36.63 5.98 12.63
N LYS B 310 37.11 6.95 13.41
CA LYS B 310 37.97 8.00 12.87
C LYS B 310 39.38 7.51 12.83
N GLN B 311 39.72 6.53 13.66
CA GLN B 311 41.04 5.93 13.58
C GLN B 311 41.09 5.12 12.33
N ALA B 312 40.05 4.30 12.12
CA ALA B 312 39.99 3.43 10.96
C ALA B 312 40.15 4.30 9.74
N VAL B 313 39.48 5.44 9.75
CA VAL B 313 39.50 6.28 8.57
C VAL B 313 40.90 6.83 8.26
N ALA B 314 41.66 7.16 9.28
CA ALA B 314 43.03 7.60 9.08
C ALA B 314 43.84 6.47 8.44
N TYR B 315 43.61 5.26 8.89
CA TYR B 315 44.27 4.10 8.31
C TYR B 315 43.89 3.93 6.85
N ARG B 316 42.61 4.12 6.53
CA ARG B 316 42.23 4.00 5.15
C ARG B 316 43.08 4.98 4.37
N GLN B 317 43.52 6.05 5.04
CA GLN B 317 44.28 7.12 4.37
C GLN B 317 45.61 6.58 3.89
N LEU B 318 46.53 6.40 4.83
CA LEU B 318 47.82 5.77 4.60
C LEU B 318 47.75 4.58 3.64
N SER B 319 46.75 3.74 3.83
CA SER B 319 46.68 2.44 3.17
C SER B 319 46.40 2.61 1.71
N LEU B 320 45.63 3.65 1.42
CA LEU B 320 45.30 4.03 0.05
C LEU B 320 46.39 4.88 -0.63
N LEU B 321 47.17 5.59 0.18
CA LEU B 321 48.30 6.35 -0.35
C LEU B 321 49.51 5.42 -0.54
N LEU B 322 49.51 4.31 0.18
CA LEU B 322 50.55 3.29 -0.01
C LEU B 322 50.12 2.29 -1.05
N ARG B 323 48.95 2.56 -1.61
CA ARG B 323 48.37 1.84 -2.75
C ARG B 323 48.12 0.35 -2.53
N ARG B 324 47.69 0.00 -1.31
CA ARG B 324 47.10 -1.30 -0.99
C ARG B 324 45.69 -1.35 -1.54
N PRO B 325 45.28 -2.49 -2.14
CA PRO B 325 43.91 -2.62 -2.65
C PRO B 325 42.83 -2.29 -1.59
N PRO B 326 41.76 -1.59 -2.01
CA PRO B 326 40.57 -1.30 -1.17
C PRO B 326 39.63 -2.51 -1.14
N GLY B 327 39.16 -2.89 0.07
CA GLY B 327 38.16 -3.96 0.25
C GLY B 327 36.73 -3.41 0.27
N ARG B 328 35.97 -3.75 1.31
CA ARG B 328 34.64 -3.16 1.50
C ARG B 328 34.81 -1.71 1.90
N GLU B 329 33.85 -0.89 1.48
CA GLU B 329 33.89 0.55 1.70
C GLU B 329 35.30 1.15 1.61
N ALA B 330 36.06 0.70 0.61
CA ALA B 330 37.43 1.18 0.32
C ALA B 330 38.47 0.95 1.43
N TYR B 331 38.12 0.10 2.39
CA TYR B 331 38.98 -0.22 3.52
C TYR B 331 39.99 -1.33 3.18
N PRO B 332 41.22 -1.22 3.72
CA PRO B 332 42.23 -2.25 3.48
C PRO B 332 41.83 -3.52 4.23
N GLY B 333 42.25 -4.68 3.71
CA GLY B 333 41.90 -5.98 4.29
C GLY B 333 42.29 -6.21 5.76
N ASP B 334 43.12 -5.32 6.30
CA ASP B 334 43.67 -5.51 7.60
C ASP B 334 43.07 -4.57 8.65
N VAL B 335 42.01 -3.86 8.27
CA VAL B 335 41.39 -2.87 9.16
C VAL B 335 40.84 -3.50 10.45
N PHE B 336 40.51 -4.78 10.37
CA PHE B 336 40.12 -5.59 11.53
C PHE B 336 41.28 -5.65 12.51
N TYR B 337 42.40 -6.19 12.01
CA TYR B 337 43.62 -6.44 12.78
C TYR B 337 44.10 -5.21 13.51
N LEU B 338 43.84 -4.04 12.91
CA LEU B 338 44.08 -2.75 13.53
C LEU B 338 43.45 -2.71 14.92
N HIS B 339 42.13 -2.93 14.95
CA HIS B 339 41.38 -2.78 16.16
C HIS B 339 41.52 -4.00 17.03
N SER B 340 41.59 -5.16 16.41
CA SER B 340 41.69 -6.38 17.17
C SER B 340 42.97 -6.34 18.02
N ARG B 341 44.09 -6.05 17.35
CA ARG B 341 45.37 -6.06 18.01
C ARG B 341 45.51 -4.91 19.03
N LEU B 342 44.60 -3.96 18.95
CA LEU B 342 44.54 -2.87 19.92
C LEU B 342 43.77 -3.29 21.16
N LEU B 343 42.53 -3.70 20.94
CA LEU B 343 41.60 -4.00 22.02
C LEU B 343 42.10 -5.16 22.89
N GLU B 344 42.78 -6.10 22.25
CA GLU B 344 43.29 -7.30 22.89
C GLU B 344 44.17 -6.96 24.08
N ARG B 345 44.51 -5.67 24.22
CA ARG B 345 45.40 -5.20 25.28
C ARG B 345 44.62 -4.80 26.53
N ALA B 346 43.43 -4.25 26.33
CA ALA B 346 42.51 -4.05 27.42
C ALA B 346 42.22 -5.43 27.99
N ALA B 347 42.47 -5.65 29.27
CA ALA B 347 42.50 -7.02 29.75
C ALA B 347 42.59 -7.12 31.28
N LYS B 348 42.16 -8.27 31.80
CA LYS B 348 42.27 -8.58 33.23
C LYS B 348 43.34 -9.65 33.48
N LEU B 349 44.23 -9.39 34.44
CA LEU B 349 45.36 -10.28 34.64
C LEU B 349 45.09 -11.28 35.75
N SER B 350 45.88 -12.35 35.76
CA SER B 350 45.77 -13.40 36.78
C SER B 350 46.43 -12.99 38.09
N GLU B 351 46.04 -13.67 39.18
CA GLU B 351 46.58 -13.39 40.51
C GLU B 351 48.11 -13.43 40.54
N LYS B 352 48.70 -14.13 39.56
CA LYS B 352 50.15 -14.30 39.49
C LYS B 352 50.84 -13.08 38.90
N GLU B 353 50.08 -12.23 38.21
CA GLU B 353 50.65 -11.08 37.53
C GLU B 353 50.08 -9.78 38.08
N GLY B 354 49.84 -9.78 39.38
CA GLY B 354 49.40 -8.58 40.10
C GLY B 354 47.92 -8.27 40.05
N SER B 355 47.22 -8.91 39.10
CA SER B 355 45.79 -8.65 38.83
C SER B 355 45.49 -7.20 38.44
N GLY B 356 46.34 -6.62 37.59
CA GLY B 356 46.04 -5.35 36.96
C GLY B 356 44.96 -5.51 35.88
N SER B 357 44.32 -4.39 35.54
CA SER B 357 43.22 -4.43 34.59
C SER B 357 43.11 -3.11 33.80
N LEU B 358 42.69 -3.23 32.54
CA LEU B 358 42.60 -2.12 31.60
C LEU B 358 41.33 -2.25 30.78
N THR B 359 40.49 -1.21 30.78
CA THR B 359 39.11 -1.32 30.28
C THR B 359 38.80 -0.48 29.04
N ALA B 360 38.84 -1.12 27.89
CA ALA B 360 38.56 -0.45 26.63
C ALA B 360 37.10 -0.01 26.55
N LEU B 361 36.90 1.29 26.35
CA LEU B 361 35.58 1.81 25.95
C LEU B 361 35.73 2.48 24.60
N PRO B 362 35.83 1.65 23.55
CA PRO B 362 35.91 2.21 22.23
C PRO B 362 34.56 2.80 21.87
N VAL B 363 34.59 3.72 20.91
CA VAL B 363 33.41 4.34 20.38
C VAL B 363 33.36 4.16 18.86
N ILE B 364 32.36 3.43 18.38
CA ILE B 364 32.07 3.43 16.95
C ILE B 364 30.96 4.45 16.73
N GLU B 365 30.99 5.12 15.59
CA GLU B 365 29.91 5.99 15.20
C GLU B 365 29.33 5.48 13.87
N THR B 366 28.06 5.10 13.89
CA THR B 366 27.41 4.51 12.72
C THR B 366 26.84 5.58 11.78
N GLN B 367 26.12 5.14 10.76
CA GLN B 367 25.64 6.02 9.70
C GLN B 367 24.19 5.71 9.35
N GLY B 368 23.27 6.62 9.68
CA GLY B 368 21.85 6.32 9.57
C GLY B 368 21.50 5.03 10.31
N GLY B 369 22.08 4.87 11.50
CA GLY B 369 21.78 3.78 12.43
C GLY B 369 22.29 2.39 12.08
N ASP B 370 23.24 2.32 11.15
CA ASP B 370 23.64 1.02 10.55
C ASP B 370 24.63 0.20 11.36
N VAL B 371 24.11 -0.83 12.02
CA VAL B 371 24.94 -1.79 12.75
C VAL B 371 25.67 -2.71 11.79
N SER B 372 25.00 -3.05 10.70
CA SER B 372 25.50 -4.06 9.75
C SER B 372 26.76 -3.63 8.99
N ALA B 373 27.22 -2.39 9.18
CA ALA B 373 28.38 -1.89 8.45
C ALA B 373 29.70 -2.59 8.77
N TYR B 374 30.63 -2.45 7.83
CA TYR B 374 31.83 -3.27 7.75
C TYR B 374 32.81 -2.96 8.84
N ILE B 375 32.85 -1.70 9.27
CA ILE B 375 33.65 -1.33 10.45
C ILE B 375 33.01 -1.80 11.79
N PRO B 376 31.76 -1.36 12.10
CA PRO B 376 31.00 -1.79 13.30
C PRO B 376 31.03 -3.30 13.54
N THR B 377 30.55 -4.08 12.59
CA THR B 377 30.70 -5.53 12.67
C THR B 377 32.12 -5.97 13.15
N ASN B 378 33.17 -5.38 12.59
CA ASN B 378 34.54 -5.78 12.87
C ASN B 378 34.78 -5.51 14.34
N VAL B 379 34.38 -4.32 14.80
CA VAL B 379 34.65 -3.97 16.18
C VAL B 379 33.78 -4.77 17.13
N ILE B 380 32.50 -4.97 16.79
CA ILE B 380 31.63 -5.83 17.62
C ILE B 380 32.12 -7.27 17.67
N SER B 381 32.66 -7.77 16.57
CA SER B 381 33.26 -9.10 16.53
C SER B 381 34.61 -9.14 17.23
N ILE B 382 35.10 -7.97 17.65
CA ILE B 382 36.28 -7.85 18.56
C ILE B 382 35.94 -7.65 20.03
N THR B 383 35.02 -6.74 20.34
CA THR B 383 34.71 -6.38 21.74
C THR B 383 33.93 -7.42 22.53
N ASP B 384 33.69 -7.12 23.80
CA ASP B 384 32.94 -8.03 24.68
C ASP B 384 31.49 -7.59 24.86
N GLY B 385 30.90 -7.12 23.76
CA GLY B 385 29.54 -6.60 23.73
C GLY B 385 29.53 -5.15 23.29
N GLN B 386 28.34 -4.54 23.26
CA GLN B 386 28.15 -3.16 22.80
C GLN B 386 26.96 -2.49 23.42
N ILE B 387 27.02 -1.16 23.53
CA ILE B 387 25.90 -0.36 24.03
C ILE B 387 25.32 0.50 22.88
N PHE B 388 24.53 -0.14 22.02
CA PHE B 388 23.97 0.55 20.87
C PHE B 388 23.03 1.65 21.28
N LEU B 389 23.45 2.89 21.05
CA LEU B 389 22.61 4.05 21.32
C LEU B 389 21.85 4.48 20.08
N GLU B 390 20.52 4.34 20.15
CA GLU B 390 19.63 4.60 19.02
C GLU B 390 19.08 6.03 19.03
N ALA B 391 19.14 6.68 17.87
CA ALA B 391 18.79 8.09 17.72
C ALA B 391 17.30 8.36 17.87
N GLU B 392 16.47 7.44 17.36
CA GLU B 392 15.02 7.57 17.41
C GLU B 392 14.50 7.76 18.85
N LEU B 393 15.11 7.06 19.80
CA LEU B 393 14.80 7.21 21.23
C LEU B 393 15.27 8.57 21.77
N PHE B 394 16.49 8.96 21.36
CA PHE B 394 17.16 10.19 21.80
C PHE B 394 16.46 11.44 21.29
N TYR B 395 15.82 11.30 20.14
CA TYR B 395 14.97 12.33 19.54
C TYR B 395 13.64 12.45 20.31
N LYS B 396 13.24 11.38 20.98
CA LYS B 396 12.04 11.40 21.81
C LYS B 396 12.35 11.79 23.26
N GLY B 397 13.61 12.18 23.53
CA GLY B 397 14.02 12.65 24.87
C GLY B 397 14.41 11.58 25.88
N ILE B 398 14.63 10.35 25.40
CA ILE B 398 15.04 9.20 26.21
C ILE B 398 16.56 9.18 26.32
N ARG B 399 17.10 9.41 27.51
CA ARG B 399 18.55 9.63 27.69
C ARG B 399 19.09 8.97 28.96
N PRO B 400 20.10 8.08 28.82
CA PRO B 400 20.81 7.72 27.59
C PRO B 400 19.98 6.74 26.76
N ALA B 401 19.89 7.01 25.46
CA ALA B 401 19.02 6.24 24.57
C ALA B 401 19.55 4.85 24.23
N ILE B 402 19.63 3.98 25.23
CA ILE B 402 20.09 2.61 25.02
C ILE B 402 18.99 1.73 24.46
N ASN B 403 19.15 1.31 23.21
CA ASN B 403 18.38 0.21 22.63
C ASN B 403 18.77 -1.07 23.36
N VAL B 404 17.79 -1.71 23.97
CA VAL B 404 18.06 -2.86 24.82
C VAL B 404 18.34 -4.11 24.00
N GLY B 405 17.40 -4.48 23.13
CA GLY B 405 17.59 -5.64 22.24
C GLY B 405 18.72 -5.54 21.22
N LEU B 406 19.55 -4.49 21.31
CA LEU B 406 20.75 -4.36 20.48
C LEU B 406 22.04 -4.04 21.25
N SER B 407 21.89 -3.83 22.56
CA SER B 407 23.02 -3.72 23.49
C SER B 407 23.15 -5.01 24.27
N VAL B 408 24.37 -5.41 24.59
CA VAL B 408 24.60 -6.59 25.42
C VAL B 408 25.95 -6.48 26.12
N SER B 409 26.00 -6.76 27.42
CA SER B 409 27.30 -7.01 28.04
C SER B 409 27.53 -8.51 28.02
N ARG B 410 28.72 -8.93 27.60
CA ARG B 410 28.94 -10.35 27.34
C ARG B 410 29.57 -11.05 28.51
N VAL B 411 30.30 -10.29 29.32
CA VAL B 411 31.06 -10.90 30.40
C VAL B 411 30.92 -10.19 31.75
N GLY B 412 29.96 -9.25 31.83
CA GLY B 412 29.75 -8.45 33.06
C GLY B 412 28.57 -8.85 33.95
N SER B 413 27.69 -9.66 33.35
CA SER B 413 26.49 -10.20 33.99
C SER B 413 26.88 -11.23 35.05
N ALA B 414 28.19 -11.28 35.29
CA ALA B 414 28.85 -12.12 36.28
C ALA B 414 29.91 -11.24 36.96
N ALA B 415 29.96 -9.98 36.52
CA ALA B 415 30.86 -8.99 37.11
C ALA B 415 30.10 -7.90 37.87
N GLN B 416 28.79 -7.77 37.61
CA GLN B 416 27.96 -6.73 38.24
C GLN B 416 27.84 -6.90 39.75
N VAL B 417 27.63 -5.78 40.44
CA VAL B 417 27.32 -5.78 41.86
C VAL B 417 26.08 -6.66 42.14
N LYS B 418 26.26 -7.65 43.00
CA LYS B 418 25.18 -8.55 43.44
C LYS B 418 23.85 -7.82 43.61
N ALA B 419 23.79 -6.93 44.61
CA ALA B 419 22.59 -6.18 44.98
C ALA B 419 21.63 -5.89 43.82
N LEU B 420 22.18 -5.34 42.73
CA LEU B 420 21.39 -4.95 41.57
C LEU B 420 20.86 -6.15 40.79
N LYS B 421 21.71 -7.16 40.58
CA LYS B 421 21.35 -8.36 39.84
C LYS B 421 20.17 -9.10 40.50
N GLN B 422 20.21 -9.15 41.83
CA GLN B 422 19.11 -9.67 42.65
C GLN B 422 17.81 -8.93 42.37
N VAL B 423 17.89 -7.60 42.37
CA VAL B 423 16.72 -6.73 42.24
C VAL B 423 16.29 -6.47 40.77
N ALA B 424 17.12 -6.90 39.81
CA ALA B 424 16.78 -6.79 38.40
C ALA B 424 16.74 -8.17 37.74
N GLY B 425 15.79 -9.00 38.18
CA GLY B 425 15.63 -10.35 37.65
C GLY B 425 15.11 -10.38 36.22
N SER B 426 16.02 -10.59 35.26
CA SER B 426 15.72 -10.72 33.81
C SER B 426 15.39 -9.41 33.09
N LEU B 427 15.46 -8.29 33.82
CA LEU B 427 15.02 -6.97 33.36
C LEU B 427 15.33 -6.70 31.89
N LYS B 428 16.40 -7.34 31.41
CA LYS B 428 16.90 -7.20 30.06
C LYS B 428 15.87 -7.57 28.99
N LEU B 429 15.63 -8.87 28.83
CA LEU B 429 14.71 -9.36 27.79
C LEU B 429 13.24 -9.02 28.10
N PHE B 430 12.98 -8.57 29.32
CA PHE B 430 11.68 -7.98 29.68
C PHE B 430 11.47 -6.79 28.76
N LEU B 431 12.38 -5.82 28.84
CA LEU B 431 12.30 -4.58 28.09
C LEU B 431 12.56 -4.82 26.60
N ALA B 432 13.45 -5.77 26.29
CA ALA B 432 13.82 -6.09 24.91
C ALA B 432 12.70 -6.78 24.14
N GLN B 433 11.83 -7.49 24.86
CA GLN B 433 10.62 -8.06 24.28
C GLN B 433 9.38 -7.22 24.61
N TYR B 434 9.57 -6.15 25.36
CA TYR B 434 8.56 -5.15 25.61
C TYR B 434 8.47 -4.19 24.43
N ARG B 435 9.58 -4.07 23.71
CA ARG B 435 9.68 -3.15 22.58
C ARG B 435 8.94 -3.65 21.35
N GLU B 436 8.93 -4.96 21.15
CA GLU B 436 8.26 -5.56 19.99
C GLU B 436 6.76 -5.65 20.21
N VAL B 437 6.34 -5.57 21.47
CA VAL B 437 4.93 -5.64 21.81
C VAL B 437 4.28 -4.26 21.64
N ALA B 438 4.77 -3.24 22.36
CA ALA B 438 4.25 -1.89 22.22
C ALA B 438 4.30 -1.40 20.77
N ALA B 439 5.12 -2.07 19.95
CA ALA B 439 5.19 -1.86 18.50
C ALA B 439 4.32 -2.88 17.73
N PHE B 440 3.13 -3.13 18.27
CA PHE B 440 2.10 -3.93 17.61
C PHE B 440 0.73 -3.46 18.15
N ALA B 441 0.72 -2.23 18.68
CA ALA B 441 -0.47 -1.63 19.27
C ALA B 441 -1.11 -0.56 18.36
N GLN B 442 -0.26 0.30 17.77
CA GLN B 442 -0.73 1.40 16.91
C GLN B 442 -1.20 0.90 15.55
N SER B 445 -4.21 -2.31 18.02
CA SER B 445 -5.20 -3.32 17.64
C SER B 445 -6.44 -3.31 18.55
N ASP B 446 -6.34 -3.90 19.74
CA ASP B 446 -7.47 -4.06 20.67
C ASP B 446 -7.06 -3.98 22.17
N LEU B 447 -8.06 -3.77 23.03
CA LEU B 447 -7.88 -3.77 24.49
C LEU B 447 -7.62 -5.19 25.01
N ASP B 448 -6.35 -5.48 25.33
CA ASP B 448 -5.96 -6.79 25.88
C ASP B 448 -5.28 -6.58 27.25
N ALA B 449 -6.07 -6.67 28.33
CA ALA B 449 -5.60 -6.40 29.70
C ALA B 449 -4.55 -7.38 30.26
N SER B 450 -4.04 -8.26 29.38
CA SER B 450 -2.94 -9.19 29.67
C SER B 450 -1.60 -8.51 29.36
N THR B 451 -1.45 -8.06 28.12
CA THR B 451 -0.27 -7.33 27.70
C THR B 451 -0.42 -5.81 27.91
N LYS B 452 -1.64 -5.35 28.13
CA LYS B 452 -1.93 -3.96 28.50
C LYS B 452 -1.41 -3.66 29.92
N GLN B 453 -1.60 -4.63 30.81
CA GLN B 453 -1.14 -4.55 32.20
C GLN B 453 0.39 -4.49 32.25
N THR B 454 1.05 -5.35 31.46
CA THR B 454 2.51 -5.41 31.38
C THR B 454 3.12 -4.18 30.69
N LEU B 455 2.26 -3.36 30.06
CA LEU B 455 2.67 -2.11 29.43
C LEU B 455 2.92 -1.02 30.46
N VAL B 456 2.03 -0.92 31.44
CA VAL B 456 2.13 0.09 32.50
C VAL B 456 3.49 0.03 33.19
N ARG B 457 4.10 -1.15 33.15
CA ARG B 457 5.46 -1.37 33.66
C ARG B 457 6.53 -0.80 32.71
N GLY B 458 6.70 -1.43 31.55
CA GLY B 458 7.74 -1.06 30.59
C GLY B 458 7.86 0.42 30.27
N GLU B 459 6.78 1.15 30.45
CA GLU B 459 6.81 2.61 30.33
C GLU B 459 7.37 3.30 31.57
N ARG B 460 6.89 2.92 32.76
CA ARG B 460 7.41 3.45 34.03
C ARG B 460 8.87 3.03 34.24
N LEU B 461 9.25 1.91 33.62
CA LEU B 461 10.59 1.34 33.70
C LEU B 461 11.59 2.10 32.83
N THR B 462 11.20 2.38 31.59
CA THR B 462 12.02 3.19 30.68
C THR B 462 12.06 4.64 31.18
N GLN B 463 10.93 5.14 31.68
CA GLN B 463 10.87 6.42 32.39
C GLN B 463 11.80 6.46 33.59
N LEU B 464 12.13 5.27 34.09
CA LEU B 464 12.95 5.11 35.28
C LEU B 464 14.45 5.07 34.97
N LEU B 465 14.81 4.61 33.77
CA LEU B 465 16.21 4.61 33.33
C LEU B 465 16.72 6.00 32.96
N LYS B 466 15.79 6.89 32.62
CA LYS B 466 16.07 8.28 32.24
C LYS B 466 17.03 8.94 33.21
N GLN B 467 18.20 9.34 32.70
CA GLN B 467 19.23 9.93 33.52
C GLN B 467 19.70 11.25 32.92
N ASN B 468 19.51 12.34 33.67
CA ASN B 468 20.01 13.65 33.30
C ASN B 468 21.53 13.64 33.30
N GLN B 469 22.13 14.34 32.33
CA GLN B 469 23.57 14.28 32.17
C GLN B 469 24.31 14.82 33.39
N TYR B 470 25.52 14.31 33.64
CA TYR B 470 26.35 14.64 34.81
C TYR B 470 25.67 14.24 36.13
N SER B 471 24.91 13.15 36.08
CA SER B 471 24.24 12.58 37.25
C SER B 471 24.70 11.14 37.54
N PRO B 472 25.87 10.97 38.20
CA PRO B 472 26.35 9.64 38.57
C PRO B 472 25.70 9.12 39.86
N LEU B 473 24.83 8.11 39.75
CA LEU B 473 24.18 7.47 40.91
C LEU B 473 25.02 6.36 41.50
N ALA B 474 24.94 6.19 42.83
CA ALA B 474 25.60 5.09 43.52
C ALA B 474 24.71 3.86 43.53
N THR B 475 25.33 2.69 43.66
CA THR B 475 24.64 1.41 43.56
C THR B 475 23.43 1.31 44.48
N GLU B 476 23.65 1.61 45.75
CA GLU B 476 22.62 1.58 46.79
C GLU B 476 21.40 2.45 46.44
N GLU B 477 21.59 3.42 45.56
CA GLU B 477 20.53 4.35 45.19
C GLU B 477 19.70 3.82 44.02
N GLN B 478 20.34 3.00 43.19
CA GLN B 478 19.71 2.41 42.01
C GLN B 478 18.82 1.22 42.39
N VAL B 479 19.35 0.36 43.25
CA VAL B 479 18.64 -0.84 43.75
C VAL B 479 17.19 -0.65 44.23
N PRO B 480 16.92 0.43 45.03
CA PRO B 480 15.54 0.63 45.48
C PRO B 480 14.61 1.08 44.35
N LEU B 481 15.19 1.72 43.33
CA LEU B 481 14.41 2.21 42.20
C LEU B 481 14.01 1.03 41.32
N ILE B 482 14.94 0.09 41.13
CA ILE B 482 14.68 -1.12 40.35
C ILE B 482 13.70 -2.02 41.11
N TYR B 483 13.88 -2.10 42.43
CA TYR B 483 12.93 -2.74 43.34
C TYR B 483 11.53 -2.31 42.92
N ALA B 484 11.20 -1.05 43.24
CA ALA B 484 9.89 -0.47 42.96
C ALA B 484 9.51 -0.59 41.48
N GLY B 485 10.53 -0.71 40.62
CA GLY B 485 10.31 -0.91 39.19
C GLY B 485 9.72 -2.27 38.86
N VAL B 486 10.45 -3.33 39.25
CA VAL B 486 10.04 -4.70 38.93
C VAL B 486 9.03 -5.25 39.96
N ASN B 487 8.93 -4.58 41.11
CA ASN B 487 7.92 -4.90 42.12
C ASN B 487 6.67 -4.03 41.97
N GLY B 488 6.76 -3.03 41.09
CA GLY B 488 5.62 -2.21 40.68
C GLY B 488 4.99 -1.37 41.78
N HIS B 489 5.82 -0.81 42.65
CA HIS B 489 5.36 0.06 43.74
C HIS B 489 4.98 1.47 43.27
N LEU B 490 5.21 1.76 41.97
CA LEU B 490 5.10 3.11 41.41
C LEU B 490 4.05 3.27 40.30
N ASP B 491 3.35 2.19 39.96
CA ASP B 491 2.32 2.19 38.90
C ASP B 491 1.19 3.20 39.14
N GLY B 492 0.81 3.39 40.40
CA GLY B 492 -0.20 4.37 40.80
C GLY B 492 0.28 5.81 40.86
N ILE B 493 1.58 6.02 40.63
CA ILE B 493 2.18 7.36 40.49
C ILE B 493 2.20 7.77 39.02
N GLU B 494 1.80 9.03 38.77
CA GLU B 494 1.65 9.55 37.41
C GLU B 494 2.93 9.46 36.58
N LEU B 495 2.75 9.22 35.29
CA LEU B 495 3.83 9.04 34.33
C LEU B 495 4.77 10.23 34.26
N SER B 496 4.22 11.44 34.44
CA SER B 496 5.01 12.68 34.48
C SER B 496 5.44 13.05 35.91
N ARG B 497 5.35 12.07 36.81
CA ARG B 497 5.82 12.22 38.19
C ARG B 497 6.74 11.05 38.57
N ILE B 498 7.25 10.37 37.54
CA ILE B 498 8.16 9.23 37.71
C ILE B 498 9.57 9.70 38.09
N GLY B 499 10.19 10.50 37.20
CA GLY B 499 11.50 11.07 37.43
C GLY B 499 11.50 12.12 38.53
N GLU B 500 10.35 12.78 38.72
CA GLU B 500 10.17 13.74 39.79
C GLU B 500 10.26 13.04 41.15
N PHE B 501 9.63 11.86 41.25
CA PHE B 501 9.65 11.05 42.46
C PHE B 501 11.04 10.54 42.84
N GLU B 502 11.87 10.27 41.83
CA GLU B 502 13.25 9.82 42.00
C GLU B 502 14.02 10.72 42.97
N SER B 503 13.77 12.02 42.87
CA SER B 503 14.35 13.01 43.76
C SER B 503 13.68 13.01 45.14
N SER B 504 12.36 12.81 45.15
CA SER B 504 11.57 12.80 46.38
C SER B 504 11.92 11.60 47.28
N PHE B 505 12.15 10.45 46.65
CA PHE B 505 12.40 9.19 47.35
C PHE B 505 13.76 9.11 48.04
N LEU B 506 14.78 9.63 47.37
CA LEU B 506 16.13 9.67 47.93
C LEU B 506 16.23 10.66 49.10
N SER B 507 15.44 11.73 49.02
CA SER B 507 15.27 12.65 50.15
C SER B 507 14.67 11.93 51.35
N TYR B 508 13.74 11.01 51.06
CA TYR B 508 13.07 10.21 52.08
C TYR B 508 13.99 9.14 52.71
N LEU B 509 14.85 8.52 51.89
CA LEU B 509 15.74 7.45 52.36
C LEU B 509 17.01 7.93 53.05
N LYS B 510 17.48 9.12 52.68
CA LYS B 510 18.79 9.63 53.15
C LYS B 510 18.91 9.98 54.63
N SER B 511 17.77 10.19 55.30
CA SER B 511 17.76 10.52 56.74
C SER B 511 16.80 9.65 57.56
N ASN B 512 16.33 8.57 56.95
CA ASN B 512 15.53 7.57 57.62
C ASN B 512 16.20 6.21 57.54
N HIS B 513 15.96 5.52 56.43
CA HIS B 513 16.54 4.22 56.15
C HIS B 513 17.98 4.38 55.67
N ASN B 514 18.80 4.97 56.54
CA ASN B 514 20.20 5.30 56.25
C ASN B 514 21.09 4.06 56.16
N GLU B 515 20.83 3.08 57.03
CA GLU B 515 21.61 1.84 57.08
C GLU B 515 21.41 0.95 55.88
N LEU B 516 20.23 1.02 55.27
CA LEU B 516 19.93 0.27 54.05
C LEU B 516 20.93 0.67 52.95
N LEU B 517 21.18 1.97 52.85
CA LEU B 517 22.18 2.53 51.92
C LEU B 517 23.60 2.15 52.33
N THR B 518 23.86 2.21 53.65
CA THR B 518 25.18 1.95 54.23
C THR B 518 25.61 0.49 54.04
N GLU B 519 24.67 -0.44 54.23
CA GLU B 519 24.96 -1.87 54.17
C GLU B 519 25.09 -2.40 52.75
N ILE B 520 24.33 -1.81 51.83
CA ILE B 520 24.47 -2.13 50.41
C ILE B 520 25.77 -1.50 49.89
N ARG B 521 26.26 -0.48 50.60
CA ARG B 521 27.52 0.18 50.27
C ARG B 521 28.72 -0.55 50.90
N GLU B 522 28.48 -1.32 51.96
CA GLU B 522 29.52 -2.11 52.61
C GLU B 522 29.63 -3.51 52.00
N LYS B 523 28.51 -4.22 51.94
CA LYS B 523 28.46 -5.55 51.34
C LYS B 523 28.40 -5.47 49.81
N GLY B 524 27.34 -4.87 49.30
CA GLY B 524 27.03 -4.95 47.87
C GLY B 524 26.13 -6.14 47.59
N GLU B 525 25.79 -6.86 48.65
CA GLU B 525 24.91 -8.03 48.61
C GLU B 525 23.58 -7.70 49.26
N LEU B 526 22.63 -8.62 49.14
CA LEU B 526 21.34 -8.49 49.81
C LEU B 526 20.91 -9.80 50.48
N SER B 527 20.71 -9.74 51.78
CA SER B 527 20.06 -10.83 52.51
C SER B 527 18.54 -10.66 52.38
N LYS B 528 17.80 -11.71 52.70
CA LYS B 528 16.33 -11.61 52.82
C LYS B 528 15.98 -10.69 53.99
N GLU B 529 17.00 -10.37 54.77
CA GLU B 529 16.95 -9.44 55.90
C GLU B 529 16.69 -7.99 55.46
N LEU B 530 17.40 -7.55 54.42
CA LEU B 530 17.28 -6.19 53.92
C LEU B 530 16.12 -6.03 52.91
N LEU B 531 15.58 -7.15 52.44
CA LEU B 531 14.45 -7.20 51.50
C LEU B 531 13.15 -6.63 52.08
N ALA B 532 12.69 -7.24 53.17
CA ALA B 532 11.49 -6.76 53.89
C ALA B 532 11.77 -5.45 54.63
N SER B 533 13.03 -5.24 55.01
CA SER B 533 13.48 -4.00 55.64
C SER B 533 13.34 -2.80 54.71
N LEU B 534 13.41 -3.06 53.40
CA LEU B 534 13.17 -2.03 52.40
C LEU B 534 11.75 -2.08 51.85
N LYS B 535 11.12 -3.25 51.88
CA LYS B 535 9.72 -3.40 51.47
C LYS B 535 8.74 -2.71 52.45
N SER B 536 9.31 -2.07 53.47
CA SER B 536 8.57 -1.19 54.38
C SER B 536 8.84 0.28 54.07
N ALA B 537 10.03 0.57 53.54
CA ALA B 537 10.43 1.93 53.19
C ALA B 537 9.88 2.38 51.82
N THR B 538 9.27 1.45 51.09
CA THR B 538 8.81 1.72 49.71
C THR B 538 7.33 2.09 49.64
N GLU B 539 6.46 1.19 50.13
CA GLU B 539 5.01 1.43 50.18
C GLU B 539 4.64 2.48 51.23
N SER B 540 5.58 2.75 52.13
CA SER B 540 5.47 3.86 53.08
C SER B 540 5.39 5.20 52.35
N PHE B 541 6.34 5.41 51.44
CA PHE B 541 6.42 6.65 50.68
C PHE B 541 5.40 6.71 49.52
N VAL B 542 4.83 5.57 49.16
CA VAL B 542 3.69 5.50 48.21
C VAL B 542 2.41 6.10 48.83
N ALA B 543 2.30 6.02 50.16
CA ALA B 543 1.21 6.63 50.91
C ALA B 543 1.51 8.07 51.31
N THR B 544 2.72 8.30 51.82
CA THR B 544 3.16 9.64 52.18
C THR B 544 3.96 10.32 51.04
N PHE B 545 3.57 10.20 49.87
N ASN C 61 69.87 -27.54 -25.14
CA ASN C 61 68.73 -27.47 -26.13
C ASN C 61 67.45 -26.86 -25.53
N LEU C 62 67.33 -25.54 -25.63
CA LEU C 62 66.20 -24.82 -25.01
C LEU C 62 64.92 -24.78 -25.86
N ASN C 63 64.95 -25.48 -26.98
CA ASN C 63 63.76 -25.67 -27.79
C ASN C 63 62.74 -26.57 -27.14
N GLU C 64 63.20 -27.62 -26.47
CA GLU C 64 62.29 -28.62 -25.94
C GLU C 64 62.25 -28.64 -24.43
N THR C 65 62.92 -27.69 -23.81
CA THR C 65 63.06 -27.68 -22.37
C THR C 65 63.24 -26.27 -21.90
N GLY C 66 62.89 -26.03 -20.65
CA GLY C 66 63.15 -24.73 -20.05
C GLY C 66 63.59 -24.91 -18.61
N ARG C 67 64.25 -23.91 -18.07
CA ARG C 67 64.48 -23.88 -16.64
C ARG C 67 63.45 -22.96 -15.97
N VAL C 68 63.12 -23.25 -14.72
CA VAL C 68 62.16 -22.42 -13.98
C VAL C 68 62.81 -21.14 -13.46
N LEU C 69 62.11 -20.03 -13.65
CA LEU C 69 62.62 -18.74 -13.20
C LEU C 69 62.14 -18.42 -11.80
N ALA C 70 60.81 -18.49 -11.59
CA ALA C 70 60.17 -18.27 -10.30
C ALA C 70 58.97 -19.18 -10.25
N VAL C 71 58.61 -19.61 -9.04
CA VAL C 71 57.38 -20.38 -8.86
C VAL C 71 56.61 -19.97 -7.60
N GLY C 72 55.30 -19.80 -7.77
CA GLY C 72 54.38 -19.44 -6.71
C GLY C 72 52.92 -19.49 -7.15
N ASP C 73 52.06 -19.97 -6.26
CA ASP C 73 50.60 -19.92 -6.42
C ASP C 73 50.09 -20.62 -7.68
N GLY C 74 50.50 -21.86 -7.88
CA GLY C 74 50.04 -22.65 -9.02
C GLY C 74 50.66 -22.24 -10.34
N ILE C 75 51.45 -21.17 -10.31
CA ILE C 75 52.07 -20.60 -11.50
C ILE C 75 53.56 -20.86 -11.49
N ALA C 76 54.13 -21.13 -12.65
CA ALA C 76 55.57 -21.15 -12.78
C ALA C 76 55.96 -20.39 -14.04
N ARG C 77 56.82 -19.39 -13.87
CA ARG C 77 57.43 -18.72 -14.98
C ARG C 77 58.67 -19.51 -15.32
N VAL C 78 58.98 -19.59 -16.62
CA VAL C 78 59.92 -20.57 -17.16
C VAL C 78 60.69 -20.00 -18.34
N PHE C 79 62.02 -19.96 -18.25
CA PHE C 79 62.84 -19.51 -19.38
C PHE C 79 63.12 -20.67 -20.29
N GLY C 80 62.73 -20.54 -21.56
CA GLY C 80 63.02 -21.55 -22.57
C GLY C 80 61.78 -22.08 -23.26
N LEU C 81 61.68 -23.40 -23.36
CA LEU C 81 60.57 -24.05 -24.07
C LEU C 81 60.24 -23.28 -25.33
N ASN C 82 61.19 -23.26 -26.26
CA ASN C 82 61.03 -22.48 -27.46
C ASN C 82 60.11 -23.05 -28.48
N ASN C 83 59.92 -24.35 -28.52
CA ASN C 83 59.07 -24.86 -29.59
C ASN C 83 57.65 -25.11 -29.18
N ILE C 84 57.37 -24.75 -27.92
CA ILE C 84 56.11 -25.06 -27.23
C ILE C 84 54.86 -24.42 -27.85
N GLN C 85 53.79 -25.19 -27.86
CA GLN C 85 52.48 -24.70 -28.25
C GLN C 85 51.73 -23.95 -27.14
N ALA C 86 50.94 -22.96 -27.54
CA ALA C 86 49.96 -22.34 -26.66
C ALA C 86 49.01 -23.43 -26.21
N GLU C 87 48.85 -23.56 -24.91
CA GLU C 87 47.97 -24.55 -24.33
C GLU C 87 48.52 -26.00 -24.34
N GLU C 88 49.84 -26.11 -24.44
CA GLU C 88 50.54 -27.41 -24.43
C GLU C 88 50.83 -27.91 -23.03
N LEU C 89 50.88 -29.21 -22.88
CA LEU C 89 51.20 -29.87 -21.62
C LEU C 89 52.70 -30.02 -21.41
N VAL C 90 53.17 -29.77 -20.18
CA VAL C 90 54.60 -29.90 -19.79
C VAL C 90 54.73 -30.67 -18.49
N GLU C 91 55.73 -31.56 -18.42
CA GLU C 91 56.05 -32.27 -17.19
C GLU C 91 57.19 -31.51 -16.53
N PHE C 92 57.12 -31.35 -15.21
CA PHE C 92 58.24 -30.78 -14.48
C PHE C 92 59.14 -31.92 -14.04
N SER C 93 60.42 -31.62 -13.79
CA SER C 93 61.33 -32.70 -13.45
C SER C 93 60.78 -33.47 -12.25
N SER C 94 60.10 -32.75 -11.35
CA SER C 94 59.58 -33.28 -10.08
C SER C 94 58.41 -34.24 -10.26
N GLY C 95 57.83 -34.28 -11.44
CA GLY C 95 56.68 -35.12 -11.63
C GLY C 95 55.44 -34.34 -12.02
N VAL C 96 55.13 -33.25 -11.30
CA VAL C 96 53.87 -32.50 -11.51
C VAL C 96 53.72 -31.95 -12.92
N LYS C 97 52.53 -32.14 -13.51
CA LYS C 97 52.24 -31.61 -14.84
C LYS C 97 51.66 -30.20 -14.81
N GLY C 98 51.71 -29.55 -15.97
CA GLY C 98 51.25 -28.17 -16.11
C GLY C 98 50.87 -27.86 -17.55
N MET C 99 50.33 -26.66 -17.74
CA MET C 99 49.86 -26.22 -19.03
C MET C 99 50.37 -24.82 -19.35
N ALA C 100 50.84 -24.62 -20.58
CA ALA C 100 51.40 -23.34 -20.99
C ALA C 100 50.27 -22.44 -21.49
N LEU C 101 50.12 -21.28 -20.88
CA LEU C 101 49.04 -20.38 -21.25
C LEU C 101 49.50 -19.00 -21.72
N ASN C 102 50.67 -18.56 -21.26
CA ASN C 102 51.21 -17.25 -21.64
C ASN C 102 52.56 -17.43 -22.25
N LEU C 103 52.62 -17.58 -23.56
CA LEU C 103 53.90 -17.63 -24.22
C LEU C 103 54.30 -16.19 -24.46
N GLU C 104 55.03 -15.60 -23.53
CA GLU C 104 55.50 -14.25 -23.69
C GLU C 104 56.87 -14.27 -24.34
N PRO C 105 57.49 -13.07 -24.56
CA PRO C 105 58.75 -12.98 -25.33
C PRO C 105 59.94 -13.59 -24.62
N GLY C 106 60.17 -13.18 -23.38
CA GLY C 106 61.27 -13.71 -22.61
C GLY C 106 61.03 -15.11 -22.02
N GLN C 107 59.77 -15.44 -21.78
CA GLN C 107 59.44 -16.55 -20.89
C GLN C 107 58.05 -17.11 -21.14
N VAL C 108 57.77 -18.26 -20.53
CA VAL C 108 56.50 -18.96 -20.64
C VAL C 108 55.79 -19.01 -19.28
N GLY C 109 54.48 -18.89 -19.30
CA GLY C 109 53.70 -18.86 -18.07
C GLY C 109 52.88 -20.10 -17.93
N ILE C 110 53.14 -20.85 -16.87
CA ILE C 110 52.52 -22.17 -16.70
C ILE C 110 51.67 -22.30 -15.45
N VAL C 111 50.43 -22.74 -15.68
CA VAL C 111 49.52 -23.18 -14.61
C VAL C 111 49.80 -24.64 -14.31
N LEU C 112 49.83 -25.00 -13.03
CA LEU C 112 50.16 -26.38 -12.65
C LEU C 112 48.91 -27.20 -12.35
N PHE C 113 49.01 -28.49 -12.64
CA PHE C 113 47.97 -29.42 -12.29
C PHE C 113 48.12 -29.93 -10.87
N GLY C 114 49.19 -29.55 -10.21
CA GLY C 114 49.43 -30.06 -8.90
C GLY C 114 49.63 -29.00 -7.84
N SER C 115 50.25 -29.42 -6.74
CA SER C 115 50.78 -28.53 -5.73
C SER C 115 52.11 -28.03 -6.29
N ASP C 116 52.72 -27.09 -5.61
CA ASP C 116 53.94 -26.49 -6.14
C ASP C 116 55.12 -26.61 -5.19
N ARG C 117 54.86 -27.02 -3.95
CA ARG C 117 55.95 -27.28 -2.99
C ARG C 117 57.06 -27.99 -3.71
N LEU C 118 56.67 -28.84 -4.66
CA LEU C 118 57.57 -29.72 -5.38
C LEU C 118 58.34 -29.07 -6.53
N VAL C 119 57.96 -27.85 -6.90
CA VAL C 119 58.68 -27.11 -7.95
C VAL C 119 59.60 -26.01 -7.40
N LYS C 120 60.86 -26.03 -7.81
CA LYS C 120 61.82 -25.06 -7.31
C LYS C 120 62.42 -24.28 -8.47
N GLU C 121 62.94 -23.10 -8.20
CA GLU C 121 63.62 -22.33 -9.23
C GLU C 121 64.73 -23.17 -9.88
N GLY C 122 64.85 -23.13 -11.20
CA GLY C 122 65.99 -23.76 -11.85
C GLY C 122 65.76 -25.20 -12.22
N GLU C 123 64.84 -25.84 -11.50
CA GLU C 123 64.38 -27.15 -11.89
C GLU C 123 64.04 -27.19 -13.39
N LEU C 124 64.53 -28.21 -14.08
CA LEU C 124 64.25 -28.42 -15.51
C LEU C 124 62.78 -28.78 -15.80
N VAL C 125 62.23 -28.14 -16.83
CA VAL C 125 60.84 -28.36 -17.27
C VAL C 125 60.87 -28.95 -18.67
N LYS C 126 59.88 -29.77 -19.01
CA LYS C 126 59.94 -30.59 -20.24
C LYS C 126 58.72 -30.47 -21.15
N ARG C 127 58.97 -30.38 -22.46
CA ARG C 127 57.89 -30.43 -23.44
C ARG C 127 57.26 -31.82 -23.55
N THR C 128 55.93 -31.87 -23.55
CA THR C 128 55.20 -33.08 -23.91
C THR C 128 55.08 -33.17 -25.42
N GLY C 129 54.67 -32.08 -26.04
CA GLY C 129 54.38 -32.10 -27.46
C GLY C 129 52.92 -32.41 -27.70
N ASN C 130 52.10 -32.42 -26.65
CA ASN C 130 50.65 -32.61 -26.83
C ASN C 130 49.83 -31.54 -26.16
N ILE C 131 48.70 -31.20 -26.78
CA ILE C 131 47.66 -30.37 -26.16
C ILE C 131 46.78 -31.24 -25.26
N VAL C 132 46.32 -30.68 -24.14
CA VAL C 132 45.54 -31.43 -23.16
C VAL C 132 44.46 -32.21 -23.87
N ASP C 133 44.26 -33.46 -23.50
CA ASP C 133 43.34 -34.36 -24.18
C ASP C 133 42.85 -35.52 -23.25
N VAL C 134 41.77 -36.20 -23.62
CA VAL C 134 41.21 -37.25 -22.79
C VAL C 134 40.95 -38.58 -23.50
N PRO C 135 41.01 -39.69 -22.74
CA PRO C 135 40.41 -40.93 -23.20
C PRO C 135 38.90 -40.80 -23.41
N VAL C 136 38.40 -41.47 -24.45
CA VAL C 136 36.96 -41.55 -24.70
C VAL C 136 36.53 -42.95 -25.16
N GLY C 137 35.22 -43.18 -25.11
CA GLY C 137 34.64 -44.43 -25.52
C GLY C 137 33.83 -45.05 -24.40
N PRO C 138 33.15 -46.16 -24.67
CA PRO C 138 32.09 -46.53 -23.75
C PRO C 138 32.72 -47.22 -22.55
N GLY C 139 34.05 -47.34 -22.60
CA GLY C 139 34.83 -47.86 -21.50
C GLY C 139 34.69 -46.97 -20.28
N LEU C 140 34.43 -45.69 -20.48
CA LEU C 140 34.28 -44.81 -19.34
C LEU C 140 33.04 -45.08 -18.51
N LEU C 141 32.02 -45.66 -19.13
CA LEU C 141 30.76 -45.91 -18.44
C LEU C 141 31.03 -46.61 -17.14
N GLY C 142 30.51 -46.00 -16.08
CA GLY C 142 30.62 -46.52 -14.74
C GLY C 142 31.80 -45.98 -13.97
N ARG C 143 32.62 -45.14 -14.58
CA ARG C 143 33.86 -44.80 -13.92
C ARG C 143 33.89 -43.39 -13.34
N VAL C 144 34.62 -43.21 -12.25
CA VAL C 144 34.85 -41.89 -11.71
C VAL C 144 36.27 -41.43 -11.99
N VAL C 145 36.43 -40.48 -12.90
CA VAL C 145 37.73 -40.03 -13.36
C VAL C 145 37.97 -38.56 -12.96
N ASP C 146 39.23 -38.13 -12.88
CA ASP C 146 39.58 -36.72 -12.62
C ASP C 146 39.54 -35.94 -13.91
N ALA C 147 39.97 -34.69 -13.88
CA ALA C 147 39.80 -33.84 -15.07
C ALA C 147 40.51 -34.41 -16.28
N LEU C 148 41.64 -35.07 -16.07
CA LEU C 148 42.38 -35.61 -17.18
C LEU C 148 41.99 -37.05 -17.51
N GLY C 149 41.03 -37.60 -16.77
CA GLY C 149 40.43 -38.88 -17.12
C GLY C 149 41.21 -40.05 -16.57
N ASN C 150 41.72 -39.84 -15.36
CA ASN C 150 42.36 -40.90 -14.61
C ASN C 150 41.39 -41.53 -13.63
N PRO C 151 41.33 -42.87 -13.59
CA PRO C 151 40.46 -43.47 -12.59
C PRO C 151 40.78 -42.89 -11.21
N ILE C 152 39.75 -42.57 -10.45
CA ILE C 152 39.92 -42.14 -9.06
C ILE C 152 38.98 -42.92 -8.14
N ASP C 153 38.20 -43.82 -8.76
CA ASP C 153 37.30 -44.76 -8.06
C ASP C 153 38.00 -45.92 -7.36
N GLY C 154 38.97 -46.51 -8.06
CA GLY C 154 39.75 -47.63 -7.56
C GLY C 154 39.59 -48.83 -8.46
N LYS C 155 38.96 -48.64 -9.61
CA LYS C 155 38.59 -49.79 -10.41
C LYS C 155 39.59 -50.13 -11.53
N GLY C 156 40.72 -49.44 -11.53
CA GLY C 156 41.81 -49.73 -12.43
C GLY C 156 41.66 -49.08 -13.79
N PRO C 157 42.62 -49.34 -14.69
CA PRO C 157 42.82 -48.63 -15.95
C PRO C 157 41.57 -48.49 -16.80
N ILE C 158 41.35 -47.26 -17.30
CA ILE C 158 40.35 -46.96 -18.30
C ILE C 158 40.74 -47.61 -19.61
N ASP C 159 39.78 -48.25 -20.28
CA ASP C 159 39.97 -48.71 -21.67
C ASP C 159 39.30 -47.68 -22.58
N ALA C 160 40.04 -47.07 -23.50
CA ALA C 160 39.43 -46.08 -24.36
C ALA C 160 39.45 -46.49 -25.82
N ALA C 161 38.41 -46.10 -26.55
CA ALA C 161 38.34 -46.31 -27.98
C ALA C 161 39.19 -45.25 -28.69
N GLY C 162 39.67 -44.27 -27.92
CA GLY C 162 40.48 -43.21 -28.48
C GLY C 162 40.60 -42.01 -27.57
N ARG C 163 41.14 -40.93 -28.12
CA ARG C 163 41.39 -39.72 -27.34
C ARG C 163 40.93 -38.47 -28.07
N SER C 164 40.11 -37.66 -27.43
CA SER C 164 39.72 -36.36 -27.97
C SER C 164 40.57 -35.31 -27.28
N ARG C 165 40.62 -34.10 -27.85
CA ARG C 165 41.18 -32.96 -27.13
C ARG C 165 40.13 -32.35 -26.20
N ALA C 166 40.57 -31.50 -25.26
CA ALA C 166 39.67 -30.86 -24.33
C ALA C 166 38.90 -29.74 -25.02
N GLN C 167 39.56 -28.99 -25.91
CA GLN C 167 38.87 -27.96 -26.73
C GLN C 167 38.66 -28.47 -28.15
N VAL C 168 37.40 -28.48 -28.58
CA VAL C 168 37.02 -28.97 -29.90
C VAL C 168 35.98 -28.04 -30.53
N LYS C 169 36.17 -27.70 -31.81
CA LYS C 169 35.19 -26.90 -32.52
C LYS C 169 33.82 -27.56 -32.38
N ALA C 170 32.78 -26.74 -32.13
CA ALA C 170 31.38 -27.21 -32.01
C ALA C 170 30.89 -27.57 -33.41
N PRO C 171 29.93 -28.49 -33.52
CA PRO C 171 29.58 -28.84 -34.89
C PRO C 171 28.94 -27.63 -35.58
N GLY C 172 29.29 -27.41 -36.83
CA GLY C 172 28.91 -26.18 -37.51
C GLY C 172 27.43 -25.93 -37.73
N ILE C 173 27.14 -24.92 -38.54
CA ILE C 173 25.79 -24.66 -39.00
C ILE C 173 25.35 -25.90 -39.74
N LEU C 174 26.30 -26.52 -40.42
CA LEU C 174 25.97 -27.49 -41.46
C LEU C 174 25.49 -28.86 -41.02
N PRO C 175 26.22 -29.55 -40.13
CA PRO C 175 25.78 -30.92 -39.84
C PRO C 175 24.79 -31.10 -38.65
N ARG C 176 23.68 -30.36 -38.63
CA ARG C 176 22.75 -30.46 -37.51
C ARG C 176 21.29 -30.74 -37.90
N ARG C 177 20.45 -31.00 -36.91
CA ARG C 177 19.01 -31.09 -37.16
C ARG C 177 18.21 -30.41 -36.04
N SER C 178 16.91 -30.27 -36.30
CA SER C 178 15.93 -29.85 -35.32
C SER C 178 15.87 -30.83 -34.18
N VAL C 179 15.74 -30.29 -32.97
CA VAL C 179 15.51 -31.10 -31.80
C VAL C 179 14.07 -31.56 -31.82
N HIS C 180 13.88 -32.88 -31.88
CA HIS C 180 12.56 -33.50 -31.93
C HIS C 180 12.35 -34.66 -30.98
N GLU C 181 13.41 -35.15 -30.33
CA GLU C 181 13.29 -36.25 -29.35
C GLU C 181 13.18 -35.74 -27.92
N PRO C 182 12.28 -36.30 -27.11
CA PRO C 182 12.27 -35.92 -25.71
C PRO C 182 13.41 -36.57 -24.96
N VAL C 183 13.91 -35.85 -23.96
CA VAL C 183 14.77 -36.35 -22.91
C VAL C 183 13.88 -36.36 -21.67
N GLN C 184 13.18 -37.47 -21.44
CA GLN C 184 12.13 -37.48 -20.42
C GLN C 184 12.76 -37.49 -19.05
N THR C 185 12.45 -36.48 -18.24
CA THR C 185 13.01 -36.43 -16.89
C THR C 185 12.16 -37.17 -15.88
N GLY C 186 10.87 -37.36 -16.16
CA GLY C 186 10.00 -38.00 -15.20
C GLY C 186 9.66 -37.06 -14.06
N LEU C 187 9.81 -35.76 -14.32
CA LEU C 187 9.45 -34.75 -13.34
C LEU C 187 8.21 -34.02 -13.83
N LYS C 188 7.06 -34.34 -13.25
CA LYS C 188 5.79 -33.79 -13.70
C LYS C 188 5.93 -32.35 -14.13
N ALA C 189 6.28 -31.46 -13.20
CA ALA C 189 6.44 -30.05 -13.53
C ALA C 189 7.31 -29.83 -14.77
N VAL C 190 8.45 -30.50 -14.85
CA VAL C 190 9.35 -30.29 -15.97
C VAL C 190 8.82 -30.86 -17.28
N ASP C 191 8.29 -32.08 -17.25
CA ASP C 191 7.94 -32.74 -18.51
C ASP C 191 6.64 -32.22 -19.12
N ALA C 192 5.89 -31.42 -18.36
CA ALA C 192 4.69 -30.79 -18.89
C ALA C 192 4.91 -29.30 -19.16
N LEU C 193 5.76 -28.68 -18.37
CA LEU C 193 5.96 -27.23 -18.47
C LEU C 193 7.20 -26.80 -19.29
N VAL C 194 8.35 -27.39 -19.01
CA VAL C 194 9.57 -27.03 -19.69
C VAL C 194 10.27 -28.25 -20.34
N PRO C 195 9.61 -28.86 -21.34
CA PRO C 195 10.07 -30.13 -21.87
C PRO C 195 11.37 -29.98 -22.61
N ILE C 196 12.34 -30.82 -22.22
CA ILE C 196 13.73 -30.82 -22.67
C ILE C 196 13.99 -31.78 -23.83
N GLY C 197 14.81 -31.39 -24.78
CA GLY C 197 14.98 -32.18 -26.00
C GLY C 197 16.37 -32.69 -26.23
N ARG C 198 16.47 -33.86 -26.87
CA ARG C 198 17.74 -34.49 -27.21
C ARG C 198 18.50 -33.60 -28.16
N GLY C 199 19.42 -32.82 -27.60
CA GLY C 199 20.26 -31.92 -28.36
C GLY C 199 20.32 -30.52 -27.78
N GLN C 200 19.30 -30.18 -27.01
CA GLN C 200 19.17 -28.84 -26.46
C GLN C 200 20.01 -28.62 -25.19
N ARG C 201 20.40 -27.37 -24.97
CA ARG C 201 21.06 -26.93 -23.75
C ARG C 201 20.04 -26.22 -22.83
N GLU C 202 19.96 -26.66 -21.58
CA GLU C 202 18.94 -26.14 -20.68
C GLU C 202 19.51 -25.82 -19.32
N LEU C 203 19.51 -24.52 -19.01
CA LEU C 203 20.05 -24.04 -17.75
C LEU C 203 19.24 -24.44 -16.49
N ILE C 204 19.93 -24.90 -15.47
CA ILE C 204 19.29 -25.03 -14.16
C ILE C 204 19.89 -23.97 -13.23
N ILE C 205 19.10 -22.97 -12.89
CA ILE C 205 19.59 -21.86 -12.13
C ILE C 205 18.70 -21.60 -10.92
N GLY C 206 19.33 -21.20 -9.82
CA GLY C 206 18.63 -20.75 -8.62
C GLY C 206 19.68 -20.46 -7.57
N ASP C 207 19.26 -20.07 -6.37
CA ASP C 207 20.17 -19.82 -5.25
C ASP C 207 20.89 -21.11 -4.80
N ARG C 208 21.66 -21.02 -3.71
CA ARG C 208 22.22 -22.21 -3.02
C ARG C 208 21.13 -23.01 -2.32
N GLN C 209 21.36 -24.31 -2.14
CA GLN C 209 20.39 -25.17 -1.48
C GLN C 209 18.94 -25.03 -1.95
N THR C 210 18.72 -25.07 -3.26
CA THR C 210 17.36 -24.90 -3.79
C THR C 210 16.85 -26.15 -4.45
N GLY C 211 17.76 -27.03 -4.82
CA GLY C 211 17.36 -28.28 -5.44
C GLY C 211 17.84 -28.43 -6.87
N LYS C 212 18.83 -27.60 -7.22
CA LYS C 212 19.47 -27.64 -8.55
C LYS C 212 20.03 -29.05 -8.83
N THR C 213 20.80 -29.58 -7.89
CA THR C 213 21.43 -30.84 -8.20
C THR C 213 20.35 -31.90 -8.32
N ALA C 214 19.35 -31.80 -7.43
CA ALA C 214 18.23 -32.73 -7.35
C ALA C 214 17.48 -32.87 -8.68
N VAL C 215 17.27 -31.75 -9.37
CA VAL C 215 16.62 -31.85 -10.66
C VAL C 215 17.46 -32.66 -11.60
N ALA C 216 18.74 -32.34 -11.67
CA ALA C 216 19.67 -33.02 -12.55
C ALA C 216 19.73 -34.53 -12.26
N LEU C 217 19.78 -34.85 -10.98
CA LEU C 217 19.88 -36.22 -10.55
C LEU C 217 18.66 -37.04 -10.94
N ASP C 218 17.48 -36.44 -10.80
CA ASP C 218 16.26 -37.20 -10.94
C ASP C 218 16.06 -37.55 -12.40
N THR C 219 16.61 -36.68 -13.24
CA THR C 219 16.69 -36.88 -14.67
C THR C 219 17.54 -38.09 -15.01
N ILE C 220 18.78 -38.11 -14.49
CA ILE C 220 19.64 -39.24 -14.73
C ILE C 220 18.93 -40.50 -14.31
N LEU C 221 18.44 -40.54 -13.07
CA LEU C 221 17.87 -41.80 -12.53
C LEU C 221 16.86 -42.39 -13.48
N ASN C 222 16.04 -41.51 -14.05
CA ASN C 222 14.97 -41.92 -14.93
C ASN C 222 15.39 -42.81 -16.13
N GLN C 223 16.57 -42.57 -16.69
CA GLN C 223 16.95 -43.21 -17.95
C GLN C 223 17.01 -44.75 -17.88
N LYS C 224 17.10 -45.27 -16.66
CA LYS C 224 16.89 -46.69 -16.41
C LYS C 224 15.83 -47.30 -17.32
N ARG C 225 14.71 -46.58 -17.45
CA ARG C 225 13.58 -47.00 -18.29
C ARG C 225 14.03 -47.49 -19.65
N TRP C 226 15.07 -46.86 -20.18
CA TRP C 226 15.50 -47.15 -21.53
C TRP C 226 16.87 -47.81 -21.60
N ASN C 227 17.73 -47.55 -20.62
CA ASN C 227 19.11 -48.08 -20.66
C ASN C 227 19.23 -49.56 -20.34
N ASN C 228 18.23 -50.12 -19.70
CA ASN C 228 18.22 -51.55 -19.40
C ASN C 228 17.56 -52.30 -20.52
N GLY C 229 17.24 -51.58 -21.60
CA GLY C 229 16.63 -52.18 -22.77
C GLY C 229 17.72 -52.59 -23.74
N SER C 230 17.36 -52.81 -24.99
CA SER C 230 18.36 -53.11 -26.01
C SER C 230 18.33 -52.17 -27.22
N ASP C 231 17.34 -51.27 -27.28
CA ASP C 231 17.26 -50.28 -28.37
C ASP C 231 18.21 -49.07 -28.21
N GLU C 232 19.43 -49.23 -28.72
CA GLU C 232 20.51 -48.26 -28.53
C GLU C 232 20.11 -46.79 -28.78
N SER C 233 19.17 -46.58 -29.69
CA SER C 233 18.78 -45.23 -30.09
C SER C 233 17.71 -44.60 -29.18
N LYS C 234 17.21 -45.35 -28.20
CA LYS C 234 16.35 -44.76 -27.17
C LYS C 234 17.11 -44.47 -25.88
N LYS C 235 18.35 -44.96 -25.81
CA LYS C 235 19.23 -44.83 -24.63
C LYS C 235 19.81 -43.41 -24.44
N LEU C 236 20.07 -43.07 -23.17
CA LEU C 236 20.66 -41.76 -22.82
C LEU C 236 21.73 -41.93 -21.75
N TYR C 237 22.99 -41.88 -22.15
CA TYR C 237 24.14 -41.99 -21.24
C TYR C 237 24.41 -40.67 -20.57
N CYS C 238 24.71 -40.72 -19.28
CA CYS C 238 24.84 -39.49 -18.51
C CYS C 238 26.25 -39.21 -18.15
N VAL C 239 26.63 -37.95 -18.23
CA VAL C 239 27.93 -37.53 -17.75
C VAL C 239 27.70 -36.48 -16.68
N TYR C 240 28.21 -36.72 -15.49
CA TYR C 240 27.98 -35.76 -14.45
C TYR C 240 29.30 -35.10 -14.08
N VAL C 241 29.43 -33.81 -14.31
CA VAL C 241 30.70 -33.14 -14.00
C VAL C 241 30.65 -32.43 -12.67
N ALA C 242 31.52 -32.84 -11.75
CA ALA C 242 31.55 -32.25 -10.42
C ALA C 242 32.59 -31.17 -10.41
N VAL C 243 32.17 -29.93 -10.29
CA VAL C 243 33.15 -28.85 -10.33
C VAL C 243 33.09 -28.04 -9.04
N GLY C 244 34.18 -28.12 -8.27
CA GLY C 244 34.28 -27.38 -7.01
C GLY C 244 33.49 -27.99 -5.87
N GLN C 245 32.87 -29.15 -6.12
CA GLN C 245 32.21 -29.90 -5.06
C GLN C 245 33.25 -30.53 -4.08
N LYS C 246 32.88 -30.75 -2.83
CA LYS C 246 33.76 -31.49 -1.95
C LYS C 246 33.66 -32.96 -2.32
N ARG C 247 34.76 -33.69 -2.08
CA ARG C 247 34.84 -35.08 -2.51
C ARG C 247 33.74 -35.94 -1.95
N SER C 248 33.56 -35.95 -0.63
CA SER C 248 32.51 -36.75 0.03
C SER C 248 31.16 -36.51 -0.63
N THR C 249 30.93 -35.28 -1.05
CA THR C 249 29.70 -34.97 -1.73
C THR C 249 29.61 -35.65 -3.12
N VAL C 250 30.74 -35.84 -3.79
CA VAL C 250 30.72 -36.63 -5.02
C VAL C 250 30.50 -38.09 -4.60
N ALA C 251 31.15 -38.51 -3.53
CA ALA C 251 30.89 -39.85 -2.99
C ALA C 251 29.38 -40.02 -2.73
N GLN C 252 28.86 -39.24 -1.79
CA GLN C 252 27.50 -39.36 -1.35
C GLN C 252 26.65 -39.55 -2.60
N LEU C 253 27.09 -38.97 -3.70
CA LEU C 253 26.32 -38.99 -4.93
C LEU C 253 26.46 -40.27 -5.75
N VAL C 254 27.68 -40.76 -5.97
CA VAL C 254 27.86 -42.02 -6.70
C VAL C 254 27.22 -43.20 -5.97
N GLN C 255 27.16 -43.08 -4.65
CA GLN C 255 26.46 -44.05 -3.84
C GLN C 255 25.02 -44.08 -4.32
N THR C 256 24.39 -42.91 -4.40
CA THR C 256 22.97 -42.85 -4.71
C THR C 256 22.74 -43.36 -6.11
N LEU C 257 23.66 -43.05 -7.01
CA LEU C 257 23.56 -43.54 -8.37
C LEU C 257 23.52 -45.07 -8.36
N GLU C 258 24.44 -45.67 -7.62
CA GLU C 258 24.44 -47.14 -7.43
C GLU C 258 23.23 -47.70 -6.70
N GLN C 259 22.81 -47.06 -5.60
CA GLN C 259 21.58 -47.43 -4.93
C GLN C 259 20.43 -47.50 -5.92
N HIS C 260 20.59 -46.87 -7.07
CA HIS C 260 19.55 -46.87 -8.09
C HIS C 260 19.94 -47.56 -9.37
N ASP C 261 21.05 -48.31 -9.33
CA ASP C 261 21.59 -49.01 -10.50
C ASP C 261 21.62 -48.11 -11.70
N ALA C 262 22.28 -46.96 -11.52
CA ALA C 262 22.24 -45.86 -12.45
C ALA C 262 23.66 -45.53 -12.88
N MET C 263 24.60 -46.22 -12.24
CA MET C 263 26.01 -45.97 -12.43
C MET C 263 26.58 -46.66 -13.65
N LYS C 264 25.88 -47.70 -14.12
CA LYS C 264 26.30 -48.47 -15.27
C LYS C 264 26.18 -47.72 -16.58
N TYR C 265 25.48 -46.60 -16.55
CA TYR C 265 25.28 -45.81 -17.75
C TYR C 265 25.72 -44.36 -17.55
N SER C 266 26.37 -44.07 -16.42
CA SER C 266 26.91 -42.73 -16.15
C SER C 266 28.43 -42.68 -16.20
N ILE C 267 28.98 -41.47 -16.33
CA ILE C 267 30.40 -41.24 -16.12
C ILE C 267 30.50 -39.96 -15.30
N ILE C 268 30.96 -40.05 -14.07
CA ILE C 268 31.21 -38.87 -13.25
C ILE C 268 32.59 -38.33 -13.61
N VAL C 269 32.74 -37.03 -13.75
CA VAL C 269 34.09 -36.46 -13.95
C VAL C 269 34.31 -35.42 -12.87
N ALA C 270 35.31 -35.62 -12.05
CA ALA C 270 35.39 -34.87 -10.82
C ALA C 270 36.57 -33.91 -10.77
N ALA C 271 36.28 -32.64 -10.50
CA ALA C 271 37.33 -31.67 -10.24
C ALA C 271 37.07 -31.04 -8.89
N THR C 272 37.29 -31.79 -7.84
CA THR C 272 36.78 -31.36 -6.57
C THR C 272 37.43 -30.09 -6.03
N ALA C 273 36.76 -29.47 -5.07
CA ALA C 273 37.23 -28.35 -4.26
C ALA C 273 38.72 -28.19 -4.05
N SER C 274 39.44 -29.28 -3.86
CA SER C 274 40.84 -29.20 -3.45
C SER C 274 41.76 -29.24 -4.64
N GLU C 275 41.27 -29.68 -5.79
CA GLU C 275 42.15 -29.84 -6.94
C GLU C 275 42.62 -28.48 -7.50
N ALA C 276 43.59 -28.53 -8.41
CA ALA C 276 44.19 -27.30 -8.94
C ALA C 276 43.16 -26.51 -9.70
N ALA C 277 43.24 -25.18 -9.63
CA ALA C 277 42.36 -24.36 -10.45
C ALA C 277 42.30 -24.85 -11.90
N PRO C 278 43.45 -25.07 -12.55
CA PRO C 278 43.41 -25.61 -13.92
C PRO C 278 42.54 -26.85 -14.17
N LEU C 279 42.55 -27.80 -13.26
CA LEU C 279 41.71 -28.99 -13.43
C LEU C 279 40.22 -28.65 -13.38
N GLN C 280 39.84 -27.85 -12.37
CA GLN C 280 38.47 -27.33 -12.26
C GLN C 280 38.05 -26.65 -13.58
N TYR C 281 38.79 -25.61 -13.98
CA TYR C 281 38.49 -24.98 -15.25
C TYR C 281 38.39 -25.98 -16.41
N LEU C 282 39.16 -27.06 -16.38
CA LEU C 282 39.26 -27.93 -17.55
C LEU C 282 38.13 -28.97 -17.66
N ALA C 283 37.84 -29.60 -16.53
CA ALA C 283 36.84 -30.65 -16.41
C ALA C 283 35.66 -30.57 -17.41
N PRO C 284 34.92 -29.44 -17.42
CA PRO C 284 33.79 -29.41 -18.31
C PRO C 284 34.19 -29.67 -19.74
N PHE C 285 35.32 -29.13 -20.16
CA PHE C 285 35.78 -29.37 -21.53
C PHE C 285 36.15 -30.84 -21.75
N THR C 286 36.95 -31.39 -20.86
CA THR C 286 37.31 -32.78 -20.98
C THR C 286 36.04 -33.61 -21.01
N ALA C 287 35.09 -33.27 -20.15
CA ALA C 287 33.87 -34.01 -20.04
C ALA C 287 33.08 -33.92 -21.34
N ALA C 288 32.99 -32.71 -21.87
CA ALA C 288 32.21 -32.47 -23.08
C ALA C 288 32.68 -33.44 -24.16
N SER C 289 33.98 -33.75 -24.14
CA SER C 289 34.56 -34.63 -25.14
C SER C 289 34.16 -36.06 -24.85
N ILE C 290 34.19 -36.44 -23.59
CA ILE C 290 33.84 -37.81 -23.20
C ILE C 290 32.45 -38.16 -23.75
N GLY C 291 31.53 -37.20 -23.71
CA GLY C 291 30.20 -37.47 -24.14
C GLY C 291 30.00 -37.07 -25.58
N GLU C 292 30.98 -36.35 -26.15
CA GLU C 292 30.96 -36.06 -27.57
C GLU C 292 31.14 -37.36 -28.33
N TRP C 293 31.83 -38.33 -27.69
CA TRP C 293 32.04 -39.64 -28.27
C TRP C 293 30.72 -40.27 -28.58
N PHE C 294 29.78 -40.11 -27.66
CA PHE C 294 28.51 -40.74 -27.81
C PHE C 294 27.72 -40.16 -28.95
N ARG C 295 27.67 -38.84 -28.98
CA ARG C 295 26.97 -38.05 -30.01
C ARG C 295 27.51 -38.34 -31.43
N ASP C 296 28.83 -38.43 -31.52
CA ASP C 296 29.51 -38.66 -32.78
C ASP C 296 29.25 -40.05 -33.29
N ASN C 297 28.98 -40.97 -32.36
CA ASN C 297 28.82 -42.38 -32.66
C ASN C 297 27.41 -42.91 -32.63
N GLY C 298 26.44 -42.02 -32.79
CA GLY C 298 25.08 -42.43 -33.04
C GLY C 298 24.28 -42.54 -31.79
N LYS C 299 24.87 -42.18 -30.68
CA LYS C 299 24.17 -42.33 -29.41
C LYS C 299 23.94 -40.98 -28.77
N HIS C 300 23.25 -41.01 -27.64
CA HIS C 300 22.86 -39.78 -27.01
C HIS C 300 23.39 -39.75 -25.58
N ALA C 301 24.16 -38.72 -25.27
CA ALA C 301 24.62 -38.52 -23.92
C ALA C 301 23.88 -37.36 -23.28
N LEU C 302 24.09 -37.20 -21.98
CA LEU C 302 23.50 -36.09 -21.26
C LEU C 302 24.55 -35.50 -20.37
N ILE C 303 24.96 -34.26 -20.62
CA ILE C 303 25.98 -33.69 -19.74
C ILE C 303 25.49 -32.68 -18.71
N VAL C 304 25.72 -32.99 -17.43
CA VAL C 304 25.32 -32.09 -16.35
C VAL C 304 26.54 -31.32 -15.82
N TYR C 305 26.60 -30.01 -16.05
CA TYR C 305 27.72 -29.25 -15.53
C TYR C 305 27.43 -28.65 -14.17
N ASP C 306 27.81 -29.36 -13.11
CA ASP C 306 27.48 -28.91 -11.75
C ASP C 306 28.74 -28.39 -10.98
N ASP C 307 29.14 -27.12 -11.13
CA ASP C 307 28.39 -26.03 -11.76
C ASP C 307 29.31 -24.90 -12.31
N LEU C 308 28.79 -24.16 -13.28
CA LEU C 308 29.64 -23.28 -14.01
C LEU C 308 30.14 -22.12 -13.16
N SER C 309 29.32 -21.62 -12.24
CA SER C 309 29.75 -20.54 -11.32
C SER C 309 31.10 -20.84 -10.73
N LYS C 310 31.36 -22.09 -10.38
CA LYS C 310 32.66 -22.42 -9.82
C LYS C 310 33.76 -22.48 -10.91
N GLN C 311 33.50 -23.15 -12.04
CA GLN C 311 34.45 -23.13 -13.15
C GLN C 311 34.95 -21.71 -13.44
N ALA C 312 34.03 -20.77 -13.53
CA ALA C 312 34.41 -19.36 -13.67
C ALA C 312 35.18 -18.80 -12.46
N VAL C 313 34.83 -19.24 -11.24
CA VAL C 313 35.59 -18.78 -10.08
C VAL C 313 37.06 -19.16 -10.29
N ALA C 314 37.27 -20.40 -10.79
CA ALA C 314 38.62 -20.98 -10.98
C ALA C 314 39.31 -20.39 -12.17
N TYR C 315 38.56 -20.23 -13.26
CA TYR C 315 39.10 -19.61 -14.45
C TYR C 315 39.52 -18.21 -14.11
N ARG C 316 38.75 -17.53 -13.24
CA ARG C 316 39.23 -16.26 -12.68
C ARG C 316 40.59 -16.41 -11.98
N GLN C 317 40.78 -17.54 -11.32
CA GLN C 317 42.00 -17.74 -10.53
C GLN C 317 43.26 -17.95 -11.36
N LEU C 318 43.23 -18.77 -12.41
CA LEU C 318 44.33 -18.85 -13.37
C LEU C 318 44.77 -17.47 -13.85
N SER C 319 43.80 -16.66 -14.34
CA SER C 319 44.05 -15.37 -14.98
C SER C 319 44.61 -14.32 -14.06
N LEU C 320 43.96 -14.08 -12.94
CA LEU C 320 44.51 -13.13 -11.96
C LEU C 320 45.95 -13.46 -11.58
N LEU C 321 46.25 -14.75 -11.45
CA LEU C 321 47.61 -15.21 -11.11
C LEU C 321 48.56 -15.21 -12.30
N LEU C 322 48.07 -15.50 -13.50
CA LEU C 322 48.85 -15.35 -14.70
C LEU C 322 48.99 -13.85 -14.95
N ARG C 323 48.27 -13.05 -14.16
CA ARG C 323 48.34 -11.57 -14.24
C ARG C 323 47.64 -10.93 -15.44
N ARG C 324 46.82 -11.68 -16.17
CA ARG C 324 46.03 -11.08 -17.23
C ARG C 324 45.08 -10.09 -16.57
N PRO C 325 44.96 -8.86 -17.12
CA PRO C 325 44.16 -7.86 -16.42
C PRO C 325 42.66 -8.22 -16.39
N PRO C 326 41.98 -7.87 -15.29
CA PRO C 326 40.68 -8.43 -14.99
C PRO C 326 39.52 -7.71 -15.68
N GLY C 327 38.39 -8.40 -15.77
CA GLY C 327 37.14 -7.82 -16.27
C GLY C 327 36.27 -7.39 -15.10
N ARG C 328 34.96 -7.56 -15.28
CA ARG C 328 33.99 -7.20 -14.25
C ARG C 328 33.97 -8.26 -13.17
N GLU C 329 33.66 -7.83 -11.93
CA GLU C 329 33.88 -8.64 -10.73
C GLU C 329 35.14 -9.52 -10.86
N ALA C 330 36.27 -8.88 -11.20
CA ALA C 330 37.59 -9.51 -11.26
C ALA C 330 37.69 -10.74 -12.18
N TYR C 331 36.61 -11.08 -12.87
CA TYR C 331 36.61 -12.17 -13.86
C TYR C 331 37.45 -11.77 -15.06
N PRO C 332 37.89 -12.74 -15.87
CA PRO C 332 38.59 -12.34 -17.08
C PRO C 332 37.63 -11.80 -18.13
N GLY C 333 38.18 -11.11 -19.13
CA GLY C 333 37.37 -10.46 -20.14
C GLY C 333 36.44 -11.37 -20.94
N ASP C 334 36.83 -12.63 -21.11
CA ASP C 334 36.11 -13.53 -22.01
C ASP C 334 35.51 -14.68 -21.22
N VAL C 335 35.19 -14.41 -19.97
CA VAL C 335 34.54 -15.41 -19.16
C VAL C 335 33.27 -15.90 -19.87
N PHE C 336 32.67 -15.06 -20.73
CA PHE C 336 31.53 -15.47 -21.58
C PHE C 336 31.96 -16.50 -22.62
N TYR C 337 32.97 -16.15 -23.41
CA TYR C 337 33.55 -17.08 -24.37
C TYR C 337 33.83 -18.42 -23.74
N LEU C 338 34.26 -18.39 -22.49
CA LEU C 338 34.54 -19.63 -21.77
C LEU C 338 33.38 -20.61 -21.89
N HIS C 339 32.17 -20.13 -21.61
CA HIS C 339 31.02 -20.99 -21.44
C HIS C 339 30.36 -21.21 -22.76
N SER C 340 30.28 -20.14 -23.54
CA SER C 340 29.67 -20.21 -24.86
C SER C 340 30.27 -21.35 -25.67
N ARG C 341 31.59 -21.47 -25.68
CA ARG C 341 32.21 -22.51 -26.52
C ARG C 341 31.99 -23.91 -26.02
N LEU C 342 31.81 -24.06 -24.71
CA LEU C 342 31.49 -25.34 -24.12
C LEU C 342 30.06 -25.68 -24.52
N LEU C 343 29.13 -24.81 -24.17
CA LEU C 343 27.73 -25.10 -24.30
C LEU C 343 27.27 -25.31 -25.74
N GLU C 344 27.93 -24.64 -26.69
CA GLU C 344 27.65 -24.88 -28.12
C GLU C 344 28.03 -26.29 -28.57
N ARG C 345 28.88 -26.96 -27.79
CA ARG C 345 29.35 -28.29 -28.15
C ARG C 345 28.24 -29.31 -28.02
N ALA C 346 27.18 -28.95 -27.29
CA ALA C 346 25.93 -29.72 -27.23
C ALA C 346 25.16 -29.42 -28.49
N ALA C 347 24.68 -30.48 -29.16
CA ALA C 347 23.94 -30.34 -30.44
C ALA C 347 23.29 -31.64 -30.84
N LYS C 348 22.35 -31.58 -31.77
CA LYS C 348 21.70 -32.79 -32.29
C LYS C 348 22.04 -33.03 -33.77
N LEU C 349 22.99 -33.93 -34.01
CA LEU C 349 23.54 -34.13 -35.36
C LEU C 349 22.47 -34.56 -36.39
N SER C 350 22.77 -34.29 -37.65
CA SER C 350 21.93 -34.68 -38.77
C SER C 350 22.09 -36.17 -39.09
N GLU C 351 21.12 -36.74 -39.79
CA GLU C 351 21.24 -38.09 -40.34
C GLU C 351 22.56 -38.42 -41.01
N LYS C 352 23.06 -37.54 -41.87
CA LYS C 352 24.34 -37.80 -42.53
C LYS C 352 25.43 -38.06 -41.48
N GLU C 353 25.31 -37.40 -40.34
CA GLU C 353 26.35 -37.48 -39.33
C GLU C 353 26.08 -38.47 -38.22
N GLY C 354 24.99 -39.22 -38.31
CA GLY C 354 24.73 -40.33 -37.39
C GLY C 354 23.62 -40.08 -36.39
N SER C 355 22.97 -38.93 -36.51
CA SER C 355 21.85 -38.56 -35.66
C SER C 355 22.15 -38.52 -34.16
N GLY C 356 23.42 -38.68 -33.77
CA GLY C 356 23.77 -38.60 -32.36
C GLY C 356 23.44 -37.24 -31.78
N SER C 357 23.01 -37.20 -30.52
CA SER C 357 22.80 -35.93 -29.82
C SER C 357 23.75 -35.83 -28.64
N LEU C 358 24.02 -34.61 -28.19
CA LEU C 358 24.54 -34.35 -26.85
C LEU C 358 23.68 -33.24 -26.25
N THR C 359 23.17 -33.47 -25.05
CA THR C 359 22.22 -32.57 -24.37
C THR C 359 22.86 -32.01 -23.12
N ALA C 360 22.71 -30.73 -22.86
CA ALA C 360 23.40 -30.15 -21.72
C ALA C 360 22.50 -29.61 -20.64
N LEU C 361 22.71 -30.04 -19.41
CA LEU C 361 22.12 -29.34 -18.28
C LEU C 361 23.19 -28.64 -17.42
N PRO C 362 23.64 -27.48 -17.84
CA PRO C 362 24.51 -26.73 -16.92
C PRO C 362 23.79 -26.35 -15.62
N VAL C 363 24.52 -26.22 -14.53
CA VAL C 363 23.92 -25.62 -13.34
C VAL C 363 24.55 -24.25 -13.00
N ILE C 364 23.79 -23.34 -12.43
CA ILE C 364 24.36 -22.08 -12.03
C ILE C 364 23.76 -21.67 -10.72
N GLU C 365 24.62 -21.22 -9.82
CA GLU C 365 24.22 -20.79 -8.50
C GLU C 365 24.16 -19.28 -8.41
N THR C 366 23.04 -18.71 -8.01
CA THR C 366 22.99 -17.27 -7.84
C THR C 366 23.25 -16.87 -6.40
N GLN C 367 23.18 -15.58 -6.09
CA GLN C 367 23.11 -15.11 -4.71
C GLN C 367 21.84 -14.29 -4.59
N GLY C 368 21.18 -14.32 -3.43
CA GLY C 368 20.02 -13.47 -3.15
C GLY C 368 19.02 -13.33 -4.30
N GLY C 369 18.88 -14.41 -5.07
CA GLY C 369 17.94 -14.49 -6.20
C GLY C 369 18.32 -13.66 -7.43
N ASP C 370 19.43 -12.91 -7.31
CA ASP C 370 19.87 -12.02 -8.35
C ASP C 370 20.37 -12.81 -9.54
N VAL C 371 19.66 -12.66 -10.64
CA VAL C 371 20.00 -13.35 -11.87
C VAL C 371 20.72 -12.36 -12.78
N SER C 372 20.80 -11.11 -12.31
CA SER C 372 21.35 -10.01 -13.09
C SER C 372 22.81 -9.82 -12.80
N ALA C 373 23.38 -10.77 -12.08
CA ALA C 373 24.80 -10.74 -11.81
C ALA C 373 25.48 -11.36 -13.00
N TYR C 374 26.75 -11.03 -13.15
CA TYR C 374 27.55 -11.32 -14.34
C TYR C 374 27.30 -12.69 -14.99
N ILE C 375 27.79 -13.74 -14.36
CA ILE C 375 27.83 -15.06 -14.96
C ILE C 375 26.46 -15.61 -15.33
N PRO C 376 25.50 -15.58 -14.37
CA PRO C 376 24.18 -16.09 -14.72
C PRO C 376 23.66 -15.43 -16.00
N THR C 377 23.63 -14.10 -16.00
CA THR C 377 23.34 -13.37 -17.22
C THR C 377 24.03 -13.98 -18.46
N ASN C 378 25.35 -14.22 -18.39
CA ASN C 378 26.08 -14.80 -19.52
C ASN C 378 25.43 -16.07 -19.98
N VAL C 379 25.38 -17.08 -19.10
CA VAL C 379 24.85 -18.36 -19.46
C VAL C 379 23.36 -18.29 -19.80
N ILE C 380 22.58 -17.50 -19.06
CA ILE C 380 21.13 -17.39 -19.32
C ILE C 380 20.82 -17.16 -20.80
N SER C 381 21.62 -16.33 -21.44
CA SER C 381 21.45 -15.97 -22.85
C SER C 381 22.18 -16.95 -23.78
N ILE C 382 23.01 -17.81 -23.23
CA ILE C 382 23.65 -18.81 -24.05
C ILE C 382 22.75 -20.03 -24.29
N THR C 383 21.92 -20.38 -23.31
CA THR C 383 21.16 -21.63 -23.38
C THR C 383 19.77 -21.51 -23.96
N ASP C 384 19.20 -22.68 -24.27
CA ASP C 384 17.90 -22.77 -24.88
C ASP C 384 16.81 -22.80 -23.83
N GLY C 385 17.03 -22.07 -22.74
CA GLY C 385 15.98 -21.92 -21.73
C GLY C 385 16.46 -22.23 -20.34
N GLN C 386 15.67 -21.88 -19.34
CA GLN C 386 16.12 -22.12 -17.97
C GLN C 386 15.03 -22.73 -17.11
N ILE C 387 15.44 -23.35 -16.02
CA ILE C 387 14.54 -23.72 -14.96
C ILE C 387 14.98 -22.95 -13.71
N PHE C 388 14.14 -22.03 -13.25
CA PHE C 388 14.48 -21.27 -12.06
C PHE C 388 13.95 -21.98 -10.85
N LEU C 389 14.82 -22.28 -9.91
CA LEU C 389 14.33 -22.80 -8.64
C LEU C 389 14.35 -21.70 -7.60
N GLU C 390 13.37 -21.71 -6.71
CA GLU C 390 13.27 -20.66 -5.71
C GLU C 390 13.07 -21.16 -4.29
N ALA C 391 13.81 -20.54 -3.40
CA ALA C 391 13.74 -20.86 -1.98
C ALA C 391 12.37 -20.62 -1.36
N GLU C 392 11.71 -19.52 -1.72
CA GLU C 392 10.40 -19.18 -1.18
C GLU C 392 9.41 -20.28 -1.54
N LEU C 393 9.43 -20.67 -2.81
CA LEU C 393 8.57 -21.74 -3.30
C LEU C 393 8.77 -22.99 -2.49
N PHE C 394 10.04 -23.37 -2.35
CA PHE C 394 10.45 -24.53 -1.59
C PHE C 394 9.76 -24.59 -0.23
N TYR C 395 10.07 -23.63 0.63
CA TYR C 395 9.57 -23.63 2.00
C TYR C 395 8.05 -23.59 2.16
N LYS C 396 7.33 -23.25 1.10
CA LYS C 396 5.88 -23.32 1.19
C LYS C 396 5.34 -24.53 0.46
N GLY C 397 6.26 -25.37 0.01
CA GLY C 397 5.90 -26.72 -0.33
C GLY C 397 5.85 -27.06 -1.79
N ILE C 398 6.35 -26.18 -2.62
CA ILE C 398 6.44 -26.57 -4.00
C ILE C 398 7.83 -27.12 -4.23
N ARG C 399 7.88 -28.43 -4.50
CA ARG C 399 9.13 -29.20 -4.65
C ARG C 399 8.96 -30.28 -5.73
N PRO C 400 9.68 -30.17 -6.86
CA PRO C 400 10.67 -29.19 -7.33
C PRO C 400 10.17 -27.75 -7.17
N ALA C 401 11.05 -26.87 -6.71
CA ALA C 401 10.64 -25.49 -6.50
C ALA C 401 10.81 -24.72 -7.79
N ILE C 402 10.40 -25.36 -8.89
CA ILE C 402 10.43 -24.74 -10.20
C ILE C 402 9.58 -23.47 -10.17
N ASN C 403 10.06 -22.45 -10.84
CA ASN C 403 9.31 -21.25 -11.05
C ASN C 403 8.80 -21.27 -12.48
N VAL C 404 7.55 -21.69 -12.61
CA VAL C 404 6.87 -21.73 -13.89
C VAL C 404 6.90 -20.38 -14.56
N GLY C 405 6.59 -19.35 -13.78
CA GLY C 405 6.62 -17.98 -14.26
C GLY C 405 7.87 -17.69 -15.07
N LEU C 406 9.02 -18.10 -14.56
CA LEU C 406 10.28 -17.75 -15.20
C LEU C 406 10.95 -18.86 -16.01
N SER C 407 10.58 -20.12 -15.78
CA SER C 407 11.22 -21.23 -16.49
C SER C 407 10.70 -21.35 -17.90
N VAL C 408 11.62 -21.55 -18.84
CA VAL C 408 11.22 -21.84 -20.23
C VAL C 408 12.07 -22.93 -20.85
N SER C 409 11.49 -23.63 -21.82
CA SER C 409 12.27 -24.38 -22.77
C SER C 409 11.97 -23.80 -24.13
N ARG C 410 13.01 -23.33 -24.78
CA ARG C 410 12.81 -22.64 -26.04
C ARG C 410 12.52 -23.57 -27.23
N VAL C 411 12.91 -24.84 -27.12
CA VAL C 411 12.52 -25.87 -28.08
C VAL C 411 11.01 -26.05 -27.97
N GLY C 412 10.53 -26.08 -26.73
CA GLY C 412 9.12 -26.21 -26.40
C GLY C 412 8.53 -27.58 -26.65
N SER C 413 7.34 -27.58 -27.26
CA SER C 413 6.55 -28.78 -27.50
C SER C 413 7.20 -29.74 -28.47
N ALA C 414 8.16 -29.26 -29.26
CA ALA C 414 8.88 -30.09 -30.18
C ALA C 414 9.51 -31.33 -29.52
N ALA C 415 9.70 -31.26 -28.20
CA ALA C 415 10.43 -32.29 -27.49
C ALA C 415 9.59 -32.93 -26.38
N GLN C 416 8.33 -32.51 -26.33
CA GLN C 416 7.37 -33.12 -25.46
C GLN C 416 6.87 -34.39 -26.14
N VAL C 417 6.37 -35.35 -25.36
CA VAL C 417 5.75 -36.57 -25.93
C VAL C 417 4.35 -36.17 -26.38
N LYS C 418 3.85 -36.71 -27.50
CA LYS C 418 2.58 -36.21 -28.10
C LYS C 418 1.43 -36.26 -27.11
N ALA C 419 1.40 -37.34 -26.33
CA ALA C 419 0.32 -37.57 -25.37
C ALA C 419 0.31 -36.51 -24.29
N LEU C 420 1.50 -36.25 -23.74
CA LEU C 420 1.71 -35.25 -22.71
C LEU C 420 1.32 -33.89 -23.24
N LYS C 421 1.81 -33.60 -24.44
CA LYS C 421 1.44 -32.38 -25.16
C LYS C 421 -0.08 -32.18 -25.24
N GLN C 422 -0.78 -33.22 -25.66
CA GLN C 422 -2.22 -33.18 -25.89
C GLN C 422 -3.04 -32.77 -24.67
N VAL C 423 -2.73 -33.34 -23.51
CA VAL C 423 -3.42 -33.04 -22.27
C VAL C 423 -2.80 -31.87 -21.49
N ALA C 424 -1.62 -31.42 -21.90
CA ALA C 424 -0.96 -30.26 -21.29
C ALA C 424 -1.26 -28.98 -22.09
N GLY C 425 -2.18 -29.10 -23.05
CA GLY C 425 -2.58 -27.96 -23.83
C GLY C 425 -2.90 -26.83 -22.86
N SER C 426 -2.10 -25.77 -22.93
CA SER C 426 -2.36 -24.47 -22.26
C SER C 426 -2.03 -24.40 -20.77
N LEU C 427 -1.60 -25.50 -20.20
CA LEU C 427 -1.38 -25.57 -18.75
C LEU C 427 -0.49 -24.44 -18.28
N LYS C 428 0.64 -24.25 -18.96
CA LYS C 428 1.64 -23.27 -18.54
C LYS C 428 1.13 -21.83 -18.53
N LEU C 429 0.37 -21.47 -19.56
CA LEU C 429 -0.31 -20.18 -19.62
C LEU C 429 -1.36 -20.05 -18.53
N PHE C 430 -2.13 -21.12 -18.35
CA PHE C 430 -3.17 -21.16 -17.35
C PHE C 430 -2.56 -20.95 -15.97
N LEU C 431 -1.43 -21.62 -15.70
CA LEU C 431 -0.80 -21.55 -14.40
C LEU C 431 -0.35 -20.14 -14.08
N ALA C 432 -0.14 -19.37 -15.15
CA ALA C 432 0.20 -17.96 -15.09
C ALA C 432 -1.02 -17.15 -14.70
N GLN C 433 -2.08 -17.34 -15.46
CA GLN C 433 -3.35 -16.72 -15.14
C GLN C 433 -3.70 -17.01 -13.68
N TYR C 434 -3.32 -18.20 -13.21
CA TYR C 434 -3.61 -18.60 -11.82
C TYR C 434 -2.90 -17.71 -10.81
N ARG C 435 -1.61 -17.44 -11.03
CA ARG C 435 -0.85 -16.54 -10.15
C ARG C 435 -1.45 -15.15 -10.20
N GLU C 436 -1.93 -14.80 -11.40
CA GLU C 436 -2.65 -13.55 -11.64
C GLU C 436 -3.82 -13.39 -10.65
N VAL C 437 -4.77 -14.31 -10.71
CA VAL C 437 -5.96 -14.26 -9.88
C VAL C 437 -5.61 -14.38 -8.38
N ALA C 438 -4.56 -15.14 -8.07
CA ALA C 438 -4.08 -15.31 -6.70
C ALA C 438 -3.40 -14.05 -6.13
N ALA C 439 -2.88 -13.19 -7.01
CA ALA C 439 -2.35 -11.90 -6.59
C ALA C 439 -3.48 -10.91 -6.28
N PHE C 440 -4.51 -10.93 -7.13
CA PHE C 440 -5.75 -10.16 -6.94
C PHE C 440 -6.55 -10.66 -5.72
N ALA C 441 -6.34 -11.91 -5.32
CA ALA C 441 -6.97 -12.51 -4.13
C ALA C 441 -6.52 -11.83 -2.83
N GLN C 442 -5.30 -11.29 -2.84
CA GLN C 442 -4.69 -10.63 -1.68
C GLN C 442 -5.47 -9.38 -1.23
N PHE C 443 -6.25 -8.81 -2.16
CA PHE C 443 -7.20 -7.74 -1.86
C PHE C 443 -8.31 -8.23 -0.95
N GLY C 444 -8.39 -9.56 -0.79
CA GLY C 444 -9.41 -10.23 0.02
C GLY C 444 -10.84 -9.70 -0.17
N SER C 445 -11.10 -9.08 -1.34
CA SER C 445 -12.44 -8.67 -1.75
C SER C 445 -13.12 -9.84 -2.45
N ASP C 446 -14.40 -10.04 -2.14
CA ASP C 446 -15.21 -11.16 -2.65
C ASP C 446 -14.92 -11.62 -4.08
N LEU C 447 -14.82 -12.93 -4.26
CA LEU C 447 -14.62 -13.52 -5.59
C LEU C 447 -15.94 -13.94 -6.24
N ASP C 448 -15.97 -13.90 -7.56
CA ASP C 448 -17.08 -14.43 -8.35
C ASP C 448 -16.84 -15.88 -8.76
N ALA C 449 -17.82 -16.47 -9.44
CA ALA C 449 -17.77 -17.88 -9.85
C ALA C 449 -16.71 -18.20 -10.92
N SER C 450 -16.16 -17.15 -11.54
CA SER C 450 -15.12 -17.31 -12.56
C SER C 450 -13.73 -17.37 -11.94
N THR C 451 -13.45 -16.45 -11.03
CA THR C 451 -12.16 -16.38 -10.33
C THR C 451 -11.99 -17.49 -9.29
N LYS C 452 -13.02 -17.73 -8.49
CA LYS C 452 -13.03 -18.86 -7.54
C LYS C 452 -12.81 -20.16 -8.30
N GLN C 453 -13.45 -20.27 -9.47
CA GLN C 453 -13.29 -21.41 -10.35
C GLN C 453 -11.84 -21.68 -10.72
N THR C 454 -11.14 -20.68 -11.26
CA THR C 454 -9.76 -20.88 -11.69
C THR C 454 -8.78 -20.97 -10.51
N LEU C 455 -9.18 -20.41 -9.37
CA LEU C 455 -8.40 -20.54 -8.16
C LEU C 455 -8.40 -21.98 -7.67
N VAL C 456 -9.59 -22.59 -7.66
CA VAL C 456 -9.73 -23.98 -7.23
C VAL C 456 -8.88 -24.88 -8.11
N ARG C 457 -8.81 -24.58 -9.41
CA ARG C 457 -8.13 -25.49 -10.31
C ARG C 457 -6.65 -25.29 -10.26
N GLY C 458 -6.24 -24.03 -10.21
CA GLY C 458 -4.82 -23.69 -10.11
C GLY C 458 -4.16 -24.22 -8.85
N GLU C 459 -4.91 -24.20 -7.74
CA GLU C 459 -4.41 -24.69 -6.47
C GLU C 459 -4.17 -26.19 -6.55
N ARG C 460 -5.11 -26.88 -7.19
CA ARG C 460 -5.03 -28.31 -7.39
C ARG C 460 -4.00 -28.69 -8.44
N LEU C 461 -3.86 -27.86 -9.45
CA LEU C 461 -2.84 -28.11 -10.45
C LEU C 461 -1.44 -27.95 -9.84
N THR C 462 -1.21 -26.82 -9.18
CA THR C 462 -0.01 -26.60 -8.38
C THR C 462 0.36 -27.86 -7.59
N GLN C 463 -0.57 -28.29 -6.74
CA GLN C 463 -0.42 -29.45 -5.86
C GLN C 463 -0.14 -30.74 -6.60
N LEU C 464 -0.72 -30.89 -7.79
CA LEU C 464 -0.56 -32.09 -8.60
C LEU C 464 0.84 -32.20 -9.19
N LEU C 465 1.56 -31.08 -9.27
CA LEU C 465 2.91 -31.12 -9.82
C LEU C 465 3.99 -31.35 -8.78
N LYS C 466 3.61 -31.32 -7.49
CA LYS C 466 4.59 -31.56 -6.42
C LYS C 466 5.06 -32.99 -6.54
N GLN C 467 6.31 -33.25 -6.18
CA GLN C 467 6.86 -34.56 -6.44
C GLN C 467 8.00 -34.86 -5.48
N ASN C 468 8.06 -36.09 -4.98
CA ASN C 468 9.16 -36.46 -4.11
C ASN C 468 10.43 -36.68 -4.90
N GLN C 469 11.55 -36.32 -4.28
CA GLN C 469 12.86 -36.62 -4.81
C GLN C 469 12.99 -38.13 -5.06
N TYR C 470 13.78 -38.49 -6.09
CA TYR C 470 14.17 -39.89 -6.41
C TYR C 470 13.09 -40.73 -7.03
N SER C 471 11.95 -40.11 -7.33
CA SER C 471 10.80 -40.80 -7.91
C SER C 471 10.41 -40.22 -9.25
N PRO C 472 11.21 -40.48 -10.29
CA PRO C 472 10.73 -40.11 -11.62
C PRO C 472 9.62 -41.04 -12.10
N LEU C 473 8.65 -40.46 -12.80
CA LEU C 473 7.46 -41.17 -13.25
C LEU C 473 7.48 -41.43 -14.73
N ALA C 474 7.02 -42.61 -15.11
CA ALA C 474 6.73 -42.91 -16.51
C ALA C 474 5.70 -41.95 -17.09
N THR C 475 5.74 -41.79 -18.41
CA THR C 475 4.87 -40.88 -19.15
C THR C 475 3.43 -41.24 -18.93
N GLU C 476 3.13 -42.53 -18.97
CA GLU C 476 1.79 -43.04 -18.81
C GLU C 476 1.31 -42.94 -17.38
N GLU C 477 2.19 -42.70 -16.44
CA GLU C 477 1.77 -42.36 -15.08
C GLU C 477 1.45 -40.87 -15.04
N GLN C 478 2.30 -40.07 -15.69
CA GLN C 478 2.12 -38.62 -15.77
C GLN C 478 0.84 -38.17 -16.48
N VAL C 479 0.54 -38.84 -17.60
CA VAL C 479 -0.49 -38.42 -18.55
C VAL C 479 -1.87 -38.37 -17.92
N PRO C 480 -2.29 -39.47 -17.27
CA PRO C 480 -3.61 -39.52 -16.67
C PRO C 480 -3.72 -38.54 -15.50
N LEU C 481 -2.67 -38.39 -14.71
CA LEU C 481 -2.65 -37.35 -13.70
C LEU C 481 -2.96 -35.99 -14.30
N ILE C 482 -2.17 -35.57 -15.28
CA ILE C 482 -2.34 -34.27 -15.92
C ILE C 482 -3.77 -34.15 -16.48
N TYR C 483 -4.26 -35.21 -17.13
CA TYR C 483 -5.59 -35.20 -17.75
C TYR C 483 -6.69 -35.02 -16.70
N ALA C 484 -6.56 -35.72 -15.57
CA ALA C 484 -7.48 -35.59 -14.45
C ALA C 484 -7.52 -34.17 -13.89
N GLY C 485 -6.36 -33.52 -13.87
CA GLY C 485 -6.27 -32.16 -13.34
C GLY C 485 -6.84 -31.15 -14.32
N VAL C 486 -6.30 -31.15 -15.53
CA VAL C 486 -6.71 -30.24 -16.58
C VAL C 486 -8.22 -30.25 -16.88
N ASN C 487 -8.77 -31.43 -17.16
CA ASN C 487 -10.20 -31.53 -17.45
C ASN C 487 -11.07 -31.45 -16.19
N GLY C 488 -10.45 -31.14 -15.06
CA GLY C 488 -11.16 -30.74 -13.85
C GLY C 488 -11.91 -31.80 -13.10
N HIS C 489 -11.34 -33.01 -13.07
CA HIS C 489 -11.92 -34.10 -12.32
C HIS C 489 -11.41 -34.06 -10.90
N LEU C 490 -10.35 -33.28 -10.67
CA LEU C 490 -9.75 -33.16 -9.35
C LEU C 490 -10.39 -32.04 -8.55
N ASP C 491 -11.18 -31.22 -9.22
CA ASP C 491 -11.58 -29.94 -8.68
C ASP C 491 -12.53 -30.00 -7.47
N GLY C 492 -13.15 -31.15 -7.26
CA GLY C 492 -13.96 -31.36 -6.07
C GLY C 492 -13.36 -32.40 -5.15
N ILE C 493 -12.17 -32.11 -4.63
CA ILE C 493 -11.42 -33.05 -3.82
C ILE C 493 -10.54 -32.24 -2.88
N GLU C 494 -10.45 -32.66 -1.63
CA GLU C 494 -9.73 -31.86 -0.67
C GLU C 494 -8.25 -31.78 -1.00
N LEU C 495 -7.67 -30.61 -0.72
CA LEU C 495 -6.30 -30.27 -1.14
C LEU C 495 -5.25 -31.15 -0.49
N SER C 496 -5.49 -31.49 0.78
CA SER C 496 -4.57 -32.34 1.53
C SER C 496 -4.65 -33.78 1.03
N ARG C 497 -5.72 -34.09 0.30
CA ARG C 497 -6.00 -35.45 -0.12
C ARG C 497 -5.50 -35.75 -1.53
N ILE C 498 -5.24 -34.71 -2.33
CA ILE C 498 -4.61 -34.86 -3.65
C ILE C 498 -3.32 -35.70 -3.62
N GLY C 499 -2.62 -35.66 -2.49
CA GLY C 499 -1.50 -36.56 -2.27
C GLY C 499 -1.96 -37.99 -2.50
N GLU C 500 -2.94 -38.42 -1.70
CA GLU C 500 -3.39 -39.79 -1.78
C GLU C 500 -4.08 -40.08 -3.11
N PHE C 501 -4.62 -39.05 -3.76
CA PHE C 501 -5.27 -39.28 -5.04
C PHE C 501 -4.28 -39.91 -5.99
N GLU C 502 -3.12 -39.28 -6.08
CA GLU C 502 -2.15 -39.62 -7.08
C GLU C 502 -1.85 -41.11 -7.08
N SER C 503 -1.35 -41.65 -5.98
CA SER C 503 -0.94 -43.06 -5.96
C SER C 503 -2.12 -44.03 -6.05
N SER C 504 -3.22 -43.66 -5.39
CA SER C 504 -4.46 -44.45 -5.40
C SER C 504 -5.02 -44.54 -6.80
N PHE C 505 -4.87 -43.47 -7.56
CA PHE C 505 -5.30 -43.42 -8.95
C PHE C 505 -4.44 -44.39 -9.74
N LEU C 506 -3.14 -44.14 -9.74
CA LEU C 506 -2.21 -44.97 -10.49
C LEU C 506 -2.36 -46.45 -10.15
N SER C 507 -2.45 -46.77 -8.86
CA SER C 507 -2.72 -48.15 -8.42
C SER C 507 -3.89 -48.77 -9.16
N TYR C 508 -4.99 -48.03 -9.26
CA TYR C 508 -6.20 -48.52 -9.89
C TYR C 508 -6.06 -48.68 -11.40
N LEU C 509 -5.41 -47.70 -12.04
CA LEU C 509 -5.19 -47.73 -13.50
C LEU C 509 -4.30 -48.90 -13.94
N LYS C 510 -3.28 -49.20 -13.14
CA LYS C 510 -2.44 -50.37 -13.40
C LYS C 510 -3.30 -51.61 -13.28
N SER C 511 -3.94 -51.78 -12.12
CA SER C 511 -4.87 -52.87 -11.85
C SER C 511 -5.90 -53.13 -12.94
N ASN C 512 -6.65 -52.10 -13.30
CA ASN C 512 -7.76 -52.26 -14.23
C ASN C 512 -7.44 -51.96 -15.68
N HIS C 513 -7.20 -50.69 -15.97
CA HIS C 513 -7.12 -50.25 -17.35
C HIS C 513 -5.71 -50.25 -17.87
N ASN C 514 -4.96 -51.26 -17.46
CA ASN C 514 -3.56 -51.40 -17.85
C ASN C 514 -3.37 -51.34 -19.36
N GLU C 515 -4.38 -51.80 -20.10
CA GLU C 515 -4.38 -51.81 -21.56
C GLU C 515 -4.27 -50.42 -22.16
N LEU C 516 -4.76 -49.41 -21.42
CA LEU C 516 -4.59 -48.01 -21.82
C LEU C 516 -3.17 -47.58 -21.55
N LEU C 517 -2.75 -47.78 -20.30
CA LEU C 517 -1.42 -47.37 -19.85
C LEU C 517 -0.35 -47.88 -20.78
N THR C 518 -0.57 -49.07 -21.31
CA THR C 518 0.40 -49.69 -22.19
C THR C 518 0.29 -49.17 -23.62
N GLU C 519 -0.88 -48.66 -23.98
CA GLU C 519 -1.01 -48.02 -25.27
C GLU C 519 -0.38 -46.64 -25.26
N ILE C 520 -0.79 -45.80 -24.31
CA ILE C 520 -0.14 -44.51 -24.13
C ILE C 520 1.35 -44.73 -24.32
N ARG C 521 1.96 -45.60 -23.51
CA ARG C 521 3.40 -45.86 -23.60
C ARG C 521 3.84 -46.23 -25.01
N GLU C 522 3.30 -47.34 -25.52
CA GLU C 522 3.70 -47.83 -26.84
C GLU C 522 3.47 -46.79 -27.92
N LYS C 523 2.36 -46.07 -27.84
CA LYS C 523 1.98 -45.19 -28.93
C LYS C 523 2.35 -43.73 -28.73
N GLY C 524 2.38 -43.27 -27.49
CA GLY C 524 2.81 -41.92 -27.14
C GLY C 524 1.85 -40.86 -27.61
N GLU C 525 0.67 -41.29 -28.05
CA GLU C 525 -0.30 -40.37 -28.62
C GLU C 525 -1.70 -40.86 -28.32
N LEU C 526 -2.46 -40.02 -27.64
CA LEU C 526 -3.83 -40.36 -27.27
C LEU C 526 -4.76 -40.22 -28.45
N SER C 527 -5.08 -41.35 -29.09
CA SER C 527 -6.09 -41.34 -30.13
C SER C 527 -7.44 -41.01 -29.52
N LYS C 528 -8.40 -40.70 -30.37
CA LYS C 528 -9.69 -40.17 -29.95
C LYS C 528 -10.45 -41.12 -29.02
N GLU C 529 -10.31 -42.42 -29.25
CA GLU C 529 -10.99 -43.45 -28.45
C GLU C 529 -10.27 -43.61 -27.13
N LEU C 530 -8.96 -43.36 -27.17
CA LEU C 530 -8.11 -43.51 -25.98
C LEU C 530 -8.42 -42.38 -25.02
N LEU C 531 -8.75 -41.22 -25.59
CA LEU C 531 -9.25 -40.12 -24.78
C LEU C 531 -10.55 -40.54 -24.13
N ALA C 532 -11.39 -41.23 -24.89
CA ALA C 532 -12.65 -41.76 -24.37
C ALA C 532 -12.42 -42.71 -23.19
N SER C 533 -11.66 -43.78 -23.41
CA SER C 533 -11.42 -44.77 -22.36
C SER C 533 -10.89 -44.11 -21.12
N LEU C 534 -9.94 -43.20 -21.34
CA LEU C 534 -9.35 -42.44 -20.25
C LEU C 534 -10.38 -41.55 -19.57
N LYS C 535 -11.16 -40.81 -20.36
CA LYS C 535 -12.26 -40.00 -19.83
C LYS C 535 -13.13 -40.84 -18.91
N SER C 536 -13.68 -41.92 -19.44
CA SER C 536 -14.50 -42.85 -18.65
C SER C 536 -13.75 -43.26 -17.41
N ALA C 537 -12.56 -43.81 -17.63
CA ALA C 537 -11.71 -44.35 -16.58
C ALA C 537 -11.50 -43.40 -15.39
N THR C 538 -11.37 -42.11 -15.67
CA THR C 538 -11.12 -41.12 -14.62
C THR C 538 -12.39 -40.89 -13.83
N GLU C 539 -13.48 -40.56 -14.53
CA GLU C 539 -14.77 -40.28 -13.90
C GLU C 539 -15.10 -41.40 -12.94
N SER C 540 -15.22 -42.60 -13.50
CA SER C 540 -15.33 -43.83 -12.75
C SER C 540 -14.69 -43.70 -11.37
N PHE C 541 -13.38 -43.56 -11.34
CA PHE C 541 -12.56 -43.52 -10.11
C PHE C 541 -12.82 -42.35 -9.15
N VAL C 542 -13.16 -41.18 -9.71
CA VAL C 542 -13.35 -39.97 -8.89
C VAL C 542 -14.58 -40.12 -7.98
N ALA C 543 -15.59 -40.85 -8.47
CA ALA C 543 -16.69 -41.30 -7.64
C ALA C 543 -16.22 -42.44 -6.72
N THR C 544 -14.98 -42.31 -6.22
CA THR C 544 -14.23 -43.35 -5.48
C THR C 544 -14.01 -44.66 -6.25
N PHE C 545 -12.88 -45.01 -6.57
N SER D 39 55.41 -12.41 -56.59
CA SER D 39 55.90 -12.67 -55.19
C SER D 39 56.90 -11.62 -54.69
N THR D 40 56.45 -10.85 -53.69
CA THR D 40 57.29 -9.89 -52.97
C THR D 40 56.94 -9.94 -51.46
N PRO D 41 56.96 -11.16 -50.86
CA PRO D 41 56.24 -11.41 -49.60
C PRO D 41 56.94 -10.92 -48.32
N ILE D 42 56.16 -10.36 -47.39
CA ILE D 42 56.68 -9.85 -46.11
C ILE D 42 56.50 -10.87 -44.97
N THR D 43 57.57 -11.15 -44.23
CA THR D 43 57.55 -12.18 -43.19
C THR D 43 57.84 -11.62 -41.80
N GLY D 44 57.15 -12.18 -40.81
CA GLY D 44 57.40 -11.85 -39.44
C GLY D 44 57.39 -13.11 -38.60
N LYS D 45 57.61 -12.96 -37.31
CA LYS D 45 57.61 -14.10 -36.42
C LYS D 45 56.78 -13.81 -35.19
N VAL D 46 56.11 -14.85 -34.71
CA VAL D 46 55.27 -14.71 -33.55
C VAL D 46 56.17 -14.55 -32.34
N THR D 47 55.87 -13.58 -31.49
CA THR D 47 56.71 -13.32 -30.32
C THR D 47 56.00 -13.52 -28.98
N ALA D 48 54.67 -13.49 -29.00
CA ALA D 48 53.86 -13.79 -27.83
C ALA D 48 52.50 -14.37 -28.25
N VAL D 49 51.90 -15.16 -27.37
CA VAL D 49 50.48 -15.50 -27.48
C VAL D 49 49.88 -15.35 -26.10
N ILE D 50 48.87 -14.52 -25.96
CA ILE D 50 48.16 -14.45 -24.70
C ILE D 50 46.69 -14.47 -25.01
N GLY D 51 46.12 -15.66 -24.90
CA GLY D 51 44.74 -15.88 -25.22
C GLY D 51 44.52 -15.54 -26.67
N ALA D 52 43.65 -14.56 -26.92
CA ALA D 52 43.29 -14.19 -28.26
C ALA D 52 44.21 -13.11 -28.90
N ILE D 53 45.27 -12.73 -28.18
CA ILE D 53 46.21 -11.69 -28.62
C ILE D 53 47.56 -12.29 -29.02
N VAL D 54 48.00 -11.99 -30.22
CA VAL D 54 49.23 -12.56 -30.77
C VAL D 54 50.16 -11.45 -31.24
N ASP D 55 51.28 -11.27 -30.56
CA ASP D 55 52.24 -10.27 -30.98
C ASP D 55 53.17 -10.84 -32.04
N VAL D 56 53.43 -10.03 -33.07
CA VAL D 56 54.31 -10.41 -34.20
C VAL D 56 55.43 -9.38 -34.43
N HIS D 57 56.63 -9.87 -34.75
CA HIS D 57 57.79 -9.01 -35.00
C HIS D 57 58.37 -9.07 -36.40
N PHE D 58 58.59 -7.90 -36.98
CA PHE D 58 59.00 -7.73 -38.38
C PHE D 58 60.30 -6.97 -38.49
N GLU D 59 61.01 -7.12 -39.62
CA GLU D 59 62.23 -6.33 -39.89
C GLU D 59 62.00 -4.82 -40.09
N GLN D 60 63.13 -4.09 -40.11
CA GLN D 60 63.15 -2.61 -39.98
C GLN D 60 62.08 -1.84 -40.76
N SER D 61 61.29 -1.05 -40.01
CA SER D 61 60.29 -0.12 -40.57
C SER D 61 59.69 -0.60 -41.90
N GLU D 62 58.71 -1.50 -41.77
CA GLU D 62 58.28 -2.38 -42.84
C GLU D 62 57.09 -3.08 -42.21
N LEU D 63 56.45 -2.38 -41.28
CA LEU D 63 55.31 -2.95 -40.57
C LEU D 63 54.05 -2.88 -41.41
N PRO D 64 53.20 -3.91 -41.32
CA PRO D 64 51.89 -3.84 -41.94
C PRO D 64 51.11 -2.83 -41.13
N ALA D 65 50.22 -2.09 -41.78
CA ALA D 65 49.48 -1.06 -41.07
C ALA D 65 48.36 -1.69 -40.27
N ILE D 66 47.88 -0.94 -39.30
CA ILE D 66 46.73 -1.30 -38.49
C ILE D 66 45.51 -1.67 -39.35
N LEU D 67 44.82 -2.74 -38.96
CA LEU D 67 43.67 -3.27 -39.70
C LEU D 67 44.04 -4.19 -40.88
N ASN D 68 45.34 -4.38 -41.10
CA ASN D 68 45.79 -5.33 -42.10
C ASN D 68 45.57 -6.74 -41.61
N ALA D 69 45.39 -7.65 -42.56
CA ALA D 69 45.31 -9.06 -42.20
C ALA D 69 46.68 -9.71 -42.35
N LEU D 70 46.95 -10.67 -41.46
CA LEU D 70 48.13 -11.51 -41.53
C LEU D 70 47.66 -12.96 -41.63
N GLU D 71 48.52 -13.83 -42.14
CA GLU D 71 48.17 -15.23 -42.23
C GLU D 71 49.28 -16.08 -41.68
N ILE D 72 48.88 -17.16 -41.03
CA ILE D 72 49.77 -18.21 -40.55
C ILE D 72 49.25 -19.51 -41.12
N LYS D 73 50.12 -20.25 -41.82
CA LYS D 73 49.74 -21.51 -42.42
C LYS D 73 49.92 -22.64 -41.40
N THR D 74 48.79 -23.14 -40.91
CA THR D 74 48.76 -24.16 -39.87
C THR D 74 48.46 -25.56 -40.44
N PRO D 75 48.64 -26.63 -39.62
CA PRO D 75 48.34 -27.99 -40.10
C PRO D 75 46.95 -28.12 -40.73
N GLN D 76 45.92 -27.64 -40.05
CA GLN D 76 44.57 -27.61 -40.63
C GLN D 76 44.18 -26.18 -41.04
N GLY D 77 44.17 -25.91 -42.34
CA GLY D 77 43.87 -24.57 -42.85
C GLY D 77 44.89 -23.48 -42.52
N LYS D 78 44.43 -22.24 -42.46
CA LYS D 78 45.26 -21.09 -42.13
C LYS D 78 44.71 -20.36 -40.91
N LEU D 79 45.53 -19.54 -40.25
CA LEU D 79 45.05 -18.71 -39.14
C LEU D 79 45.21 -17.20 -39.41
N VAL D 80 44.10 -16.52 -39.63
CA VAL D 80 44.13 -15.10 -39.92
C VAL D 80 44.31 -14.23 -38.67
N LEU D 81 45.19 -13.24 -38.77
CA LEU D 81 45.36 -12.27 -37.70
C LEU D 81 44.95 -10.89 -38.20
N GLU D 82 44.74 -9.97 -37.28
CA GLU D 82 44.41 -8.61 -37.69
C GLU D 82 45.23 -7.67 -36.82
N VAL D 83 46.01 -6.82 -37.48
CA VAL D 83 46.91 -5.91 -36.76
C VAL D 83 46.08 -4.88 -35.99
N ALA D 84 46.39 -4.70 -34.72
CA ALA D 84 45.60 -3.82 -33.87
C ALA D 84 46.39 -2.62 -33.42
N GLN D 85 47.63 -2.82 -33.01
CA GLN D 85 48.46 -1.70 -32.64
C GLN D 85 49.84 -1.88 -33.23
N HIS D 86 50.61 -0.79 -33.18
CA HIS D 86 52.02 -0.83 -33.45
C HIS D 86 52.67 -0.56 -32.11
N LEU D 87 53.12 -1.62 -31.45
CA LEU D 87 53.64 -1.52 -30.08
C LEU D 87 54.98 -0.83 -30.06
N GLY D 88 55.63 -0.79 -31.21
CA GLY D 88 56.95 -0.22 -31.27
C GLY D 88 58.02 -1.29 -31.27
N GLU D 89 59.24 -0.85 -31.58
CA GLU D 89 60.37 -1.75 -31.73
C GLU D 89 60.05 -2.85 -32.73
N ASN D 90 59.39 -2.45 -33.81
CA ASN D 90 59.08 -3.33 -34.93
C ASN D 90 58.12 -4.45 -34.56
N THR D 91 57.32 -4.23 -33.52
CA THR D 91 56.35 -5.22 -33.04
C THR D 91 54.91 -4.71 -33.08
N VAL D 92 54.03 -5.60 -33.54
CA VAL D 92 52.62 -5.29 -33.65
C VAL D 92 51.78 -6.18 -32.76
N ARG D 93 50.69 -5.64 -32.24
CA ARG D 93 49.77 -6.46 -31.50
C ARG D 93 48.66 -6.85 -32.45
N THR D 94 48.35 -8.13 -32.54
CA THR D 94 47.28 -8.54 -33.43
C THR D 94 46.11 -9.11 -32.68
N ILE D 95 44.97 -9.23 -33.36
CA ILE D 95 43.88 -10.08 -32.87
C ILE D 95 43.60 -11.24 -33.82
N ALA D 96 43.35 -12.41 -33.23
CA ALA D 96 43.22 -13.65 -33.98
C ALA D 96 41.80 -13.95 -34.39
N MET D 97 41.60 -14.22 -35.68
CA MET D 97 40.28 -14.57 -36.19
C MET D 97 39.90 -16.01 -35.91
N ASP D 98 40.68 -16.65 -35.02
CA ASP D 98 40.49 -18.05 -34.62
C ASP D 98 41.10 -18.43 -33.25
N GLY D 99 41.18 -19.72 -32.99
CA GLY D 99 41.72 -20.23 -31.74
C GLY D 99 43.21 -20.15 -31.79
N THR D 100 43.84 -19.72 -30.70
CA THR D 100 45.28 -19.50 -30.75
C THR D 100 46.10 -20.66 -30.18
N GLU D 101 45.45 -21.73 -29.74
CA GLU D 101 46.19 -22.89 -29.25
C GLU D 101 46.91 -23.59 -30.39
N GLY D 102 48.09 -24.12 -30.06
CA GLY D 102 48.96 -24.75 -31.05
C GLY D 102 49.96 -23.80 -31.68
N LEU D 103 49.89 -22.52 -31.35
CA LEU D 103 50.81 -21.52 -31.89
C LEU D 103 52.16 -21.58 -31.25
N VAL D 104 53.20 -21.52 -32.06
CA VAL D 104 54.56 -21.60 -31.54
C VAL D 104 55.24 -20.26 -31.74
N ARG D 105 55.91 -19.77 -30.69
CA ARG D 105 56.62 -18.50 -30.80
C ARG D 105 57.68 -18.69 -31.87
N GLY D 106 58.00 -17.63 -32.58
CA GLY D 106 58.99 -17.68 -33.64
C GLY D 106 58.47 -18.28 -34.96
N GLU D 107 57.16 -18.46 -35.06
CA GLU D 107 56.55 -18.99 -36.27
C GLU D 107 56.29 -17.91 -37.34
N LYS D 108 56.58 -18.24 -38.60
CA LYS D 108 56.43 -17.30 -39.72
C LYS D 108 55.02 -16.79 -39.83
N VAL D 109 54.92 -15.47 -40.06
CA VAL D 109 53.67 -14.77 -40.29
C VAL D 109 53.77 -14.09 -41.64
N LEU D 110 52.66 -14.03 -42.36
CA LEU D 110 52.67 -13.47 -43.70
C LEU D 110 51.69 -12.30 -43.83
N ASP D 111 52.17 -11.21 -44.41
CA ASP D 111 51.33 -10.04 -44.61
C ASP D 111 50.55 -10.16 -45.90
N THR D 112 49.23 -10.13 -45.78
CA THR D 112 48.35 -10.22 -46.93
C THR D 112 48.40 -8.89 -47.69
N GLY D 113 48.92 -7.87 -47.00
CA GLY D 113 49.06 -6.53 -47.54
C GLY D 113 47.88 -5.59 -47.35
N GLY D 114 46.77 -6.11 -46.82
CA GLY D 114 45.57 -5.31 -46.67
C GLY D 114 44.57 -5.96 -45.76
N PRO D 115 43.46 -5.27 -45.48
CA PRO D 115 42.43 -5.73 -44.55
C PRO D 115 41.89 -7.07 -44.95
N ILE D 116 41.20 -7.73 -44.05
CA ILE D 116 40.47 -8.96 -44.37
C ILE D 116 39.60 -8.76 -45.60
N SER D 117 39.65 -9.70 -46.54
CA SER D 117 38.87 -9.62 -47.79
C SER D 117 37.66 -10.55 -47.81
N VAL D 118 36.55 -10.05 -48.32
CA VAL D 118 35.39 -10.91 -48.64
C VAL D 118 35.05 -10.91 -50.14
N PRO D 119 34.57 -12.06 -50.66
CA PRO D 119 34.01 -12.02 -52.01
C PRO D 119 32.74 -11.18 -52.01
N VAL D 120 32.47 -10.45 -53.08
CA VAL D 120 31.26 -9.65 -53.14
C VAL D 120 30.47 -9.84 -54.43
N GLY D 121 29.24 -9.33 -54.42
CA GLY D 121 28.39 -9.35 -55.61
C GLY D 121 27.37 -10.45 -55.58
N ARG D 122 26.95 -10.89 -56.75
CA ARG D 122 25.87 -11.89 -56.84
C ARG D 122 26.40 -13.28 -56.57
N GLU D 123 27.72 -13.43 -56.58
CA GLU D 123 28.29 -14.74 -56.28
C GLU D 123 28.13 -15.20 -54.83
N THR D 124 27.76 -14.30 -53.94
CA THR D 124 27.57 -14.63 -52.53
C THR D 124 26.13 -15.02 -52.26
N LEU D 125 25.29 -14.93 -53.30
CA LEU D 125 23.89 -15.32 -53.15
C LEU D 125 23.75 -16.82 -53.03
N GLY D 126 23.03 -17.28 -52.01
CA GLY D 126 22.88 -18.71 -51.72
C GLY D 126 24.05 -19.37 -51.01
N ARG D 127 25.10 -18.61 -50.72
CA ARG D 127 26.25 -19.14 -49.98
C ARG D 127 26.30 -18.75 -48.49
N ILE D 128 26.94 -19.61 -47.70
CA ILE D 128 27.22 -19.29 -46.31
C ILE D 128 28.68 -18.91 -46.17
N ILE D 129 28.95 -17.79 -45.51
CA ILE D 129 30.30 -17.25 -45.40
C ILE D 129 30.71 -17.08 -43.93
N ASN D 130 31.97 -17.35 -43.64
CA ASN D 130 32.49 -17.12 -42.28
C ASN D 130 33.14 -15.75 -42.21
N VAL D 131 33.59 -15.33 -41.03
CA VAL D 131 34.19 -13.99 -40.93
C VAL D 131 35.22 -13.64 -42.02
N ILE D 132 36.04 -14.60 -42.45
CA ILE D 132 37.15 -14.29 -43.35
C ILE D 132 36.84 -14.61 -44.80
N GLY D 133 35.60 -14.35 -45.22
CA GLY D 133 35.21 -14.51 -46.62
C GLY D 133 35.57 -15.88 -47.19
N GLU D 134 35.34 -16.90 -46.38
CA GLU D 134 35.51 -18.25 -46.85
C GLU D 134 34.18 -18.94 -46.71
N PRO D 135 33.90 -19.90 -47.62
CA PRO D 135 32.61 -20.53 -47.59
C PRO D 135 32.57 -21.58 -46.48
N ILE D 136 31.38 -21.84 -45.96
CA ILE D 136 31.23 -22.89 -44.99
C ILE D 136 30.09 -23.83 -45.37
N ASP D 137 29.57 -23.71 -46.58
CA ASP D 137 28.49 -24.60 -47.02
C ASP D 137 28.96 -25.84 -47.78
N GLU D 138 30.30 -25.97 -47.91
CA GLU D 138 30.94 -27.06 -48.63
C GLU D 138 30.44 -27.20 -50.06
N ARG D 139 29.98 -26.10 -50.65
CA ARG D 139 29.56 -26.13 -52.04
C ARG D 139 30.64 -25.67 -53.03
N GLY D 140 31.90 -25.67 -52.59
CA GLY D 140 33.01 -25.19 -53.41
C GLY D 140 33.29 -23.70 -53.23
N PRO D 141 34.24 -23.13 -54.00
CA PRO D 141 34.72 -21.77 -53.76
C PRO D 141 33.80 -20.69 -54.33
N ILE D 142 33.67 -19.57 -53.62
CA ILE D 142 32.78 -18.49 -54.04
C ILE D 142 33.43 -17.74 -55.19
N LYS D 143 32.99 -18.08 -56.41
CA LYS D 143 33.62 -17.61 -57.65
C LYS D 143 33.28 -16.18 -58.09
N SER D 144 33.61 -15.18 -57.27
CA SER D 144 33.33 -13.78 -57.64
C SER D 144 34.53 -13.10 -58.28
N LYS D 145 34.25 -12.00 -58.97
CA LYS D 145 35.26 -11.28 -59.72
C LYS D 145 35.99 -10.34 -58.77
N LEU D 146 35.26 -9.79 -57.80
CA LEU D 146 35.87 -8.88 -56.85
C LEU D 146 35.84 -9.39 -55.42
N ARG D 147 36.90 -9.07 -54.67
CA ARG D 147 36.84 -9.18 -53.21
C ARG D 147 36.85 -7.76 -52.69
N LYS D 148 36.59 -7.58 -51.40
CA LYS D 148 36.57 -6.24 -50.82
C LYS D 148 36.99 -6.25 -49.37
N PRO D 149 37.67 -5.17 -48.94
CA PRO D 149 38.11 -5.04 -47.54
C PRO D 149 36.89 -4.85 -46.70
N ILE D 150 36.91 -5.42 -45.51
CA ILE D 150 35.72 -5.45 -44.67
C ILE D 150 35.65 -4.17 -43.87
N HIS D 151 36.80 -3.55 -43.63
CA HIS D 151 36.84 -2.20 -43.08
C HIS D 151 36.77 -1.23 -44.26
N ALA D 152 35.92 -0.22 -44.12
CA ALA D 152 35.74 0.76 -45.16
C ALA D 152 35.23 2.01 -44.47
N ASP D 153 35.25 3.13 -45.17
CA ASP D 153 34.86 4.39 -44.56
C ASP D 153 33.37 4.65 -44.67
N PRO D 154 32.79 5.32 -43.66
CA PRO D 154 31.36 5.55 -43.72
C PRO D 154 31.06 6.77 -44.60
N PRO D 155 29.97 6.70 -45.38
CA PRO D 155 29.62 7.74 -46.35
C PRO D 155 29.60 9.16 -45.76
N SER D 156 30.18 10.10 -46.51
CA SER D 156 30.25 11.51 -46.15
C SER D 156 28.88 12.10 -45.84
N PHE D 157 28.84 13.10 -44.96
CA PHE D 157 27.61 13.87 -44.69
C PHE D 157 26.84 14.18 -45.95
N ALA D 158 27.56 14.54 -47.01
CA ALA D 158 26.92 14.98 -48.26
C ALA D 158 26.37 13.83 -49.12
N GLU D 159 26.69 12.59 -48.76
CA GLU D 159 26.18 11.40 -49.47
C GLU D 159 24.85 10.84 -48.95
N GLN D 160 24.33 11.45 -47.88
CA GLN D 160 23.12 11.00 -47.17
C GLN D 160 21.82 11.23 -47.95
N SER D 161 20.82 10.42 -47.66
CA SER D 161 19.54 10.47 -48.35
C SER D 161 18.41 10.30 -47.34
N THR D 162 17.68 11.38 -47.08
CA THR D 162 16.55 11.34 -46.16
C THR D 162 15.24 11.05 -46.90
N SER D 163 14.52 10.01 -46.47
CA SER D 163 13.19 9.74 -47.02
C SER D 163 12.29 9.20 -45.94
N ALA D 164 11.08 9.72 -45.91
CA ALA D 164 10.07 9.25 -45.00
C ALA D 164 9.16 8.26 -45.73
N GLU D 165 9.71 7.15 -46.17
CA GLU D 165 8.89 6.11 -46.79
C GLU D 165 8.60 4.99 -45.80
N ILE D 166 7.46 4.33 -45.95
CA ILE D 166 6.98 3.40 -44.94
C ILE D 166 6.98 1.95 -45.43
N LEU D 167 7.54 1.05 -44.63
CA LEU D 167 7.66 -0.36 -45.02
C LEU D 167 6.72 -1.24 -44.19
N GLU D 168 5.66 -1.70 -44.86
CA GLU D 168 4.59 -2.44 -44.21
C GLU D 168 5.12 -3.79 -43.76
N THR D 169 5.05 -4.08 -42.46
CA THR D 169 5.56 -5.37 -41.95
C THR D 169 4.54 -6.49 -42.01
N GLY D 170 3.27 -6.15 -41.79
CA GLY D 170 2.22 -7.14 -41.56
C GLY D 170 1.94 -7.34 -40.08
N ILE D 171 2.81 -6.80 -39.24
CA ILE D 171 2.71 -6.97 -37.79
C ILE D 171 1.98 -5.78 -37.14
N LYS D 172 0.82 -6.09 -36.56
CA LYS D 172 -0.13 -5.09 -36.11
C LYS D 172 0.43 -3.96 -35.27
N VAL D 173 1.19 -4.29 -34.22
CA VAL D 173 1.71 -3.25 -33.33
C VAL D 173 2.77 -2.32 -33.98
N VAL D 174 3.66 -2.89 -34.78
CA VAL D 174 4.65 -2.08 -35.50
C VAL D 174 3.95 -1.06 -36.43
N ASP D 175 3.16 -1.60 -37.36
CA ASP D 175 2.54 -0.80 -38.38
C ASP D 175 1.56 0.19 -37.79
N LEU D 176 1.01 -0.09 -36.62
CA LEU D 176 0.15 0.89 -36.01
C LEU D 176 0.95 1.95 -35.26
N LEU D 177 1.87 1.53 -34.42
CA LEU D 177 2.42 2.41 -33.39
C LEU D 177 3.82 2.93 -33.64
N ALA D 178 4.65 2.13 -34.29
CA ALA D 178 6.06 2.47 -34.49
C ALA D 178 6.48 1.93 -35.87
N PRO D 179 5.91 2.50 -36.94
CA PRO D 179 6.03 1.85 -38.23
C PRO D 179 7.42 1.91 -38.85
N TYR D 180 7.91 0.77 -39.33
CA TYR D 180 9.27 0.67 -39.88
C TYR D 180 9.46 1.41 -41.20
N ALA D 181 10.59 2.09 -41.33
CA ALA D 181 10.88 2.94 -42.50
C ALA D 181 11.76 2.26 -43.57
N ARG D 182 11.25 2.17 -44.80
CA ARG D 182 12.06 1.68 -45.92
C ARG D 182 13.31 2.55 -45.98
N GLY D 183 14.46 1.93 -46.19
CA GLY D 183 15.72 2.68 -46.15
C GLY D 183 16.19 2.94 -44.73
N GLY D 184 15.29 2.75 -43.77
CA GLY D 184 15.57 3.06 -42.36
C GLY D 184 16.52 2.06 -41.74
N LYS D 185 16.80 2.29 -40.47
CA LYS D 185 17.49 1.35 -39.60
C LYS D 185 16.47 1.05 -38.53
N ILE D 186 16.48 -0.18 -38.03
CA ILE D 186 15.40 -0.70 -37.19
C ILE D 186 15.96 -1.68 -36.19
N GLY D 187 16.01 -1.28 -34.93
CA GLY D 187 16.52 -2.14 -33.86
C GLY D 187 15.43 -2.83 -33.07
N LEU D 188 15.72 -4.05 -32.60
CA LEU D 188 14.78 -4.85 -31.82
C LEU D 188 15.35 -5.10 -30.43
N PHE D 189 14.99 -4.26 -29.47
CA PHE D 189 15.56 -4.41 -28.12
C PHE D 189 14.83 -5.41 -27.26
N GLY D 190 15.61 -6.14 -26.49
CA GLY D 190 15.04 -7.26 -25.79
C GLY D 190 16.11 -7.95 -24.99
N GLY D 191 15.75 -8.24 -23.75
CA GLY D 191 16.55 -9.08 -22.89
C GLY D 191 16.43 -10.51 -23.36
N ALA D 192 17.10 -11.41 -22.66
CA ALA D 192 17.26 -12.73 -23.22
C ALA D 192 15.90 -13.39 -23.24
N GLY D 193 15.64 -14.06 -24.37
CA GLY D 193 14.47 -14.90 -24.54
C GLY D 193 13.15 -14.19 -24.38
N VAL D 194 13.02 -12.99 -24.94
CA VAL D 194 11.74 -12.31 -24.94
C VAL D 194 11.11 -12.33 -26.33
N GLY D 195 11.91 -12.77 -27.33
CA GLY D 195 11.38 -13.17 -28.62
C GLY D 195 12.02 -12.48 -29.80
N LYS D 196 13.24 -11.98 -29.62
CA LYS D 196 13.91 -11.21 -30.67
C LYS D 196 14.10 -12.03 -31.92
N THR D 197 14.78 -13.17 -31.78
CA THR D 197 15.13 -13.99 -32.92
C THR D 197 13.90 -14.47 -33.65
N VAL D 198 12.87 -14.89 -32.92
CA VAL D 198 11.58 -15.25 -33.53
C VAL D 198 11.00 -14.10 -34.31
N PHE D 199 11.00 -12.91 -33.69
CA PHE D 199 10.47 -11.70 -34.32
C PHE D 199 11.16 -11.44 -35.64
N ILE D 200 12.48 -11.31 -35.59
CA ILE D 200 13.31 -11.06 -36.77
C ILE D 200 13.07 -12.06 -37.90
N GLN D 201 12.76 -13.30 -37.53
CA GLN D 201 12.45 -14.36 -38.50
C GLN D 201 11.07 -14.18 -39.09
N GLU D 202 10.13 -13.75 -38.25
CA GLU D 202 8.83 -13.39 -38.77
C GLU D 202 8.97 -12.29 -39.79
N LEU D 203 9.82 -11.29 -39.51
CA LEU D 203 10.13 -10.25 -40.50
C LEU D 203 10.64 -10.85 -41.81
N ILE D 204 11.74 -11.59 -41.75
CA ILE D 204 12.27 -12.30 -42.93
C ILE D 204 11.18 -13.12 -43.65
N ASN D 205 10.35 -13.80 -42.89
CA ASN D 205 9.27 -14.56 -43.51
C ASN D 205 8.40 -13.70 -44.43
N ASN D 206 8.10 -12.48 -44.00
CA ASN D 206 7.22 -11.56 -44.75
C ASN D 206 7.98 -10.66 -45.72
N ILE D 207 8.69 -9.68 -45.17
CA ILE D 207 9.47 -8.72 -45.93
C ILE D 207 10.25 -9.38 -47.07
N ALA D 208 11.09 -10.38 -46.75
CA ALA D 208 12.07 -10.92 -47.70
C ALA D 208 11.57 -11.71 -48.91
N LYS D 209 10.26 -11.95 -48.98
CA LYS D 209 9.62 -12.44 -50.20
C LYS D 209 9.26 -11.25 -51.07
N ALA D 210 8.39 -10.39 -50.54
CA ALA D 210 7.84 -9.22 -51.27
C ALA D 210 8.93 -8.26 -51.76
N HIS D 211 10.17 -8.51 -51.32
CA HIS D 211 11.30 -7.66 -51.65
C HIS D 211 11.91 -8.07 -52.97
N GLY D 212 11.98 -7.12 -53.89
CA GLY D 212 12.44 -7.36 -55.25
C GLY D 212 13.94 -7.61 -55.36
N GLY D 213 14.70 -6.99 -54.46
CA GLY D 213 16.17 -7.02 -54.50
C GLY D 213 16.83 -8.18 -53.77
N PHE D 214 18.01 -7.91 -53.18
CA PHE D 214 18.78 -8.91 -52.45
C PHE D 214 18.78 -8.61 -50.96
N SER D 215 19.23 -9.60 -50.16
CA SER D 215 19.28 -9.51 -48.71
C SER D 215 20.49 -10.25 -48.15
N VAL D 216 21.11 -9.66 -47.12
CA VAL D 216 22.14 -10.32 -46.40
C VAL D 216 21.61 -10.60 -45.02
N PHE D 217 21.92 -11.78 -44.48
CA PHE D 217 21.71 -12.04 -43.06
C PHE D 217 23.06 -12.26 -42.37
N THR D 218 23.29 -11.50 -41.30
CA THR D 218 24.44 -11.74 -40.44
C THR D 218 24.09 -12.30 -39.07
N GLY D 219 24.67 -13.48 -38.80
CA GLY D 219 24.64 -14.15 -37.52
C GLY D 219 25.91 -13.78 -36.80
N VAL D 220 25.77 -12.87 -35.83
CA VAL D 220 26.86 -12.41 -34.98
C VAL D 220 26.70 -12.93 -33.57
N GLY D 221 27.30 -14.08 -33.31
CA GLY D 221 27.42 -14.61 -31.96
C GLY D 221 26.11 -15.11 -31.44
N GLU D 222 25.39 -15.84 -32.27
CA GLU D 222 24.16 -16.45 -31.81
C GLU D 222 24.32 -17.95 -31.74
N ARG D 223 23.23 -18.67 -31.90
CA ARG D 223 23.29 -20.09 -31.71
C ARG D 223 23.51 -20.80 -33.03
N THR D 224 24.64 -21.48 -33.16
CA THR D 224 24.87 -22.25 -34.37
C THR D 224 23.57 -22.90 -34.90
N ARG D 225 22.74 -23.45 -34.03
CA ARG D 225 21.52 -24.12 -34.48
C ARG D 225 20.46 -23.17 -35.07
N GLU D 226 20.39 -21.94 -34.56
CA GLU D 226 19.46 -20.94 -35.12
C GLU D 226 19.83 -20.78 -36.58
N GLY D 227 21.10 -20.51 -36.84
CA GLY D 227 21.65 -20.44 -38.20
C GLY D 227 21.29 -21.65 -39.04
N ASN D 228 21.45 -22.83 -38.46
CA ASN D 228 21.07 -24.09 -39.09
C ASN D 228 19.64 -24.03 -39.61
N ASP D 229 18.70 -23.66 -38.73
CA ASP D 229 17.29 -23.51 -39.10
C ASP D 229 17.08 -22.57 -40.27
N LEU D 230 17.70 -21.40 -40.19
CA LEU D 230 17.53 -20.41 -41.21
C LEU D 230 17.88 -20.95 -42.59
N TYR D 231 19.07 -21.57 -42.70
CA TYR D 231 19.57 -22.17 -43.95
C TYR D 231 18.66 -23.24 -44.53
N ARG D 232 17.92 -23.90 -43.65
CA ARG D 232 16.98 -24.95 -44.02
C ARG D 232 15.61 -24.33 -44.27
N GLU D 233 15.34 -23.18 -43.67
CA GLU D 233 14.14 -22.46 -43.99
C GLU D 233 14.26 -21.76 -45.32
N MET D 234 15.32 -20.96 -45.50
CA MET D 234 15.62 -20.33 -46.78
C MET D 234 15.41 -21.27 -47.97
N LYS D 235 15.86 -22.52 -47.85
CA LYS D 235 15.72 -23.48 -48.93
C LYS D 235 14.25 -23.78 -49.16
N GLU D 236 13.50 -23.88 -48.08
CA GLU D 236 12.11 -24.32 -48.16
C GLU D 236 11.14 -23.17 -48.39
N THR D 237 11.48 -21.98 -47.91
CA THR D 237 10.74 -20.77 -48.32
C THR D 237 11.02 -20.50 -49.80
N GLY D 238 12.11 -21.06 -50.33
CA GLY D 238 12.52 -20.84 -51.72
C GLY D 238 13.53 -19.73 -51.92
N VAL D 239 13.63 -18.84 -50.92
CA VAL D 239 14.58 -17.71 -50.89
C VAL D 239 15.98 -18.12 -51.29
N ILE D 240 16.38 -19.35 -50.93
CA ILE D 240 17.62 -19.97 -51.44
C ILE D 240 17.31 -21.17 -52.34
N ASN D 241 18.16 -21.36 -53.33
CA ASN D 241 18.01 -22.43 -54.26
C ASN D 241 19.38 -22.85 -54.76
N LEU D 242 19.86 -23.97 -54.24
CA LEU D 242 21.22 -24.46 -54.51
C LEU D 242 21.43 -25.00 -55.94
N GLU D 243 20.34 -25.13 -56.69
CA GLU D 243 20.44 -25.45 -58.10
C GLU D 243 19.67 -24.44 -58.98
N GLY D 244 19.84 -23.15 -58.66
CA GLY D 244 19.19 -22.07 -59.38
C GLY D 244 19.38 -20.73 -58.71
N GLU D 245 18.38 -19.87 -58.80
CA GLU D 245 18.52 -18.49 -58.37
C GLU D 245 18.19 -18.29 -56.90
N SER D 246 19.03 -17.52 -56.21
CA SER D 246 18.83 -17.24 -54.79
C SER D 246 18.78 -15.75 -54.49
N LYS D 247 18.01 -15.39 -53.47
CA LYS D 247 17.77 -13.98 -53.16
C LYS D 247 18.48 -13.47 -51.89
N VAL D 248 19.38 -14.26 -51.31
CA VAL D 248 20.01 -13.92 -50.00
C VAL D 248 21.40 -14.50 -49.71
N ALA D 249 22.26 -13.71 -49.07
CA ALA D 249 23.59 -14.15 -48.71
C ALA D 249 23.64 -14.42 -47.21
N LEU D 250 24.41 -15.44 -46.80
CA LEU D 250 24.46 -15.83 -45.41
C LEU D 250 25.85 -15.70 -44.80
N VAL D 251 25.96 -14.83 -43.79
CA VAL D 251 27.25 -14.59 -43.13
C VAL D 251 27.22 -14.94 -41.63
N PHE D 252 28.01 -15.94 -41.25
CA PHE D 252 27.93 -16.47 -39.92
C PHE D 252 29.19 -16.42 -39.06
N GLY D 253 29.00 -16.01 -37.81
CA GLY D 253 30.08 -15.89 -36.86
C GLY D 253 29.62 -16.10 -35.44
N GLN D 254 28.99 -17.25 -35.20
CA GLN D 254 28.24 -17.54 -33.95
C GLN D 254 29.10 -17.60 -32.68
N MET D 255 28.44 -17.78 -31.53
CA MET D 255 29.13 -17.64 -30.25
C MET D 255 30.10 -18.78 -29.96
N ASN D 256 30.06 -19.79 -30.81
CA ASN D 256 31.03 -20.85 -30.74
C ASN D 256 32.40 -20.38 -31.18
N GLU D 257 32.57 -19.08 -31.41
CA GLU D 257 33.78 -18.55 -32.01
C GLU D 257 34.40 -17.43 -31.20
N PRO D 258 35.75 -17.35 -31.18
CA PRO D 258 36.58 -16.45 -30.37
C PRO D 258 36.37 -14.98 -30.72
N PRO D 259 36.51 -14.07 -29.71
CA PRO D 259 36.16 -12.63 -29.81
C PRO D 259 36.58 -11.96 -31.12
N GLY D 260 37.85 -12.04 -31.49
CA GLY D 260 38.31 -11.47 -32.75
C GLY D 260 37.37 -11.82 -33.90
N ALA D 261 37.07 -13.11 -34.06
CA ALA D 261 36.14 -13.52 -35.09
C ALA D 261 34.75 -12.90 -34.88
N ARG D 262 34.17 -13.07 -33.69
CA ARG D 262 32.85 -12.49 -33.36
C ARG D 262 32.82 -10.98 -33.47
N ALA D 263 34.00 -10.35 -33.47
CA ALA D 263 34.11 -8.89 -33.50
C ALA D 263 34.22 -8.28 -34.88
N ARG D 264 34.37 -9.10 -35.93
CA ARG D 264 34.55 -8.59 -37.31
C ARG D 264 33.55 -9.09 -38.32
N VAL D 265 32.82 -10.15 -37.99
CA VAL D 265 31.93 -10.80 -38.96
C VAL D 265 30.72 -9.96 -39.29
N ALA D 266 30.46 -8.96 -38.45
CA ALA D 266 29.46 -7.97 -38.75
C ALA D 266 29.95 -7.21 -39.98
N LEU D 267 31.21 -6.80 -39.97
CA LEU D 267 31.72 -6.00 -41.08
C LEU D 267 31.81 -6.86 -42.32
N THR D 268 32.12 -8.15 -42.15
CA THR D 268 32.09 -9.10 -43.27
C THR D 268 30.73 -9.05 -43.97
N GLY D 269 29.67 -9.37 -43.23
CA GLY D 269 28.31 -9.24 -43.74
C GLY D 269 28.04 -7.86 -44.31
N LEU D 270 28.27 -6.84 -43.49
CA LEU D 270 27.93 -5.47 -43.84
C LEU D 270 28.53 -5.00 -45.20
N THR D 271 29.70 -5.52 -45.53
CA THR D 271 30.41 -5.24 -46.78
C THR D 271 29.71 -5.79 -48.03
N ILE D 272 29.20 -7.01 -47.90
CA ILE D 272 28.44 -7.68 -48.94
C ILE D 272 27.21 -6.85 -49.29
N ALA D 273 26.49 -6.40 -48.25
CA ALA D 273 25.37 -5.45 -48.38
C ALA D 273 25.81 -4.20 -49.13
N GLU D 274 26.82 -3.53 -48.57
CA GLU D 274 27.42 -2.32 -49.15
C GLU D 274 27.62 -2.47 -50.65
N TYR D 275 28.17 -3.60 -51.05
CA TYR D 275 28.44 -3.83 -52.44
C TYR D 275 27.18 -3.82 -53.33
N PHE D 276 26.08 -4.39 -52.84
CA PHE D 276 24.81 -4.37 -53.58
C PHE D 276 24.20 -2.99 -53.54
N ARG D 277 24.46 -2.28 -52.46
CA ARG D 277 23.92 -0.95 -52.33
C ARG D 277 24.55 -0.07 -53.39
N ASP D 278 25.89 -0.09 -53.42
CA ASP D 278 26.66 0.93 -54.15
C ASP D 278 27.00 0.54 -55.55
N GLU D 279 27.00 -0.75 -55.85
CA GLU D 279 27.49 -1.18 -57.14
C GLU D 279 26.49 -1.98 -57.93
N GLU D 280 25.54 -2.59 -57.23
CA GLU D 280 24.36 -3.15 -57.87
C GLU D 280 23.26 -2.08 -57.88
N GLY D 281 23.63 -0.91 -57.35
CA GLY D 281 22.75 0.26 -57.22
C GLY D 281 21.31 -0.04 -56.90
N GLN D 282 21.08 -0.76 -55.79
CA GLN D 282 19.76 -1.31 -55.55
C GLN D 282 19.37 -1.51 -54.10
N ASP D 283 18.20 -2.10 -53.88
CA ASP D 283 17.62 -2.30 -52.56
C ASP D 283 18.15 -3.53 -51.84
N VAL D 284 18.66 -3.31 -50.63
CA VAL D 284 19.14 -4.41 -49.82
C VAL D 284 18.33 -4.46 -48.52
N LEU D 285 18.29 -5.64 -47.91
CA LEU D 285 17.82 -5.80 -46.54
C LEU D 285 18.89 -6.46 -45.69
N LEU D 286 19.36 -5.74 -44.68
CA LEU D 286 20.47 -6.20 -43.87
C LEU D 286 20.01 -6.67 -42.54
N PHE D 287 20.07 -7.97 -42.32
CA PHE D 287 19.63 -8.53 -41.06
C PHE D 287 20.79 -8.91 -40.15
N ILE D 288 20.91 -8.21 -39.03
CA ILE D 288 21.91 -8.56 -38.02
C ILE D 288 21.29 -9.04 -36.72
N ASP D 289 21.70 -10.24 -36.32
CA ASP D 289 21.33 -10.88 -35.09
C ASP D 289 22.62 -11.56 -34.62
N ASN D 290 23.21 -11.12 -33.51
CA ASN D 290 22.70 -10.01 -32.75
C ASN D 290 23.79 -8.97 -32.58
N ILE D 291 23.47 -7.71 -32.90
CA ILE D 291 24.47 -6.65 -32.95
C ILE D 291 25.15 -6.33 -31.61
N PHE D 292 24.52 -6.64 -30.49
CA PHE D 292 25.18 -6.51 -29.19
C PHE D 292 26.47 -7.32 -29.04
N ARG D 293 26.63 -8.39 -29.82
CA ARG D 293 27.79 -9.25 -29.67
C ARG D 293 29.02 -8.68 -30.38
N PHE D 294 28.80 -7.71 -31.24
CA PHE D 294 29.89 -6.91 -31.80
C PHE D 294 30.53 -6.10 -30.68
N THR D 295 29.70 -5.52 -29.80
CA THR D 295 30.18 -4.70 -28.68
C THR D 295 30.81 -5.53 -27.59
N GLN D 296 30.13 -6.60 -27.18
CA GLN D 296 30.65 -7.60 -26.27
C GLN D 296 32.03 -8.14 -26.70
N ALA D 297 32.16 -8.61 -27.95
CA ALA D 297 33.43 -9.17 -28.44
C ALA D 297 34.53 -8.12 -28.33
N GLY D 298 34.21 -6.89 -28.71
CA GLY D 298 35.07 -5.75 -28.44
C GLY D 298 35.46 -5.75 -26.98
N SER D 299 34.50 -6.03 -26.11
CA SER D 299 34.76 -6.04 -24.70
C SER D 299 35.80 -7.08 -24.30
N GLU D 300 35.71 -8.28 -24.87
CA GLU D 300 36.47 -9.47 -24.40
C GLU D 300 37.96 -9.42 -24.66
N VAL D 301 38.40 -8.55 -25.53
CA VAL D 301 39.83 -8.44 -25.81
C VAL D 301 40.44 -7.09 -25.40
N SER D 302 39.58 -6.10 -25.17
CA SER D 302 39.97 -4.77 -24.75
C SER D 302 41.17 -4.73 -23.79
N ALA D 303 41.09 -5.48 -22.69
CA ALA D 303 42.11 -5.43 -21.64
C ALA D 303 43.44 -6.06 -22.10
N LEU D 304 43.33 -7.16 -22.86
CA LEU D 304 44.48 -7.86 -23.44
C LEU D 304 45.26 -7.00 -24.45
N LEU D 305 44.57 -6.04 -25.03
CA LEU D 305 45.18 -5.01 -25.85
C LEU D 305 45.70 -3.86 -24.98
N GLY D 306 45.52 -3.99 -23.66
CA GLY D 306 46.06 -3.06 -22.65
C GLY D 306 45.33 -1.74 -22.43
N ARG D 307 44.01 -1.74 -22.60
CA ARG D 307 43.18 -0.55 -22.37
C ARG D 307 42.56 -0.57 -21.00
N ILE D 308 42.60 0.57 -20.30
CA ILE D 308 41.88 0.65 -19.02
C ILE D 308 40.39 0.49 -19.31
N PRO D 309 39.67 -0.34 -18.53
CA PRO D 309 38.21 -0.46 -18.63
C PRO D 309 37.52 0.85 -18.39
N SER D 310 36.45 1.08 -19.13
CA SER D 310 35.53 2.16 -18.82
C SER D 310 34.45 1.59 -17.93
N ALA D 311 33.35 2.32 -17.80
CA ALA D 311 32.25 1.96 -16.90
C ALA D 311 31.49 0.67 -17.28
N VAL D 312 30.96 -0.01 -16.25
CA VAL D 312 30.36 -1.33 -16.40
C VAL D 312 31.30 -2.27 -17.14
N GLY D 313 32.60 -2.02 -16.96
CA GLY D 313 33.64 -2.81 -17.59
C GLY D 313 33.49 -2.93 -19.09
N TYR D 314 33.08 -1.85 -19.74
CA TYR D 314 33.07 -1.85 -21.17
C TYR D 314 34.29 -1.11 -21.66
N GLN D 315 34.70 -1.40 -22.88
CA GLN D 315 35.88 -0.82 -23.44
C GLN D 315 35.73 0.70 -23.54
N PRO D 316 36.87 1.42 -23.52
CA PRO D 316 36.79 2.86 -23.70
C PRO D 316 36.21 3.27 -25.05
N THR D 317 36.33 2.41 -26.06
CA THR D 317 35.93 2.79 -27.43
C THR D 317 34.48 2.46 -27.84
N LEU D 318 33.60 2.18 -26.87
CA LEU D 318 32.24 1.70 -27.16
C LEU D 318 31.49 2.60 -28.14
N ALA D 319 31.44 3.89 -27.80
CA ALA D 319 30.71 4.88 -28.56
C ALA D 319 31.19 4.93 -30.00
N THR D 320 32.47 5.23 -30.18
CA THR D 320 33.04 5.40 -31.50
C THR D 320 33.15 4.11 -32.30
N ASP D 321 33.33 2.99 -31.62
CA ASP D 321 33.38 1.73 -32.33
C ASP D 321 32.01 1.42 -32.93
N MET D 322 30.96 1.50 -32.11
CA MET D 322 29.60 1.34 -32.62
C MET D 322 29.28 2.37 -33.72
N GLY D 323 29.61 3.63 -33.45
CA GLY D 323 29.51 4.65 -34.47
C GLY D 323 30.18 4.22 -35.78
N LEU D 324 31.44 3.82 -35.70
CA LEU D 324 32.20 3.46 -36.88
C LEU D 324 31.64 2.32 -37.74
N LEU D 325 30.81 1.47 -37.13
CA LEU D 325 30.10 0.42 -37.85
C LEU D 325 28.75 0.94 -38.33
N GLN D 326 27.88 1.26 -37.38
CA GLN D 326 26.51 1.68 -37.67
C GLN D 326 26.37 2.71 -38.78
N GLU D 327 27.33 3.61 -38.87
CA GLU D 327 27.28 4.72 -39.84
C GLU D 327 27.56 4.28 -41.27
N ARG D 328 27.96 3.03 -41.46
CA ARG D 328 28.15 2.52 -42.80
C ARG D 328 26.86 1.89 -43.30
N ILE D 329 26.06 1.39 -42.36
CA ILE D 329 24.78 0.73 -42.63
C ILE D 329 23.80 1.82 -42.98
N THR D 330 23.78 2.25 -44.24
CA THR D 330 23.06 3.47 -44.51
C THR D 330 22.63 3.70 -45.97
N THR D 331 21.38 4.14 -46.11
CA THR D 331 20.85 4.60 -47.37
C THR D 331 21.66 5.83 -47.80
N THR D 332 22.06 5.82 -49.07
CA THR D 332 22.83 6.88 -49.71
C THR D 332 22.29 7.10 -51.10
N LYS D 333 22.82 8.10 -51.78
CA LYS D 333 22.31 8.42 -53.08
C LYS D 333 22.47 7.30 -54.12
N LYS D 334 23.49 6.45 -53.96
CA LYS D 334 23.69 5.34 -54.91
C LYS D 334 22.72 4.18 -54.75
N GLY D 335 22.09 4.06 -53.59
CA GLY D 335 21.20 2.94 -53.32
C GLY D 335 20.80 2.86 -51.85
N SER D 336 19.88 1.95 -51.56
CA SER D 336 19.24 1.92 -50.27
C SER D 336 19.45 0.64 -49.48
N VAL D 337 19.83 0.78 -48.22
CA VAL D 337 19.83 -0.37 -47.32
C VAL D 337 18.69 -0.20 -46.34
N THR D 338 18.12 -1.32 -45.90
CA THR D 338 17.14 -1.30 -44.83
C THR D 338 17.53 -2.41 -43.90
N SER D 339 17.73 -2.08 -42.63
CA SER D 339 18.36 -3.03 -41.73
C SER D 339 17.53 -3.32 -40.53
N VAL D 340 17.57 -4.58 -40.13
CA VAL D 340 16.91 -5.03 -38.94
C VAL D 340 17.99 -5.67 -38.06
N GLN D 341 18.23 -5.01 -36.93
CA GLN D 341 19.25 -5.45 -36.00
C GLN D 341 18.60 -5.79 -34.68
N ALA D 342 18.77 -7.03 -34.24
CA ALA D 342 18.34 -7.40 -32.93
C ALA D 342 19.36 -6.85 -31.96
N VAL D 343 18.87 -6.29 -30.86
CA VAL D 343 19.74 -5.73 -29.85
C VAL D 343 19.52 -6.42 -28.53
N TYR D 344 20.54 -7.11 -28.05
CA TYR D 344 20.44 -7.76 -26.75
C TYR D 344 20.49 -6.69 -25.70
N VAL D 345 19.55 -6.75 -24.79
CA VAL D 345 19.54 -5.83 -23.68
C VAL D 345 19.93 -6.63 -22.46
N PRO D 346 21.19 -6.52 -22.01
CA PRO D 346 21.75 -7.32 -20.91
C PRO D 346 21.05 -7.07 -19.59
N ALA D 347 20.65 -8.16 -18.93
CA ALA D 347 20.03 -8.09 -17.62
C ALA D 347 18.70 -7.35 -17.65
N ASP D 348 18.06 -7.38 -18.80
CA ASP D 348 16.88 -6.56 -19.08
C ASP D 348 17.08 -5.06 -18.81
N ASP D 349 18.33 -4.66 -18.57
CA ASP D 349 18.62 -3.27 -18.29
C ASP D 349 18.85 -2.51 -19.56
N LEU D 350 17.87 -1.66 -19.90
CA LEU D 350 17.96 -0.77 -21.03
C LEU D 350 19.03 0.31 -20.87
N THR D 351 19.24 0.81 -19.66
CA THR D 351 20.29 1.82 -19.40
C THR D 351 21.72 1.26 -19.28
N ASP D 352 21.91 0.04 -19.78
CA ASP D 352 23.22 -0.57 -19.85
C ASP D 352 23.95 0.07 -21.00
N PRO D 353 25.15 0.60 -20.73
CA PRO D 353 25.93 1.36 -21.69
C PRO D 353 25.80 0.86 -23.12
N ALA D 354 25.84 -0.46 -23.32
CA ALA D 354 25.75 -1.05 -24.68
C ALA D 354 24.47 -0.72 -25.46
N PRO D 355 23.28 -1.26 -25.05
CA PRO D 355 22.05 -0.86 -25.74
C PRO D 355 21.79 0.63 -25.70
N ALA D 356 22.03 1.25 -24.55
CA ALA D 356 21.77 2.68 -24.35
C ALA D 356 22.41 3.53 -25.46
N THR D 357 23.54 3.06 -25.96
CA THR D 357 24.25 3.71 -27.05
C THR D 357 23.59 3.45 -28.39
N THR D 358 23.01 2.26 -28.53
CA THR D 358 22.53 1.84 -29.85
C THR D 358 21.31 2.64 -30.28
N PHE D 359 20.50 3.06 -29.32
CA PHE D 359 19.27 3.83 -29.59
C PHE D 359 19.47 4.96 -30.56
N ALA D 360 20.51 5.75 -30.34
CA ALA D 360 20.78 6.89 -31.20
C ALA D 360 20.94 6.50 -32.66
N HIS D 361 21.15 5.22 -32.94
CA HIS D 361 21.52 4.83 -34.29
C HIS D 361 20.34 4.42 -35.16
N LEU D 362 19.17 4.26 -34.55
CA LEU D 362 18.06 3.64 -35.26
C LEU D 362 16.92 4.59 -35.55
N ASP D 363 16.36 4.46 -36.75
CA ASP D 363 15.17 5.19 -37.11
C ASP D 363 13.90 4.73 -36.33
N ALA D 364 13.81 3.44 -36.02
CA ALA D 364 12.62 2.87 -35.38
C ALA D 364 13.05 1.90 -34.33
N THR D 365 12.46 1.98 -33.13
CA THR D 365 12.91 1.12 -32.04
C THR D 365 11.77 0.21 -31.57
N THR D 366 11.96 -1.09 -31.65
CA THR D 366 10.94 -2.00 -31.16
C THR D 366 11.43 -2.61 -29.87
N VAL D 367 10.71 -2.32 -28.80
CA VAL D 367 11.19 -2.67 -27.50
C VAL D 367 10.33 -3.84 -27.08
N LEU D 368 10.98 -4.99 -26.89
CA LEU D 368 10.28 -6.18 -26.39
C LEU D 368 10.42 -6.12 -24.90
N SER D 369 9.43 -6.64 -24.18
CA SER D 369 9.40 -6.51 -22.75
C SER D 369 9.04 -7.85 -22.15
N ARG D 370 9.68 -8.18 -21.04
CA ARG D 370 9.44 -9.42 -20.34
C ARG D 370 8.04 -9.37 -19.73
N GLY D 371 7.69 -8.21 -19.16
CA GLY D 371 6.37 -7.98 -18.56
C GLY D 371 5.24 -8.27 -19.52
N ILE D 372 5.36 -7.72 -20.72
CA ILE D 372 4.44 -8.02 -21.79
C ILE D 372 4.41 -9.52 -22.09
N SER D 373 5.57 -10.12 -22.38
CA SER D 373 5.66 -11.53 -22.84
C SER D 373 5.13 -12.49 -21.79
N GLU D 374 5.33 -12.11 -20.52
CA GLU D 374 4.82 -12.90 -19.41
C GLU D 374 3.32 -12.95 -19.35
N LEU D 375 2.66 -12.00 -20.01
CA LEU D 375 1.21 -12.06 -20.08
C LEU D 375 0.70 -12.98 -21.18
N GLY D 376 1.61 -13.59 -21.94
CA GLY D 376 1.23 -14.42 -23.07
C GLY D 376 0.94 -13.57 -24.29
N ILE D 377 1.40 -12.33 -24.24
CA ILE D 377 1.16 -11.37 -25.28
C ILE D 377 2.35 -11.40 -26.22
N TYR D 378 2.24 -12.14 -27.33
CA TYR D 378 3.32 -12.15 -28.32
C TYR D 378 2.92 -11.42 -29.61
N PRO D 379 3.84 -10.64 -30.19
CA PRO D 379 5.19 -10.35 -29.77
C PRO D 379 5.23 -9.50 -28.53
N ALA D 380 6.35 -9.57 -27.82
CA ALA D 380 6.48 -8.94 -26.52
C ALA D 380 6.63 -7.42 -26.58
N VAL D 381 6.15 -6.79 -27.66
CA VAL D 381 6.38 -5.34 -27.91
C VAL D 381 5.79 -4.44 -26.82
N ASP D 382 6.60 -3.52 -26.31
CA ASP D 382 6.09 -2.50 -25.41
C ASP D 382 5.53 -1.39 -26.28
N PRO D 383 4.19 -1.24 -26.29
CA PRO D 383 3.43 -0.28 -27.09
C PRO D 383 3.72 1.17 -26.75
N LEU D 384 4.19 1.44 -25.53
CA LEU D 384 4.52 2.82 -25.13
C LEU D 384 5.95 3.14 -25.41
N ASP D 385 6.87 2.30 -24.96
CA ASP D 385 8.29 2.57 -25.20
C ASP D 385 8.77 2.35 -26.63
N SER D 386 7.99 1.68 -27.47
CA SER D 386 8.34 1.59 -28.89
C SER D 386 8.09 2.91 -29.63
N LYS D 387 9.03 3.28 -30.49
CA LYS D 387 8.95 4.53 -31.23
C LYS D 387 9.51 4.35 -32.62
N SER D 388 9.02 5.18 -33.53
CA SER D 388 9.50 5.25 -34.89
C SER D 388 9.27 6.66 -35.40
N ARG D 389 10.29 7.25 -36.01
CA ARG D 389 10.23 8.63 -36.48
C ARG D 389 9.05 8.92 -37.40
N LEU D 390 8.73 7.93 -38.24
CA LEU D 390 7.62 7.99 -39.21
C LEU D 390 6.24 8.20 -38.62
N LEU D 391 6.04 7.91 -37.34
CA LEU D 391 4.77 8.26 -36.72
C LEU D 391 4.69 9.77 -36.55
N ASP D 392 4.21 10.40 -37.62
CA ASP D 392 4.07 11.85 -37.77
C ASP D 392 2.98 12.00 -38.82
N ALA D 393 2.06 12.94 -38.64
CA ALA D 393 0.90 13.01 -39.53
C ALA D 393 1.35 13.15 -40.98
N ALA D 394 2.42 13.92 -41.16
CA ALA D 394 2.99 14.20 -42.48
C ALA D 394 3.35 12.94 -43.28
N VAL D 395 3.50 11.81 -42.58
CA VAL D 395 3.99 10.60 -43.21
C VAL D 395 2.90 9.54 -43.34
N VAL D 396 2.03 9.49 -42.34
CA VAL D 396 1.02 8.45 -42.27
C VAL D 396 -0.41 8.97 -42.32
N GLY D 397 -0.58 10.29 -42.43
CA GLY D 397 -1.91 10.86 -42.37
C GLY D 397 -2.32 11.16 -40.94
N GLN D 398 -3.34 12.00 -40.78
CA GLN D 398 -3.77 12.43 -39.47
C GLN D 398 -4.49 11.31 -38.72
N GLU D 399 -5.40 10.65 -39.42
CA GLU D 399 -6.23 9.63 -38.81
C GLU D 399 -5.38 8.55 -38.19
N HIS D 400 -4.42 8.04 -38.97
CA HIS D 400 -3.47 7.04 -38.50
C HIS D 400 -2.79 7.58 -37.23
N TYR D 401 -2.24 8.80 -37.31
CA TYR D 401 -1.58 9.43 -36.17
C TYR D 401 -2.49 9.62 -34.96
N ASP D 402 -3.77 9.92 -35.21
CA ASP D 402 -4.72 10.12 -34.12
C ASP D 402 -5.10 8.80 -33.42
N VAL D 403 -5.42 7.77 -34.22
CA VAL D 403 -5.66 6.43 -33.70
C VAL D 403 -4.47 6.00 -32.86
N ALA D 404 -3.29 6.08 -33.46
CA ALA D 404 -2.06 5.69 -32.82
C ALA D 404 -1.82 6.45 -31.53
N SER D 405 -2.19 7.72 -31.47
CA SER D 405 -2.01 8.49 -30.26
C SER D 405 -3.02 8.07 -29.21
N LYS D 406 -4.27 7.90 -29.63
CA LYS D 406 -5.32 7.52 -28.69
C LYS D 406 -5.08 6.14 -28.08
N VAL D 407 -4.88 5.11 -28.92
CA VAL D 407 -4.42 3.81 -28.42
C VAL D 407 -3.36 3.97 -27.32
N GLN D 408 -2.39 4.85 -27.56
CA GLN D 408 -1.36 5.12 -26.58
C GLN D 408 -1.85 5.77 -25.29
N GLU D 409 -2.70 6.79 -25.42
CA GLU D 409 -3.32 7.43 -24.25
C GLU D 409 -4.11 6.42 -23.43
N THR D 410 -4.91 5.61 -24.13
CA THR D 410 -5.72 4.58 -23.52
C THR D 410 -4.83 3.79 -22.56
N LEU D 411 -3.83 3.11 -23.12
CA LEU D 411 -2.96 2.17 -22.40
C LEU D 411 -2.16 2.86 -21.31
N GLN D 412 -1.83 4.13 -21.54
CA GLN D 412 -1.13 4.92 -20.57
C GLN D 412 -2.00 5.17 -19.35
N THR D 413 -3.27 5.48 -19.59
CA THR D 413 -4.23 5.60 -18.52
C THR D 413 -4.37 4.30 -17.79
N TYR D 414 -4.71 3.24 -18.53
CA TYR D 414 -4.83 1.90 -17.95
C TYR D 414 -3.62 1.51 -17.09
N LYS D 415 -2.43 1.87 -17.56
CA LYS D 415 -1.20 1.71 -16.77
C LYS D 415 -1.23 2.54 -15.47
N SER D 416 -1.64 3.80 -15.58
CA SER D 416 -1.70 4.72 -14.44
C SER D 416 -2.70 4.27 -13.39
N LEU D 417 -3.77 3.63 -13.83
CA LEU D 417 -4.79 3.21 -12.90
C LEU D 417 -4.51 1.87 -12.20
N GLN D 418 -3.51 1.11 -12.66
CA GLN D 418 -3.24 -0.19 -12.05
C GLN D 418 -2.90 -0.16 -10.55
N ASP D 419 -2.54 1.02 -10.02
CA ASP D 419 -2.44 1.23 -8.57
C ASP D 419 -3.80 1.10 -7.90
N ILE D 420 -4.75 1.95 -8.33
CA ILE D 420 -6.11 1.98 -7.77
C ILE D 420 -6.89 0.67 -7.99
N ILE D 421 -6.55 -0.09 -9.03
CA ILE D 421 -7.18 -1.39 -9.31
C ILE D 421 -6.73 -2.47 -8.31
N ALA D 422 -5.43 -2.54 -8.08
CA ALA D 422 -4.89 -3.42 -7.06
C ALA D 422 -5.52 -3.12 -5.70
N ILE D 423 -5.33 -1.88 -5.23
CA ILE D 423 -5.69 -1.48 -3.86
C ILE D 423 -7.20 -1.42 -3.59
N LEU D 424 -7.96 -0.70 -4.42
CA LEU D 424 -9.40 -0.52 -4.18
C LEU D 424 -10.26 -1.26 -5.19
N GLY D 425 -9.69 -2.28 -5.81
CA GLY D 425 -10.39 -3.09 -6.81
C GLY D 425 -10.69 -2.36 -8.11
N MET D 426 -11.57 -2.93 -8.91
CA MET D 426 -12.12 -2.29 -10.11
C MET D 426 -13.36 -1.47 -9.72
N ASP D 427 -13.92 -1.82 -8.57
CA ASP D 427 -15.10 -1.19 -7.97
C ASP D 427 -15.00 0.34 -7.94
N GLU D 428 -13.97 0.84 -7.27
CA GLU D 428 -13.84 2.26 -6.95
C GLU D 428 -13.39 3.12 -8.14
N LEU D 429 -14.18 3.13 -9.22
CA LEU D 429 -13.81 3.86 -10.43
C LEU D 429 -14.90 4.73 -11.06
N SER D 430 -14.46 5.87 -11.60
CA SER D 430 -15.25 6.71 -12.49
C SER D 430 -15.72 5.86 -13.67
N GLU D 431 -16.86 6.23 -14.25
CA GLU D 431 -17.48 5.42 -15.30
C GLU D 431 -16.73 5.50 -16.64
N GLN D 432 -16.25 6.69 -16.96
CA GLN D 432 -15.38 6.86 -18.11
C GLN D 432 -14.15 5.97 -17.93
N ASP D 433 -13.55 6.01 -16.74
CA ASP D 433 -12.39 5.18 -16.40
C ASP D 433 -12.67 3.69 -16.60
N LYS D 434 -13.74 3.21 -15.95
CA LYS D 434 -14.20 1.81 -16.09
C LYS D 434 -14.25 1.37 -17.55
N LEU D 435 -14.69 2.27 -18.41
CA LEU D 435 -14.72 2.04 -19.84
C LEU D 435 -13.33 2.12 -20.48
N THR D 436 -12.52 3.12 -20.09
CA THR D 436 -11.15 3.23 -20.59
C THR D 436 -10.38 1.94 -20.33
N VAL D 437 -10.51 1.41 -19.11
CA VAL D 437 -9.88 0.15 -18.73
C VAL D 437 -10.42 -1.02 -19.55
N GLU D 438 -11.75 -1.14 -19.62
CA GLU D 438 -12.42 -2.13 -20.48
C GLU D 438 -11.81 -2.09 -21.89
N ARG D 439 -11.63 -0.89 -22.43
CA ARG D 439 -11.11 -0.71 -23.80
C ARG D 439 -9.62 -0.97 -23.93
N ALA D 440 -8.89 -0.68 -22.85
CA ALA D 440 -7.44 -0.85 -22.81
C ALA D 440 -7.10 -2.32 -22.83
N ARG D 441 -7.83 -3.08 -22.02
CA ARG D 441 -7.67 -4.52 -21.97
C ARG D 441 -8.01 -5.16 -23.30
N LYS D 442 -9.15 -4.81 -23.89
CA LYS D 442 -9.46 -5.29 -25.23
C LYS D 442 -8.32 -4.97 -26.20
N ILE D 443 -7.73 -3.78 -26.07
CA ILE D 443 -6.66 -3.29 -26.95
C ILE D 443 -5.34 -4.03 -26.74
N GLN D 444 -5.03 -4.34 -25.49
CA GLN D 444 -3.78 -5.01 -25.20
C GLN D 444 -3.70 -6.26 -26.02
N ARG D 445 -4.79 -7.00 -26.00
CA ARG D 445 -4.86 -8.26 -26.69
C ARG D 445 -4.80 -8.14 -28.20
N PHE D 446 -5.54 -7.18 -28.76
CA PHE D 446 -5.54 -6.98 -30.21
C PHE D 446 -4.15 -6.62 -30.76
N LEU D 447 -3.21 -6.35 -29.87
CA LEU D 447 -1.85 -6.04 -30.30
C LEU D 447 -0.97 -7.29 -30.47
N SER D 448 -1.33 -8.37 -29.78
CA SER D 448 -0.73 -9.70 -30.03
C SER D 448 -1.23 -10.30 -31.35
N GLN D 449 -0.68 -11.43 -31.75
CA GLN D 449 -0.86 -11.89 -33.10
C GLN D 449 -0.04 -13.16 -33.31
N PRO D 450 -0.64 -14.19 -33.91
CA PRO D 450 0.14 -15.40 -34.11
C PRO D 450 1.11 -15.18 -35.26
N PHE D 451 2.40 -15.37 -34.98
CA PHE D 451 3.42 -15.36 -36.02
C PHE D 451 3.42 -16.70 -36.71
N ALA D 452 3.89 -16.76 -37.94
CA ALA D 452 3.91 -18.00 -38.70
C ALA D 452 5.04 -18.83 -38.14
N VAL D 453 6.21 -18.21 -38.08
CA VAL D 453 7.42 -18.76 -37.47
C VAL D 453 7.20 -19.47 -36.11
N ALA D 454 6.33 -18.89 -35.29
CA ALA D 454 6.11 -19.37 -33.93
C ALA D 454 4.97 -20.39 -33.78
N GLU D 455 4.68 -21.12 -34.85
CA GLU D 455 3.62 -22.11 -34.78
C GLU D 455 3.95 -23.21 -33.78
N VAL D 456 5.23 -23.54 -33.67
CA VAL D 456 5.72 -24.53 -32.70
C VAL D 456 5.35 -24.18 -31.27
N PHE D 457 5.02 -22.91 -31.07
CA PHE D 457 4.70 -22.41 -29.74
C PHE D 457 3.21 -22.21 -29.51
N THR D 458 2.49 -21.74 -30.52
CA THR D 458 1.06 -21.54 -30.34
C THR D 458 0.18 -22.64 -30.94
N GLY D 459 0.74 -23.44 -31.85
CA GLY D 459 -0.03 -24.41 -32.62
C GLY D 459 -1.14 -23.71 -33.40
N ILE D 460 -1.10 -22.39 -33.35
CA ILE D 460 -2.06 -21.52 -33.99
C ILE D 460 -1.42 -21.03 -35.29
N PRO D 461 -2.16 -21.06 -36.42
CA PRO D 461 -1.68 -20.68 -37.75
C PRO D 461 -1.26 -19.22 -37.79
N GLY D 462 -0.19 -18.93 -38.53
CA GLY D 462 0.34 -17.56 -38.61
C GLY D 462 -0.63 -16.65 -39.32
N LYS D 463 -0.98 -15.53 -38.68
CA LYS D 463 -1.87 -14.53 -39.30
C LYS D 463 -1.12 -13.25 -39.62
N LEU D 464 -1.26 -12.77 -40.86
CA LEU D 464 -0.66 -11.51 -41.28
C LEU D 464 -1.74 -10.49 -41.55
N VAL D 465 -1.54 -9.27 -41.06
CA VAL D 465 -2.55 -8.21 -41.11
C VAL D 465 -2.08 -7.03 -41.96
N ARG D 466 -2.97 -6.55 -42.83
CA ARG D 466 -2.67 -5.38 -43.67
C ARG D 466 -2.78 -4.06 -42.90
N LEU D 467 -1.84 -3.16 -43.14
CA LEU D 467 -1.74 -1.90 -42.40
C LEU D 467 -3.03 -1.09 -42.34
N LYS D 468 -3.78 -1.04 -43.44
CA LYS D 468 -5.07 -0.33 -43.43
C LYS D 468 -6.08 -1.05 -42.53
N ASP D 469 -6.06 -2.38 -42.56
CA ASP D 469 -6.89 -3.21 -41.69
C ASP D 469 -6.57 -3.04 -40.20
N THR D 470 -5.29 -2.90 -39.90
CA THR D 470 -4.85 -2.54 -38.54
C THR D 470 -5.53 -1.25 -38.06
N VAL D 471 -5.37 -0.17 -38.81
CA VAL D 471 -5.81 1.14 -38.36
C VAL D 471 -7.33 1.23 -38.21
N ALA D 472 -8.02 0.58 -39.13
CA ALA D 472 -9.48 0.60 -39.17
C ALA D 472 -10.07 -0.10 -37.97
N SER D 473 -9.45 -1.22 -37.59
CA SER D 473 -9.99 -2.04 -36.55
C SER D 473 -9.75 -1.38 -35.20
N PHE D 474 -8.58 -0.77 -35.06
CA PHE D 474 -8.27 -0.03 -33.85
C PHE D 474 -9.11 1.20 -33.74
N LYS D 475 -9.35 1.85 -34.87
CA LYS D 475 -10.25 2.97 -34.89
C LYS D 475 -11.59 2.55 -34.33
N ALA D 476 -12.10 1.43 -34.85
CA ALA D 476 -13.42 0.95 -34.50
C ALA D 476 -13.44 0.68 -33.02
N VAL D 477 -12.49 -0.13 -32.57
CA VAL D 477 -12.35 -0.51 -31.16
C VAL D 477 -12.42 0.75 -30.29
N LEU D 478 -11.70 1.79 -30.72
CA LEU D 478 -11.55 3.01 -29.93
C LEU D 478 -12.83 3.81 -29.72
N GLU D 479 -13.73 3.79 -30.70
CA GLU D 479 -14.98 4.55 -30.64
C GLU D 479 -16.09 3.76 -29.98
N GLY D 480 -15.77 2.55 -29.52
CA GLY D 480 -16.69 1.73 -28.75
C GLY D 480 -17.59 0.83 -29.57
N LYS D 481 -17.34 0.78 -30.89
CA LYS D 481 -18.19 0.01 -31.79
C LYS D 481 -17.95 -1.49 -31.66
N TYR D 482 -17.45 -1.89 -30.48
CA TYR D 482 -17.10 -3.26 -30.14
C TYR D 482 -17.07 -3.53 -28.65
N ASP D 483 -17.77 -2.71 -27.86
CA ASP D 483 -17.70 -2.81 -26.40
C ASP D 483 -18.31 -4.10 -25.81
N ASN D 484 -19.19 -4.73 -26.58
CA ASN D 484 -19.91 -5.94 -26.17
C ASN D 484 -19.07 -7.22 -26.23
N ILE D 485 -18.16 -7.30 -27.18
CA ILE D 485 -17.32 -8.49 -27.38
C ILE D 485 -16.34 -8.74 -26.20
N PRO D 486 -16.29 -10.00 -25.68
CA PRO D 486 -15.40 -10.43 -24.58
C PRO D 486 -13.90 -10.32 -24.87
N GLU D 487 -13.11 -10.04 -23.84
CA GLU D 487 -11.65 -9.86 -23.96
C GLU D 487 -10.94 -10.92 -24.79
N HIS D 488 -11.28 -12.19 -24.57
CA HIS D 488 -10.56 -13.28 -25.22
C HIS D 488 -10.66 -13.27 -26.75
N ALA D 489 -11.70 -12.64 -27.27
CA ALA D 489 -11.90 -12.59 -28.71
C ALA D 489 -10.85 -11.76 -29.47
N PHE D 490 -10.08 -10.94 -28.75
CA PHE D 490 -9.08 -10.10 -29.42
C PHE D 490 -7.68 -10.75 -29.39
N TYR D 491 -7.55 -11.79 -28.55
CA TYR D 491 -6.26 -12.39 -28.24
C TYR D 491 -5.82 -13.44 -29.26
N MET D 492 -4.62 -13.24 -29.81
CA MET D 492 -3.99 -14.16 -30.76
C MET D 492 -4.87 -14.42 -32.00
N VAL D 493 -5.25 -13.33 -32.67
CA VAL D 493 -6.04 -13.38 -33.91
C VAL D 493 -5.48 -12.30 -34.85
N GLY D 494 -5.91 -12.29 -36.11
CA GLY D 494 -5.48 -11.30 -37.08
C GLY D 494 -6.26 -9.99 -37.07
N GLY D 495 -7.08 -9.76 -38.08
CA GLY D 495 -7.87 -8.53 -38.18
C GLY D 495 -9.23 -8.62 -37.51
N ILE D 496 -9.97 -7.53 -37.50
CA ILE D 496 -11.25 -7.49 -36.81
C ILE D 496 -12.25 -8.55 -37.27
N GLU D 497 -12.09 -9.06 -38.50
CA GLU D 497 -12.79 -10.24 -38.99
C GLU D 497 -12.67 -11.37 -37.97
N ASP D 498 -11.42 -11.61 -37.57
CA ASP D 498 -11.09 -12.69 -36.67
C ASP D 498 -11.61 -12.44 -35.27
N VAL D 499 -11.79 -11.17 -34.89
CA VAL D 499 -12.37 -10.87 -33.60
C VAL D 499 -13.83 -11.30 -33.60
N VAL D 500 -14.54 -11.00 -34.68
CA VAL D 500 -15.94 -11.36 -34.79
C VAL D 500 -16.04 -12.89 -34.89
N ALA D 501 -15.24 -13.47 -35.79
CA ALA D 501 -15.26 -14.92 -35.98
C ALA D 501 -15.11 -15.67 -34.65
N LYS D 502 -14.08 -15.30 -33.88
CA LYS D 502 -13.80 -15.92 -32.59
C LYS D 502 -14.90 -15.68 -31.56
N ALA D 503 -15.44 -14.45 -31.55
CA ALA D 503 -16.47 -14.05 -30.60
C ALA D 503 -17.64 -15.01 -30.66
N GLU D 504 -18.08 -15.27 -31.88
CA GLU D 504 -19.19 -16.18 -32.14
C GLU D 504 -18.83 -17.64 -31.92
N LYS D 505 -17.64 -18.03 -32.39
CA LYS D 505 -17.19 -19.40 -32.28
C LYS D 505 -17.11 -19.82 -30.82
N LEU D 506 -16.73 -18.88 -29.96
CA LEU D 506 -16.68 -19.12 -28.52
C LEU D 506 -18.04 -19.07 -27.85
N ALA D 507 -18.85 -18.05 -28.18
CA ALA D 507 -20.23 -17.97 -27.67
C ALA D 507 -21.10 -19.19 -28.08
N ALA D 508 -20.60 -19.95 -29.05
CA ALA D 508 -21.17 -21.23 -29.46
C ALA D 508 -20.64 -22.35 -28.55
N GLU D 509 -21.08 -22.51 -27.40
N PRO E 41 67.97 33.85 -7.54
CA PRO E 41 66.63 33.45 -8.01
C PRO E 41 66.60 32.02 -8.57
N ILE E 42 66.04 31.09 -7.80
CA ILE E 42 65.92 29.67 -8.16
C ILE E 42 65.13 29.47 -9.47
N THR E 43 65.67 28.67 -10.39
CA THR E 43 65.02 28.44 -11.68
C THR E 43 64.95 26.97 -12.09
N GLY E 44 63.83 26.58 -12.72
CA GLY E 44 63.66 25.24 -13.26
C GLY E 44 63.24 25.18 -14.73
N LYS E 45 62.87 23.97 -15.17
CA LYS E 45 62.41 23.69 -16.53
C LYS E 45 61.20 22.77 -16.52
N VAL E 46 60.25 23.07 -17.38
CA VAL E 46 59.08 22.23 -17.54
C VAL E 46 59.48 20.97 -18.31
N THR E 47 59.19 19.82 -17.70
CA THR E 47 59.56 18.55 -18.30
C THR E 47 58.32 17.73 -18.67
N ALA E 48 57.18 18.04 -18.05
CA ALA E 48 55.93 17.36 -18.38
C ALA E 48 54.66 18.19 -18.18
N VAL E 49 53.79 18.14 -19.18
CA VAL E 49 52.51 18.83 -19.10
C VAL E 49 51.34 17.88 -19.34
N ILE E 50 50.49 17.73 -18.33
CA ILE E 50 49.34 16.83 -18.42
C ILE E 50 48.12 17.43 -17.71
N GLY E 51 47.27 18.10 -18.49
CA GLY E 51 46.19 18.86 -17.91
C GLY E 51 46.74 19.81 -16.86
N ALA E 52 46.14 19.83 -15.68
CA ALA E 52 46.54 20.83 -14.68
C ALA E 52 47.79 20.37 -13.92
N ILE E 53 48.39 19.26 -14.38
CA ILE E 53 49.58 18.72 -13.74
C ILE E 53 50.84 19.01 -14.54
N VAL E 54 51.69 19.87 -13.99
CA VAL E 54 52.93 20.17 -14.63
C VAL E 54 54.09 19.64 -13.82
N ASP E 55 55.13 19.18 -14.54
CA ASP E 55 56.35 18.70 -13.92
C ASP E 55 57.57 19.53 -14.29
N VAL E 56 58.29 19.91 -13.24
CA VAL E 56 59.38 20.86 -13.31
C VAL E 56 60.64 20.19 -12.79
N HIS E 57 61.77 20.45 -13.43
CA HIS E 57 63.06 19.93 -13.00
C HIS E 57 63.89 21.05 -12.35
N PHE E 58 64.93 20.69 -11.59
CA PHE E 58 65.73 21.68 -10.86
C PHE E 58 67.18 21.29 -10.76
N GLU E 59 67.93 22.10 -10.01
CA GLU E 59 69.33 21.83 -9.70
C GLU E 59 69.55 21.45 -8.24
N GLN E 60 70.54 20.58 -8.03
CA GLN E 60 70.85 19.92 -6.75
C GLN E 60 70.41 20.67 -5.49
N SER E 61 69.51 20.04 -4.73
CA SER E 61 69.00 20.56 -3.45
C SER E 61 68.57 22.04 -3.49
N GLU E 62 67.96 22.42 -4.63
CA GLU E 62 67.33 23.72 -4.77
C GLU E 62 65.83 23.54 -4.81
N LEU E 63 65.41 22.28 -4.93
CA LEU E 63 64.00 21.94 -5.02
C LEU E 63 63.20 22.67 -3.95
N PRO E 64 62.13 23.34 -4.37
CA PRO E 64 61.24 24.01 -3.44
C PRO E 64 60.53 22.96 -2.60
N ALA E 65 60.14 23.31 -1.38
CA ALA E 65 59.36 22.39 -0.57
C ALA E 65 57.99 22.17 -1.20
N ILE E 66 57.30 21.12 -0.77
CA ILE E 66 55.94 20.88 -1.20
C ILE E 66 55.07 21.97 -0.60
N LEU E 67 54.09 22.43 -1.38
CA LEU E 67 53.19 23.56 -1.06
C LEU E 67 53.81 24.93 -1.40
N ASN E 68 54.79 24.93 -2.28
CA ASN E 68 55.37 26.17 -2.75
C ASN E 68 54.77 26.66 -4.05
N ALA E 69 54.79 27.98 -4.21
CA ALA E 69 54.33 28.64 -5.41
C ALA E 69 55.46 28.77 -6.41
N LEU E 70 55.24 28.18 -7.57
CA LEU E 70 56.16 28.27 -8.70
C LEU E 70 55.48 29.08 -9.79
N GLU E 71 56.20 30.03 -10.39
CA GLU E 71 55.60 30.86 -11.42
C GLU E 71 56.23 30.64 -12.78
N ILE E 72 55.36 30.54 -13.78
CA ILE E 72 55.78 30.67 -15.16
C ILE E 72 55.17 31.96 -15.67
N LYS E 73 55.94 32.73 -16.43
CA LYS E 73 55.44 33.97 -17.00
C LYS E 73 54.79 33.69 -18.32
N THR E 74 53.59 34.24 -18.52
CA THR E 74 52.78 34.02 -19.72
C THR E 74 52.64 35.35 -20.48
N PRO E 75 52.22 35.29 -21.76
CA PRO E 75 51.90 36.53 -22.48
C PRO E 75 50.94 37.43 -21.69
N GLN E 76 49.93 36.84 -21.03
CA GLN E 76 48.95 37.56 -20.20
C GLN E 76 49.60 38.16 -18.97
N GLY E 77 49.95 37.28 -18.04
CA GLY E 77 50.62 37.66 -16.80
C GLY E 77 51.47 36.51 -16.29
N LYS E 78 50.97 35.82 -15.28
CA LYS E 78 51.71 34.72 -14.69
C LYS E 78 50.82 33.53 -14.38
N LEU E 79 51.27 32.35 -14.77
CA LEU E 79 50.65 31.09 -14.38
C LEU E 79 51.30 30.63 -13.08
N VAL E 80 50.48 30.30 -12.09
CA VAL E 80 51.02 29.80 -10.82
C VAL E 80 50.85 28.26 -10.70
N LEU E 81 51.88 27.59 -10.18
CA LEU E 81 51.91 26.15 -10.02
C LEU E 81 52.20 25.82 -8.57
N GLU E 82 51.37 24.98 -7.95
CA GLU E 82 51.64 24.54 -6.60
C GLU E 82 52.28 23.16 -6.61
N VAL E 83 53.31 23.00 -5.79
CA VAL E 83 54.09 21.77 -5.69
C VAL E 83 53.37 20.71 -4.85
N ALA E 84 53.26 19.51 -5.42
CA ALA E 84 52.58 18.40 -4.76
C ALA E 84 53.54 17.32 -4.28
N GLN E 85 54.59 17.06 -5.04
CA GLN E 85 55.51 15.97 -4.74
C GLN E 85 56.91 16.24 -5.27
N HIS E 86 57.90 15.77 -4.54
CA HIS E 86 59.24 15.55 -5.07
C HIS E 86 59.26 14.11 -5.53
N LEU E 87 59.26 13.92 -6.85
CA LEU E 87 59.26 12.62 -7.47
C LEU E 87 60.66 11.99 -7.48
N GLY E 88 61.68 12.74 -7.08
CA GLY E 88 63.03 12.25 -7.22
C GLY E 88 63.72 12.79 -8.46
N GLU E 89 65.02 12.51 -8.57
CA GLU E 89 65.87 13.05 -9.63
C GLU E 89 65.66 14.54 -9.90
N ASN E 90 65.58 15.30 -8.82
CA ASN E 90 65.42 16.75 -8.83
C ASN E 90 64.15 17.24 -9.51
N THR E 91 63.12 16.40 -9.53
CA THR E 91 61.88 16.80 -10.17
C THR E 91 60.74 16.98 -9.17
N VAL E 92 59.97 18.04 -9.38
CA VAL E 92 58.75 18.25 -8.61
C VAL E 92 57.49 18.19 -9.47
N ARG E 93 56.43 17.69 -8.88
CA ARG E 93 55.16 17.64 -9.57
C ARG E 93 54.25 18.72 -9.02
N THR E 94 53.70 19.52 -9.92
CA THR E 94 52.85 20.63 -9.53
C THR E 94 51.42 20.54 -10.06
N ILE E 95 50.55 21.28 -9.40
CA ILE E 95 49.19 21.45 -9.88
C ILE E 95 48.99 22.92 -10.23
N ALA E 96 48.43 23.16 -11.41
CA ALA E 96 48.28 24.50 -11.93
C ALA E 96 47.15 25.27 -11.24
N MET E 97 47.22 26.58 -11.34
CA MET E 97 46.22 27.46 -10.77
C MET E 97 45.38 28.08 -11.87
N ASP E 98 45.77 27.81 -13.11
CA ASP E 98 45.10 28.30 -14.30
C ASP E 98 45.29 27.23 -15.39
N GLY E 99 45.00 27.60 -16.64
CA GLY E 99 45.16 26.66 -17.76
C GLY E 99 46.62 26.42 -18.09
N THR E 100 46.87 25.38 -18.87
CA THR E 100 48.25 25.08 -19.26
C THR E 100 48.45 25.01 -20.78
N GLU E 101 47.40 25.28 -21.54
CA GLU E 101 47.54 25.39 -23.01
C GLU E 101 48.75 26.26 -23.34
N GLY E 102 49.52 25.85 -24.34
CA GLY E 102 50.65 26.63 -24.78
C GLY E 102 51.95 26.44 -24.05
N LEU E 103 51.94 25.74 -22.93
CA LEU E 103 53.19 25.42 -22.27
C LEU E 103 54.03 24.58 -23.18
N VAL E 104 55.31 24.93 -23.28
CA VAL E 104 56.29 24.18 -24.06
C VAL E 104 57.26 23.56 -23.06
N ARG E 105 57.70 22.33 -23.33
CA ARG E 105 58.67 21.67 -22.46
C ARG E 105 60.00 22.44 -22.44
N GLY E 106 60.57 22.58 -21.25
CA GLY E 106 61.84 23.26 -21.05
C GLY E 106 61.69 24.75 -20.80
N GLU E 107 60.55 25.15 -20.28
CA GLU E 107 60.26 26.56 -20.05
C GLU E 107 60.67 27.04 -18.65
N LYS E 108 61.06 28.30 -18.58
CA LYS E 108 61.53 28.91 -17.32
C LYS E 108 60.44 28.84 -16.27
N VAL E 109 60.84 28.47 -15.06
CA VAL E 109 59.93 28.43 -13.93
C VAL E 109 60.63 29.00 -12.71
N LEU E 110 60.07 30.06 -12.13
CA LEU E 110 60.65 30.74 -10.98
C LEU E 110 60.04 30.22 -9.67
N ASP E 111 60.88 30.01 -8.66
CA ASP E 111 60.39 29.66 -7.34
C ASP E 111 60.15 30.93 -6.52
N THR E 112 58.95 31.08 -5.95
CA THR E 112 58.65 32.24 -5.09
C THR E 112 59.31 32.13 -3.71
N GLY E 113 59.78 30.92 -3.39
CA GLY E 113 60.41 30.63 -2.11
C GLY E 113 59.43 30.64 -0.94
N GLY E 114 58.16 30.40 -1.26
CA GLY E 114 57.11 30.35 -0.26
C GLY E 114 55.87 29.67 -0.82
N PRO E 115 54.82 29.53 0.02
CA PRO E 115 53.50 29.17 -0.46
C PRO E 115 52.85 30.36 -1.19
N ILE E 116 51.70 30.12 -1.81
CA ILE E 116 50.89 31.19 -2.39
C ILE E 116 50.54 32.14 -1.24
N SER E 117 50.70 33.43 -1.49
CA SER E 117 50.49 34.46 -0.46
C SER E 117 49.49 35.52 -0.90
N VAL E 118 48.72 36.03 0.05
CA VAL E 118 47.73 37.06 -0.25
C VAL E 118 48.06 38.36 0.44
N PRO E 119 47.63 39.48 -0.16
CA PRO E 119 47.59 40.73 0.58
C PRO E 119 46.66 40.56 1.79
N VAL E 120 47.02 41.18 2.91
CA VAL E 120 46.22 41.14 4.12
C VAL E 120 46.05 42.54 4.69
N GLY E 121 45.21 42.67 5.71
CA GLY E 121 44.99 43.98 6.35
C GLY E 121 43.86 44.77 5.71
N ARG E 122 43.71 46.03 6.14
CA ARG E 122 42.58 46.87 5.72
C ARG E 122 42.45 47.09 4.20
N GLU E 123 43.60 47.04 3.51
CA GLU E 123 43.71 47.37 2.09
C GLU E 123 42.96 46.43 1.15
N THR E 124 42.45 45.34 1.71
CA THR E 124 41.74 44.33 0.95
C THR E 124 40.21 44.48 0.99
N LEU E 125 39.71 45.40 1.80
CA LEU E 125 38.26 45.60 1.96
C LEU E 125 37.67 46.34 0.77
N GLY E 126 36.62 45.76 0.18
CA GLY E 126 36.01 46.31 -1.05
C GLY E 126 36.77 45.89 -2.30
N ARG E 127 37.74 45.02 -2.12
CA ARG E 127 38.51 44.51 -3.23
C ARG E 127 38.04 43.12 -3.62
N ILE E 128 38.17 42.81 -4.91
CA ILE E 128 37.98 41.45 -5.37
C ILE E 128 39.34 40.86 -5.67
N ILE E 129 39.56 39.67 -5.13
CA ILE E 129 40.85 39.00 -5.13
C ILE E 129 40.63 37.58 -5.64
N ASN E 130 41.66 37.02 -6.27
CA ASN E 130 41.57 35.62 -6.62
C ASN E 130 42.56 34.75 -5.83
N VAL E 131 42.42 33.44 -6.05
CA VAL E 131 43.20 32.38 -5.40
C VAL E 131 44.68 32.73 -5.17
N ILE E 132 45.32 33.32 -6.18
CA ILE E 132 46.75 33.70 -6.09
C ILE E 132 46.97 35.16 -5.67
N GLY E 133 46.06 35.70 -4.87
CA GLY E 133 46.21 37.01 -4.23
C GLY E 133 46.30 38.20 -5.17
N GLU E 134 45.61 38.12 -6.29
CA GLU E 134 45.65 39.18 -7.28
C GLU E 134 44.36 39.98 -7.35
N PRO E 135 44.46 41.30 -7.55
CA PRO E 135 43.23 42.05 -7.80
C PRO E 135 42.58 41.56 -9.08
N ILE E 136 41.28 41.27 -9.03
CA ILE E 136 40.53 40.96 -10.25
C ILE E 136 39.35 41.93 -10.49
N ASP E 137 39.34 43.04 -9.74
CA ASP E 137 38.29 44.06 -9.87
C ASP E 137 38.73 45.32 -10.65
N GLU E 138 39.91 45.22 -11.29
CA GLU E 138 40.45 46.30 -12.12
C GLU E 138 40.46 47.66 -11.41
N ARG E 139 41.01 47.70 -10.20
CA ARG E 139 41.14 48.92 -9.42
C ARG E 139 42.54 48.97 -8.82
N GLY E 140 43.54 48.62 -9.62
CA GLY E 140 44.94 48.65 -9.21
C GLY E 140 45.38 47.43 -8.43
N PRO E 141 46.65 47.43 -7.95
CA PRO E 141 47.04 46.37 -7.04
C PRO E 141 46.52 46.68 -5.64
N ILE E 142 46.21 45.65 -4.86
CA ILE E 142 45.96 45.89 -3.45
C ILE E 142 47.32 46.25 -2.89
N LYS E 143 47.42 47.42 -2.25
CA LYS E 143 48.69 47.83 -1.68
C LYS E 143 48.76 47.50 -0.21
N SER E 144 48.91 46.21 0.09
CA SER E 144 48.99 45.73 1.46
C SER E 144 50.38 45.99 2.06
N LYS E 145 50.46 45.93 3.39
CA LYS E 145 51.73 46.15 4.08
C LYS E 145 52.48 44.83 4.27
N LEU E 146 51.74 43.72 4.34
CA LEU E 146 52.34 42.39 4.38
C LEU E 146 51.81 41.50 3.26
N ARG E 147 52.25 40.24 3.27
CA ARG E 147 51.64 39.15 2.52
C ARG E 147 51.81 37.85 3.33
N LYS E 148 50.84 36.96 3.26
CA LYS E 148 50.85 35.79 4.12
C LYS E 148 50.50 34.53 3.34
N PRO E 149 51.27 33.44 3.56
CA PRO E 149 51.03 32.12 2.95
C PRO E 149 49.64 31.58 3.23
N ILE E 150 48.99 31.09 2.17
CA ILE E 150 47.63 30.56 2.29
C ILE E 150 47.57 29.26 3.12
N HIS E 151 48.72 28.59 3.26
CA HIS E 151 48.84 27.41 4.12
C HIS E 151 49.46 27.84 5.45
N ALA E 152 48.78 27.51 6.56
CA ALA E 152 49.23 27.89 7.90
C ALA E 152 48.81 26.89 8.98
N ASP E 153 49.35 27.11 10.18
CA ASP E 153 49.12 26.22 11.31
C ASP E 153 47.94 26.64 12.17
N PRO E 154 47.01 25.70 12.40
CA PRO E 154 45.87 25.92 13.30
C PRO E 154 46.41 26.25 14.69
N PRO E 155 45.75 27.19 15.40
CA PRO E 155 46.16 27.63 16.75
C PRO E 155 46.30 26.46 17.72
N SER E 156 47.53 26.25 18.21
CA SER E 156 47.89 25.12 19.07
C SER E 156 46.88 24.86 20.20
N PHE E 157 46.99 23.70 20.84
CA PHE E 157 46.12 23.34 21.96
C PHE E 157 46.26 24.32 23.14
N ALA E 158 47.40 25.00 23.22
CA ALA E 158 47.60 26.07 24.17
C ALA E 158 46.64 27.23 23.89
N GLU E 159 46.75 27.83 22.70
CA GLU E 159 45.99 29.05 22.33
C GLU E 159 44.47 28.87 22.28
N GLN E 160 43.98 27.75 22.82
CA GLN E 160 42.57 27.38 22.77
C GLN E 160 41.65 28.11 23.74
N SER E 161 40.42 28.30 23.28
CA SER E 161 39.32 28.79 24.08
C SER E 161 38.89 27.66 25.00
N THR E 162 38.87 27.88 26.32
CA THR E 162 38.40 26.85 27.26
C THR E 162 36.85 26.76 27.35
N SER E 163 36.17 27.87 27.05
CA SER E 163 34.71 27.93 27.09
C SER E 163 34.08 28.18 25.72
N ALA E 164 32.99 27.50 25.43
CA ALA E 164 32.15 27.85 24.29
C ALA E 164 31.44 29.16 24.61
N GLU E 165 31.11 29.93 23.59
CA GLU E 165 30.48 31.25 23.76
C GLU E 165 29.63 31.68 22.57
N ILE E 166 28.51 32.32 22.87
CA ILE E 166 27.60 32.78 21.84
C ILE E 166 28.13 34.04 21.20
N LEU E 167 28.09 34.06 19.87
CA LEU E 167 28.25 35.29 19.13
C LEU E 167 26.87 35.85 18.86
N GLU E 168 26.69 37.10 19.29
CA GLU E 168 25.48 37.85 19.05
C GLU E 168 25.44 38.25 17.56
N THR E 169 24.29 38.03 16.91
CA THR E 169 24.11 38.38 15.49
C THR E 169 23.09 39.51 15.30
N GLY E 170 22.21 39.68 16.29
CA GLY E 170 21.19 40.73 16.24
C GLY E 170 19.90 40.26 15.59
N ILE E 171 19.95 39.08 14.99
CA ILE E 171 18.76 38.47 14.39
C ILE E 171 18.01 37.66 15.44
N LYS E 172 16.74 37.97 15.61
CA LYS E 172 15.93 37.35 16.65
C LYS E 172 15.92 35.84 16.51
N VAL E 173 15.46 35.34 15.37
CA VAL E 173 15.39 33.90 15.10
C VAL E 173 16.69 33.23 15.54
N VAL E 174 17.80 33.67 14.93
CA VAL E 174 19.13 33.15 15.19
C VAL E 174 19.43 33.13 16.69
N ASP E 175 19.60 34.30 17.28
CA ASP E 175 20.05 34.42 18.66
C ASP E 175 19.17 33.64 19.66
N LEU E 176 17.86 33.65 19.42
CA LEU E 176 16.87 33.02 20.31
C LEU E 176 16.80 31.51 20.18
N LEU E 177 16.88 31.01 18.94
CA LEU E 177 16.66 29.59 18.59
C LEU E 177 17.91 28.85 18.18
N ALA E 178 18.64 29.42 17.21
CA ALA E 178 19.88 28.80 16.73
C ALA E 178 21.12 29.69 16.93
N PRO E 179 21.44 30.06 18.20
CA PRO E 179 22.54 31.02 18.47
C PRO E 179 23.91 30.56 17.97
N TYR E 180 24.70 31.51 17.50
CA TYR E 180 25.97 31.19 16.86
C TYR E 180 27.09 31.04 17.85
N ALA E 181 27.98 30.09 17.58
CA ALA E 181 29.23 29.95 18.31
C ALA E 181 30.13 31.15 18.01
N ARG E 182 30.84 31.63 19.03
CA ARG E 182 31.87 32.64 18.78
C ARG E 182 33.15 31.89 18.43
N GLY E 183 33.59 32.08 17.19
CA GLY E 183 34.69 31.31 16.64
C GLY E 183 34.18 29.94 16.23
N GLY E 184 32.86 29.82 16.09
CA GLY E 184 32.23 28.56 15.71
C GLY E 184 31.98 28.48 14.21
N LYS E 185 31.36 27.38 13.77
CA LYS E 185 31.04 27.17 12.35
C LYS E 185 29.57 26.83 12.11
N ILE E 186 28.91 27.63 11.28
CA ILE E 186 27.48 27.52 11.05
C ILE E 186 27.15 27.08 9.64
N GLY E 187 26.49 25.94 9.53
CA GLY E 187 26.09 25.40 8.24
C GLY E 187 24.86 26.13 7.79
N LEU E 188 24.97 26.87 6.70
CA LEU E 188 23.86 27.62 6.14
C LEU E 188 23.22 26.82 4.99
N PHE E 189 21.92 26.59 5.09
CA PHE E 189 21.19 25.73 4.15
C PHE E 189 20.12 26.47 3.38
N GLY E 190 19.90 26.05 2.13
CA GLY E 190 18.93 26.69 1.25
C GLY E 190 19.51 27.29 -0.02
N GLY E 191 18.78 27.16 -1.12
CA GLY E 191 19.23 27.67 -2.41
C GLY E 191 18.84 29.13 -2.60
N ALA E 192 18.17 29.39 -3.70
CA ALA E 192 17.70 30.73 -4.04
C ALA E 192 16.26 30.95 -3.58
N GLY E 193 15.74 32.15 -3.83
CA GLY E 193 14.36 32.50 -3.48
C GLY E 193 14.15 32.67 -1.98
N VAL E 194 15.25 32.70 -1.24
CA VAL E 194 15.18 32.73 0.22
C VAL E 194 16.05 33.85 0.84
N GLY E 195 16.52 34.75 -0.02
CA GLY E 195 17.22 35.96 0.41
C GLY E 195 18.55 35.71 1.10
N LYS E 196 19.17 34.59 0.72
CA LYS E 196 20.43 34.15 1.28
C LYS E 196 21.46 35.30 1.37
N THR E 197 21.66 35.99 0.26
CA THR E 197 22.70 37.03 0.18
C THR E 197 22.36 38.25 1.01
N VAL E 198 21.07 38.60 1.05
CA VAL E 198 20.60 39.68 1.91
C VAL E 198 20.92 39.37 3.37
N PHE E 199 20.56 38.15 3.79
CA PHE E 199 20.84 37.65 5.12
C PHE E 199 22.34 37.62 5.45
N ILE E 200 23.15 37.16 4.50
CA ILE E 200 24.61 37.19 4.63
C ILE E 200 25.08 38.62 4.86
N GLN E 201 24.68 39.52 3.99
CA GLN E 201 24.99 40.95 4.14
C GLN E 201 24.57 41.52 5.50
N GLU E 202 23.41 41.09 5.98
CA GLU E 202 22.92 41.50 7.29
C GLU E 202 23.93 41.16 8.38
N LEU E 203 24.43 39.93 8.35
CA LEU E 203 25.42 39.48 9.33
C LEU E 203 26.74 40.22 9.21
N ILE E 204 27.16 40.51 7.98
CA ILE E 204 28.39 41.28 7.73
C ILE E 204 28.23 42.65 8.34
N ASN E 205 27.07 43.27 8.09
CA ASN E 205 26.74 44.56 8.68
C ASN E 205 26.68 44.49 10.20
N ASN E 206 25.90 43.54 10.72
CA ASN E 206 25.68 43.39 12.16
C ASN E 206 26.90 42.96 12.96
N ILE E 207 27.76 42.15 12.37
CA ILE E 207 29.01 41.80 13.02
C ILE E 207 29.95 42.99 13.06
N ALA E 208 29.87 43.81 12.03
CA ALA E 208 30.64 45.05 11.97
C ALA E 208 30.09 46.11 12.92
N LYS E 209 28.77 46.31 12.88
CA LYS E 209 28.10 47.37 13.62
C LYS E 209 28.02 47.08 15.12
N ALA E 210 27.49 45.90 15.48
CA ALA E 210 27.29 45.56 16.89
C ALA E 210 28.60 45.19 17.59
N HIS E 211 29.34 44.24 17.03
CA HIS E 211 30.63 43.88 17.60
C HIS E 211 31.69 44.92 17.22
N GLY E 212 32.09 44.91 15.95
CA GLY E 212 33.19 45.74 15.47
C GLY E 212 34.29 44.91 14.84
N GLY E 213 33.89 43.99 13.97
CA GLY E 213 34.82 43.14 13.25
C GLY E 213 34.40 43.02 11.80
N PHE E 214 35.38 42.83 10.91
CA PHE E 214 35.10 42.74 9.48
C PHE E 214 34.61 41.36 9.04
N SER E 215 34.34 41.23 7.74
CA SER E 215 33.92 39.95 7.15
C SER E 215 34.66 39.67 5.83
N VAL E 216 34.88 38.39 5.55
CA VAL E 216 35.51 37.96 4.31
C VAL E 216 34.58 36.99 3.66
N PHE E 217 34.08 37.34 2.49
CA PHE E 217 33.23 36.44 1.75
C PHE E 217 34.04 35.69 0.69
N THR E 218 34.07 34.36 0.81
CA THR E 218 34.80 33.55 -0.13
C THR E 218 33.85 32.77 -1.02
N GLY E 219 34.05 32.93 -2.33
CA GLY E 219 33.29 32.21 -3.35
C GLY E 219 34.02 30.99 -3.92
N VAL E 220 33.70 29.83 -3.38
CA VAL E 220 34.34 28.58 -3.76
C VAL E 220 33.49 27.82 -4.78
N GLY E 221 33.96 27.73 -6.03
CA GLY E 221 33.21 27.06 -7.10
C GLY E 221 32.09 27.94 -7.59
N GLU E 222 32.26 29.23 -7.34
CA GLU E 222 31.35 30.28 -7.78
C GLU E 222 30.77 30.06 -9.19
N ARG E 223 29.47 30.27 -9.32
CA ARG E 223 28.88 30.63 -10.61
C ARG E 223 29.15 32.11 -10.81
N THR E 224 29.84 32.44 -11.91
CA THR E 224 30.30 33.81 -12.16
C THR E 224 29.16 34.82 -12.20
N ARG E 225 28.05 34.46 -12.85
CA ARG E 225 26.86 35.30 -12.81
C ARG E 225 26.64 35.83 -11.40
N GLU E 226 26.52 34.93 -10.42
CA GLU E 226 26.28 35.29 -9.02
C GLU E 226 27.38 36.11 -8.35
N GLY E 227 28.61 36.00 -8.85
CA GLY E 227 29.70 36.87 -8.41
C GLY E 227 29.48 38.31 -8.85
N ASN E 228 28.96 38.48 -10.06
CA ASN E 228 28.64 39.79 -10.60
C ASN E 228 27.43 40.38 -9.88
N ASP E 229 26.51 39.51 -9.51
CA ASP E 229 25.32 39.93 -8.78
C ASP E 229 25.75 40.36 -7.40
N LEU E 230 26.32 39.42 -6.65
CA LEU E 230 26.77 39.70 -5.32
C LEU E 230 27.50 41.03 -5.29
N TYR E 231 28.58 41.13 -6.06
CA TYR E 231 29.41 42.34 -6.09
C TYR E 231 28.62 43.62 -6.32
N ARG E 232 27.64 43.55 -7.21
CA ARG E 232 26.81 44.70 -7.46
C ARG E 232 25.87 44.91 -6.29
N GLU E 233 25.21 43.85 -5.86
CA GLU E 233 24.24 43.93 -4.76
C GLU E 233 24.87 44.50 -3.48
N MET E 234 26.13 44.14 -3.25
CA MET E 234 26.88 44.61 -2.10
C MET E 234 27.15 46.10 -2.16
N LYS E 235 27.60 46.58 -3.32
CA LYS E 235 27.73 48.00 -3.57
C LYS E 235 26.39 48.69 -3.38
N GLU E 236 25.34 48.14 -4.01
CA GLU E 236 23.99 48.68 -3.89
C GLU E 236 23.50 48.76 -2.44
N THR E 237 23.93 47.81 -1.62
CA THR E 237 23.57 47.80 -0.20
C THR E 237 24.57 48.57 0.64
N GLY E 238 25.67 48.95 0.02
CA GLY E 238 26.69 49.78 0.65
C GLY E 238 27.45 49.13 1.79
N VAL E 239 27.51 47.79 1.80
CA VAL E 239 28.41 47.08 2.71
C VAL E 239 29.81 47.22 2.13
N ILE E 240 29.85 47.32 0.80
CA ILE E 240 31.01 47.79 0.04
C ILE E 240 30.77 49.27 -0.22
N ASN E 241 31.82 50.06 0.00
CA ASN E 241 31.77 51.49 -0.20
C ASN E 241 33.02 51.98 -0.91
N LEU E 242 32.95 52.01 -2.23
CA LEU E 242 34.06 52.43 -3.07
C LEU E 242 34.59 53.80 -2.62
N GLU E 243 33.67 54.67 -2.22
CA GLU E 243 34.02 56.03 -1.82
C GLU E 243 34.46 56.15 -0.35
N GLY E 244 33.68 55.55 0.55
CA GLY E 244 34.01 55.47 1.98
C GLY E 244 34.70 54.17 2.32
N GLU E 245 34.15 53.41 3.27
CA GLU E 245 34.78 52.17 3.74
C GLU E 245 33.90 50.95 3.57
N SER E 246 34.54 49.83 3.24
CA SER E 246 33.86 48.53 3.17
C SER E 246 33.92 47.81 4.52
N LYS E 247 33.10 46.77 4.64
CA LYS E 247 33.08 45.91 5.83
C LYS E 247 33.50 44.49 5.46
N VAL E 248 33.77 44.26 4.18
CA VAL E 248 33.94 42.90 3.65
C VAL E 248 34.96 42.82 2.50
N ALA E 249 35.84 41.82 2.58
CA ALA E 249 36.77 41.54 1.50
C ALA E 249 36.25 40.35 0.70
N LEU E 250 36.36 40.45 -0.63
CA LEU E 250 35.80 39.43 -1.50
C LEU E 250 36.87 38.61 -2.21
N VAL E 251 36.81 37.29 -2.02
CA VAL E 251 37.78 36.37 -2.60
C VAL E 251 37.05 35.32 -3.42
N PHE E 252 37.03 35.51 -4.73
CA PHE E 252 36.30 34.60 -5.61
C PHE E 252 37.18 33.56 -6.30
N GLY E 253 36.62 32.36 -6.44
CA GLY E 253 37.27 31.25 -7.14
C GLY E 253 36.26 30.41 -7.91
N GLN E 254 35.91 30.88 -9.11
CA GLN E 254 34.76 30.37 -9.84
C GLN E 254 34.95 29.00 -10.48
N MET E 255 33.83 28.41 -10.93
CA MET E 255 33.75 27.09 -11.58
C MET E 255 34.71 26.86 -12.71
N ASN E 256 34.78 27.83 -13.61
CA ASN E 256 35.64 27.78 -14.78
C ASN E 256 37.13 27.60 -14.45
N GLU E 257 37.57 28.08 -13.29
CA GLU E 257 38.94 27.88 -12.80
C GLU E 257 39.27 26.38 -12.56
N PRO E 258 40.54 25.98 -12.75
CA PRO E 258 40.89 24.57 -12.67
C PRO E 258 41.04 24.04 -11.22
N PRO E 259 40.98 22.70 -11.02
CA PRO E 259 40.73 22.10 -9.70
C PRO E 259 41.61 22.59 -8.56
N GLY E 260 42.87 22.91 -8.87
CA GLY E 260 43.84 23.46 -7.90
C GLY E 260 43.38 24.79 -7.34
N ALA E 261 43.00 25.69 -8.25
CA ALA E 261 42.44 26.99 -7.90
C ALA E 261 41.29 26.84 -6.92
N ARG E 262 40.31 26.03 -7.31
CA ARG E 262 39.10 25.85 -6.52
C ARG E 262 39.35 25.22 -5.17
N ALA E 263 40.43 24.45 -5.04
CA ALA E 263 40.78 23.89 -3.72
C ALA E 263 41.34 24.96 -2.77
N ARG E 264 42.17 25.86 -3.28
CA ARG E 264 42.92 26.76 -2.43
C ARG E 264 42.19 28.02 -2.03
N VAL E 265 41.24 28.48 -2.84
CA VAL E 265 40.55 29.73 -2.53
C VAL E 265 40.03 29.84 -1.11
N ALA E 266 39.48 28.75 -0.58
CA ALA E 266 39.00 28.76 0.80
C ALA E 266 40.12 29.23 1.74
N LEU E 267 41.32 28.71 1.55
CA LEU E 267 42.48 29.11 2.33
C LEU E 267 42.89 30.55 2.03
N THR E 268 42.89 30.89 0.74
CA THR E 268 43.17 32.25 0.29
C THR E 268 42.37 33.24 1.15
N GLY E 269 41.05 33.08 1.17
CA GLY E 269 40.18 33.92 1.99
C GLY E 269 40.44 33.77 3.49
N LEU E 270 40.46 32.54 3.96
CA LEU E 270 40.67 32.26 5.37
C LEU E 270 41.91 32.97 5.92
N THR E 271 43.00 32.90 5.15
CA THR E 271 44.21 33.61 5.50
C THR E 271 43.91 35.07 5.77
N ILE E 272 43.25 35.73 4.82
CA ILE E 272 42.85 37.13 4.99
C ILE E 272 42.08 37.37 6.30
N ALA E 273 41.10 36.51 6.59
CA ALA E 273 40.30 36.64 7.80
C ALA E 273 41.14 36.44 9.07
N GLU E 274 42.10 35.52 9.00
CA GLU E 274 42.97 35.17 10.12
C GLU E 274 43.92 36.29 10.49
N TYR E 275 44.07 37.27 9.60
CA TYR E 275 44.90 38.41 9.89
C TYR E 275 44.17 39.36 10.84
N PHE E 276 42.87 39.52 10.62
CA PHE E 276 42.05 40.42 11.43
C PHE E 276 41.77 39.92 12.85
N ARG E 277 42.04 38.63 13.10
CA ARG E 277 41.87 38.01 14.42
C ARG E 277 43.17 38.03 15.23
N ASP E 278 44.31 38.02 14.52
CA ASP E 278 45.61 37.93 15.16
C ASP E 278 46.31 39.26 15.20
N GLU E 279 46.29 40.00 14.10
CA GLU E 279 46.91 41.31 14.05
C GLU E 279 46.04 42.35 14.74
N GLU E 280 44.75 42.35 14.43
CA GLU E 280 43.85 43.39 14.91
C GLU E 280 42.88 42.88 15.99
N GLY E 281 43.09 41.63 16.41
CA GLY E 281 42.32 40.99 17.47
C GLY E 281 40.81 41.22 17.43
N GLN E 282 40.17 40.78 16.36
CA GLN E 282 38.75 41.04 16.15
C GLN E 282 37.90 39.79 16.18
N ASP E 283 36.59 39.97 16.02
CA ASP E 283 35.65 38.87 15.87
C ASP E 283 35.11 38.87 14.45
N VAL E 284 35.84 38.20 13.56
CA VAL E 284 35.66 38.30 12.11
C VAL E 284 34.70 37.25 11.56
N LEU E 285 33.95 37.63 10.53
CA LEU E 285 33.15 36.67 9.79
C LEU E 285 33.81 36.21 8.50
N LEU E 286 33.97 34.90 8.39
CA LEU E 286 34.48 34.30 7.18
C LEU E 286 33.35 33.49 6.53
N PHE E 287 32.95 33.89 5.33
CA PHE E 287 31.90 33.18 4.61
C PHE E 287 32.48 32.25 3.56
N ILE E 288 31.91 31.07 3.47
CA ILE E 288 32.36 30.09 2.51
C ILE E 288 31.18 29.57 1.71
N ASP E 289 31.18 29.89 0.43
CA ASP E 289 30.13 29.47 -0.46
C ASP E 289 30.78 28.95 -1.73
N ASN E 290 30.79 27.63 -1.92
CA ASN E 290 30.12 26.66 -1.05
C ASN E 290 31.10 25.58 -0.53
N ILE E 291 31.18 25.42 0.79
CA ILE E 291 32.09 24.43 1.41
C ILE E 291 32.05 23.05 0.76
N PHE E 292 30.92 22.67 0.18
CA PHE E 292 30.85 21.41 -0.52
C PHE E 292 31.74 21.40 -1.75
N ARG E 293 31.66 22.45 -2.57
CA ARG E 293 32.44 22.47 -3.82
C ARG E 293 33.92 22.54 -3.57
N PHE E 294 34.30 22.98 -2.38
CA PHE E 294 35.68 22.89 -1.89
C PHE E 294 36.04 21.41 -1.81
N THR E 295 35.20 20.64 -1.12
CA THR E 295 35.31 19.19 -1.08
C THR E 295 35.46 18.63 -2.51
N GLN E 296 34.41 18.72 -3.30
CA GLN E 296 34.44 18.38 -4.72
C GLN E 296 35.79 18.64 -5.39
N ALA E 297 36.28 19.87 -5.27
CA ALA E 297 37.50 20.28 -5.92
C ALA E 297 38.67 19.43 -5.43
N GLY E 298 38.76 19.29 -4.11
CA GLY E 298 39.79 18.48 -3.46
C GLY E 298 39.79 17.05 -3.98
N SER E 299 38.66 16.61 -4.50
CA SER E 299 38.55 15.26 -5.06
C SER E 299 39.20 15.22 -6.41
N GLU E 300 38.92 16.23 -7.21
CA GLU E 300 39.46 16.27 -8.55
C GLU E 300 40.97 16.31 -8.48
N VAL E 301 41.51 17.11 -7.57
CA VAL E 301 42.95 17.22 -7.39
C VAL E 301 43.55 15.84 -7.12
N SER E 302 42.87 15.06 -6.29
CA SER E 302 43.32 13.74 -5.90
C SER E 302 43.35 12.81 -7.08
N ALA E 303 42.33 12.90 -7.93
CA ALA E 303 42.20 12.02 -9.11
C ALA E 303 43.29 12.32 -10.12
N LEU E 304 43.46 13.61 -10.40
CA LEU E 304 44.50 14.08 -11.30
C LEU E 304 45.89 13.74 -10.79
N LEU E 305 46.11 13.86 -9.49
CA LEU E 305 47.36 13.45 -8.88
C LEU E 305 47.53 11.94 -8.91
N GLY E 306 46.52 11.24 -9.42
CA GLY E 306 46.60 9.80 -9.66
C GLY E 306 46.53 8.95 -8.42
N ARG E 307 46.04 9.52 -7.32
CA ARG E 307 45.85 8.77 -6.07
C ARG E 307 44.58 7.90 -6.11
N ILE E 308 44.57 6.77 -5.40
CA ILE E 308 43.37 5.92 -5.36
C ILE E 308 42.19 6.60 -4.63
N PRO E 309 41.02 6.72 -5.32
CA PRO E 309 39.82 7.26 -4.68
C PRO E 309 39.50 6.48 -3.42
N SER E 310 38.96 7.17 -2.41
CA SER E 310 38.43 6.51 -1.23
C SER E 310 37.00 5.96 -1.47
N ALA E 311 36.22 5.85 -0.40
CA ALA E 311 34.84 5.41 -0.45
C ALA E 311 33.99 6.44 -1.17
N VAL E 312 33.12 5.97 -2.07
CA VAL E 312 32.24 6.83 -2.87
C VAL E 312 33.07 7.80 -3.68
N GLY E 313 34.23 7.35 -4.15
CA GLY E 313 35.11 8.17 -4.99
C GLY E 313 35.75 9.41 -4.38
N TYR E 314 35.55 9.67 -3.10
CA TYR E 314 36.17 10.86 -2.50
C TYR E 314 37.69 10.71 -2.36
N GLN E 315 38.37 11.83 -2.14
CA GLN E 315 39.78 11.78 -1.82
C GLN E 315 40.02 10.99 -0.53
N PRO E 316 41.01 10.07 -0.58
CA PRO E 316 41.44 9.37 0.61
C PRO E 316 41.79 10.36 1.74
N THR E 317 42.17 11.58 1.34
CA THR E 317 42.63 12.65 2.26
C THR E 317 41.51 13.47 2.94
N LEU E 318 40.27 13.22 2.51
CA LEU E 318 39.05 14.01 2.82
C LEU E 318 38.91 14.55 4.25
N ALA E 319 39.06 13.70 5.26
CA ALA E 319 39.02 14.14 6.67
C ALA E 319 40.06 15.22 7.01
N THR E 320 41.35 14.87 6.92
CA THR E 320 42.44 15.81 7.20
C THR E 320 42.37 17.09 6.37
N ASP E 321 41.89 16.98 5.13
CA ASP E 321 41.75 18.14 4.25
C ASP E 321 40.79 19.15 4.86
N MET E 322 39.66 18.66 5.35
CA MET E 322 38.68 19.46 6.07
C MET E 322 39.32 20.02 7.33
N GLY E 323 39.97 19.13 8.09
CA GLY E 323 40.60 19.49 9.35
C GLY E 323 41.50 20.69 9.18
N LEU E 324 42.50 20.55 8.32
CA LEU E 324 43.41 21.65 8.00
C LEU E 324 42.69 22.97 7.78
N LEU E 325 41.59 22.95 7.03
CA LEU E 325 40.78 24.14 6.82
C LEU E 325 40.07 24.61 8.10
N GLN E 326 39.17 23.77 8.59
CA GLN E 326 38.32 24.10 9.71
C GLN E 326 39.06 24.45 10.97
N GLU E 327 40.19 23.80 11.22
CA GLU E 327 40.92 23.97 12.47
C GLU E 327 41.61 25.34 12.61
N ARG E 328 41.69 26.09 11.51
CA ARG E 328 42.17 27.46 11.57
C ARG E 328 41.02 28.42 11.88
N ILE E 329 39.78 27.96 11.68
CA ILE E 329 38.59 28.76 11.95
C ILE E 329 38.16 28.53 13.37
N THR E 330 38.47 29.47 14.25
CA THR E 330 38.29 29.24 15.67
C THR E 330 38.62 30.48 16.50
N THR E 331 38.30 30.41 17.80
CA THR E 331 38.64 31.46 18.78
C THR E 331 40.09 31.33 19.25
N THR E 332 40.80 32.46 19.28
CA THR E 332 42.07 32.56 20.03
C THR E 332 41.90 33.56 21.18
N LYS E 333 42.95 33.71 21.98
CA LYS E 333 42.91 34.70 23.08
C LYS E 333 42.89 36.12 22.50
N LYS E 334 43.43 36.26 21.28
CA LYS E 334 43.48 37.54 20.59
C LYS E 334 42.11 37.93 20.08
N GLY E 335 41.39 36.96 19.52
CA GLY E 335 40.06 37.19 18.94
C GLY E 335 39.39 35.91 18.43
N SER E 336 38.57 36.04 17.40
CA SER E 336 37.82 34.91 16.89
C SER E 336 37.46 35.05 15.41
N VAL E 337 37.45 33.92 14.72
CA VAL E 337 36.89 33.86 13.38
C VAL E 337 35.69 32.92 13.43
N THR E 338 34.52 33.47 13.19
CA THR E 338 33.32 32.66 13.04
C THR E 338 33.01 32.50 11.55
N SER E 339 32.55 31.31 11.18
CA SER E 339 32.28 31.04 9.78
C SER E 339 30.85 30.62 9.47
N VAL E 340 30.30 31.22 8.43
CA VAL E 340 29.04 30.76 7.88
C VAL E 340 29.31 30.15 6.51
N GLN E 341 29.00 28.86 6.40
CA GLN E 341 29.38 28.07 5.25
C GLN E 341 28.15 27.45 4.60
N ALA E 342 27.91 27.83 3.34
CA ALA E 342 26.82 27.26 2.57
C ALA E 342 27.09 25.78 2.37
N VAL E 343 26.10 24.94 2.66
CA VAL E 343 26.26 23.51 2.54
C VAL E 343 25.24 22.90 1.62
N TYR E 344 25.73 22.39 0.50
CA TYR E 344 24.95 21.58 -0.43
C TYR E 344 25.06 20.12 0.03
N VAL E 345 23.99 19.37 -0.19
CA VAL E 345 23.91 17.99 0.26
C VAL E 345 23.66 17.08 -0.95
N PRO E 346 24.69 16.31 -1.35
CA PRO E 346 24.64 15.46 -2.55
C PRO E 346 23.56 14.39 -2.51
N ALA E 347 22.74 14.35 -3.54
CA ALA E 347 21.60 13.43 -3.67
C ALA E 347 20.61 13.40 -2.48
N ASP E 348 20.62 14.49 -1.70
CA ASP E 348 19.82 14.63 -0.49
C ASP E 348 20.17 13.56 0.52
N ASP E 349 21.45 13.25 0.63
CA ASP E 349 21.91 12.14 1.45
C ASP E 349 22.85 12.62 2.56
N LEU E 350 22.30 12.80 3.75
CA LEU E 350 23.11 13.25 4.88
C LEU E 350 24.22 12.28 5.29
N THR E 351 24.18 11.06 4.74
CA THR E 351 25.21 10.05 5.02
C THR E 351 26.34 9.98 3.98
N ASP E 352 26.23 10.75 2.91
CA ASP E 352 27.29 10.84 1.92
C ASP E 352 28.53 11.39 2.63
N PRO E 353 29.72 10.79 2.36
CA PRO E 353 30.96 11.26 2.97
C PRO E 353 31.04 12.79 3.14
N ALA E 354 30.82 13.56 2.06
CA ALA E 354 30.96 15.02 2.11
C ALA E 354 30.24 15.70 3.29
N PRO E 355 28.88 15.64 3.33
CA PRO E 355 28.21 16.33 4.45
C PRO E 355 28.55 15.68 5.79
N ALA E 356 28.43 14.36 5.86
CA ALA E 356 28.92 13.58 6.97
C ALA E 356 30.15 14.26 7.58
N THR E 357 31.22 14.37 6.79
CA THR E 357 32.52 14.83 7.28
C THR E 357 32.46 16.30 7.64
N THR E 358 31.50 17.00 7.05
CA THR E 358 31.41 18.41 7.28
C THR E 358 30.70 18.68 8.58
N PHE E 359 29.52 18.08 8.74
CA PHE E 359 28.78 18.21 9.97
C PHE E 359 29.69 17.97 11.17
N ALA E 360 30.73 17.17 10.98
CA ALA E 360 31.68 16.87 12.04
C ALA E 360 32.32 18.14 12.62
N HIS E 361 32.18 19.27 11.92
CA HIS E 361 32.77 20.52 12.38
C HIS E 361 31.77 21.63 12.69
N LEU E 362 30.55 21.51 12.18
CA LEU E 362 29.52 22.52 12.38
C LEU E 362 29.08 22.51 13.83
N ASP E 363 28.66 23.67 14.34
CA ASP E 363 28.18 23.81 15.72
C ASP E 363 26.72 24.28 15.76
N ALA E 364 26.25 24.77 14.60
CA ALA E 364 24.89 25.28 14.41
C ALA E 364 24.54 25.29 12.92
N THR E 365 23.33 24.85 12.59
CA THR E 365 22.83 24.97 11.23
C THR E 365 21.84 26.12 11.19
N THR E 366 21.89 26.91 10.12
CA THR E 366 20.83 27.88 9.86
C THR E 366 20.19 27.53 8.53
N VAL E 367 18.96 27.04 8.63
CA VAL E 367 18.20 26.59 7.47
C VAL E 367 17.13 27.62 7.15
N LEU E 368 17.35 28.35 6.05
CA LEU E 368 16.32 29.20 5.49
C LEU E 368 15.41 28.26 4.69
N SER E 369 14.15 28.66 4.50
CA SER E 369 13.16 27.78 3.88
C SER E 369 12.15 28.48 2.98
N ARG E 370 11.78 27.80 1.89
CA ARG E 370 10.79 28.29 0.94
C ARG E 370 9.42 28.44 1.59
N GLY E 371 9.06 27.47 2.40
CA GLY E 371 7.82 27.52 3.17
C GLY E 371 7.72 28.77 4.04
N ILE E 372 8.85 29.20 4.60
CA ILE E 372 8.89 30.34 5.52
C ILE E 372 8.80 31.69 4.80
N SER E 373 9.41 31.77 3.62
CA SER E 373 9.35 32.99 2.81
C SER E 373 7.95 33.17 2.24
N GLU E 374 7.36 32.05 1.80
CA GLU E 374 6.02 32.04 1.24
C GLU E 374 4.98 32.52 2.24
N LEU E 375 5.18 32.22 3.51
CA LEU E 375 4.30 32.73 4.58
C LEU E 375 4.60 34.21 4.89
N GLY E 376 5.50 34.82 4.12
CA GLY E 376 5.82 36.25 4.25
C GLY E 376 6.85 36.58 5.31
N ILE E 377 7.33 35.55 6.01
CA ILE E 377 8.26 35.72 7.13
C ILE E 377 9.70 35.97 6.63
N TYR E 378 10.28 37.08 7.08
CA TYR E 378 11.64 37.48 6.68
C TYR E 378 12.47 37.98 7.85
N PRO E 379 13.67 37.39 8.08
CA PRO E 379 14.34 36.36 7.28
C PRO E 379 13.55 35.07 7.19
N ALA E 380 13.81 34.30 6.13
CA ALA E 380 13.09 33.06 5.85
C ALA E 380 13.66 31.84 6.58
N VAL E 381 14.39 32.10 7.67
CA VAL E 381 14.88 31.08 8.60
C VAL E 381 13.72 30.19 9.06
N ASP E 382 13.90 28.87 8.96
CA ASP E 382 12.97 27.97 9.62
C ASP E 382 13.28 27.89 11.12
N PRO E 383 12.31 28.29 11.95
CA PRO E 383 12.50 28.36 13.40
C PRO E 383 12.70 26.98 14.00
N LEU E 384 12.12 25.96 13.38
CA LEU E 384 12.15 24.60 13.89
C LEU E 384 13.39 23.80 13.46
N ASP E 385 13.81 23.97 12.21
CA ASP E 385 14.94 23.21 11.67
C ASP E 385 16.31 23.75 12.08
N SER E 386 16.50 25.05 11.89
CA SER E 386 17.75 25.71 12.27
C SER E 386 18.07 25.46 13.75
N LYS E 387 18.93 24.46 13.99
CA LYS E 387 19.30 24.05 15.35
C LYS E 387 20.74 24.37 15.69
N SER E 388 20.95 24.91 16.89
CA SER E 388 22.29 25.21 17.39
C SER E 388 22.69 24.27 18.51
N ARG E 389 23.88 23.70 18.37
CA ARG E 389 24.39 22.77 19.37
C ARG E 389 25.07 23.57 20.49
N LEU E 390 24.77 24.86 20.54
CA LEU E 390 25.24 25.73 21.62
C LEU E 390 24.07 26.32 22.41
N LEU E 391 22.86 25.82 22.13
CA LEU E 391 21.66 26.15 22.90
C LEU E 391 21.46 25.14 24.03
N ASP E 392 22.34 25.21 25.01
CA ASP E 392 22.25 24.44 26.24
C ASP E 392 22.11 25.41 27.39
N ALA E 393 21.27 25.05 28.36
CA ALA E 393 21.05 25.85 29.56
C ALA E 393 22.36 26.30 30.21
N ALA E 394 23.27 25.35 30.45
CA ALA E 394 24.54 25.64 31.11
C ALA E 394 25.48 26.63 30.37
N VAL E 395 25.21 26.90 29.10
CA VAL E 395 26.09 27.77 28.29
C VAL E 395 25.41 29.03 27.69
N VAL E 396 24.09 29.03 27.56
CA VAL E 396 23.34 30.25 27.23
C VAL E 396 22.64 30.85 28.45
N GLY E 397 22.74 30.17 29.58
CA GLY E 397 22.01 30.56 30.79
C GLY E 397 20.61 29.95 30.79
N GLN E 398 20.03 29.88 31.98
CA GLN E 398 18.72 29.25 32.16
C GLN E 398 17.59 29.98 31.43
N GLU E 399 17.44 31.27 31.73
CA GLU E 399 16.36 32.09 31.19
C GLU E 399 16.32 32.10 29.67
N HIS E 400 17.49 32.25 29.05
CA HIS E 400 17.58 32.14 27.60
C HIS E 400 17.03 30.78 27.18
N TYR E 401 17.61 29.72 27.73
CA TYR E 401 17.26 28.35 27.38
C TYR E 401 15.76 28.04 27.52
N ASP E 402 15.25 28.13 28.75
CA ASP E 402 13.85 27.83 29.03
C ASP E 402 12.91 28.49 28.04
N VAL E 403 13.16 29.77 27.76
CA VAL E 403 12.37 30.52 26.80
C VAL E 403 12.35 29.79 25.46
N ALA E 404 13.52 29.65 24.84
CA ALA E 404 13.69 29.01 23.53
C ALA E 404 13.04 27.64 23.45
N SER E 405 13.29 26.82 24.48
CA SER E 405 12.69 25.50 24.59
C SER E 405 11.17 25.57 24.44
N LYS E 406 10.54 26.37 25.30
CA LYS E 406 9.09 26.57 25.29
C LYS E 406 8.60 27.20 23.98
N VAL E 407 9.42 28.06 23.39
CA VAL E 407 9.12 28.68 22.10
C VAL E 407 8.99 27.61 21.01
N GLN E 408 9.99 26.73 20.92
CA GLN E 408 9.97 25.61 19.97
C GLN E 408 8.79 24.71 20.24
N GLU E 409 8.57 24.45 21.53
CA GLU E 409 7.49 23.60 22.01
C GLU E 409 6.13 24.21 21.63
N THR E 410 5.99 25.52 21.83
CA THR E 410 4.80 26.26 21.42
C THR E 410 4.58 26.04 19.92
N LEU E 411 5.62 26.30 19.13
CA LEU E 411 5.55 26.16 17.68
C LEU E 411 5.35 24.73 17.23
N GLN E 412 5.81 23.79 18.05
CA GLN E 412 5.64 22.38 17.74
C GLN E 412 4.16 22.01 17.76
N THR E 413 3.52 22.23 18.91
CA THR E 413 2.07 21.99 19.06
C THR E 413 1.24 22.70 17.98
N TYR E 414 1.63 23.91 17.61
CA TYR E 414 0.97 24.62 16.52
C TYR E 414 1.14 23.87 15.20
N LYS E 415 2.37 23.46 14.89
CA LYS E 415 2.68 22.80 13.62
C LYS E 415 1.79 21.58 13.38
N SER E 416 1.57 20.80 14.44
CA SER E 416 0.78 19.58 14.33
C SER E 416 -0.71 19.86 14.28
N LEU E 417 -1.13 21.05 14.73
CA LEU E 417 -2.54 21.42 14.73
C LEU E 417 -3.00 22.03 13.41
N GLN E 418 -2.04 22.42 12.56
CA GLN E 418 -2.30 23.00 11.24
C GLN E 418 -3.33 22.20 10.43
N ASP E 419 -3.37 20.88 10.66
CA ASP E 419 -4.15 19.94 9.86
C ASP E 419 -5.56 19.68 10.38
N ILE E 420 -5.75 19.71 11.70
CA ILE E 420 -7.08 19.54 12.27
C ILE E 420 -7.90 20.83 12.16
N ILE E 421 -7.20 21.97 12.03
CA ILE E 421 -7.85 23.26 11.78
C ILE E 421 -8.46 23.29 10.37
N ALA E 422 -7.82 22.56 9.44
CA ALA E 422 -8.22 22.55 8.03
C ALA E 422 -9.24 21.45 7.67
N ILE E 423 -9.83 20.83 8.68
CA ILE E 423 -10.91 19.86 8.50
C ILE E 423 -12.14 20.17 9.37
N LEU E 424 -11.91 20.52 10.64
CA LEU E 424 -13.01 20.79 11.58
C LEU E 424 -12.99 22.19 12.20
N GLY E 425 -12.01 23.01 11.83
CA GLY E 425 -11.91 24.38 12.32
C GLY E 425 -11.39 24.48 13.75
N MET E 426 -11.12 25.72 14.18
CA MET E 426 -10.67 25.99 15.54
C MET E 426 -11.76 25.82 16.59
N ASP E 427 -12.90 25.30 16.16
CA ASP E 427 -13.95 24.84 17.06
C ASP E 427 -13.57 23.49 17.66
N GLU E 428 -12.41 22.97 17.25
CA GLU E 428 -11.92 21.66 17.67
C GLU E 428 -10.65 21.72 18.53
N LEU E 429 -10.66 22.59 19.53
CA LEU E 429 -9.53 22.79 20.44
C LEU E 429 -9.98 23.06 21.87
N SER E 430 -9.29 22.48 22.84
CA SER E 430 -9.54 22.76 24.25
C SER E 430 -9.09 24.18 24.60
N GLU E 431 -9.39 24.61 25.82
CA GLU E 431 -9.04 25.95 26.30
C GLU E 431 -7.54 26.24 26.18
N GLN E 432 -6.74 25.30 26.69
CA GLN E 432 -5.28 25.41 26.71
C GLN E 432 -4.68 25.38 25.29
N ASP E 433 -5.25 24.55 24.43
CA ASP E 433 -4.74 24.32 23.08
C ASP E 433 -4.92 25.54 22.16
N LYS E 434 -6.14 26.08 22.13
CA LYS E 434 -6.47 27.24 21.29
C LYS E 434 -5.77 28.53 21.76
N LEU E 435 -5.37 28.55 23.04
CA LEU E 435 -4.65 29.67 23.64
C LEU E 435 -3.26 29.84 23.02
N THR E 436 -2.49 28.76 23.03
CA THR E 436 -1.13 28.76 22.49
C THR E 436 -1.12 28.95 20.97
N VAL E 437 -2.13 28.42 20.29
CA VAL E 437 -2.26 28.53 18.82
C VAL E 437 -2.47 29.97 18.36
N GLU E 438 -3.37 30.69 19.03
CA GLU E 438 -3.59 32.11 18.75
C GLU E 438 -2.35 32.91 19.12
N ARG E 439 -1.54 32.36 20.01
CA ARG E 439 -0.31 32.98 20.50
C ARG E 439 0.92 32.66 19.63
N ALA E 440 1.01 31.41 19.18
CA ALA E 440 2.13 30.95 18.35
C ALA E 440 2.23 31.73 17.05
N ARG E 441 1.08 32.18 16.56
CA ARG E 441 1.02 33.02 15.37
C ARG E 441 1.78 34.31 15.62
N LYS E 442 1.54 34.91 16.80
CA LYS E 442 2.22 36.14 17.22
C LYS E 442 3.73 35.95 17.35
N ILE E 443 4.11 34.74 17.74
CA ILE E 443 5.51 34.37 17.93
C ILE E 443 6.20 34.13 16.57
N GLN E 444 5.52 33.37 15.71
CA GLN E 444 5.96 33.12 14.34
C GLN E 444 5.98 34.41 13.53
N ARG E 445 5.25 35.42 14.00
CA ARG E 445 5.25 36.75 13.40
C ARG E 445 6.32 37.67 14.00
N PHE E 446 6.68 37.41 15.26
CA PHE E 446 7.68 38.25 15.91
C PHE E 446 9.10 37.84 15.53
N LEU E 447 9.24 36.62 15.00
CA LEU E 447 10.54 36.11 14.54
C LEU E 447 11.06 36.83 13.30
N SER E 448 10.13 37.24 12.42
CA SER E 448 10.46 38.07 11.27
C SER E 448 10.99 39.41 11.73
N GLN E 449 11.94 39.96 10.98
CA GLN E 449 12.66 41.14 11.39
C GLN E 449 13.13 41.93 10.17
N PRO E 450 12.84 43.25 10.13
CA PRO E 450 13.29 44.09 9.01
C PRO E 450 14.79 44.37 9.10
N PHE E 451 15.48 44.23 7.97
CA PHE E 451 16.93 44.34 7.92
C PHE E 451 17.43 45.73 7.53
N ALA E 452 18.61 46.09 8.02
CA ALA E 452 19.22 47.38 7.69
C ALA E 452 19.74 47.41 6.25
N VAL E 453 20.28 46.27 5.80
CA VAL E 453 20.82 46.11 4.43
C VAL E 453 19.74 46.05 3.35
N ALA E 454 18.55 45.59 3.73
CA ALA E 454 17.42 45.49 2.83
C ALA E 454 16.67 46.83 2.74
N GLU E 455 17.22 47.87 3.38
CA GLU E 455 16.57 49.18 3.42
C GLU E 455 16.50 49.85 2.04
N VAL E 456 17.55 49.66 1.24
CA VAL E 456 17.56 50.18 -0.15
C VAL E 456 16.54 49.46 -1.04
N PHE E 457 16.28 48.20 -0.75
CA PHE E 457 15.31 47.40 -1.49
C PHE E 457 13.88 47.69 -1.04
N THR E 458 13.68 47.85 0.27
CA THR E 458 12.32 47.98 0.84
C THR E 458 11.97 49.39 1.33
N GLY E 459 12.95 50.13 1.81
CA GLY E 459 12.73 51.48 2.34
C GLY E 459 12.32 51.50 3.80
N ILE E 460 11.95 50.33 4.33
CA ILE E 460 11.56 50.20 5.73
C ILE E 460 12.82 50.21 6.62
N PRO E 461 12.88 51.15 7.61
CA PRO E 461 13.97 51.24 8.59
C PRO E 461 14.24 49.93 9.35
N GLY E 462 15.45 49.40 9.21
CA GLY E 462 15.80 48.08 9.76
C GLY E 462 16.27 48.10 11.19
N LYS E 463 15.98 47.02 11.93
CA LYS E 463 16.34 46.94 13.35
C LYS E 463 17.29 45.80 13.69
N LEU E 464 18.36 46.13 14.42
CA LEU E 464 19.24 45.15 15.07
C LEU E 464 18.75 44.95 16.50
N VAL E 465 18.34 43.74 16.82
CA VAL E 465 17.79 43.44 18.14
C VAL E 465 18.87 42.83 19.05
N ARG E 466 19.31 43.60 20.05
CA ARG E 466 20.31 43.13 21.02
C ARG E 466 19.75 41.93 21.79
N LEU E 467 20.57 40.90 21.98
CA LEU E 467 20.09 39.59 22.44
C LEU E 467 19.23 39.60 23.71
N LYS E 468 19.52 40.49 24.65
CA LYS E 468 18.67 40.63 25.84
C LYS E 468 17.22 41.00 25.50
N ASP E 469 17.04 41.79 24.44
CA ASP E 469 15.71 42.13 23.91
C ASP E 469 15.03 40.85 23.46
N THR E 470 15.73 40.10 22.61
CA THR E 470 15.25 38.82 22.07
C THR E 470 14.77 37.88 23.17
N VAL E 471 15.48 37.87 24.30
CA VAL E 471 15.11 37.09 25.48
C VAL E 471 13.82 37.63 26.12
N ALA E 472 13.91 38.82 26.69
CA ALA E 472 12.80 39.42 27.45
C ALA E 472 11.55 39.65 26.60
N SER E 473 11.73 39.99 25.33
CA SER E 473 10.61 40.18 24.42
C SER E 473 9.79 38.88 24.33
N PHE E 474 10.45 37.82 23.88
CA PHE E 474 9.81 36.52 23.75
C PHE E 474 9.38 35.93 25.09
N LYS E 475 10.04 36.36 26.17
CA LYS E 475 9.64 35.96 27.52
C LYS E 475 8.23 36.46 27.83
N ALA E 476 8.05 37.77 27.71
CA ALA E 476 6.79 38.44 28.04
C ALA E 476 5.61 37.96 27.19
N VAL E 477 5.89 37.48 25.99
CA VAL E 477 4.84 36.96 25.10
C VAL E 477 4.36 35.58 25.56
N LEU E 478 5.30 34.74 25.99
CA LEU E 478 5.01 33.35 26.39
C LEU E 478 4.07 33.24 27.59
N GLU E 479 4.18 34.20 28.52
CA GLU E 479 3.35 34.22 29.73
C GLU E 479 1.93 34.69 29.42
N GLY E 480 1.77 35.38 28.30
CA GLY E 480 0.52 35.99 27.91
C GLY E 480 0.41 37.40 28.46
N LYS E 481 1.33 38.26 28.04
CA LYS E 481 1.30 39.66 28.45
C LYS E 481 0.93 40.58 27.30
N TYR E 482 0.81 40.00 26.10
CA TYR E 482 0.47 40.77 24.91
C TYR E 482 -0.58 40.04 24.07
N ASP E 483 -1.70 39.69 24.69
CA ASP E 483 -2.76 38.92 24.05
C ASP E 483 -3.83 39.81 23.45
N ASN E 484 -4.16 40.89 24.16
CA ASN E 484 -5.09 41.91 23.68
C ASN E 484 -4.51 42.68 22.49
N ILE E 485 -3.19 42.63 22.35
CA ILE E 485 -2.48 43.22 21.22
C ILE E 485 -2.66 42.34 19.99
N PRO E 486 -3.15 42.91 18.87
CA PRO E 486 -3.36 42.18 17.61
C PRO E 486 -2.05 41.66 16.99
N GLU E 487 -2.17 40.93 15.88
CA GLU E 487 -1.04 40.18 15.31
C GLU E 487 -0.11 40.95 14.35
N HIS E 488 -0.63 41.98 13.69
CA HIS E 488 0.16 42.75 12.73
C HIS E 488 1.10 43.79 13.37
N ALA E 489 1.07 43.87 14.69
CA ALA E 489 2.01 44.69 15.43
C ALA E 489 3.36 43.97 15.53
N PHE E 490 3.31 42.68 15.90
CA PHE E 490 4.49 41.84 16.07
C PHE E 490 5.25 41.56 14.77
N TYR E 491 4.58 41.74 13.64
CA TYR E 491 5.14 41.49 12.32
C TYR E 491 6.02 42.63 11.83
N MET E 492 7.27 42.31 11.49
CA MET E 492 8.28 43.27 10.99
C MET E 492 8.58 44.42 11.96
N VAL E 493 9.11 44.11 13.13
CA VAL E 493 9.48 45.16 14.10
C VAL E 493 10.79 44.86 14.84
N GLY E 494 11.26 45.83 15.60
CA GLY E 494 12.44 45.67 16.44
C GLY E 494 12.20 44.78 17.65
N GLY E 495 12.34 45.36 18.85
CA GLY E 495 12.09 44.64 20.09
C GLY E 495 10.61 44.66 20.44
N ILE E 496 10.32 44.50 21.73
CA ILE E 496 8.93 44.50 22.19
C ILE E 496 8.35 45.90 22.27
N GLU E 497 9.21 46.91 22.45
CA GLU E 497 8.76 48.30 22.49
C GLU E 497 8.44 48.87 21.11
N ASP E 498 8.84 48.15 20.06
CA ASP E 498 8.48 48.50 18.69
C ASP E 498 7.14 47.89 18.30
N VAL E 499 6.73 46.84 19.03
CA VAL E 499 5.38 46.29 18.94
C VAL E 499 4.40 47.25 19.61
N VAL E 500 4.79 47.77 20.78
CA VAL E 500 4.01 48.71 21.59
C VAL E 500 3.67 50.00 20.84
N ALA E 501 4.70 50.62 20.26
CA ALA E 501 4.54 51.83 19.46
C ALA E 501 3.80 51.60 18.12
N LYS E 502 4.00 50.43 17.50
CA LYS E 502 3.35 50.12 16.22
C LYS E 502 1.87 49.78 16.38
N ALA E 503 1.52 49.13 17.48
CA ALA E 503 0.12 48.78 17.79
C ALA E 503 -0.75 50.01 18.17
N GLU E 504 -0.08 51.10 18.56
CA GLU E 504 -0.77 52.37 18.87
C GLU E 504 -1.09 53.17 17.60
N LYS E 505 -0.26 52.99 16.57
CA LYS E 505 -0.60 53.40 15.22
C LYS E 505 -1.83 52.62 14.78
N LEU E 506 -1.73 51.29 14.93
CA LEU E 506 -2.77 50.36 14.46
C LEU E 506 -4.07 50.42 15.28
N ALA E 507 -3.98 50.87 16.53
CA ALA E 507 -5.18 51.11 17.34
C ALA E 507 -5.94 52.33 16.81
N ALA E 508 -5.78 53.49 17.46
CA ALA E 508 -6.33 54.74 16.96
C ALA E 508 -5.44 55.28 15.83
N GLU E 509 -5.42 54.74 14.72
N THR F 40 75.31 -29.67 6.31
CA THR F 40 75.40 -28.59 7.36
C THR F 40 74.24 -27.59 7.21
N PRO F 41 74.19 -26.54 8.06
CA PRO F 41 73.04 -25.64 8.05
C PRO F 41 72.97 -24.82 6.76
N ILE F 42 71.75 -24.59 6.26
CA ILE F 42 71.51 -23.72 5.10
C ILE F 42 70.99 -22.35 5.54
N THR F 43 71.80 -21.31 5.35
CA THR F 43 71.46 -19.96 5.83
C THR F 43 71.25 -18.93 4.73
N GLY F 44 70.19 -18.15 4.88
CA GLY F 44 69.86 -17.06 3.97
C GLY F 44 70.11 -15.69 4.57
N LYS F 45 69.79 -14.64 3.82
CA LYS F 45 69.98 -13.27 4.28
C LYS F 45 68.70 -12.50 4.06
N VAL F 46 68.28 -11.73 5.06
CA VAL F 46 67.04 -10.94 4.96
C VAL F 46 67.26 -9.80 3.95
N THR F 47 66.59 -9.88 2.80
CA THR F 47 66.70 -8.82 1.81
C THR F 47 65.59 -7.79 1.93
N ALA F 48 64.39 -8.21 2.36
CA ALA F 48 63.23 -7.30 2.42
C ALA F 48 62.17 -7.62 3.50
N VAL F 49 61.70 -6.56 4.15
CA VAL F 49 60.59 -6.66 5.10
C VAL F 49 59.51 -5.66 4.73
N ILE F 50 58.30 -6.17 4.55
CA ILE F 50 57.12 -5.37 4.30
C ILE F 50 56.09 -6.11 5.13
N GLY F 51 55.48 -5.41 6.08
CA GLY F 51 54.50 -6.06 6.95
C GLY F 51 54.83 -7.46 7.45
N ALA F 52 54.02 -8.45 7.05
CA ALA F 52 54.19 -9.81 7.54
C ALA F 52 55.05 -10.61 6.58
N ILE F 53 55.51 -9.94 5.53
CA ILE F 53 56.28 -10.58 4.48
C ILE F 53 57.78 -10.32 4.69
N VAL F 54 58.57 -11.38 4.60
CA VAL F 54 60.01 -11.27 4.60
C VAL F 54 60.57 -11.95 3.35
N ASP F 55 61.53 -11.28 2.71
CA ASP F 55 62.24 -11.81 1.55
C ASP F 55 63.64 -12.21 1.96
N VAL F 56 63.98 -13.45 1.62
CA VAL F 56 65.26 -14.01 2.04
C VAL F 56 66.05 -14.46 0.80
N HIS F 57 67.31 -14.04 0.76
CA HIS F 57 68.21 -14.46 -0.30
C HIS F 57 69.11 -15.57 0.19
N PHE F 58 69.23 -16.61 -0.62
CA PHE F 58 70.08 -17.75 -0.32
C PHE F 58 71.26 -17.82 -1.26
N GLU F 59 72.44 -17.89 -0.65
CA GLU F 59 73.75 -17.90 -1.34
C GLU F 59 73.85 -18.77 -2.58
N GLN F 60 73.51 -20.05 -2.43
CA GLN F 60 73.81 -21.02 -3.47
C GLN F 60 72.71 -22.02 -3.73
N SER F 61 72.48 -22.24 -5.03
CA SER F 61 71.67 -23.33 -5.62
C SER F 61 70.45 -23.84 -4.82
N GLU F 62 70.69 -24.49 -3.69
CA GLU F 62 69.65 -25.20 -2.94
C GLU F 62 68.74 -24.26 -2.16
N LEU F 63 67.66 -23.88 -2.84
CA LEU F 63 66.65 -23.02 -2.27
C LEU F 63 65.66 -23.85 -1.49
N PRO F 64 65.36 -23.42 -0.24
CA PRO F 64 64.30 -24.02 0.57
C PRO F 64 63.04 -24.23 -0.25
N ALA F 65 62.39 -25.38 -0.07
CA ALA F 65 61.15 -25.69 -0.77
C ALA F 65 60.01 -24.77 -0.35
N ILE F 66 59.02 -24.62 -1.22
CA ILE F 66 57.83 -23.88 -0.85
C ILE F 66 57.10 -24.63 0.28
N LEU F 67 56.70 -23.85 1.30
CA LEU F 67 55.99 -24.34 2.50
C LEU F 67 56.91 -24.67 3.67
N ASN F 68 58.21 -24.62 3.44
CA ASN F 68 59.19 -24.91 4.47
C ASN F 68 59.27 -23.84 5.54
N ALA F 69 59.66 -24.25 6.74
CA ALA F 69 59.86 -23.31 7.82
C ALA F 69 61.27 -22.71 7.74
N LEU F 70 61.38 -21.43 8.03
CA LEU F 70 62.67 -20.80 8.25
C LEU F 70 62.72 -20.23 9.67
N GLU F 71 63.92 -20.04 10.19
CA GLU F 71 64.07 -19.48 11.52
C GLU F 71 65.06 -18.34 11.55
N ILE F 72 64.67 -17.26 12.21
CA ILE F 72 65.58 -16.18 12.52
C ILE F 72 65.70 -16.12 14.02
N LYS F 73 66.93 -16.16 14.51
CA LYS F 73 67.17 -16.09 15.95
C LYS F 73 66.95 -14.66 16.45
N THR F 74 66.09 -14.52 17.44
CA THR F 74 65.87 -13.23 18.07
C THR F 74 66.54 -13.15 19.44
N PRO F 75 66.63 -11.93 20.01
CA PRO F 75 66.97 -11.86 21.42
C PRO F 75 65.90 -12.57 22.27
N GLN F 76 64.66 -12.56 21.77
CA GLN F 76 63.51 -13.21 22.41
C GLN F 76 63.71 -14.72 22.48
N GLY F 77 63.23 -15.41 21.44
CA GLY F 77 63.43 -16.83 21.25
C GLY F 77 63.88 -17.03 19.82
N LYS F 78 62.92 -17.03 18.91
CA LYS F 78 63.20 -17.21 17.49
C LYS F 78 61.94 -16.79 16.74
N LEU F 79 62.11 -16.37 15.48
CA LEU F 79 60.99 -16.05 14.60
C LEU F 79 60.87 -17.08 13.49
N VAL F 80 59.64 -17.55 13.26
CA VAL F 80 59.43 -18.57 12.25
C VAL F 80 58.97 -17.91 10.94
N LEU F 81 59.22 -18.57 9.81
CA LEU F 81 58.83 -18.06 8.52
C LEU F 81 58.44 -19.20 7.61
N GLU F 82 57.50 -18.94 6.71
CA GLU F 82 57.01 -19.97 5.83
C GLU F 82 57.20 -19.57 4.39
N VAL F 83 58.00 -20.36 3.68
CA VAL F 83 58.35 -20.05 2.31
C VAL F 83 57.10 -20.14 1.46
N ALA F 84 56.63 -18.98 1.04
CA ALA F 84 55.45 -18.86 0.19
C ALA F 84 55.79 -19.06 -1.28
N GLN F 85 56.89 -18.45 -1.75
CA GLN F 85 57.19 -18.51 -3.17
C GLN F 85 58.61 -18.24 -3.53
N HIS F 86 59.02 -18.79 -4.67
CA HIS F 86 60.32 -18.49 -5.25
C HIS F 86 60.20 -17.32 -6.21
N LEU F 87 60.89 -16.24 -5.88
CA LEU F 87 60.82 -15.02 -6.66
C LEU F 87 61.75 -15.07 -7.85
N GLY F 88 62.54 -16.13 -7.95
CA GLY F 88 63.60 -16.16 -8.92
C GLY F 88 64.84 -15.50 -8.37
N GLU F 89 65.98 -15.87 -8.96
CA GLU F 89 67.30 -15.37 -8.57
C GLU F 89 67.65 -15.63 -7.11
N ASN F 90 67.51 -16.90 -6.71
CA ASN F 90 67.85 -17.36 -5.36
C ASN F 90 67.20 -16.58 -4.21
N THR F 91 66.10 -15.90 -4.51
CA THR F 91 65.35 -15.24 -3.45
C THR F 91 64.03 -15.95 -3.27
N VAL F 92 63.67 -16.19 -2.02
CA VAL F 92 62.34 -16.62 -1.71
C VAL F 92 61.66 -15.51 -0.96
N ARG F 93 60.34 -15.60 -0.94
CA ARG F 93 59.48 -14.72 -0.20
C ARG F 93 58.66 -15.55 0.75
N THR F 94 58.75 -15.18 2.02
CA THR F 94 58.12 -15.91 3.08
C THR F 94 57.00 -15.12 3.74
N ILE F 95 56.14 -15.83 4.48
CA ILE F 95 55.21 -15.19 5.40
C ILE F 95 55.70 -15.47 6.81
N ALA F 96 55.86 -14.43 7.62
CA ALA F 96 56.24 -14.61 9.04
C ALA F 96 55.10 -15.27 9.83
N MET F 97 55.44 -16.14 10.79
CA MET F 97 54.46 -16.68 11.74
C MET F 97 54.33 -15.81 12.97
N ASP F 98 55.05 -14.68 12.96
CA ASP F 98 55.01 -13.69 14.04
C ASP F 98 55.38 -12.29 13.56
N GLY F 99 55.45 -11.32 14.49
CA GLY F 99 55.66 -9.91 14.16
C GLY F 99 57.02 -9.70 13.51
N THR F 100 57.13 -8.72 12.63
CA THR F 100 58.40 -8.51 11.95
C THR F 100 59.15 -7.30 12.46
N GLU F 101 58.64 -6.67 13.54
CA GLU F 101 59.33 -5.57 14.27
C GLU F 101 60.77 -5.89 14.54
N GLY F 102 61.65 -4.95 14.20
CA GLY F 102 63.06 -5.08 14.55
C GLY F 102 63.94 -5.86 13.60
N LEU F 103 63.34 -6.59 12.67
CA LEU F 103 64.10 -7.21 11.59
C LEU F 103 64.92 -6.18 10.85
N VAL F 104 66.15 -6.56 10.54
CA VAL F 104 67.11 -5.70 9.84
C VAL F 104 67.54 -6.37 8.54
N ARG F 105 67.58 -5.61 7.46
CA ARG F 105 68.07 -6.11 6.19
C ARG F 105 69.46 -6.72 6.35
N GLY F 106 69.66 -7.88 5.75
CA GLY F 106 70.96 -8.56 5.76
C GLY F 106 71.02 -9.70 6.76
N GLU F 107 69.99 -9.82 7.58
CA GLU F 107 69.94 -10.78 8.70
C GLU F 107 70.11 -12.25 8.28
N LYS F 108 70.77 -13.03 9.12
CA LYS F 108 70.99 -14.44 8.80
C LYS F 108 69.73 -15.22 9.10
N VAL F 109 69.29 -16.03 8.12
CA VAL F 109 68.07 -16.83 8.23
C VAL F 109 68.35 -18.31 8.00
N LEU F 110 67.99 -19.12 8.99
CA LEU F 110 68.26 -20.56 8.98
C LEU F 110 67.10 -21.36 8.39
N ASP F 111 67.44 -22.18 7.41
CA ASP F 111 66.50 -23.10 6.80
C ASP F 111 66.36 -24.33 7.68
N THR F 112 65.12 -24.70 8.04
CA THR F 112 64.88 -25.90 8.87
C THR F 112 64.49 -27.16 8.08
N GLY F 113 64.49 -27.04 6.75
CA GLY F 113 64.34 -28.20 5.88
C GLY F 113 63.05 -29.00 5.98
N GLY F 114 62.00 -28.40 6.54
CA GLY F 114 60.68 -29.05 6.60
C GLY F 114 59.54 -28.08 6.89
N PRO F 115 58.28 -28.45 6.54
CA PRO F 115 57.09 -27.67 6.93
C PRO F 115 57.03 -27.42 8.44
N ILE F 116 56.08 -26.63 8.90
CA ILE F 116 55.90 -26.41 10.33
C ILE F 116 55.45 -27.72 10.93
N SER F 117 56.05 -28.04 12.07
CA SER F 117 55.85 -29.30 12.76
C SER F 117 55.01 -29.10 14.00
N VAL F 118 54.25 -30.13 14.35
CA VAL F 118 53.40 -30.11 15.51
C VAL F 118 53.37 -31.47 16.16
N PRO F 119 53.40 -31.49 17.50
CA PRO F 119 53.28 -32.72 18.28
C PRO F 119 51.88 -33.33 18.11
N VAL F 120 51.84 -34.60 17.74
CA VAL F 120 50.58 -35.31 17.49
C VAL F 120 50.44 -36.44 18.51
N GLY F 121 49.28 -37.07 18.55
CA GLY F 121 49.06 -38.22 19.43
C GLY F 121 48.66 -37.88 20.86
N ARG F 122 48.59 -38.90 21.70
CA ARG F 122 47.98 -38.75 23.03
C ARG F 122 48.69 -37.79 23.96
N GLU F 123 49.92 -37.41 23.58
CA GLU F 123 50.75 -36.54 24.38
C GLU F 123 50.27 -35.09 24.47
N THR F 124 49.32 -34.74 23.62
CA THR F 124 48.94 -33.34 23.45
C THR F 124 47.59 -33.06 24.06
N LEU F 125 47.06 -34.06 24.76
CA LEU F 125 45.72 -33.96 25.30
C LEU F 125 45.76 -33.18 26.60
N GLY F 126 44.98 -32.12 26.67
CA GLY F 126 45.06 -31.21 27.79
C GLY F 126 46.29 -30.30 27.77
N ARG F 127 46.93 -30.14 26.60
CA ARG F 127 47.98 -29.14 26.43
C ARG F 127 47.48 -27.98 25.56
N ILE F 128 47.94 -26.76 25.84
CA ILE F 128 47.58 -25.63 24.98
C ILE F 128 48.73 -25.34 24.02
N ILE F 129 48.39 -25.21 22.74
CA ILE F 129 49.38 -25.29 21.69
C ILE F 129 49.41 -24.04 20.83
N ASN F 130 50.53 -23.89 20.14
CA ASN F 130 50.79 -22.82 19.23
C ASN F 130 50.28 -23.07 17.83
N VAL F 131 50.50 -22.06 16.99
CA VAL F 131 50.43 -22.27 15.56
C VAL F 131 51.66 -23.10 15.17
N ILE F 132 52.80 -22.78 15.77
CA ILE F 132 54.02 -23.54 15.49
C ILE F 132 54.17 -24.79 16.37
N GLY F 133 53.03 -25.29 16.87
CA GLY F 133 53.02 -26.55 17.60
C GLY F 133 53.97 -26.52 18.78
N GLU F 134 53.79 -25.53 19.64
CA GLU F 134 54.56 -25.46 20.87
C GLU F 134 53.68 -25.30 22.09
N PRO F 135 54.21 -25.67 23.26
CA PRO F 135 53.48 -25.55 24.51
C PRO F 135 53.46 -24.10 24.97
N ILE F 136 52.27 -23.61 25.25
CA ILE F 136 52.06 -22.24 25.71
C ILE F 136 51.21 -22.27 26.96
N ASP F 137 51.11 -23.45 27.55
CA ASP F 137 50.37 -23.59 28.79
C ASP F 137 51.32 -23.61 29.99
N GLU F 138 52.44 -22.92 29.86
CA GLU F 138 53.45 -22.82 30.92
C GLU F 138 53.75 -24.15 31.62
N ARG F 139 53.71 -25.25 30.88
CA ARG F 139 53.82 -26.57 31.50
C ARG F 139 54.78 -27.52 30.79
N GLY F 140 55.86 -26.96 30.25
CA GLY F 140 56.96 -27.75 29.73
C GLY F 140 56.72 -28.43 28.39
N PRO F 141 57.71 -29.21 27.94
CA PRO F 141 57.77 -29.81 26.60
C PRO F 141 56.63 -30.78 26.38
N ILE F 142 56.04 -30.73 25.20
CA ILE F 142 55.07 -31.75 24.81
C ILE F 142 55.84 -32.93 24.22
N LYS F 143 56.08 -33.92 25.07
CA LYS F 143 57.00 -34.99 24.74
C LYS F 143 56.28 -36.06 23.93
N SER F 144 55.96 -35.77 22.68
CA SER F 144 55.32 -36.76 21.82
C SER F 144 56.39 -37.64 21.17
N LYS F 145 55.94 -38.62 20.39
CA LYS F 145 56.87 -39.45 19.63
C LYS F 145 57.18 -38.81 18.27
N LEU F 146 56.13 -38.34 17.60
CA LEU F 146 56.23 -37.85 16.23
C LEU F 146 55.89 -36.35 16.11
N ARG F 147 56.55 -35.67 15.19
CA ARG F 147 56.11 -34.36 14.79
C ARG F 147 55.71 -34.37 13.32
N LYS F 148 54.50 -33.89 13.05
CA LYS F 148 53.99 -33.93 11.70
C LYS F 148 53.94 -32.54 11.06
N PRO F 149 54.07 -32.47 9.72
CA PRO F 149 53.85 -31.21 9.00
C PRO F 149 52.41 -30.75 9.16
N ILE F 150 52.15 -29.44 9.10
CA ILE F 150 50.77 -28.95 9.17
C ILE F 150 50.11 -29.06 7.81
N HIS F 151 50.97 -29.11 6.79
CA HIS F 151 50.56 -29.17 5.41
C HIS F 151 50.62 -30.61 4.95
N ALA F 152 49.48 -31.11 4.48
CA ALA F 152 49.34 -32.46 3.99
C ALA F 152 48.13 -32.50 3.10
N ASP F 153 48.17 -33.37 2.10
CA ASP F 153 47.10 -33.44 1.10
C ASP F 153 45.78 -33.99 1.64
N PRO F 154 44.64 -33.46 1.16
CA PRO F 154 43.35 -33.94 1.67
C PRO F 154 43.08 -35.40 1.27
N PRO F 155 42.38 -36.16 2.14
CA PRO F 155 42.04 -37.56 1.89
C PRO F 155 41.49 -37.80 0.49
N SER F 156 41.94 -38.85 -0.20
CA SER F 156 41.58 -39.07 -1.60
C SER F 156 40.13 -39.45 -1.77
N PHE F 157 39.73 -39.64 -3.02
CA PHE F 157 38.32 -39.96 -3.30
C PHE F 157 38.00 -41.38 -2.96
N ALA F 158 38.88 -42.33 -3.31
CA ALA F 158 38.71 -43.73 -2.89
C ALA F 158 38.58 -43.87 -1.35
N GLU F 159 39.31 -43.02 -0.63
CA GLU F 159 39.31 -42.97 0.86
C GLU F 159 38.09 -42.32 1.53
N GLN F 160 37.10 -41.95 0.72
CA GLN F 160 35.90 -41.29 1.23
C GLN F 160 34.96 -42.28 1.87
N SER F 161 34.06 -41.76 2.71
CA SER F 161 33.23 -42.63 3.52
C SER F 161 32.00 -41.92 4.05
N THR F 162 30.83 -42.33 3.56
CA THR F 162 29.60 -41.66 3.97
C THR F 162 28.62 -42.58 4.66
N SER F 163 27.66 -41.95 5.32
CA SER F 163 26.74 -42.59 6.23
C SER F 163 25.75 -41.53 6.65
N ALA F 164 24.56 -41.96 7.03
CA ALA F 164 23.57 -41.01 7.46
C ALA F 164 23.06 -41.29 8.88
N GLU F 165 23.91 -41.00 9.87
CA GLU F 165 23.51 -41.16 11.25
C GLU F 165 23.26 -39.82 11.94
N ILE F 166 22.04 -39.65 12.44
CA ILE F 166 21.67 -38.50 13.27
C ILE F 166 22.55 -38.36 14.50
N LEU F 167 22.75 -37.13 14.93
CA LEU F 167 23.41 -36.84 16.18
C LEU F 167 22.50 -35.88 16.92
N GLU F 168 21.66 -36.43 17.78
CA GLU F 168 20.77 -35.65 18.63
C GLU F 168 21.60 -34.59 19.36
N THR F 169 21.08 -33.36 19.46
CA THR F 169 21.81 -32.26 20.10
C THR F 169 21.10 -31.73 21.33
N GLY F 170 19.79 -31.96 21.39
CA GLY F 170 18.98 -31.45 22.49
C GLY F 170 18.51 -30.05 22.19
N ILE F 171 18.92 -29.54 21.03
CA ILE F 171 18.50 -28.23 20.54
C ILE F 171 17.33 -28.36 19.56
N LYS F 172 16.17 -27.85 19.98
CA LYS F 172 14.91 -27.96 19.22
C LYS F 172 15.00 -27.58 17.73
N VAL F 173 15.47 -26.36 17.45
CA VAL F 173 15.58 -25.89 16.07
C VAL F 173 16.39 -26.83 15.19
N VAL F 174 17.45 -27.41 15.77
CA VAL F 174 18.38 -28.24 15.03
C VAL F 174 17.80 -29.64 14.92
N ASP F 175 17.67 -30.29 16.08
CA ASP F 175 16.99 -31.57 16.25
C ASP F 175 15.83 -31.71 15.26
N LEU F 176 14.91 -30.75 15.30
CA LEU F 176 13.72 -30.76 14.44
C LEU F 176 13.98 -30.41 12.97
N LEU F 177 14.65 -29.30 12.70
CA LEU F 177 14.64 -28.70 11.36
C LEU F 177 15.82 -29.05 10.45
N ALA F 178 17.03 -28.98 11.00
CA ALA F 178 18.24 -29.30 10.27
C ALA F 178 19.11 -30.23 11.12
N PRO F 179 18.76 -31.52 11.16
CA PRO F 179 19.48 -32.44 12.02
C PRO F 179 20.97 -32.60 11.67
N TYR F 180 21.84 -32.40 12.68
CA TYR F 180 23.27 -32.66 12.56
C TYR F 180 23.52 -34.15 12.37
N ALA F 181 24.65 -34.50 11.77
CA ALA F 181 25.00 -35.89 11.48
C ALA F 181 26.32 -36.34 12.12
N ARG F 182 26.33 -37.52 12.73
CA ARG F 182 27.55 -38.02 13.36
C ARG F 182 28.65 -38.21 12.31
N GLY F 183 29.81 -37.60 12.55
CA GLY F 183 30.96 -37.68 11.65
C GLY F 183 30.81 -36.76 10.47
N GLY F 184 29.89 -35.80 10.57
CA GLY F 184 29.59 -34.86 9.48
C GLY F 184 30.31 -33.53 9.65
N LYS F 185 30.00 -32.59 8.77
CA LYS F 185 30.56 -31.24 8.90
C LYS F 185 29.43 -30.25 9.16
N ILE F 186 29.48 -29.68 10.35
CA ILE F 186 28.50 -28.73 10.79
C ILE F 186 29.16 -27.37 10.71
N GLY F 187 28.36 -26.33 10.47
CA GLY F 187 28.81 -24.95 10.48
C GLY F 187 27.77 -23.99 11.01
N LEU F 188 28.21 -23.07 11.86
CA LEU F 188 27.34 -22.00 12.39
C LEU F 188 27.59 -20.67 11.67
N PHE F 189 26.60 -20.14 11.00
CA PHE F 189 26.86 -18.91 10.30
C PHE F 189 26.27 -17.81 11.12
N GLY F 190 26.98 -16.68 11.19
CA GLY F 190 26.35 -15.50 11.72
C GLY F 190 27.30 -14.33 11.82
N GLY F 191 26.71 -13.13 11.75
CA GLY F 191 27.42 -11.90 12.02
C GLY F 191 27.71 -11.71 13.51
N ALA F 192 28.15 -10.49 13.83
CA ALA F 192 28.83 -10.22 15.06
C ALA F 192 27.84 -10.19 16.16
N GLY F 193 28.17 -10.90 17.23
CA GLY F 193 27.32 -10.94 18.37
C GLY F 193 25.94 -11.54 18.16
N VAL F 194 25.80 -12.52 17.29
CA VAL F 194 24.48 -13.17 17.19
C VAL F 194 24.51 -14.38 18.07
N GLY F 195 25.70 -14.96 18.19
CA GLY F 195 25.91 -16.01 19.12
C GLY F 195 26.46 -17.28 18.54
N LYS F 196 27.60 -17.22 17.88
CA LYS F 196 28.05 -18.47 17.27
C LYS F 196 28.82 -19.16 18.34
N THR F 197 29.63 -18.35 19.04
CA THR F 197 30.44 -18.83 20.18
C THR F 197 29.55 -19.45 21.28
N VAL F 198 28.55 -18.73 21.79
CA VAL F 198 27.69 -19.33 22.82
C VAL F 198 26.97 -20.59 22.33
N PHE F 199 26.42 -20.55 21.12
CA PHE F 199 25.86 -21.76 20.52
C PHE F 199 26.82 -22.96 20.53
N ILE F 200 28.08 -22.74 20.14
CA ILE F 200 29.07 -23.84 20.09
C ILE F 200 29.34 -24.41 21.45
N GLN F 201 29.41 -23.51 22.44
CA GLN F 201 29.55 -23.91 23.84
C GLN F 201 28.37 -24.74 24.37
N GLU F 202 27.18 -24.59 23.77
CA GLU F 202 26.07 -25.45 24.11
C GLU F 202 26.26 -26.82 23.50
N LEU F 203 26.78 -26.87 22.27
CA LEU F 203 27.12 -28.15 21.65
C LEU F 203 28.24 -28.90 22.36
N ILE F 204 29.35 -28.20 22.65
CA ILE F 204 30.38 -28.78 23.51
C ILE F 204 29.71 -29.28 24.79
N ASN F 205 28.83 -28.48 25.39
CA ASN F 205 28.16 -28.87 26.63
C ASN F 205 27.52 -30.25 26.57
N ASN F 206 26.63 -30.46 25.61
CA ASN F 206 25.90 -31.71 25.46
C ASN F 206 26.77 -32.82 24.90
N ILE F 207 27.12 -32.74 23.61
CA ILE F 207 27.83 -33.83 22.96
C ILE F 207 29.15 -34.22 23.63
N ALA F 208 30.03 -33.23 23.85
CA ALA F 208 31.41 -33.49 24.32
C ALA F 208 31.52 -34.23 25.65
N LYS F 209 30.56 -34.02 26.55
CA LYS F 209 30.56 -34.72 27.86
C LYS F 209 30.36 -36.23 27.70
N ALA F 210 29.20 -36.61 27.17
CA ALA F 210 28.89 -38.00 26.84
C ALA F 210 29.31 -38.36 25.39
N HIS F 211 30.61 -38.26 25.14
CA HIS F 211 31.20 -38.62 23.85
C HIS F 211 32.30 -39.66 23.98
N GLY F 212 33.03 -39.63 25.09
CA GLY F 212 34.07 -40.62 25.36
C GLY F 212 35.37 -40.37 24.64
N GLY F 213 35.31 -40.26 23.31
CA GLY F 213 36.49 -40.09 22.45
C GLY F 213 37.16 -38.73 22.55
N PHE F 214 38.08 -38.45 21.64
CA PHE F 214 38.91 -37.24 21.73
C PHE F 214 38.34 -35.99 21.05
N SER F 215 38.59 -34.84 21.68
CA SER F 215 38.23 -33.54 21.13
C SER F 215 39.45 -32.68 20.82
N VAL F 216 39.33 -31.82 19.81
CA VAL F 216 40.38 -30.89 19.43
C VAL F 216 39.72 -29.52 19.23
N PHE F 217 39.80 -28.65 20.23
CA PHE F 217 39.29 -27.32 20.08
C PHE F 217 40.36 -26.38 19.50
N THR F 218 39.98 -25.59 18.50
CA THR F 218 40.88 -24.65 17.83
C THR F 218 40.32 -23.21 17.83
N GLY F 219 40.98 -22.32 18.58
CA GLY F 219 40.64 -20.89 18.57
C GLY F 219 41.39 -20.17 17.48
N VAL F 220 40.72 -19.87 16.38
CA VAL F 220 41.31 -19.04 15.34
C VAL F 220 40.64 -17.68 15.40
N GLY F 221 41.47 -16.65 15.42
CA GLY F 221 41.04 -15.25 15.42
C GLY F 221 39.89 -14.87 16.33
N GLU F 222 39.83 -15.44 17.53
CA GLU F 222 38.83 -15.01 18.51
C GLU F 222 39.48 -14.31 19.67
N ARG F 223 38.69 -14.02 20.71
CA ARG F 223 39.21 -13.33 21.90
C ARG F 223 40.04 -14.23 22.80
N THR F 224 41.16 -13.71 23.27
CA THR F 224 42.00 -14.47 24.18
C THR F 224 41.25 -14.67 25.51
N ARG F 225 40.53 -13.65 25.97
CA ARG F 225 39.53 -13.83 27.03
C ARG F 225 38.76 -15.15 26.87
N GLU F 226 38.08 -15.33 25.74
CA GLU F 226 37.33 -16.55 25.45
C GLU F 226 38.17 -17.83 25.60
N GLY F 227 39.39 -17.80 25.09
CA GLY F 227 40.33 -18.92 25.18
C GLY F 227 40.79 -19.18 26.60
N ASN F 228 41.08 -18.11 27.34
CA ASN F 228 41.36 -18.20 28.78
C ASN F 228 40.16 -18.73 29.57
N ASP F 229 38.95 -18.39 29.10
CA ASP F 229 37.73 -18.85 29.74
C ASP F 229 37.53 -20.32 29.48
N LEU F 230 37.76 -20.74 28.24
CA LEU F 230 37.60 -22.14 27.88
C LEU F 230 38.58 -23.05 28.59
N TYR F 231 39.78 -22.55 28.91
CA TYR F 231 40.76 -23.32 29.68
C TYR F 231 40.35 -23.43 31.16
N ARG F 232 39.67 -22.40 31.68
CA ARG F 232 39.07 -22.46 33.00
C ARG F 232 37.92 -23.46 33.01
N GLU F 233 37.05 -23.32 32.02
CA GLU F 233 35.85 -24.13 31.86
C GLU F 233 36.12 -25.65 31.85
N MET F 234 37.23 -26.07 31.23
CA MET F 234 37.54 -27.50 31.09
C MET F 234 38.09 -28.14 32.37
N LYS F 235 39.00 -27.42 33.01
CA LYS F 235 39.60 -27.86 34.26
C LYS F 235 38.54 -28.02 35.34
N GLU F 236 37.39 -27.40 35.10
CA GLU F 236 36.30 -27.42 36.06
C GLU F 236 35.31 -28.56 35.83
N THR F 237 34.95 -28.81 34.57
CA THR F 237 34.15 -29.99 34.24
C THR F 237 34.98 -31.26 34.31
N GLY F 238 36.30 -31.11 34.30
CA GLY F 238 37.23 -32.23 34.34
C GLY F 238 37.56 -32.85 32.99
N VAL F 239 37.18 -32.17 31.90
CA VAL F 239 37.56 -32.60 30.55
C VAL F 239 39.08 -32.54 30.48
N ILE F 240 39.62 -31.44 30.97
CA ILE F 240 41.04 -31.28 31.18
C ILE F 240 41.30 -31.51 32.64
N ASN F 241 42.15 -32.51 32.90
CA ASN F 241 42.67 -32.80 34.24
C ASN F 241 44.18 -32.78 34.23
N LEU F 242 44.72 -31.65 34.67
CA LEU F 242 46.16 -31.44 34.78
C LEU F 242 46.86 -32.63 35.44
N GLU F 243 46.24 -33.18 36.48
CA GLU F 243 46.82 -34.31 37.18
C GLU F 243 46.28 -35.65 36.68
N GLY F 244 45.18 -35.61 35.92
CA GLY F 244 44.55 -36.84 35.44
C GLY F 244 44.85 -37.10 33.98
N GLU F 245 43.90 -37.74 33.32
CA GLU F 245 43.88 -37.91 31.86
C GLU F 245 43.09 -36.75 31.28
N SER F 246 43.08 -36.61 29.95
CA SER F 246 42.27 -35.56 29.33
C SER F 246 41.66 -35.92 27.98
N LYS F 247 40.45 -35.44 27.73
CA LYS F 247 39.71 -35.79 26.51
C LYS F 247 39.86 -34.78 25.37
N VAL F 248 40.34 -33.58 25.68
CA VAL F 248 40.42 -32.50 24.69
C VAL F 248 41.86 -32.02 24.49
N ALA F 249 42.07 -31.17 23.47
CA ALA F 249 43.35 -30.51 23.17
C ALA F 249 43.09 -29.07 22.78
N LEU F 250 44.02 -28.19 23.10
CA LEU F 250 43.79 -26.79 22.81
C LEU F 250 44.86 -26.23 21.88
N VAL F 251 44.41 -25.63 20.77
CA VAL F 251 45.27 -24.90 19.85
C VAL F 251 44.67 -23.51 19.61
N PHE F 252 45.50 -22.47 19.72
CA PHE F 252 45.06 -21.08 19.75
C PHE F 252 45.95 -20.13 18.95
N GLY F 253 45.43 -19.64 17.81
CA GLY F 253 45.99 -18.51 17.08
C GLY F 253 44.93 -17.42 17.13
N GLN F 254 44.96 -16.61 18.17
CA GLN F 254 43.85 -15.69 18.47
C GLN F 254 43.96 -14.38 17.71
N MET F 255 42.96 -13.52 17.88
CA MET F 255 42.82 -12.30 17.05
C MET F 255 43.89 -11.22 17.24
N ASN F 256 44.76 -11.41 18.22
CA ASN F 256 45.91 -10.52 18.38
C ASN F 256 47.08 -10.89 17.49
N GLU F 257 47.07 -12.13 16.98
CA GLU F 257 48.17 -12.66 16.17
C GLU F 257 48.29 -11.96 14.82
N PRO F 258 49.52 -11.87 14.30
CA PRO F 258 49.79 -11.48 12.92
C PRO F 258 49.15 -12.41 11.88
N PRO F 259 48.92 -11.91 10.67
CA PRO F 259 48.11 -12.68 9.71
C PRO F 259 48.69 -14.03 9.29
N GLY F 260 50.00 -14.17 9.33
CA GLY F 260 50.62 -15.48 9.08
C GLY F 260 50.22 -16.53 10.12
N ALA F 261 50.39 -16.19 11.39
CA ALA F 261 49.93 -17.02 12.49
C ALA F 261 48.48 -17.49 12.28
N ARG F 262 47.59 -16.52 12.06
CA ARG F 262 46.17 -16.77 11.91
C ARG F 262 45.85 -17.43 10.57
N ALA F 263 46.78 -17.36 9.61
CA ALA F 263 46.54 -17.97 8.30
C ALA F 263 46.84 -19.46 8.35
N ARG F 264 47.26 -19.91 9.55
CA ARG F 264 47.89 -21.20 9.71
C ARG F 264 47.37 -22.04 10.86
N VAL F 265 47.12 -21.40 12.00
CA VAL F 265 46.83 -22.07 13.28
C VAL F 265 45.79 -23.19 13.21
N ALA F 266 44.88 -23.08 12.23
CA ALA F 266 43.82 -24.05 12.00
C ALA F 266 44.37 -25.34 11.38
N LEU F 267 45.36 -25.20 10.49
CA LEU F 267 46.08 -26.34 9.94
C LEU F 267 46.81 -27.18 11.01
N THR F 268 47.29 -26.50 12.06
CA THR F 268 47.87 -27.14 13.24
C THR F 268 46.84 -27.98 13.99
N GLY F 269 45.71 -27.35 14.29
CA GLY F 269 44.59 -28.04 14.91
C GLY F 269 44.32 -29.31 14.13
N LEU F 270 44.10 -29.15 12.83
CA LEU F 270 43.71 -30.20 11.89
C LEU F 270 44.64 -31.41 11.86
N THR F 271 45.92 -31.15 11.65
CA THR F 271 46.99 -32.15 11.78
C THR F 271 46.84 -33.03 13.04
N ILE F 272 46.55 -32.38 14.17
CA ILE F 272 46.38 -33.09 15.45
C ILE F 272 45.17 -34.02 15.37
N ALA F 273 44.01 -33.48 14.99
CA ALA F 273 42.80 -34.27 14.75
C ALA F 273 43.02 -35.40 13.75
N GLU F 274 43.61 -35.09 12.59
CA GLU F 274 43.93 -36.09 11.58
C GLU F 274 44.76 -37.26 12.09
N TYR F 275 45.58 -37.03 13.10
CA TYR F 275 46.30 -38.12 13.72
C TYR F 275 45.33 -39.01 14.47
N PHE F 276 44.56 -38.40 15.35
CA PHE F 276 43.59 -39.10 16.16
C PHE F 276 42.58 -39.87 15.31
N ARG F 277 42.42 -39.47 14.07
CA ARG F 277 41.45 -40.10 13.19
C ARG F 277 42.07 -41.28 12.46
N ASP F 278 43.24 -41.06 11.88
CA ASP F 278 43.83 -42.00 10.94
C ASP F 278 44.76 -42.99 11.60
N GLU F 279 45.54 -42.52 12.56
CA GLU F 279 46.50 -43.38 13.23
C GLU F 279 45.80 -44.13 14.34
N GLU F 280 45.22 -43.40 15.28
CA GLU F 280 44.60 -44.03 16.45
C GLU F 280 43.11 -44.35 16.26
N GLY F 281 42.65 -44.40 15.00
CA GLY F 281 41.27 -44.73 14.62
C GLY F 281 40.22 -44.35 15.65
N GLN F 282 40.04 -43.04 15.85
CA GLN F 282 39.16 -42.53 16.90
C GLN F 282 38.02 -41.66 16.39
N ASP F 283 36.95 -41.61 17.18
CA ASP F 283 35.90 -40.61 16.97
C ASP F 283 36.38 -39.29 17.55
N VAL F 284 36.57 -38.33 16.66
CA VAL F 284 37.07 -37.04 17.07
C VAL F 284 36.00 -35.99 16.91
N LEU F 285 35.76 -35.24 17.99
CA LEU F 285 34.97 -34.01 17.94
C LEU F 285 35.91 -32.81 17.72
N LEU F 286 35.69 -32.06 16.64
CA LEU F 286 36.64 -31.02 16.24
C LEU F 286 35.99 -29.64 16.11
N PHE F 287 36.06 -28.82 17.15
CA PHE F 287 35.46 -27.50 17.11
C PHE F 287 36.43 -26.39 16.66
N ILE F 288 36.11 -25.74 15.53
CA ILE F 288 36.86 -24.58 15.04
C ILE F 288 36.02 -23.30 15.24
N ASP F 289 36.68 -22.24 15.70
CA ASP F 289 36.03 -20.99 16.06
C ASP F 289 37.17 -19.99 16.07
N ASN F 290 37.23 -19.10 15.09
CA ASN F 290 36.28 -19.01 13.97
C ASN F 290 36.97 -19.27 12.64
N ILE F 291 36.37 -20.08 11.78
CA ILE F 291 37.08 -20.46 10.54
C ILE F 291 37.13 -19.32 9.57
N PHE F 292 36.27 -18.32 9.76
CA PHE F 292 36.32 -17.18 8.87
C PHE F 292 37.71 -16.54 8.90
N ARG F 293 38.22 -16.41 10.12
CA ARG F 293 39.44 -15.70 10.44
C ARG F 293 40.69 -16.23 9.74
N PHE F 294 40.55 -17.40 9.10
CA PHE F 294 41.61 -17.97 8.28
C PHE F 294 41.65 -17.31 6.90
N THR F 295 40.47 -17.06 6.30
CA THR F 295 40.35 -16.48 4.96
C THR F 295 40.56 -14.98 5.01
N GLN F 296 40.04 -14.34 6.06
CA GLN F 296 40.37 -12.94 6.31
C GLN F 296 41.91 -12.73 6.39
N ALA F 297 42.62 -13.55 7.18
CA ALA F 297 44.10 -13.50 7.19
C ALA F 297 44.76 -13.68 5.79
N GLY F 298 44.21 -14.60 5.00
CA GLY F 298 44.68 -14.82 3.64
C GLY F 298 44.68 -13.55 2.81
N SER F 299 43.63 -12.75 2.95
CA SER F 299 43.53 -11.50 2.23
C SER F 299 44.48 -10.46 2.82
N GLU F 300 44.54 -10.37 4.14
CA GLU F 300 45.46 -9.47 4.81
C GLU F 300 46.88 -9.46 4.20
N VAL F 301 47.41 -10.63 3.84
CA VAL F 301 48.78 -10.75 3.29
C VAL F 301 48.88 -10.68 1.77
N SER F 302 47.78 -11.06 1.12
CA SER F 302 47.73 -11.36 -0.30
C SER F 302 48.30 -10.31 -1.25
N ALA F 303 48.05 -9.02 -0.97
CA ALA F 303 48.54 -7.94 -1.86
C ALA F 303 50.04 -7.81 -1.77
N LEU F 304 50.55 -7.94 -0.53
CA LEU F 304 51.96 -7.89 -0.26
C LEU F 304 52.67 -9.10 -0.87
N LEU F 305 51.91 -10.19 -1.04
CA LEU F 305 52.40 -11.33 -1.83
C LEU F 305 52.40 -11.06 -3.35
N GLY F 306 51.90 -9.88 -3.74
CA GLY F 306 52.00 -9.39 -5.10
C GLY F 306 50.80 -9.70 -5.98
N ARG F 307 49.71 -10.15 -5.38
CA ARG F 307 48.58 -10.66 -6.16
C ARG F 307 47.60 -9.58 -6.59
N ILE F 308 47.01 -9.71 -7.78
CA ILE F 308 45.96 -8.77 -8.18
C ILE F 308 44.77 -9.18 -7.35
N PRO F 309 44.07 -8.23 -6.71
CA PRO F 309 42.94 -8.70 -5.91
C PRO F 309 41.76 -9.18 -6.73
N SER F 310 40.77 -9.72 -6.03
CA SER F 310 39.58 -10.29 -6.64
C SER F 310 38.34 -9.62 -6.05
N ALA F 311 37.16 -10.12 -6.35
CA ALA F 311 35.96 -9.41 -5.96
C ALA F 311 35.95 -9.20 -4.46
N VAL F 312 35.57 -7.99 -4.08
CA VAL F 312 35.50 -7.52 -2.69
C VAL F 312 36.89 -7.40 -2.05
N GLY F 313 37.92 -7.50 -2.87
CA GLY F 313 39.30 -7.39 -2.39
C GLY F 313 39.85 -8.61 -1.65
N TYR F 314 39.41 -9.78 -2.09
CA TYR F 314 39.91 -11.06 -1.60
C TYR F 314 41.01 -11.63 -2.49
N GLN F 315 41.99 -12.28 -1.86
CA GLN F 315 42.92 -13.15 -2.56
C GLN F 315 42.24 -14.01 -3.63
N PRO F 316 42.83 -14.04 -4.83
CA PRO F 316 42.26 -14.68 -6.01
C PRO F 316 42.17 -16.17 -5.83
N THR F 317 42.81 -16.67 -4.77
CA THR F 317 42.91 -18.08 -4.47
C THR F 317 41.92 -18.52 -3.38
N LEU F 318 41.05 -17.59 -2.97
CA LEU F 318 40.16 -17.84 -1.81
C LEU F 318 39.42 -19.19 -1.81
N ALA F 319 38.88 -19.60 -2.95
CA ALA F 319 38.23 -20.91 -3.09
C ALA F 319 39.17 -22.09 -2.88
N THR F 320 40.25 -22.20 -3.66
CA THR F 320 41.13 -23.38 -3.51
C THR F 320 41.92 -23.42 -2.20
N ASP F 321 42.19 -22.27 -1.61
CA ASP F 321 42.89 -22.24 -0.33
C ASP F 321 41.97 -22.74 0.77
N MET F 322 40.68 -22.68 0.50
CA MET F 322 39.71 -23.15 1.45
C MET F 322 39.50 -24.62 1.20
N GLY F 323 39.48 -25.00 -0.08
CA GLY F 323 39.29 -26.39 -0.50
C GLY F 323 40.40 -27.29 0.02
N LEU F 324 41.62 -26.78 0.03
CA LEU F 324 42.71 -27.54 0.62
C LEU F 324 42.48 -27.78 2.10
N LEU F 325 41.94 -26.79 2.81
CA LEU F 325 41.80 -26.89 4.25
C LEU F 325 40.50 -27.61 4.66
N GLN F 326 39.40 -27.20 4.07
CA GLN F 326 38.11 -27.80 4.34
C GLN F 326 38.11 -29.27 3.93
N GLU F 327 38.56 -29.58 2.72
CA GLU F 327 38.59 -30.99 2.26
C GLU F 327 39.39 -31.93 3.16
N ARG F 328 40.19 -31.38 4.07
CA ARG F 328 40.93 -32.20 5.05
C ARG F 328 40.11 -32.53 6.27
N ILE F 329 39.19 -31.66 6.65
CA ILE F 329 38.36 -31.90 7.85
C ILE F 329 37.24 -32.80 7.43
N THR F 330 37.35 -34.09 7.69
CA THR F 330 36.50 -35.06 7.02
C THR F 330 36.49 -36.42 7.73
N THR F 331 35.43 -37.20 7.52
CA THR F 331 35.45 -38.60 7.90
C THR F 331 36.03 -39.39 6.72
N THR F 332 36.83 -40.39 7.06
CA THR F 332 37.43 -41.25 6.04
C THR F 332 37.22 -42.66 6.49
N LYS F 333 37.51 -43.60 5.60
CA LYS F 333 37.40 -45.02 5.90
C LYS F 333 38.27 -45.49 7.10
N LYS F 334 38.99 -44.58 7.74
CA LYS F 334 39.89 -44.95 8.83
C LYS F 334 39.47 -44.32 10.15
N GLY F 335 38.54 -43.39 10.10
CA GLY F 335 38.07 -42.75 11.31
C GLY F 335 37.03 -41.68 11.08
N SER F 336 36.04 -41.64 11.96
CA SER F 336 35.01 -40.62 11.93
C SER F 336 35.51 -39.30 12.51
N VAL F 337 35.07 -38.19 11.90
CA VAL F 337 35.24 -36.87 12.50
C VAL F 337 33.93 -36.10 12.41
N THR F 338 33.36 -35.73 13.55
CA THR F 338 32.34 -34.69 13.57
C THR F 338 33.04 -33.42 13.92
N SER F 339 32.67 -32.37 13.20
CA SER F 339 33.28 -31.07 13.35
C SER F 339 32.18 -30.02 13.36
N VAL F 340 32.22 -29.13 14.34
CA VAL F 340 31.43 -27.92 14.28
C VAL F 340 32.41 -26.78 13.96
N GLN F 341 32.09 -25.96 12.98
CA GLN F 341 32.91 -24.77 12.73
C GLN F 341 32.09 -23.50 12.92
N ALA F 342 32.70 -22.51 13.54
CA ALA F 342 32.02 -21.25 13.64
C ALA F 342 32.31 -20.47 12.35
N VAL F 343 31.25 -20.06 11.65
CA VAL F 343 31.44 -19.17 10.51
C VAL F 343 30.98 -17.76 10.86
N TYR F 344 31.93 -16.85 10.74
CA TYR F 344 31.63 -15.45 10.72
C TYR F 344 31.17 -14.98 9.31
N VAL F 345 30.32 -13.95 9.31
CA VAL F 345 29.71 -13.39 8.13
C VAL F 345 29.98 -11.86 8.05
N PRO F 346 31.04 -11.44 7.33
CA PRO F 346 31.32 -10.01 7.18
C PRO F 346 30.10 -9.17 6.90
N ALA F 347 30.03 -8.04 7.61
CA ALA F 347 29.00 -7.00 7.39
C ALA F 347 27.60 -7.56 7.37
N ASP F 348 27.43 -8.74 7.96
CA ASP F 348 26.13 -9.41 8.03
C ASP F 348 25.65 -9.81 6.64
N ASP F 349 26.48 -9.61 5.62
CA ASP F 349 26.23 -10.06 4.23
C ASP F 349 26.57 -11.52 4.02
N LEU F 350 25.53 -12.35 3.84
CA LEU F 350 25.69 -13.77 3.54
C LEU F 350 26.29 -14.06 2.14
N THR F 351 26.23 -13.10 1.23
CA THR F 351 26.71 -13.37 -0.09
C THR F 351 28.17 -12.95 -0.26
N ASP F 352 28.77 -12.34 0.78
CA ASP F 352 30.20 -12.04 0.78
C ASP F 352 30.94 -13.32 0.36
N PRO F 353 32.04 -13.18 -0.37
CA PRO F 353 32.62 -14.37 -0.99
C PRO F 353 33.28 -15.36 -0.04
N ALA F 354 33.60 -14.94 1.18
CA ALA F 354 34.05 -15.90 2.18
C ALA F 354 32.93 -16.89 2.56
N PRO F 355 31.84 -16.42 3.23
CA PRO F 355 30.83 -17.45 3.52
C PRO F 355 30.17 -18.07 2.26
N ALA F 356 29.80 -17.29 1.27
CA ALA F 356 29.26 -17.97 0.11
C ALA F 356 30.02 -19.27 -0.22
N THR F 357 31.35 -19.24 -0.14
CA THR F 357 32.13 -20.37 -0.64
C THR F 357 32.19 -21.52 0.35
N THR F 358 32.21 -21.19 1.63
CA THR F 358 32.06 -22.14 2.72
C THR F 358 30.87 -23.10 2.52
N PHE F 359 29.64 -22.59 2.55
CA PHE F 359 28.46 -23.44 2.50
C PHE F 359 28.68 -24.80 1.86
N ALA F 360 29.12 -24.80 0.59
CA ALA F 360 29.31 -26.03 -0.18
C ALA F 360 30.26 -27.03 0.46
N HIS F 361 30.77 -26.70 1.65
CA HIS F 361 31.68 -27.59 2.32
C HIS F 361 31.03 -28.23 3.52
N LEU F 362 29.80 -27.86 3.80
CA LEU F 362 29.15 -28.37 4.99
C LEU F 362 28.03 -29.35 4.70
N ASP F 363 27.61 -30.05 5.78
CA ASP F 363 26.63 -31.15 5.74
C ASP F 363 25.35 -30.75 6.43
N ALA F 364 25.49 -29.78 7.32
CA ALA F 364 24.40 -29.10 8.00
C ALA F 364 24.86 -27.66 8.21
N THR F 365 23.99 -26.73 7.87
CA THR F 365 24.33 -25.33 7.89
C THR F 365 23.28 -24.66 8.76
N THR F 366 23.69 -24.01 9.84
CA THR F 366 22.71 -23.29 10.68
C THR F 366 23.05 -21.83 11.00
N VAL F 367 22.21 -20.97 10.45
CA VAL F 367 22.44 -19.55 10.33
C VAL F 367 21.87 -18.71 11.48
N LEU F 368 22.63 -17.75 11.98
CA LEU F 368 22.07 -16.81 12.95
C LEU F 368 21.79 -15.44 12.34
N SER F 369 20.50 -15.09 12.40
CA SER F 369 19.93 -13.79 12.07
C SER F 369 20.12 -12.76 13.21
N ARG F 370 20.61 -11.57 12.86
CA ARG F 370 20.69 -10.47 13.83
C ARG F 370 19.29 -10.10 14.28
N GLY F 371 18.42 -9.82 13.30
CA GLY F 371 17.02 -9.52 13.56
C GLY F 371 16.35 -10.45 14.57
N ILE F 372 16.59 -11.75 14.43
CA ILE F 372 15.95 -12.73 15.28
C ILE F 372 16.41 -12.56 16.72
N SER F 373 17.69 -12.24 16.92
CA SER F 373 18.25 -11.97 18.26
C SER F 373 17.70 -10.67 18.85
N GLU F 374 17.42 -9.72 17.97
CA GLU F 374 16.84 -8.48 18.38
C GLU F 374 15.39 -8.69 18.76
N LEU F 375 14.84 -9.85 18.40
CA LEU F 375 13.53 -10.26 18.90
C LEU F 375 13.68 -10.94 20.25
N GLY F 376 14.93 -11.20 20.64
CA GLY F 376 15.25 -11.87 21.89
C GLY F 376 15.06 -13.37 21.78
N ILE F 377 14.92 -13.84 20.54
CA ILE F 377 14.82 -15.26 20.28
C ILE F 377 16.23 -15.86 20.22
N TYR F 378 16.47 -16.85 21.08
CA TYR F 378 17.76 -17.55 21.17
C TYR F 378 17.49 -19.03 21.37
N PRO F 379 18.21 -19.89 20.65
CA PRO F 379 19.25 -19.50 19.73
C PRO F 379 18.60 -18.75 18.57
N ALA F 380 19.28 -17.72 18.08
CA ALA F 380 18.72 -16.85 17.05
C ALA F 380 18.82 -17.45 15.64
N VAL F 381 18.46 -18.73 15.51
CA VAL F 381 18.58 -19.49 14.25
C VAL F 381 17.59 -18.99 13.20
N ASP F 382 17.91 -19.19 11.94
CA ASP F 382 16.92 -18.91 10.92
C ASP F 382 16.22 -20.20 10.53
N PRO F 383 14.99 -20.35 11.01
CA PRO F 383 14.23 -21.58 10.77
C PRO F 383 14.05 -21.86 9.29
N LEU F 384 14.29 -20.87 8.45
CA LEU F 384 14.03 -20.99 7.03
C LEU F 384 15.28 -21.04 6.22
N ASP F 385 16.43 -20.76 6.83
CA ASP F 385 17.67 -20.72 6.06
C ASP F 385 18.59 -21.85 6.43
N SER F 386 18.19 -22.60 7.43
CA SER F 386 19.06 -23.61 7.99
C SER F 386 18.76 -24.90 7.27
N LYS F 387 19.81 -25.66 7.02
CA LYS F 387 19.68 -26.84 6.23
C LYS F 387 20.58 -27.94 6.73
N SER F 388 20.27 -29.15 6.26
CA SER F 388 20.95 -30.36 6.65
C SER F 388 20.60 -31.41 5.63
N ARG F 389 21.51 -32.32 5.39
CA ARG F 389 21.31 -33.38 4.41
C ARG F 389 20.43 -34.46 5.03
N LEU F 390 20.39 -34.47 6.36
CA LEU F 390 19.73 -35.50 7.17
C LEU F 390 18.22 -35.38 7.37
N LEU F 391 17.65 -34.19 7.19
CA LEU F 391 16.22 -34.06 7.13
C LEU F 391 15.70 -34.74 5.85
N ASP F 392 15.55 -36.05 5.94
CA ASP F 392 15.00 -36.89 4.88
C ASP F 392 14.20 -38.04 5.58
N ALA F 393 13.02 -38.35 5.05
CA ALA F 393 12.16 -39.39 5.62
C ALA F 393 12.91 -40.72 5.83
N ALA F 394 13.79 -41.03 4.87
CA ALA F 394 14.62 -42.21 4.95
C ALA F 394 15.52 -42.20 6.19
N VAL F 395 15.73 -41.03 6.76
CA VAL F 395 16.57 -40.88 7.95
C VAL F 395 15.77 -40.51 9.20
N VAL F 396 14.98 -39.45 9.13
CA VAL F 396 14.23 -39.02 10.30
C VAL F 396 12.84 -39.63 10.36
N GLY F 397 12.32 -40.05 9.21
CA GLY F 397 11.04 -40.76 9.19
C GLY F 397 9.85 -39.88 8.93
N GLN F 398 8.84 -40.46 8.29
CA GLN F 398 7.78 -39.66 7.66
C GLN F 398 7.23 -38.56 8.55
N GLU F 399 7.05 -38.84 9.83
CA GLU F 399 6.41 -37.90 10.74
C GLU F 399 7.29 -36.70 11.06
N HIS F 400 8.53 -36.96 11.46
CA HIS F 400 9.45 -35.90 11.77
C HIS F 400 9.65 -35.10 10.50
N TYR F 401 9.70 -35.81 9.37
CA TYR F 401 9.78 -35.19 8.07
C TYR F 401 8.63 -34.20 7.85
N ASP F 402 7.41 -34.65 8.14
CA ASP F 402 6.21 -33.88 7.86
C ASP F 402 5.92 -32.80 8.90
N VAL F 403 6.17 -33.09 10.17
CA VAL F 403 6.08 -32.07 11.22
C VAL F 403 7.01 -30.90 10.87
N ALA F 404 8.16 -31.22 10.26
CA ALA F 404 9.10 -30.21 9.76
C ALA F 404 8.52 -29.35 8.63
N SER F 405 8.18 -29.96 7.50
CA SER F 405 7.65 -29.25 6.31
C SER F 405 6.52 -28.30 6.69
N LYS F 406 5.52 -28.84 7.37
CA LYS F 406 4.33 -28.11 7.80
C LYS F 406 4.69 -26.93 8.71
N VAL F 407 5.63 -27.14 9.63
CA VAL F 407 6.20 -26.02 10.40
C VAL F 407 6.78 -24.96 9.47
N GLN F 408 7.57 -25.38 8.47
CA GLN F 408 8.16 -24.43 7.54
C GLN F 408 7.13 -23.68 6.69
N GLU F 409 6.16 -24.40 6.12
CA GLU F 409 5.08 -23.75 5.38
C GLU F 409 4.46 -22.67 6.23
N THR F 410 4.17 -22.99 7.49
CA THR F 410 3.57 -22.04 8.43
C THR F 410 4.46 -20.82 8.53
N LEU F 411 5.72 -21.02 8.91
CA LEU F 411 6.67 -19.90 9.00
C LEU F 411 6.85 -19.11 7.69
N GLN F 412 6.88 -19.81 6.56
CA GLN F 412 7.08 -19.18 5.26
C GLN F 412 5.91 -18.28 4.90
N THR F 413 4.71 -18.70 5.30
CA THR F 413 3.48 -17.92 5.09
C THR F 413 3.52 -16.65 5.93
N TYR F 414 3.72 -16.80 7.24
CA TYR F 414 3.98 -15.63 8.09
C TYR F 414 4.93 -14.64 7.41
N LYS F 415 6.00 -15.19 6.84
CA LYS F 415 7.00 -14.39 6.17
C LYS F 415 6.41 -13.70 4.96
N SER F 416 5.66 -14.41 4.13
CA SER F 416 5.06 -13.79 2.95
C SER F 416 4.19 -12.57 3.28
N LEU F 417 3.52 -12.62 4.44
CA LEU F 417 2.60 -11.56 4.86
C LEU F 417 3.26 -10.42 5.60
N GLN F 418 4.54 -10.57 5.94
CA GLN F 418 5.22 -9.55 6.71
C GLN F 418 4.93 -8.13 6.24
N ASP F 419 4.65 -7.97 4.94
CA ASP F 419 4.39 -6.65 4.35
C ASP F 419 2.99 -6.11 4.59
N ILE F 420 1.97 -6.91 4.29
CA ILE F 420 0.61 -6.48 4.55
C ILE F 420 0.43 -6.16 6.04
N ILE F 421 0.88 -7.05 6.92
CA ILE F 421 0.82 -6.81 8.36
C ILE F 421 1.59 -5.55 8.78
N ALA F 422 2.69 -5.26 8.07
CA ALA F 422 3.49 -4.06 8.33
C ALA F 422 2.73 -2.77 8.04
N ILE F 423 1.90 -2.77 6.99
CA ILE F 423 1.14 -1.59 6.60
C ILE F 423 -0.31 -1.64 7.08
N LEU F 424 -1.00 -2.73 6.76
CA LEU F 424 -2.42 -2.87 7.07
C LEU F 424 -2.65 -3.47 8.44
N GLY F 425 -1.66 -4.22 8.92
CA GLY F 425 -1.80 -4.94 10.17
C GLY F 425 -2.67 -6.16 10.00
N MET F 426 -3.06 -6.74 11.13
CA MET F 426 -3.72 -8.04 11.16
C MET F 426 -5.15 -8.03 10.64
N ASP F 427 -5.88 -6.96 10.92
CA ASP F 427 -7.30 -6.89 10.61
C ASP F 427 -7.66 -7.08 9.14
N GLU F 428 -6.67 -6.96 8.26
CA GLU F 428 -6.94 -7.07 6.83
C GLU F 428 -6.68 -8.46 6.29
N LEU F 429 -6.07 -9.30 7.12
CA LEU F 429 -5.88 -10.70 6.78
C LEU F 429 -7.19 -11.43 6.82
N SER F 430 -7.29 -12.51 6.05
CA SER F 430 -8.47 -13.36 6.05
C SER F 430 -8.54 -14.17 7.35
N GLU F 431 -9.31 -15.25 7.34
CA GLU F 431 -9.45 -16.03 8.54
C GLU F 431 -8.38 -17.07 8.63
N GLN F 432 -8.22 -17.86 7.57
CA GLN F 432 -7.16 -18.86 7.50
C GLN F 432 -5.77 -18.26 7.68
N ASP F 433 -5.51 -17.14 7.00
CA ASP F 433 -4.27 -16.39 7.15
C ASP F 433 -4.05 -16.01 8.61
N LYS F 434 -5.08 -15.42 9.20
CA LYS F 434 -5.02 -14.88 10.55
C LYS F 434 -4.52 -15.94 11.53
N LEU F 435 -5.10 -17.15 11.45
CA LEU F 435 -4.72 -18.27 12.30
C LEU F 435 -3.23 -18.64 12.12
N THR F 436 -2.82 -18.91 10.88
CA THR F 436 -1.44 -19.24 10.54
C THR F 436 -0.46 -18.31 11.25
N VAL F 437 -0.75 -17.02 11.23
CA VAL F 437 0.11 -16.03 11.86
C VAL F 437 0.19 -16.24 13.37
N GLU F 438 -0.96 -16.33 14.02
CA GLU F 438 -0.94 -16.56 15.47
C GLU F 438 -0.21 -17.85 15.81
N ARG F 439 -0.33 -18.83 14.93
CA ARG F 439 0.30 -20.14 15.09
C ARG F 439 1.81 -20.09 14.83
N ALA F 440 2.16 -19.44 13.72
CA ALA F 440 3.54 -19.22 13.34
C ALA F 440 4.27 -18.44 14.43
N ARG F 441 3.68 -17.34 14.90
CA ARG F 441 4.25 -16.60 16.01
C ARG F 441 4.44 -17.45 17.27
N LYS F 442 3.60 -18.47 17.45
CA LYS F 442 3.78 -19.44 18.55
C LYS F 442 4.93 -20.41 18.23
N ILE F 443 4.88 -21.02 17.05
CA ILE F 443 5.96 -21.91 16.61
C ILE F 443 7.30 -21.18 16.73
N GLN F 444 7.28 -19.89 16.41
CA GLN F 444 8.49 -19.11 16.34
C GLN F 444 9.09 -18.97 17.72
N ARG F 445 8.25 -18.58 18.69
CA ARG F 445 8.66 -18.43 20.08
C ARG F 445 9.04 -19.75 20.70
N PHE F 446 8.39 -20.82 20.24
CA PHE F 446 8.65 -22.15 20.76
C PHE F 446 9.99 -22.70 20.30
N LEU F 447 10.49 -22.23 19.15
CA LEU F 447 11.80 -22.60 18.63
C LEU F 447 12.97 -22.08 19.47
N SER F 448 12.73 -21.00 20.21
CA SER F 448 13.65 -20.48 21.23
C SER F 448 13.76 -21.41 22.42
N GLN F 449 14.97 -21.54 22.96
CA GLN F 449 15.26 -22.50 24.01
C GLN F 449 16.27 -21.94 25.00
N PRO F 450 15.99 -22.02 26.30
CA PRO F 450 17.02 -21.61 27.26
C PRO F 450 18.25 -22.54 27.21
N PHE F 451 19.42 -21.94 27.15
CA PHE F 451 20.67 -22.68 27.15
C PHE F 451 21.33 -22.54 28.52
N ALA F 452 21.82 -23.66 29.05
CA ALA F 452 22.52 -23.68 30.34
C ALA F 452 23.73 -22.75 30.36
N VAL F 453 24.51 -22.80 29.27
CA VAL F 453 25.74 -21.99 29.12
C VAL F 453 25.44 -20.49 29.05
N ALA F 454 24.24 -20.16 28.58
CA ALA F 454 23.84 -18.77 28.36
C ALA F 454 23.00 -18.27 29.53
N GLU F 455 23.06 -19.01 30.63
CA GLU F 455 22.24 -18.72 31.80
C GLU F 455 22.43 -17.30 32.30
N VAL F 456 23.68 -16.82 32.26
CA VAL F 456 23.98 -15.45 32.68
C VAL F 456 23.48 -14.40 31.68
N PHE F 457 22.36 -14.69 31.02
CA PHE F 457 21.78 -13.80 30.00
C PHE F 457 20.27 -13.93 29.94
N THR F 458 19.77 -15.12 30.24
CA THR F 458 18.35 -15.33 30.40
C THR F 458 18.05 -15.12 31.87
N GLY F 459 18.76 -15.88 32.70
CA GLY F 459 18.46 -15.97 34.11
C GLY F 459 17.82 -17.31 34.37
N ILE F 460 16.97 -17.76 33.45
CA ILE F 460 16.31 -19.06 33.59
C ILE F 460 17.32 -20.20 33.35
N PRO F 461 17.43 -21.14 34.31
CA PRO F 461 18.28 -22.32 34.14
C PRO F 461 17.94 -23.06 32.85
N GLY F 462 18.96 -23.42 32.08
CA GLY F 462 18.81 -23.91 30.70
C GLY F 462 18.18 -25.28 30.57
N LYS F 463 17.58 -25.55 29.41
CA LYS F 463 16.87 -26.80 29.17
C LYS F 463 17.40 -27.52 27.94
N LEU F 464 17.29 -28.84 27.97
CA LEU F 464 17.66 -29.69 26.85
C LEU F 464 16.44 -30.54 26.51
N VAL F 465 15.85 -30.34 25.35
CA VAL F 465 14.71 -31.19 24.93
C VAL F 465 15.28 -32.35 24.08
N ARG F 466 14.53 -33.44 23.96
CA ARG F 466 14.99 -34.56 23.14
C ARG F 466 14.34 -34.52 21.76
N LEU F 467 14.88 -35.30 20.81
CA LEU F 467 14.35 -35.34 19.44
C LEU F 467 12.89 -35.81 19.35
N LYS F 468 12.57 -36.95 19.96
CA LYS F 468 11.20 -37.48 20.00
C LYS F 468 10.27 -36.52 20.72
N ASP F 469 10.86 -35.82 21.68
CA ASP F 469 10.16 -34.87 22.52
C ASP F 469 9.71 -33.66 21.71
N THR F 470 10.66 -33.14 20.93
CA THR F 470 10.48 -31.94 20.10
C THR F 470 9.41 -32.17 19.03
N VAL F 471 9.51 -33.29 18.31
CA VAL F 471 8.62 -33.57 17.19
C VAL F 471 7.17 -33.64 17.65
N ALA F 472 6.93 -34.45 18.69
CA ALA F 472 5.60 -34.55 19.25
C ALA F 472 5.11 -33.15 19.60
N SER F 473 5.83 -32.48 20.48
CA SER F 473 5.52 -31.12 20.89
C SER F 473 5.04 -30.24 19.72
N PHE F 474 5.82 -30.17 18.65
CA PHE F 474 5.47 -29.29 17.53
C PHE F 474 4.25 -29.77 16.77
N LYS F 475 4.12 -31.09 16.61
CA LYS F 475 2.99 -31.72 15.93
C LYS F 475 1.67 -31.34 16.57
N ALA F 476 1.66 -31.34 17.90
CA ALA F 476 0.49 -30.99 18.70
C ALA F 476 0.07 -29.55 18.42
N VAL F 477 1.05 -28.65 18.38
CA VAL F 477 0.81 -27.23 18.12
C VAL F 477 0.27 -27.04 16.70
N LEU F 478 0.78 -27.83 15.77
CA LEU F 478 0.37 -27.79 14.36
C LEU F 478 -0.98 -28.45 14.13
N GLU F 479 -1.45 -29.20 15.13
CA GLU F 479 -2.81 -29.71 15.14
C GLU F 479 -3.69 -28.79 16.01
N GLY F 480 -3.15 -27.61 16.33
CA GLY F 480 -3.85 -26.56 17.04
C GLY F 480 -4.28 -26.95 18.43
N LYS F 481 -3.64 -27.97 18.97
CA LYS F 481 -4.05 -28.48 20.26
C LYS F 481 -3.68 -27.54 21.40
N TYR F 482 -3.20 -26.35 21.08
CA TYR F 482 -2.77 -25.42 22.11
C TYR F 482 -3.15 -23.97 21.81
N ASP F 483 -3.82 -23.79 20.66
CA ASP F 483 -4.25 -22.47 20.19
C ASP F 483 -4.73 -21.54 21.30
N ASN F 484 -5.36 -22.12 22.30
CA ASN F 484 -5.94 -21.36 23.41
C ASN F 484 -4.91 -20.94 24.47
N ILE F 485 -3.64 -20.83 24.09
CA ILE F 485 -2.59 -20.50 25.05
C ILE F 485 -1.87 -19.20 24.67
N PRO F 486 -1.68 -18.26 25.63
CA PRO F 486 -1.04 -17.00 25.26
C PRO F 486 0.35 -17.21 24.63
N GLU F 487 0.56 -16.62 23.47
CA GLU F 487 1.82 -16.68 22.74
C GLU F 487 3.07 -16.66 23.61
N HIS F 488 3.00 -15.93 24.72
CA HIS F 488 4.16 -15.77 25.59
C HIS F 488 4.59 -17.07 26.23
N ALA F 489 3.65 -17.97 26.45
CA ALA F 489 3.95 -19.24 27.10
C ALA F 489 4.99 -20.03 26.31
N PHE F 490 4.90 -19.96 24.99
CA PHE F 490 5.83 -20.67 24.11
C PHE F 490 7.26 -20.14 24.13
N TYR F 491 7.44 -18.95 24.70
CA TYR F 491 8.73 -18.30 24.68
C TYR F 491 9.65 -18.77 25.78
N MET F 492 10.81 -19.29 25.37
CA MET F 492 11.95 -19.55 26.25
C MET F 492 11.57 -20.51 27.39
N VAL F 493 11.28 -21.73 26.96
CA VAL F 493 10.95 -22.84 27.86
C VAL F 493 11.37 -24.10 27.12
N GLY F 494 11.29 -25.26 27.78
CA GLY F 494 11.74 -26.51 27.16
C GLY F 494 10.76 -27.12 26.17
N GLY F 495 10.24 -28.29 26.53
CA GLY F 495 9.28 -29.01 25.70
C GLY F 495 7.86 -28.61 26.01
N ILE F 496 6.92 -29.31 25.38
CA ILE F 496 5.51 -28.92 25.43
C ILE F 496 4.94 -28.88 26.86
N GLU F 497 5.49 -29.70 27.77
CA GLU F 497 5.09 -29.70 29.19
C GLU F 497 5.33 -28.36 29.87
N ASP F 498 6.41 -27.70 29.47
CA ASP F 498 6.85 -26.44 30.06
C ASP F 498 5.94 -25.30 29.61
N VAL F 499 5.28 -25.50 28.48
CA VAL F 499 4.35 -24.52 27.95
C VAL F 499 3.10 -24.50 28.81
N VAL F 500 2.56 -25.68 29.10
CA VAL F 500 1.34 -25.81 29.90
C VAL F 500 1.60 -25.33 31.33
N ALA F 501 2.84 -25.48 31.77
CA ALA F 501 3.28 -25.02 33.08
C ALA F 501 3.21 -23.50 33.17
N LYS F 502 4.06 -22.84 32.38
CA LYS F 502 4.16 -21.37 32.32
C LYS F 502 2.84 -20.64 32.05
N ALA F 503 1.95 -21.29 31.29
CA ALA F 503 0.65 -20.73 30.98
C ALA F 503 -0.30 -20.77 32.18
N GLU F 504 -0.15 -21.80 33.01
CA GLU F 504 -0.88 -21.90 34.26
C GLU F 504 -0.33 -20.91 35.26
N LYS F 505 1.00 -20.74 35.26
CA LYS F 505 1.67 -19.78 36.13
C LYS F 505 1.19 -18.38 35.85
N LEU F 506 1.15 -18.01 34.57
CA LEU F 506 0.74 -16.68 34.15
C LEU F 506 -0.78 -16.47 34.29
N ALA F 507 -1.57 -17.51 34.02
CA ALA F 507 -3.02 -17.46 34.26
C ALA F 507 -3.29 -17.46 35.76
N ALA F 508 -2.31 -16.98 36.50
CA ALA F 508 -2.41 -16.70 37.92
C ALA F 508 -1.43 -15.56 38.19
N GLU F 509 -0.48 -15.69 38.97
N ALA G 34 18.81 -7.26 -2.53
CA ALA G 34 19.09 -5.86 -2.07
C ALA G 34 19.90 -5.07 -3.11
N THR G 35 19.68 -5.39 -4.39
CA THR G 35 20.29 -4.64 -5.50
C THR G 35 19.69 -3.23 -5.55
N LEU G 36 20.22 -2.35 -6.40
CA LEU G 36 19.73 -0.97 -6.46
C LEU G 36 18.44 -0.90 -7.28
N LYS G 37 18.42 -1.61 -8.41
CA LYS G 37 17.27 -1.75 -9.31
C LYS G 37 16.02 -2.05 -8.52
N GLU G 38 16.10 -3.10 -7.69
CA GLU G 38 15.01 -3.53 -6.84
C GLU G 38 14.62 -2.40 -5.88
N VAL G 39 15.52 -2.12 -4.93
CA VAL G 39 15.24 -1.18 -3.85
C VAL G 39 14.56 0.08 -4.32
N GLU G 40 14.97 0.57 -5.49
CA GLU G 40 14.37 1.74 -6.11
C GLU G 40 12.87 1.52 -6.32
N MET G 41 12.52 0.54 -7.15
CA MET G 41 11.13 0.28 -7.50
C MET G 41 10.30 -0.16 -6.29
N ARG G 42 10.91 -0.95 -5.41
CA ARG G 42 10.35 -1.27 -4.10
C ARG G 42 9.90 0.01 -3.39
N LEU G 43 10.81 0.97 -3.28
CA LEU G 43 10.55 2.24 -2.60
C LEU G 43 9.49 3.07 -3.33
N LYS G 44 9.41 2.92 -4.64
CA LYS G 44 8.41 3.63 -5.42
C LYS G 44 7.03 3.19 -4.99
N SER G 45 6.77 1.89 -5.16
CA SER G 45 5.44 1.32 -5.00
C SER G 45 4.87 1.53 -3.59
N ILE G 46 5.74 1.86 -2.64
CA ILE G 46 5.32 2.24 -1.29
C ILE G 46 4.88 3.68 -1.25
N LYS G 47 5.66 4.57 -1.85
CA LYS G 47 5.25 5.97 -2.03
C LYS G 47 3.87 6.06 -2.70
N ASN G 48 3.69 5.23 -3.73
CA ASN G 48 2.46 5.10 -4.48
C ASN G 48 1.31 4.55 -3.65
N ILE G 49 1.62 3.63 -2.75
CA ILE G 49 0.68 3.17 -1.72
C ILE G 49 0.36 4.27 -0.69
N GLU G 50 1.38 4.93 -0.16
CA GLU G 50 1.15 5.95 0.83
C GLU G 50 0.28 7.07 0.28
N LYS G 51 0.40 7.32 -1.01
CA LYS G 51 -0.43 8.30 -1.69
C LYS G 51 -1.90 7.89 -1.57
N ILE G 52 -2.19 6.68 -2.04
CA ILE G 52 -3.55 6.16 -2.10
C ILE G 52 -4.19 6.13 -0.72
N THR G 53 -3.45 5.63 0.26
CA THR G 53 -3.95 5.57 1.62
C THR G 53 -4.23 6.96 2.17
N LYS G 54 -3.45 7.96 1.77
CA LYS G 54 -3.69 9.31 2.29
C LYS G 54 -4.86 9.97 1.62
N THR G 55 -5.08 9.65 0.35
CA THR G 55 -6.31 10.01 -0.36
C THR G 55 -7.51 9.37 0.34
N MET G 56 -7.42 8.06 0.57
CA MET G 56 -8.48 7.32 1.27
C MET G 56 -8.96 8.02 2.53
N LYS G 57 -8.02 8.37 3.40
CA LYS G 57 -8.29 9.01 4.69
C LYS G 57 -9.10 10.31 4.55
N ILE G 58 -8.58 11.23 3.74
CA ILE G 58 -9.24 12.51 3.48
C ILE G 58 -10.61 12.33 2.82
N VAL G 59 -10.74 11.31 1.96
CA VAL G 59 -12.02 11.03 1.30
C VAL G 59 -13.07 10.52 2.29
N ALA G 60 -12.63 9.75 3.28
CA ALA G 60 -13.50 9.26 4.34
C ALA G 60 -13.95 10.42 5.20
N SER G 61 -13.04 11.35 5.49
CA SER G 61 -13.35 12.54 6.29
C SER G 61 -14.58 13.27 5.76
N THR G 62 -14.63 13.49 4.45
CA THR G 62 -15.79 14.15 3.80
C THR G 62 -17.04 13.26 3.76
N ARG G 63 -16.82 11.95 3.67
CA ARG G 63 -17.91 10.99 3.56
C ARG G 63 -18.59 10.75 4.90
N LEU G 64 -17.82 10.89 5.97
CA LEU G 64 -18.33 10.79 7.32
C LEU G 64 -19.11 12.04 7.71
N SER G 65 -18.80 13.17 7.10
CA SER G 65 -19.57 14.39 7.32
C SER G 65 -20.96 14.25 6.69
N LYS G 66 -21.00 13.64 5.49
CA LYS G 66 -22.24 13.37 4.74
C LYS G 66 -23.14 12.33 5.42
N ALA G 67 -22.53 11.30 5.99
CA ALA G 67 -23.24 10.25 6.71
C ALA G 67 -23.43 10.58 8.20
N GLU G 68 -22.96 11.76 8.62
CA GLU G 68 -23.23 12.25 9.97
C GLU G 68 -24.65 12.78 10.08
N LYS G 69 -25.11 13.43 9.01
CA LYS G 69 -26.43 14.05 9.00
C LYS G 69 -27.58 13.03 8.83
N ALA G 70 -27.26 11.90 8.18
CA ALA G 70 -28.21 10.79 8.02
C ALA G 70 -28.24 9.84 9.24
N LYS G 71 -27.34 10.07 10.19
CA LYS G 71 -27.32 9.32 11.43
C LYS G 71 -27.96 10.15 12.53
N ILE G 72 -28.29 11.40 12.21
CA ILE G 72 -29.05 12.25 13.13
C ILE G 72 -30.52 12.30 12.71
N SER G 73 -30.75 12.19 11.41
CA SER G 73 -32.10 12.19 10.85
C SER G 73 -32.75 10.80 10.90
N ALA G 74 -31.96 9.76 11.15
CA ALA G 74 -32.49 8.40 11.33
C ALA G 74 -32.63 8.02 12.81
N LYS G 75 -31.70 8.48 13.64
CA LYS G 75 -31.75 8.24 15.08
C LYS G 75 -32.75 9.16 15.78
N LYS G 76 -33.34 10.08 15.02
CA LYS G 76 -34.43 10.93 15.50
C LYS G 76 -35.80 10.36 15.14
N MET G 77 -35.87 9.74 13.97
CA MET G 77 -37.09 9.06 13.52
C MET G 77 -37.21 7.76 14.29
N ASP G 78 -36.11 7.35 14.91
CA ASP G 78 -36.10 6.23 15.85
C ASP G 78 -36.75 6.66 17.15
N GLU G 79 -36.74 7.97 17.40
CA GLU G 79 -37.34 8.55 18.61
C GLU G 79 -38.86 8.52 18.57
N ALA G 80 -39.44 9.20 17.57
CA ALA G 80 -40.88 9.29 17.40
C ALA G 80 -41.51 7.90 17.27
N GLU G 81 -40.86 7.03 16.52
CA GLU G 81 -41.31 5.66 16.33
C GLU G 81 -41.35 4.92 17.66
N GLN G 82 -40.17 4.67 18.20
CA GLN G 82 -40.02 3.73 19.32
C GLN G 82 -40.62 4.20 20.67
N LEU G 83 -40.96 5.48 20.77
CA LEU G 83 -41.55 6.01 22.00
C LEU G 83 -42.87 5.34 22.32
N PHE G 84 -43.70 5.09 21.29
CA PHE G 84 -44.94 4.34 21.46
C PHE G 84 -44.65 3.03 22.22
N TYR G 85 -43.55 2.38 21.83
CA TYR G 85 -43.13 1.11 22.41
C TYR G 85 -42.67 1.24 23.85
N LYS G 86 -42.12 2.41 24.21
CA LYS G 86 -41.73 2.70 25.59
C LYS G 86 -42.94 2.79 26.52
N ASN G 87 -44.05 3.33 26.02
CA ASN G 87 -45.26 3.46 26.82
C ASN G 87 -46.04 2.15 26.94
N ALA G 88 -46.28 1.48 25.82
CA ALA G 88 -46.78 0.11 25.83
C ALA G 88 -45.60 -0.85 25.77
N GLU G 89 -45.02 -1.15 26.94
CA GLU G 89 -43.76 -1.89 27.01
C GLU G 89 -43.88 -3.30 26.42
N THR G 90 -43.47 -3.43 25.15
CA THR G 90 -43.52 -4.72 24.44
C THR G 90 -42.24 -5.54 24.67
N LYS G 91 -42.35 -6.65 25.41
CA LYS G 91 -41.21 -7.56 25.63
C LYS G 91 -41.37 -8.82 24.77
N ASN G 92 -40.32 -9.15 24.01
CA ASN G 92 -40.33 -10.24 23.03
C ASN G 92 -40.53 -11.61 23.70
N LYS G 104 -36.67 -21.08 15.83
CA LYS G 104 -37.17 -20.16 14.82
C LYS G 104 -36.90 -18.70 15.20
N GLU G 105 -35.62 -18.38 15.36
CA GLU G 105 -35.20 -16.99 15.52
C GLU G 105 -34.63 -16.45 14.21
N LEU G 106 -34.93 -15.19 13.92
CA LEU G 106 -34.37 -14.53 12.76
C LEU G 106 -33.41 -13.43 13.20
N ILE G 107 -32.13 -13.69 12.92
CA ILE G 107 -31.04 -12.73 13.11
C ILE G 107 -30.71 -12.16 11.75
N VAL G 108 -30.71 -10.83 11.67
CA VAL G 108 -30.29 -10.11 10.48
C VAL G 108 -28.93 -9.47 10.79
N ALA G 109 -27.93 -9.78 9.96
CA ALA G 109 -26.59 -9.24 10.15
C ALA G 109 -26.33 -8.12 9.16
N ILE G 110 -25.77 -7.02 9.66
CA ILE G 110 -25.52 -5.81 8.85
C ILE G 110 -24.06 -5.38 8.82
N THR G 111 -23.49 -5.28 7.61
CA THR G 111 -22.21 -4.59 7.38
C THR G 111 -22.17 -4.05 5.95
N SER G 112 -21.10 -4.37 5.24
CA SER G 112 -20.98 -4.03 3.84
C SER G 112 -20.20 -5.08 3.10
N ASP G 113 -19.85 -4.76 1.86
CA ASP G 113 -19.07 -5.65 1.01
C ASP G 113 -17.61 -5.23 1.01
N LYS G 114 -17.36 -4.06 1.59
CA LYS G 114 -16.05 -3.41 1.56
C LYS G 114 -15.12 -3.91 2.66
N GLY G 115 -13.87 -4.16 2.30
CA GLY G 115 -12.81 -4.41 3.28
C GLY G 115 -12.09 -3.11 3.60
N LEU G 116 -10.80 -3.18 3.93
CA LEU G 116 -9.99 -1.97 4.18
C LEU G 116 -10.57 -1.01 5.22
N CYS G 117 -11.13 -1.56 6.30
CA CYS G 117 -11.75 -0.75 7.35
C CYS G 117 -11.66 -1.43 8.72
N GLY G 118 -10.56 -2.11 8.99
CA GLY G 118 -10.34 -2.75 10.28
C GLY G 118 -11.35 -3.82 10.60
N SER G 119 -11.67 -3.96 11.89
CA SER G 119 -12.37 -5.13 12.40
C SER G 119 -13.90 -5.01 12.43
N ILE G 120 -14.44 -4.07 11.65
CA ILE G 120 -15.88 -3.89 11.50
C ILE G 120 -16.62 -5.22 11.36
N HIS G 121 -16.28 -6.00 10.34
CA HIS G 121 -16.93 -7.28 10.08
C HIS G 121 -16.46 -8.37 11.02
N SER G 122 -15.17 -8.34 11.35
CA SER G 122 -14.57 -9.37 12.18
C SER G 122 -15.22 -9.43 13.55
N GLN G 123 -15.32 -8.30 14.23
CA GLN G 123 -15.85 -8.31 15.57
C GLN G 123 -17.38 -8.22 15.66
N LEU G 124 -18.04 -7.87 14.55
CA LEU G 124 -19.50 -8.01 14.50
C LEU G 124 -19.88 -9.48 14.34
N ALA G 125 -19.14 -10.20 13.49
CA ALA G 125 -19.37 -11.63 13.30
C ALA G 125 -19.15 -12.44 14.58
N LYS G 126 -18.40 -11.89 15.53
CA LYS G 126 -18.11 -12.58 16.80
C LYS G 126 -19.26 -12.46 17.82
N ALA G 127 -19.83 -11.26 17.93
CA ALA G 127 -21.02 -11.02 18.77
C ALA G 127 -22.23 -11.77 18.23
N VAL G 128 -22.23 -12.00 16.91
CA VAL G 128 -23.26 -12.79 16.25
C VAL G 128 -23.08 -14.29 16.51
N ARG G 129 -21.87 -14.72 16.81
CA ARG G 129 -21.63 -16.12 17.17
C ARG G 129 -21.76 -16.32 18.67
N ARG G 130 -21.54 -15.24 19.42
CA ARG G 130 -21.72 -15.22 20.88
C ARG G 130 -23.19 -15.45 21.24
N HIS G 131 -24.06 -14.82 20.45
CA HIS G 131 -25.50 -14.95 20.54
C HIS G 131 -25.98 -16.18 19.77
N LEU G 132 -25.15 -16.69 18.86
CA LEU G 132 -25.49 -17.86 18.07
C LEU G 132 -25.04 -19.15 18.75
N ASN G 133 -24.56 -19.00 19.99
CA ASN G 133 -24.31 -20.13 20.87
C ASN G 133 -25.62 -20.60 21.51
N ASP G 134 -26.42 -19.64 21.95
CA ASP G 134 -27.63 -19.92 22.71
C ASP G 134 -28.79 -20.37 21.83
N GLN G 135 -28.62 -20.26 20.53
CA GLN G 135 -29.55 -20.85 19.58
C GLN G 135 -28.78 -21.27 18.34
N PRO G 136 -28.18 -22.47 18.37
CA PRO G 136 -27.35 -22.97 17.27
C PRO G 136 -28.09 -23.05 15.94
N ASN G 137 -29.42 -23.15 16.00
CA ASN G 137 -30.26 -23.30 14.82
C ASN G 137 -31.15 -22.09 14.51
N ALA G 138 -30.56 -20.89 14.55
CA ALA G 138 -31.28 -19.66 14.23
C ALA G 138 -30.93 -19.15 12.84
N ASP G 139 -31.96 -18.86 12.03
CA ASP G 139 -31.78 -18.37 10.67
C ASP G 139 -31.15 -16.97 10.60
N ILE G 140 -30.28 -16.77 9.61
CA ILE G 140 -29.66 -15.48 9.39
C ILE G 140 -29.87 -14.97 7.96
N VAL G 141 -30.21 -13.69 7.85
CA VAL G 141 -30.06 -12.99 6.59
C VAL G 141 -28.95 -11.96 6.78
N THR G 142 -28.02 -11.94 5.83
CA THR G 142 -26.88 -11.05 5.91
C THR G 142 -26.96 -9.95 4.86
N ILE G 143 -26.62 -8.74 5.28
CA ILE G 143 -26.59 -7.57 4.42
C ILE G 143 -25.14 -7.09 4.36
N GLY G 144 -24.59 -7.14 3.15
CA GLY G 144 -23.15 -6.96 2.96
C GLY G 144 -22.45 -8.31 2.99
N ASP G 145 -21.46 -8.47 2.11
CA ASP G 145 -20.82 -9.78 1.91
C ASP G 145 -19.82 -10.14 3.00
N LYS G 146 -19.04 -9.16 3.43
CA LYS G 146 -17.96 -9.40 4.39
C LYS G 146 -18.41 -10.12 5.66
N ILE G 147 -19.63 -9.83 6.10
CA ILE G 147 -20.23 -10.55 7.23
C ILE G 147 -20.67 -11.95 6.81
N LYS G 148 -21.30 -12.05 5.63
CA LYS G 148 -21.73 -13.33 5.06
C LYS G 148 -20.55 -14.29 4.93
N MET G 149 -19.45 -13.79 4.37
CA MET G 149 -18.21 -14.54 4.24
C MET G 149 -17.74 -15.04 5.60
N GLN G 150 -17.81 -14.17 6.62
CA GLN G 150 -17.39 -14.50 7.99
C GLN G 150 -18.22 -15.62 8.60
N LEU G 151 -19.54 -15.48 8.57
CA LEU G 151 -20.41 -16.47 9.16
C LEU G 151 -20.51 -17.74 8.29
N LEU G 152 -20.38 -17.56 6.97
CA LEU G 152 -20.47 -18.68 6.02
C LEU G 152 -19.44 -19.75 6.35
N ARG G 153 -18.39 -19.34 7.02
CA ARG G 153 -17.27 -20.20 7.41
C ARG G 153 -17.52 -20.93 8.74
N THR G 154 -18.47 -20.44 9.55
CA THR G 154 -18.63 -20.93 10.94
C THR G 154 -20.03 -21.48 11.31
N HIS G 155 -21.09 -20.86 10.80
CA HIS G 155 -22.43 -21.42 10.88
C HIS G 155 -22.98 -21.52 9.47
N PRO G 156 -22.37 -22.43 8.67
CA PRO G 156 -22.48 -22.44 7.20
C PRO G 156 -23.87 -22.81 6.69
N ASN G 157 -24.63 -23.56 7.49
CA ASN G 157 -25.99 -23.91 7.14
C ASN G 157 -27.02 -23.33 8.14
N ASN G 158 -26.78 -22.07 8.51
CA ASN G 158 -27.72 -21.25 9.28
C ASN G 158 -28.42 -20.24 8.37
N ILE G 159 -27.66 -19.69 7.43
CA ILE G 159 -28.08 -18.59 6.58
C ILE G 159 -28.98 -19.07 5.44
N LYS G 160 -30.07 -18.34 5.19
CA LYS G 160 -31.00 -18.74 4.14
C LYS G 160 -31.12 -17.71 3.00
N LEU G 161 -30.79 -16.45 3.28
CA LEU G 161 -30.83 -15.38 2.27
C LEU G 161 -29.69 -14.38 2.47
N SER G 162 -29.27 -13.72 1.39
CA SER G 162 -28.22 -12.71 1.45
C SER G 162 -28.37 -11.56 0.44
N ILE G 163 -28.07 -10.35 0.91
CA ILE G 163 -28.17 -9.13 0.12
C ILE G 163 -26.77 -8.55 -0.12
N ASN G 164 -26.61 -7.80 -1.22
CA ASN G 164 -25.32 -7.16 -1.56
C ASN G 164 -25.42 -5.87 -2.39
N GLY G 165 -24.32 -5.13 -2.46
CA GLY G 165 -24.30 -3.81 -3.08
C GLY G 165 -24.89 -2.83 -2.10
N ILE G 166 -24.17 -2.57 -1.02
CA ILE G 166 -24.70 -1.84 0.15
C ILE G 166 -23.83 -0.64 0.56
N GLY G 167 -22.77 -0.91 1.32
CA GLY G 167 -21.95 0.14 1.96
C GLY G 167 -21.12 0.98 1.02
N LYS G 168 -21.75 1.42 -0.06
CA LYS G 168 -21.13 2.27 -1.06
C LYS G 168 -21.57 3.71 -0.85
N ASP G 169 -22.88 3.94 -0.83
CA ASP G 169 -23.45 5.23 -0.45
C ASP G 169 -24.22 5.07 0.85
N ALA G 170 -24.72 6.19 1.37
CA ALA G 170 -25.55 6.15 2.58
C ALA G 170 -26.88 5.43 2.28
N PRO G 171 -27.28 4.50 3.16
CA PRO G 171 -28.49 3.72 2.90
C PRO G 171 -29.76 4.58 2.97
N THR G 172 -30.76 4.23 2.16
CA THR G 172 -32.02 4.95 2.13
C THR G 172 -33.16 4.03 2.49
N PHE G 173 -34.26 4.63 2.93
CA PHE G 173 -35.47 3.90 3.24
C PHE G 173 -35.93 3.02 2.09
N GLN G 174 -35.76 3.50 0.87
CA GLN G 174 -36.11 2.74 -0.33
C GLN G 174 -35.53 1.33 -0.29
N GLU G 175 -34.26 1.22 0.11
CA GLU G 175 -33.61 -0.06 0.34
C GLU G 175 -34.19 -0.73 1.57
N SER G 176 -34.24 0.04 2.65
CA SER G 176 -34.64 -0.44 3.96
C SER G 176 -36.05 -1.03 3.93
N ALA G 177 -36.81 -0.68 2.90
CA ALA G 177 -38.16 -1.19 2.70
C ALA G 177 -38.16 -2.44 1.84
N LEU G 178 -37.28 -2.47 0.84
CA LEU G 178 -37.17 -3.60 -0.07
C LEU G 178 -36.58 -4.82 0.61
N ILE G 179 -35.67 -4.59 1.54
CA ILE G 179 -35.10 -5.68 2.32
C ILE G 179 -36.13 -6.16 3.33
N ALA G 180 -36.82 -5.20 3.96
CA ALA G 180 -37.94 -5.50 4.87
C ALA G 180 -39.01 -6.30 4.15
N ASP G 181 -39.33 -5.88 2.93
CA ASP G 181 -40.26 -6.59 2.04
C ASP G 181 -39.82 -8.02 1.74
N LYS G 182 -38.55 -8.20 1.35
CA LYS G 182 -38.07 -9.53 0.99
C LYS G 182 -37.95 -10.43 2.22
N LEU G 183 -37.66 -9.81 3.37
CA LEU G 183 -37.72 -10.47 4.67
C LEU G 183 -39.13 -10.96 4.99
N LEU G 184 -40.13 -10.18 4.57
CA LEU G 184 -41.53 -10.63 4.64
C LEU G 184 -41.76 -11.72 3.57
N SER G 185 -41.32 -11.45 2.34
CA SER G 185 -41.41 -12.38 1.18
C SER G 185 -40.90 -13.79 1.46
N VAL G 186 -39.66 -14.06 1.06
CA VAL G 186 -39.09 -15.40 1.14
C VAL G 186 -38.85 -15.89 2.57
N MET G 187 -38.46 -14.97 3.44
CA MET G 187 -38.04 -15.31 4.79
C MET G 187 -39.16 -15.64 5.77
N LYS G 188 -40.40 -15.28 5.42
CA LYS G 188 -41.57 -15.56 6.25
C LYS G 188 -41.40 -14.84 7.60
N ALA G 189 -41.27 -13.52 7.56
CA ALA G 189 -40.84 -12.71 8.71
C ALA G 189 -41.75 -12.73 9.95
N GLY G 190 -43.00 -12.31 9.79
CA GLY G 190 -43.96 -12.25 10.89
C GLY G 190 -44.15 -13.59 11.59
N THR G 191 -44.01 -14.67 10.82
CA THR G 191 -44.19 -16.02 11.31
C THR G 191 -43.02 -16.51 12.18
N TYR G 192 -42.19 -15.57 12.60
CA TYR G 192 -41.07 -15.87 13.46
C TYR G 192 -41.36 -15.45 14.89
N PRO G 193 -41.16 -16.38 15.83
CA PRO G 193 -41.18 -16.17 17.28
C PRO G 193 -40.35 -14.98 17.75
N LYS G 194 -39.23 -14.72 17.07
CA LYS G 194 -38.32 -13.64 17.47
C LYS G 194 -37.42 -13.16 16.31
N ILE G 195 -37.13 -11.86 16.29
CA ILE G 195 -36.25 -11.24 15.29
C ILE G 195 -35.32 -10.22 15.95
N SER G 196 -34.02 -10.34 15.67
CA SER G 196 -33.06 -9.34 16.13
C SER G 196 -32.04 -8.90 15.05
N ILE G 197 -31.88 -7.59 14.93
CA ILE G 197 -30.95 -7.03 13.96
C ILE G 197 -29.63 -6.75 14.67
N PHE G 198 -28.54 -7.18 14.01
CA PHE G 198 -27.18 -6.98 14.49
C PHE G 198 -26.39 -5.99 13.64
N TYR G 199 -25.84 -4.99 14.30
CA TYR G 199 -25.21 -3.89 13.61
C TYR G 199 -24.07 -3.34 14.43
N ASN G 200 -23.15 -2.61 13.78
CA ASN G 200 -22.11 -1.88 14.48
C ASN G 200 -22.56 -0.47 14.85
N ASP G 201 -22.76 -0.24 16.15
CA ASP G 201 -23.10 1.07 16.67
C ASP G 201 -21.85 1.96 16.77
N PRO G 202 -21.95 3.23 16.33
CA PRO G 202 -20.81 4.13 16.45
C PRO G 202 -20.72 4.87 17.80
N VAL G 203 -19.82 4.45 18.69
CA VAL G 203 -19.68 5.14 19.99
C VAL G 203 -18.97 6.51 19.92
N SER G 204 -17.85 6.57 19.21
CA SER G 204 -17.17 7.86 18.92
C SER G 204 -16.81 7.93 17.43
N SER G 205 -15.59 8.38 17.13
CA SER G 205 -15.03 8.24 15.79
C SER G 205 -13.97 7.14 15.78
N LEU G 206 -13.14 7.13 16.85
CA LEU G 206 -12.04 6.16 16.97
C LEU G 206 -12.55 4.75 17.25
N SER G 207 -13.66 4.64 17.97
CA SER G 207 -14.24 3.34 18.33
C SER G 207 -15.71 3.17 17.94
N PHE G 208 -16.07 1.94 17.59
CA PHE G 208 -17.45 1.55 17.34
C PHE G 208 -17.81 0.43 18.32
N GLU G 209 -19.01 -0.11 18.17
CA GLU G 209 -19.50 -1.14 19.07
C GLU G 209 -20.44 -2.11 18.35
N PRO G 210 -20.12 -3.42 18.41
CA PRO G 210 -21.09 -4.38 17.93
C PRO G 210 -22.33 -4.28 18.81
N SER G 211 -23.51 -4.18 18.19
CA SER G 211 -24.74 -4.01 18.94
C SER G 211 -25.90 -4.85 18.42
N GLU G 212 -26.88 -5.05 19.29
CA GLU G 212 -28.09 -5.78 18.94
C GLU G 212 -29.28 -4.92 19.27
N LYS G 213 -30.38 -5.14 18.55
CA LYS G 213 -31.68 -4.53 18.89
C LYS G 213 -32.89 -5.38 18.47
N PRO G 214 -33.90 -5.48 19.34
CA PRO G 214 -35.08 -6.31 19.10
C PRO G 214 -36.13 -5.70 18.18
N ILE G 215 -36.55 -6.49 17.19
CA ILE G 215 -37.78 -6.25 16.45
C ILE G 215 -38.86 -7.09 17.12
N PHE G 216 -40.05 -6.51 17.33
CA PHE G 216 -41.21 -7.25 17.86
C PHE G 216 -42.25 -7.43 16.76
N ASN G 217 -42.94 -8.58 16.75
CA ASN G 217 -43.96 -8.84 15.72
C ASN G 217 -45.42 -8.69 16.18
N ALA G 218 -46.34 -8.85 15.23
CA ALA G 218 -47.77 -8.51 15.40
C ALA G 218 -48.36 -8.98 16.71
N LYS G 219 -48.14 -10.25 17.03
CA LYS G 219 -48.62 -10.85 18.27
C LYS G 219 -48.02 -10.16 19.51
N THR G 220 -46.71 -9.92 19.48
CA THR G 220 -46.00 -9.27 20.61
C THR G 220 -46.56 -7.88 20.87
N ILE G 221 -46.95 -7.23 19.78
CA ILE G 221 -47.44 -5.87 19.83
C ILE G 221 -48.82 -5.81 20.50
N GLU G 222 -49.74 -6.69 20.09
CA GLU G 222 -51.06 -6.80 20.74
C GLU G 222 -50.91 -7.15 22.21
N GLN G 223 -50.06 -8.14 22.47
CA GLN G 223 -49.90 -8.72 23.80
C GLN G 223 -49.16 -7.82 24.79
N SER G 224 -48.62 -6.70 24.32
CA SER G 224 -47.83 -5.83 25.20
C SER G 224 -48.69 -5.20 26.31
N PRO G 225 -48.29 -5.43 27.59
CA PRO G 225 -48.87 -4.91 28.81
C PRO G 225 -49.75 -3.66 28.67
N SER G 226 -49.20 -2.56 28.17
CA SER G 226 -49.95 -1.29 28.13
C SER G 226 -50.61 -0.95 26.79
N PHE G 227 -50.70 -1.95 25.91
CA PHE G 227 -51.37 -1.76 24.62
C PHE G 227 -52.77 -1.23 24.83
N GLY G 228 -53.37 -1.61 25.96
CA GLY G 228 -54.71 -1.18 26.36
C GLY G 228 -54.89 0.32 26.48
N LYS G 229 -53.83 1.01 26.91
CA LYS G 229 -53.86 2.47 27.05
C LYS G 229 -54.13 3.18 25.72
N PHE G 230 -53.65 2.59 24.63
CA PHE G 230 -53.78 3.19 23.30
C PHE G 230 -55.08 2.79 22.59
N GLU G 231 -55.98 3.77 22.46
CA GLU G 231 -57.29 3.57 21.83
C GLU G 231 -57.18 3.39 20.30
N ILE G 232 -56.18 2.62 19.89
CA ILE G 232 -56.03 2.17 18.50
C ILE G 232 -57.27 1.38 18.10
N ASP G 233 -58.02 1.91 17.14
CA ASP G 233 -59.20 1.23 16.60
C ASP G 233 -58.81 -0.11 15.96
N THR G 234 -59.36 -1.20 16.49
CA THR G 234 -59.11 -2.54 15.96
C THR G 234 -59.60 -2.69 14.52
N ASP G 235 -59.95 -1.53 13.95
CA ASP G 235 -60.34 -1.34 12.55
C ASP G 235 -59.30 -1.94 11.57
N ALA G 236 -59.40 -3.25 11.34
CA ALA G 236 -58.53 -4.02 10.42
C ALA G 236 -56.99 -3.95 10.69
N ASN G 237 -56.30 -5.00 10.26
CA ASN G 237 -54.88 -5.26 10.54
C ASN G 237 -54.09 -4.01 10.91
N VAL G 238 -54.12 -3.64 12.19
CA VAL G 238 -53.42 -2.44 12.66
C VAL G 238 -52.08 -2.68 13.35
N PRO G 239 -51.93 -3.79 14.10
CA PRO G 239 -50.61 -4.04 14.65
C PRO G 239 -49.66 -4.58 13.59
N ARG G 240 -50.21 -5.33 12.64
CA ARG G 240 -49.46 -5.88 11.51
C ARG G 240 -48.64 -4.77 10.84
N ASP G 241 -49.34 -3.70 10.45
CA ASP G 241 -48.70 -2.57 9.77
C ASP G 241 -47.57 -2.01 10.62
N LEU G 242 -47.89 -1.71 11.88
CA LEU G 242 -46.90 -1.19 12.81
C LEU G 242 -45.64 -2.05 12.84
N PHE G 243 -45.81 -3.36 12.78
CA PHE G 243 -44.66 -4.27 12.69
C PHE G 243 -43.95 -4.08 11.36
N GLU G 244 -44.69 -4.26 10.26
CA GLU G 244 -44.14 -4.21 8.90
C GLU G 244 -43.33 -2.95 8.61
N TYR G 245 -43.53 -1.96 9.47
CA TYR G 245 -43.00 -0.64 9.26
C TYR G 245 -42.03 -0.33 10.37
N THR G 246 -42.07 -1.13 11.42
CA THR G 246 -41.03 -1.04 12.43
C THR G 246 -39.86 -1.92 12.00
N LEU G 247 -40.12 -2.89 11.12
CA LEU G 247 -39.04 -3.71 10.51
C LEU G 247 -38.18 -2.93 9.49
N ALA G 248 -38.83 -2.12 8.66
CA ALA G 248 -38.13 -1.25 7.73
C ALA G 248 -37.41 -0.11 8.47
N ASN G 249 -38.13 0.56 9.37
CA ASN G 249 -37.57 1.68 10.13
C ASN G 249 -36.41 1.29 11.02
N GLN G 250 -36.60 0.28 11.87
CA GLN G 250 -35.51 -0.23 12.70
C GLN G 250 -34.31 -0.58 11.85
N MET G 251 -34.53 -1.38 10.81
CA MET G 251 -33.48 -1.72 9.87
C MET G 251 -32.70 -0.53 9.33
N LEU G 252 -33.42 0.53 8.95
CA LEU G 252 -32.77 1.73 8.42
C LEU G 252 -31.80 2.26 9.46
N THR G 253 -32.31 2.67 10.62
CA THR G 253 -31.51 3.20 11.71
C THR G 253 -30.20 2.40 11.90
N ALA G 254 -30.33 1.08 11.99
CA ALA G 254 -29.17 0.21 12.11
C ALA G 254 -28.20 0.46 10.98
N MET G 255 -28.70 0.41 9.74
CA MET G 255 -27.85 0.61 8.55
C MET G 255 -27.17 1.97 8.55
N ALA G 256 -27.90 3.02 8.90
CA ALA G 256 -27.34 4.36 8.97
C ALA G 256 -26.20 4.38 9.98
N GLN G 257 -26.44 3.78 11.13
CA GLN G 257 -25.45 3.71 12.19
C GLN G 257 -24.29 2.82 11.82
N GLY G 258 -24.59 1.71 11.14
CA GLY G 258 -23.57 0.73 10.74
C GLY G 258 -22.60 1.30 9.73
N TYR G 259 -23.16 1.97 8.73
CA TYR G 259 -22.39 2.63 7.68
C TYR G 259 -21.54 3.73 8.26
N ALA G 260 -22.12 4.59 9.10
CA ALA G 260 -21.39 5.69 9.71
C ALA G 260 -20.36 5.22 10.75
N ALA G 261 -20.51 3.98 11.18
CA ALA G 261 -19.51 3.40 12.07
C ALA G 261 -18.37 2.84 11.23
N GLU G 262 -18.71 2.36 10.03
CA GLU G 262 -17.76 1.75 9.11
C GLU G 262 -16.87 2.81 8.48
N ILE G 263 -17.50 3.89 8.01
CA ILE G 263 -16.80 5.01 7.44
C ILE G 263 -15.74 5.50 8.43
N SER G 264 -16.11 5.63 9.71
CA SER G 264 -15.15 6.01 10.75
C SER G 264 -13.97 5.08 10.83
N ALA G 265 -14.28 3.78 10.82
CA ALA G 265 -13.26 2.74 10.80
C ALA G 265 -12.37 2.85 9.57
N ARG G 266 -12.97 2.91 8.38
CA ARG G 266 -12.19 3.05 7.15
C ARG G 266 -11.22 4.22 7.25
N ARG G 267 -11.75 5.36 7.67
CA ARG G 267 -10.94 6.57 7.93
C ARG G 267 -9.76 6.28 8.86
N ASN G 268 -10.02 5.70 10.01
CA ASN G 268 -8.98 5.46 11.01
C ASN G 268 -7.93 4.50 10.50
N ALA G 269 -8.38 3.44 9.84
CA ALA G 269 -7.51 2.41 9.29
C ALA G 269 -6.61 3.00 8.24
N MET G 270 -7.21 3.53 7.17
CA MET G 270 -6.45 4.17 6.13
C MET G 270 -5.48 5.13 6.73
N ASP G 271 -5.88 5.79 7.81
CA ASP G 271 -4.99 6.73 8.49
C ASP G 271 -3.69 6.07 8.97
N ASN G 272 -3.81 4.93 9.63
CA ASN G 272 -2.64 4.20 10.11
C ASN G 272 -1.77 3.62 9.01
N ALA G 273 -2.41 3.16 7.94
CA ALA G 273 -1.70 2.72 6.74
C ALA G 273 -0.72 3.82 6.28
N SER G 274 -1.22 5.06 6.17
CA SER G 274 -0.39 6.20 5.83
C SER G 274 0.75 6.44 6.81
N LYS G 275 0.52 6.20 8.09
CA LYS G 275 1.57 6.37 9.08
C LYS G 275 2.68 5.33 8.87
N ASN G 276 2.28 4.09 8.60
CA ASN G 276 3.22 2.96 8.46
C ASN G 276 4.04 3.02 7.19
N ALA G 277 3.35 3.15 6.06
CA ALA G 277 4.01 3.30 4.78
C ALA G 277 4.87 4.55 4.84
N GLY G 278 4.44 5.50 5.67
CA GLY G 278 5.24 6.68 5.98
C GLY G 278 6.56 6.26 6.60
N ASP G 279 6.49 5.41 7.63
CA ASP G 279 7.67 4.97 8.36
C ASP G 279 8.52 4.03 7.51
N MET G 280 7.87 3.24 6.66
CA MET G 280 8.56 2.31 5.76
C MET G 280 9.41 3.06 4.74
N ILE G 281 8.77 3.98 4.02
CA ILE G 281 9.43 4.94 3.15
C ILE G 281 10.73 5.42 3.78
N ASN G 282 10.68 5.86 5.03
CA ASN G 282 11.87 6.33 5.73
C ASN G 282 12.99 5.33 5.77
N ARG G 283 12.64 4.07 6.06
CA ARG G 283 13.61 2.99 6.16
C ARG G 283 14.24 2.74 4.81
N TYR G 284 13.41 2.37 3.83
CA TYR G 284 13.89 2.14 2.47
C TYR G 284 14.69 3.31 1.88
N SER G 285 14.33 4.54 2.23
CA SER G 285 15.11 5.69 1.82
C SER G 285 16.53 5.53 2.32
N ILE G 286 16.68 5.20 3.60
CA ILE G 286 18.01 5.00 4.16
C ILE G 286 18.72 3.84 3.46
N LEU G 287 18.04 2.71 3.31
CA LEU G 287 18.62 1.57 2.57
C LEU G 287 19.00 1.95 1.16
N TYR G 288 18.17 2.77 0.50
CA TYR G 288 18.46 3.18 -0.89
C TYR G 288 19.83 3.87 -1.02
N ASN G 289 20.03 4.86 -0.18
CA ASN G 289 21.27 5.60 -0.16
C ASN G 289 22.48 4.75 0.11
N ARG G 290 22.36 3.78 1.03
CA ARG G 290 23.45 2.83 1.21
C ARG G 290 23.78 2.11 -0.10
N THR G 291 22.78 1.49 -0.72
CA THR G 291 23.02 0.73 -1.91
C THR G 291 23.61 1.61 -2.99
N ARG G 292 22.92 2.69 -3.33
CA ARG G 292 23.51 3.69 -4.20
C ARG G 292 25.01 3.81 -3.88
N GLN G 293 25.33 4.34 -2.71
CA GLN G 293 26.70 4.54 -2.28
C GLN G 293 27.67 3.42 -2.60
N ALA G 294 27.35 2.20 -2.19
CA ALA G 294 28.22 1.04 -2.47
C ALA G 294 28.33 0.75 -3.97
N VAL G 295 27.19 0.75 -4.68
CA VAL G 295 27.16 0.64 -6.14
C VAL G 295 28.27 1.50 -6.75
N ILE G 296 28.40 2.73 -6.27
CA ILE G 296 29.49 3.64 -6.67
C ILE G 296 30.88 3.14 -6.29
N THR G 297 31.04 2.59 -5.09
CA THR G 297 32.38 2.19 -4.68
C THR G 297 32.80 0.88 -5.34
N ASN G 298 31.93 -0.13 -5.31
CA ASN G 298 32.23 -1.42 -5.96
C ASN G 298 32.46 -1.28 -7.45
N GLU G 299 31.67 -0.41 -8.10
CA GLU G 299 31.83 -0.10 -9.51
C GLU G 299 33.17 0.54 -9.80
N LEU G 300 33.62 1.35 -8.86
CA LEU G 300 34.80 2.15 -9.02
C LEU G 300 36.02 1.24 -8.88
N VAL G 301 35.96 0.39 -7.87
CA VAL G 301 37.05 -0.50 -7.61
C VAL G 301 37.35 -1.29 -8.86
N ASP G 302 36.34 -1.92 -9.46
CA ASP G 302 36.52 -2.69 -10.70
C ASP G 302 37.44 -2.01 -11.72
N ILE G 303 37.34 -0.68 -11.78
CA ILE G 303 38.11 0.15 -12.69
C ILE G 303 39.52 0.33 -12.17
N ILE G 304 39.64 0.72 -10.90
CA ILE G 304 40.95 0.94 -10.27
C ILE G 304 41.86 -0.26 -10.44
N THR G 305 41.33 -1.45 -10.16
CA THR G 305 42.09 -2.67 -10.28
C THR G 305 42.47 -2.95 -11.72
N GLY G 306 41.49 -2.85 -12.63
CA GLY G 306 41.75 -2.93 -14.07
C GLY G 306 42.86 -1.97 -14.49
N ALA G 307 42.90 -0.81 -13.85
CA ALA G 307 43.81 0.28 -14.18
C ALA G 307 45.24 0.13 -13.68
N SER G 308 45.43 -0.41 -12.47
CA SER G 308 46.80 -0.62 -11.93
C SER G 308 47.65 -1.53 -12.81
N SER G 309 47.00 -2.59 -13.32
CA SER G 309 47.61 -3.56 -14.24
C SER G 309 47.87 -2.90 -15.61
N LEU G 310 49.01 -2.75 -16.05
N LEU H 34 -38.61 18.15 17.48
CA LEU H 34 -38.72 17.08 18.49
C LEU H 34 -39.44 15.87 17.91
N GLN H 35 -40.75 15.98 17.66
CA GLN H 35 -41.60 14.81 17.28
C GLN H 35 -42.47 14.96 16.01
N PHE H 36 -41.84 14.75 14.87
CA PHE H 36 -42.43 14.67 13.51
C PHE H 36 -41.31 14.53 12.48
N ALA H 37 -41.05 13.28 12.08
CA ALA H 37 -39.80 12.92 11.40
C ALA H 37 -39.96 12.22 10.06
N LEU H 38 -39.22 12.71 9.07
CA LEU H 38 -38.92 11.96 7.85
C LEU H 38 -37.55 11.29 8.05
N PRO H 39 -37.23 10.23 7.29
CA PRO H 39 -35.96 9.56 7.58
C PRO H 39 -34.76 10.42 7.17
N HIS H 40 -34.91 11.19 6.09
CA HIS H 40 -33.86 12.06 5.63
C HIS H 40 -33.89 13.43 6.33
N GLU H 41 -35.11 13.94 6.55
CA GLU H 41 -35.30 15.28 7.11
C GLU H 41 -36.33 15.21 8.25
N THR H 42 -35.91 15.57 9.47
CA THR H 42 -36.87 15.66 10.59
C THR H 42 -37.34 17.11 10.79
N LEU H 43 -38.63 17.27 11.13
CA LEU H 43 -39.28 18.59 11.08
C LEU H 43 -39.60 19.29 12.41
N TYR H 44 -40.70 18.91 13.06
CA TYR H 44 -41.26 19.76 14.12
C TYR H 44 -40.76 19.48 15.55
N SER H 45 -41.19 20.35 16.48
CA SER H 45 -40.76 20.34 17.88
C SER H 45 -41.89 20.14 18.88
N GLU H 48 -43.66 22.46 20.62
CA GLU H 48 -44.95 22.84 21.20
C GLU H 48 -46.02 23.04 20.11
N VAL H 49 -47.20 22.45 20.32
CA VAL H 49 -48.26 22.46 19.31
C VAL H 49 -49.66 22.70 19.94
N THR H 50 -50.48 23.50 19.26
CA THR H 50 -51.86 23.78 19.72
C THR H 50 -52.98 23.01 18.99
N GLN H 51 -52.70 22.56 17.76
CA GLN H 51 -53.63 21.69 16.98
C GLN H 51 -52.99 21.02 15.76
N VAL H 52 -53.07 19.70 15.70
CA VAL H 52 -52.55 18.95 14.57
C VAL H 52 -53.69 18.28 13.81
N ASN H 53 -53.67 18.41 12.49
CA ASN H 53 -54.63 17.70 11.63
C ASN H 53 -53.90 16.63 10.86
N LEU H 54 -54.46 15.43 10.81
CA LEU H 54 -53.80 14.27 10.18
C LEU H 54 -54.76 13.51 9.29
N PRO H 55 -54.25 12.82 8.24
CA PRO H 55 -55.11 11.99 7.40
C PRO H 55 -55.04 10.51 7.80
N ALA H 56 -55.85 10.12 8.79
CA ALA H 56 -55.73 8.81 9.42
C ALA H 56 -56.15 7.62 8.58
N LYS H 57 -56.17 6.45 9.21
CA LYS H 57 -56.53 5.21 8.57
C LYS H 57 -57.97 5.32 8.15
N SER H 58 -58.85 5.64 9.11
CA SER H 58 -60.25 5.89 8.80
C SER H 58 -60.54 7.38 8.93
N GLY H 59 -60.43 8.09 7.81
CA GLY H 59 -60.78 9.52 7.70
C GLY H 59 -59.93 10.47 8.54
N ARG H 60 -60.00 11.75 8.18
CA ARG H 60 -59.19 12.78 8.84
C ARG H 60 -59.47 12.81 10.34
N ILE H 61 -58.48 13.22 11.13
CA ILE H 61 -58.68 13.46 12.56
C ILE H 61 -57.86 14.65 13.08
N GLY H 62 -58.20 15.13 14.26
CA GLY H 62 -57.53 16.28 14.85
C GLY H 62 -57.15 16.06 16.30
N VAL H 63 -55.85 16.01 16.55
CA VAL H 63 -55.35 15.89 17.91
C VAL H 63 -55.41 17.28 18.56
N LEU H 64 -55.50 17.32 19.89
CA LEU H 64 -55.58 18.59 20.60
C LEU H 64 -55.05 18.54 22.02
N ALA H 65 -54.89 19.74 22.59
CA ALA H 65 -54.23 20.01 23.89
C ALA H 65 -54.18 18.86 24.89
N ASN H 66 -55.32 18.21 25.10
CA ASN H 66 -55.32 16.90 25.69
C ASN H 66 -56.17 16.03 24.81
N HIS H 67 -55.60 14.91 24.39
CA HIS H 67 -56.29 14.01 23.47
C HIS H 67 -56.11 12.55 23.91
N VAL H 68 -56.92 11.66 23.36
CA VAL H 68 -56.80 10.25 23.70
C VAL H 68 -55.59 9.65 23.03
N PRO H 69 -54.78 8.90 23.80
CA PRO H 69 -53.65 8.12 23.31
C PRO H 69 -54.06 7.15 22.19
N THR H 70 -53.53 7.33 20.99
CA THR H 70 -53.94 6.51 19.84
C THR H 70 -52.83 6.29 18.84
N VAL H 71 -52.87 5.13 18.20
CA VAL H 71 -52.07 4.84 17.02
C VAL H 71 -52.97 4.67 15.79
N GLU H 72 -52.56 5.29 14.69
CA GLU H 72 -53.24 5.10 13.43
C GLU H 72 -52.26 5.18 12.26
N GLN H 73 -52.48 4.28 11.31
CA GLN H 73 -51.82 4.27 10.01
C GLN H 73 -52.08 5.62 9.39
N LEU H 74 -51.08 6.25 8.80
CA LEU H 74 -51.33 7.52 8.16
C LEU H 74 -51.47 7.33 6.67
N LEU H 75 -52.65 7.65 6.14
CA LEU H 75 -52.95 7.50 4.73
C LEU H 75 -52.18 8.57 3.94
N PRO H 76 -51.90 8.32 2.64
CA PRO H 76 -51.26 9.30 1.74
C PRO H 76 -52.04 10.62 1.51
N GLY H 77 -51.89 11.58 2.42
CA GLY H 77 -52.58 12.88 2.31
C GLY H 77 -52.01 14.04 3.12
N VAL H 78 -52.62 15.21 2.94
CA VAL H 78 -52.18 16.47 3.59
C VAL H 78 -52.23 16.44 5.13
N VAL H 79 -51.42 17.32 5.73
CA VAL H 79 -51.32 17.41 7.18
C VAL H 79 -51.20 18.90 7.49
N GLU H 80 -51.25 19.27 8.77
CA GLU H 80 -51.06 20.66 9.17
C GLU H 80 -50.66 20.83 10.63
N VAL H 81 -49.80 21.83 10.87
CA VAL H 81 -49.46 22.25 12.22
C VAL H 81 -50.15 23.56 12.69
N MET H 82 -50.10 23.80 14.00
CA MET H 82 -50.72 24.96 14.63
C MET H 82 -49.85 25.49 15.76
N GLU H 83 -49.87 26.82 15.93
CA GLU H 83 -49.17 27.50 17.03
C GLU H 83 -49.98 28.73 17.47
N GLY H 84 -51.28 28.52 17.73
CA GLY H 84 -52.19 29.60 18.13
C GLY H 84 -53.20 29.94 17.05
N SER H 85 -52.70 30.48 15.93
CA SER H 85 -53.50 30.76 14.74
C SER H 85 -52.63 30.65 13.48
N ASN H 86 -51.71 29.69 13.50
CA ASN H 86 -50.70 29.55 12.45
C ASN H 86 -50.99 28.38 11.50
N SER H 87 -51.26 28.73 10.23
CA SER H 87 -51.59 27.75 9.21
C SER H 87 -50.39 27.33 8.34
N LYS H 88 -50.01 26.06 8.44
CA LYS H 88 -48.91 25.50 7.64
C LYS H 88 -49.16 24.04 7.30
N LYS H 89 -49.53 23.80 6.04
CA LYS H 89 -49.94 22.48 5.56
C LYS H 89 -48.88 21.79 4.71
N PHE H 90 -48.62 20.51 5.02
CA PHE H 90 -47.70 19.65 4.23
C PHE H 90 -48.48 18.51 3.58
N PHE H 91 -47.93 17.98 2.49
CA PHE H 91 -48.39 16.69 1.99
C PHE H 91 -47.49 15.63 2.62
N ILE H 92 -47.76 14.36 2.31
CA ILE H 92 -47.05 13.23 2.91
C ILE H 92 -47.28 11.96 2.08
N SER H 93 -46.51 10.93 2.40
CA SER H 93 -46.56 9.65 1.71
C SER H 93 -47.47 8.69 2.45
N GLY H 94 -47.45 8.81 3.77
CA GLY H 94 -48.14 7.90 4.66
C GLY H 94 -47.19 7.38 5.72
N GLY H 95 -47.74 6.77 6.76
CA GLY H 95 -46.93 6.23 7.84
C GLY H 95 -47.75 5.95 9.08
N PHE H 96 -47.31 6.50 10.20
CA PHE H 96 -47.97 6.29 11.48
C PHE H 96 -48.07 7.54 12.33
N ALA H 97 -49.20 7.69 13.01
CA ALA H 97 -49.32 8.66 14.07
C ALA H 97 -49.45 7.94 15.40
N THR H 98 -49.00 8.58 16.46
CA THR H 98 -49.08 7.98 17.78
C THR H 98 -49.20 9.05 18.88
N VAL H 99 -50.43 9.25 19.35
CA VAL H 99 -50.69 10.13 20.48
C VAL H 99 -50.28 9.38 21.74
N GLN H 100 -49.47 10.05 22.57
CA GLN H 100 -48.87 9.41 23.74
C GLN H 100 -49.68 9.70 25.01
N PRO H 101 -49.61 8.82 26.02
CA PRO H 101 -50.19 9.09 27.34
C PRO H 101 -49.59 10.33 27.97
N ASP H 102 -48.26 10.46 27.86
CA ASP H 102 -47.57 11.67 28.33
C ASP H 102 -47.97 12.91 27.49
N SER H 103 -48.85 12.69 26.51
CA SER H 103 -49.50 13.73 25.71
C SER H 103 -48.75 14.19 24.44
N GLN H 104 -47.54 13.69 24.23
CA GLN H 104 -46.76 14.05 23.04
C GLN H 104 -47.28 13.28 21.81
N LEU H 105 -47.59 14.01 20.73
CA LEU H 105 -47.96 13.37 19.46
C LEU H 105 -46.74 13.15 18.57
N CYS H 106 -46.59 11.92 18.10
CA CYS H 106 -45.49 11.54 17.21
C CYS H 106 -46.04 11.15 15.86
N VAL H 107 -45.60 11.88 14.84
CA VAL H 107 -46.00 11.62 13.46
C VAL H 107 -44.80 11.34 12.55
N THR H 108 -44.89 10.22 11.85
CA THR H 108 -43.80 9.68 11.08
C THR H 108 -44.31 9.37 9.68
N ALA H 109 -43.60 9.88 8.68
CA ALA H 109 -43.87 9.58 7.28
C ALA H 109 -42.54 9.54 6.53
N ILE H 110 -42.61 9.36 5.22
CA ILE H 110 -41.39 9.23 4.43
C ILE H 110 -41.05 10.53 3.70
N GLU H 111 -41.80 10.90 2.66
CA GLU H 111 -41.53 12.14 1.90
C GLU H 111 -42.53 13.28 2.15
N ALA H 112 -42.11 14.52 1.90
CA ALA H 112 -42.92 15.72 2.12
C ALA H 112 -42.39 16.89 1.30
N PRO H 114 -43.54 22.46 2.96
CA PRO H 114 -44.39 23.41 2.26
C PRO H 114 -45.48 22.76 1.40
N LEU H 115 -46.59 23.49 1.22
CA LEU H 115 -47.79 22.99 0.53
C LEU H 115 -47.67 23.00 -1.00
N GLU H 116 -48.32 23.97 -1.64
CA GLU H 116 -48.22 24.19 -3.09
C GLU H 116 -46.89 24.84 -3.44
N SER H 117 -46.18 25.31 -2.40
CA SER H 117 -44.79 25.77 -2.51
C SER H 117 -43.83 24.57 -2.56
N PHE H 118 -44.33 23.45 -3.10
CA PHE H 118 -43.59 22.19 -3.23
C PHE H 118 -43.96 21.43 -4.52
N SER H 119 -45.22 21.01 -4.63
CA SER H 119 -45.68 20.23 -5.78
C SER H 119 -46.37 21.11 -6.81
N GLU H 121 -47.95 20.67 -11.02
CA GLU H 121 -49.07 20.78 -11.96
C GLU H 121 -48.79 19.95 -13.21
N ASN H 122 -47.79 20.37 -13.99
CA ASN H 122 -47.31 19.59 -15.13
C ASN H 122 -46.36 18.49 -14.68
N ILE H 123 -45.62 18.77 -13.60
CA ILE H 123 -44.81 17.77 -12.91
C ILE H 123 -45.72 16.62 -12.51
N LYS H 124 -46.89 16.97 -11.97
CA LYS H 124 -47.92 16.01 -11.62
C LYS H 124 -48.61 15.40 -12.86
N ASN H 125 -48.98 16.28 -13.81
CA ASN H 125 -49.74 15.90 -15.00
C ASN H 125 -49.05 14.83 -15.85
N LEU H 126 -47.85 15.15 -16.35
CA LEU H 126 -47.08 14.24 -17.19
C LEU H 126 -46.84 12.88 -16.53
N LEU H 127 -46.67 12.91 -15.20
CA LEU H 127 -46.48 11.69 -14.40
C LEU H 127 -47.78 10.89 -14.30
N ALA H 128 -48.90 11.60 -14.12
CA ALA H 128 -50.22 10.99 -14.04
C ALA H 128 -50.54 10.21 -15.31
N GLU H 129 -50.11 10.76 -16.46
CA GLU H 129 -50.24 10.09 -17.74
C GLU H 129 -49.59 8.71 -17.68
N ALA H 130 -48.28 8.69 -17.42
CA ALA H 130 -47.48 7.47 -17.35
C ALA H 130 -47.98 6.51 -16.27
N LYS H 131 -48.54 7.08 -15.21
CA LYS H 131 -49.15 6.31 -14.14
C LYS H 131 -50.28 5.44 -14.68
N LYS H 132 -51.34 6.10 -15.17
CA LYS H 132 -52.53 5.42 -15.68
C LYS H 132 -52.18 4.37 -16.74
N ASN H 133 -51.18 4.70 -17.56
CA ASN H 133 -50.69 3.81 -18.61
C ASN H 133 -50.18 2.47 -18.06
N VAL H 134 -49.40 2.55 -16.98
CA VAL H 134 -48.80 1.37 -16.35
C VAL H 134 -49.82 0.40 -15.75
N SER H 135 -50.95 0.94 -15.31
CA SER H 135 -52.02 0.17 -14.65
C SER H 135 -52.58 -0.98 -15.48
N SER H 136 -52.68 -0.76 -16.79
CA SER H 136 -53.21 -1.76 -17.72
C SER H 136 -52.28 -2.96 -17.91
N SER H 137 -51.05 -2.86 -17.40
CA SER H 137 -50.04 -3.91 -17.52
C SER H 137 -50.48 -5.23 -16.90
N ARG H 140 -48.30 -8.29 -10.77
CA ARG H 140 -47.58 -7.61 -9.69
C ARG H 140 -47.11 -6.21 -10.08
N GLU H 141 -46.62 -6.06 -11.30
CA GLU H 141 -46.06 -4.78 -11.79
C GLU H 141 -47.09 -3.65 -11.88
N ALA H 142 -48.23 -3.94 -12.51
CA ALA H 142 -49.33 -2.96 -12.68
C ALA H 142 -50.10 -2.70 -11.40
N ALA H 143 -50.00 -3.64 -10.45
CA ALA H 143 -50.60 -3.49 -9.12
C ALA H 143 -50.00 -2.29 -8.40
N GLU H 144 -48.69 -2.11 -8.56
CA GLU H 144 -47.97 -0.95 -8.03
C GLU H 144 -48.49 0.38 -8.61
N ALA H 145 -48.96 0.34 -9.86
CA ALA H 145 -49.52 1.50 -10.52
C ALA H 145 -50.89 1.87 -9.96
N ALA H 146 -51.62 0.85 -9.48
CA ALA H 146 -52.89 1.08 -8.79
C ALA H 146 -52.64 2.02 -7.61
N ILE H 147 -51.54 1.78 -6.89
CA ILE H 147 -51.12 2.61 -5.78
C ILE H 147 -50.86 4.05 -6.22
N GLN H 148 -50.40 4.21 -7.47
CA GLN H 148 -50.09 5.55 -8.00
C GLN H 148 -51.34 6.38 -8.31
N VAL H 149 -52.39 5.74 -8.82
CA VAL H 149 -53.62 6.42 -9.23
C VAL H 149 -54.28 7.14 -8.06
N GLU H 150 -54.41 6.44 -6.94
CA GLU H 150 -55.02 6.96 -5.70
C GLU H 150 -54.17 8.06 -5.06
N VAL H 151 -52.86 7.85 -5.04
CA VAL H 151 -51.90 8.80 -4.48
C VAL H 151 -51.86 10.07 -5.33
N LEU H 152 -51.90 9.86 -6.64
CA LEU H 152 -51.91 10.94 -7.60
C LEU H 152 -53.21 11.72 -7.54
N GLU H 153 -54.34 11.03 -7.77
CA GLU H 153 -55.66 11.65 -7.79
C GLU H 153 -55.85 12.58 -6.58
N ASN H 154 -55.36 12.13 -5.43
CA ASN H 154 -55.39 12.89 -4.17
C ASN H 154 -54.66 14.24 -4.27
N LEU H 155 -53.41 14.19 -4.75
CA LEU H 155 -52.56 15.37 -4.89
C LEU H 155 -53.15 16.44 -5.80
N GLN H 156 -53.84 16.01 -6.86
CA GLN H 156 -54.53 16.92 -7.79
C GLN H 156 -55.37 17.93 -7.02
N SER H 157 -56.09 17.44 -6.00
CA SER H 157 -56.79 18.28 -5.05
C SER H 157 -55.79 18.92 -4.07
N VAL H 158 -55.27 20.09 -4.44
CA VAL H 158 -54.41 20.90 -3.55
C VAL H 158 -54.21 22.30 -4.13
N MET I 8 -43.57 1.28 -2.13
CA MET I 8 -44.14 -0.04 -2.55
C MET I 8 -45.07 -0.73 -1.52
N SER I 9 -44.50 -1.60 -0.66
CA SER I 9 -45.25 -2.56 0.22
C SER I 9 -46.33 -1.94 1.11
N TYR I 10 -46.35 -2.29 2.40
CA TYR I 10 -46.79 -1.31 3.39
C TYR I 10 -45.51 -0.79 3.96
N ALA I 11 -44.68 -1.74 4.39
CA ALA I 11 -43.27 -1.53 4.67
C ALA I 11 -42.73 -0.48 3.71
N ALA I 12 -43.17 -0.57 2.46
CA ALA I 12 -42.74 0.37 1.43
C ALA I 12 -43.87 1.22 0.87
N TYR I 13 -45.13 0.91 1.20
CA TYR I 13 -46.31 1.65 0.73
C TYR I 13 -45.97 3.10 0.46
N LEU I 14 -45.37 3.70 1.47
CA LEU I 14 -45.09 5.11 1.55
C LEU I 14 -43.69 5.41 0.94
N ASN I 15 -43.19 4.45 0.16
CA ASN I 15 -42.00 4.60 -0.69
C ASN I 15 -42.36 4.41 -2.17
N VAL I 16 -43.66 4.29 -2.44
CA VAL I 16 -44.18 4.42 -3.80
C VAL I 16 -45.08 5.64 -3.79
N ALA I 17 -45.76 5.83 -2.66
CA ALA I 17 -46.49 7.06 -2.39
C ALA I 17 -45.50 8.20 -2.16
N ALA I 18 -44.23 7.84 -2.00
CA ALA I 18 -43.14 8.80 -1.84
C ALA I 18 -42.19 8.77 -3.05
N GLN I 19 -42.50 7.92 -4.03
CA GLN I 19 -41.66 7.78 -5.22
C GLN I 19 -42.45 7.80 -6.52
N ALA I 20 -43.78 7.78 -6.39
CA ALA I 20 -44.63 8.37 -7.40
C ALA I 20 -44.67 9.83 -7.00
N ILE I 21 -44.76 10.05 -5.69
CA ILE I 21 -44.70 11.38 -5.12
C ILE I 21 -43.28 11.91 -5.03
N ARG I 22 -42.33 11.19 -5.65
CA ARG I 22 -40.98 11.73 -5.87
C ARG I 22 -40.99 12.41 -7.24
N SER I 23 -41.42 11.67 -8.26
CA SER I 23 -41.57 12.21 -9.60
C SER I 23 -42.75 13.20 -9.68
N SER I 24 -43.80 12.91 -10.24
N THR I 27 -38.89 19.26 -11.41
CA THR I 27 -37.40 19.34 -11.56
C THR I 27 -36.83 20.20 -10.44
N GLU I 28 -37.31 19.98 -9.21
CA GLU I 28 -37.01 20.87 -8.09
C GLU I 28 -36.14 20.24 -6.99
N LEU I 29 -36.75 19.89 -5.86
CA LEU I 29 -36.04 19.36 -4.68
C LEU I 29 -35.01 18.25 -5.02
N GLN I 30 -35.17 17.63 -6.20
CA GLN I 30 -34.39 16.46 -6.63
C GLN I 30 -32.89 16.72 -6.85
N THR I 31 -32.41 17.86 -6.38
CA THR I 31 -30.99 18.19 -6.41
C THR I 31 -30.29 17.24 -5.45
N ALA I 32 -29.53 16.30 -6.01
CA ALA I 32 -28.91 15.20 -5.27
C ALA I 32 -29.93 14.45 -4.39
N SER I 33 -30.14 14.96 -3.17
CA SER I 33 -31.07 14.40 -2.17
C SER I 33 -31.99 13.31 -2.68
N VAL I 34 -33.03 13.72 -3.41
CA VAL I 34 -34.18 12.88 -3.71
C VAL I 34 -33.98 12.01 -4.95
N THR I 35 -33.36 12.56 -5.98
CA THR I 35 -33.01 11.76 -7.17
C THR I 35 -32.24 10.50 -6.78
N ASN I 36 -31.45 10.62 -5.69
CA ASN I 36 -30.61 9.53 -5.19
C ASN I 36 -31.32 8.62 -4.19
N ARG I 37 -32.25 9.22 -3.43
CA ARG I 37 -33.15 8.48 -2.55
C ARG I 37 -34.00 7.52 -3.38
N SER I 38 -34.11 7.81 -4.68
CA SER I 38 -34.89 7.02 -5.64
C SER I 38 -34.09 5.89 -6.31
N GLN I 39 -32.77 6.06 -6.41
CA GLN I 39 -31.91 5.03 -6.99
C GLN I 39 -31.25 4.17 -5.90
N THR I 40 -31.70 2.92 -5.78
CA THR I 40 -31.12 1.95 -4.85
C THR I 40 -30.49 0.82 -5.65
N ASP I 41 -29.25 0.44 -5.31
CA ASP I 41 -28.49 -0.53 -6.12
C ASP I 41 -28.33 -1.91 -5.50
N ALA I 42 -29.30 -2.30 -4.71
CA ALA I 42 -29.25 -3.57 -3.96
C ALA I 42 -29.61 -4.80 -4.80
N PHE I 43 -29.08 -5.96 -4.38
CA PHE I 43 -29.38 -7.26 -4.98
C PHE I 43 -29.58 -8.31 -3.90
N TYR I 44 -30.59 -9.15 -4.06
CA TYR I 44 -30.80 -10.27 -3.14
C TYR I 44 -30.44 -11.60 -3.80
N THR I 45 -30.09 -12.57 -2.97
CA THR I 45 -29.88 -13.95 -3.42
C THR I 45 -30.19 -14.92 -2.29
N GLN I 46 -31.06 -15.87 -2.60
CA GLN I 46 -31.45 -16.91 -1.66
C GLN I 46 -30.38 -17.99 -1.57
N TYR I 47 -30.24 -18.60 -0.39
CA TYR I 47 -29.20 -19.58 -0.14
C TYR I 47 -29.72 -20.93 0.35
N LYS I 48 -29.22 -21.99 -0.28
CA LYS I 48 -29.73 -23.35 -0.08
C LYS I 48 -28.70 -24.32 0.53
N ASN I 49 -29.02 -25.62 0.49
CA ASN I 49 -28.24 -26.70 1.11
C ASN I 49 -26.72 -26.56 0.97
N ALA I 53 -24.93 -23.94 1.97
CA ALA I 53 -23.77 -23.61 1.15
C ALA I 53 -24.15 -22.93 -0.17
N SER I 54 -24.53 -23.72 -1.17
CA SER I 54 -24.88 -23.22 -2.50
C SER I 54 -26.07 -22.25 -2.47
N GLU I 55 -26.14 -21.39 -3.49
CA GLU I 55 -27.13 -20.30 -3.55
C GLU I 55 -28.49 -20.70 -4.16
N PRO I 56 -29.10 -19.78 -4.89
CA PRO I 56 -30.32 -20.04 -5.65
C PRO I 56 -30.24 -19.37 -7.03
N THR I 57 -30.15 -18.04 -7.03
CA THR I 57 -29.99 -17.22 -8.24
C THR I 57 -29.97 -15.75 -7.84
N PRO I 58 -29.47 -14.90 -8.73
CA PRO I 58 -29.38 -13.45 -8.47
C PRO I 58 -30.56 -12.67 -9.08
N MET I 59 -30.91 -11.55 -8.45
CA MET I 59 -31.96 -10.65 -8.93
C MET I 59 -31.85 -9.27 -8.27
N THR I 60 -32.25 -8.22 -8.98
CA THR I 60 -32.28 -6.87 -8.42
C THR I 60 -33.34 -6.79 -7.31
N LYS I 61 -33.04 -6.05 -6.24
CA LYS I 61 -33.88 -6.01 -5.02
C LYS I 61 -35.39 -5.80 -5.29
N LEU J 3 -120.44 -8.28 11.85
CA LEU J 3 -119.22 -8.26 12.70
C LEU J 3 -118.10 -9.10 12.14
N VAL J 4 -118.46 -10.24 11.54
CA VAL J 4 -117.50 -11.16 10.93
C VAL J 4 -116.80 -10.51 9.72
N LEU J 5 -117.54 -9.70 8.96
CA LEU J 5 -116.96 -8.91 7.87
C LEU J 5 -116.21 -7.68 8.37
N ALA J 6 -116.70 -7.08 9.46
CA ALA J 6 -116.07 -5.90 10.06
C ALA J 6 -114.70 -6.20 10.69
N ALA J 7 -114.64 -7.21 11.55
CA ALA J 7 -113.39 -7.61 12.21
C ALA J 7 -112.44 -8.33 11.26
N LYS J 8 -112.94 -8.69 10.07
CA LYS J 8 -112.14 -9.26 8.99
C LYS J 8 -111.27 -8.17 8.34
N TYR J 9 -111.78 -6.94 8.33
CA TYR J 9 -111.09 -5.81 7.69
C TYR J 9 -110.08 -5.17 8.63
N ILE J 10 -110.40 -5.12 9.92
CA ILE J 10 -109.44 -4.70 10.96
C ILE J 10 -108.32 -5.74 11.09
N GLY J 11 -108.71 -7.02 11.09
CA GLY J 11 -107.76 -8.13 11.11
C GLY J 11 -106.78 -8.15 9.95
N ALA J 12 -107.23 -7.66 8.80
CA ALA J 12 -106.40 -7.56 7.58
C ALA J 12 -105.43 -6.38 7.62
N GLY J 13 -105.84 -5.33 8.35
CA GLY J 13 -104.98 -4.15 8.57
C GLY J 13 -103.96 -4.36 9.69
N ILE J 14 -104.33 -5.12 10.71
CA ILE J 14 -103.42 -5.46 11.81
C ILE J 14 -102.29 -6.41 11.36
N SER J 15 -102.59 -7.22 10.34
CA SER J 15 -101.60 -8.15 9.76
C SER J 15 -100.42 -7.41 9.10
N THR J 16 -100.65 -6.17 8.67
CA THR J 16 -99.67 -5.40 7.88
C THR J 16 -98.50 -4.88 8.69
N ILE J 17 -98.65 -4.83 10.02
CA ILE J 17 -97.58 -4.37 10.91
C ILE J 17 -96.39 -5.34 10.94
N GLY J 18 -96.62 -6.60 10.59
CA GLY J 18 -95.55 -7.59 10.49
C GLY J 18 -94.52 -7.31 9.40
N LEU J 19 -94.93 -6.56 8.37
CA LEU J 19 -94.03 -6.14 7.27
C LEU J 19 -93.02 -5.07 7.69
N LEU J 20 -93.27 -4.42 8.82
CA LEU J 20 -92.31 -3.52 9.46
C LEU J 20 -91.03 -4.30 9.78
N GLY J 21 -91.18 -5.57 10.14
CA GLY J 21 -90.05 -6.45 10.44
C GLY J 21 -89.29 -6.93 9.21
N ALA J 22 -90.02 -7.32 8.17
CA ALA J 22 -89.44 -7.73 6.91
C ALA J 22 -88.78 -6.56 6.15
N GLY J 23 -89.37 -5.37 6.24
CA GLY J 23 -88.88 -4.18 5.55
C GLY J 23 -87.55 -3.68 6.09
N ILE J 24 -87.44 -3.64 7.40
CA ILE J 24 -86.19 -3.31 8.07
C ILE J 24 -85.22 -4.47 7.91
N GLY J 25 -85.75 -5.69 7.96
CA GLY J 25 -84.96 -6.92 7.79
C GLY J 25 -84.08 -6.96 6.55
N ILE J 26 -84.69 -6.68 5.39
CA ILE J 26 -83.96 -6.65 4.11
C ILE J 26 -82.84 -5.62 4.17
N ALA J 27 -83.18 -4.42 4.66
CA ALA J 27 -82.25 -3.30 4.79
C ALA J 27 -80.98 -3.66 5.54
N ILE J 28 -81.14 -4.34 6.69
CA ILE J 28 -80.03 -4.77 7.53
C ILE J 28 -79.02 -5.68 6.79
N VAL J 29 -79.54 -6.68 6.06
CA VAL J 29 -78.67 -7.60 5.30
C VAL J 29 -77.94 -6.86 4.19
N PHE J 30 -78.68 -6.07 3.41
CA PHE J 30 -78.09 -5.31 2.30
C PHE J 30 -77.11 -4.21 2.76
N ALA J 31 -77.38 -3.62 3.92
CA ALA J 31 -76.47 -2.63 4.50
C ALA J 31 -75.12 -3.26 4.85
N ALA J 32 -75.18 -4.45 5.45
CA ALA J 32 -73.98 -5.18 5.85
C ALA J 32 -73.23 -5.78 4.65
N LEU J 33 -73.98 -6.00 3.56
CA LEU J 33 -73.42 -6.52 2.33
C LEU J 33 -72.56 -5.45 1.67
N ILE J 34 -73.04 -4.21 1.67
CA ILE J 34 -72.30 -3.10 1.07
C ILE J 34 -71.15 -2.59 1.97
N ASN J 35 -71.31 -2.71 3.29
CA ASN J 35 -70.21 -2.41 4.21
C ASN J 35 -69.09 -3.43 4.17
N GLY J 36 -69.46 -4.71 4.05
CA GLY J 36 -68.50 -5.78 3.92
C GLY J 36 -67.72 -5.73 2.62
N VAL J 37 -68.35 -5.22 1.57
CA VAL J 37 -67.72 -5.11 0.25
C VAL J 37 -66.95 -3.78 0.11
N SER J 38 -67.19 -2.84 1.04
CA SER J 38 -66.33 -1.66 1.17
C SER J 38 -65.00 -2.10 1.77
N ARG J 39 -64.94 -3.37 2.16
CA ARG J 39 -63.72 -4.00 2.63
C ARG J 39 -63.13 -4.91 1.54
N ASN J 40 -63.97 -5.31 0.56
CA ASN J 40 -63.53 -6.05 -0.64
C ASN J 40 -62.85 -7.42 -0.36
N PRO J 41 -62.40 -8.13 -1.42
CA PRO J 41 -62.63 -7.89 -2.85
C PRO J 41 -63.85 -8.64 -3.38
N SER J 42 -64.67 -9.17 -2.46
CA SER J 42 -65.62 -10.23 -2.79
C SER J 42 -67.09 -9.82 -2.98
N ILE J 43 -67.34 -9.01 -4.01
CA ILE J 43 -68.70 -8.76 -4.49
C ILE J 43 -69.12 -9.91 -5.42
N LYS J 44 -68.37 -10.10 -6.50
CA LYS J 44 -68.62 -11.22 -7.40
C LYS J 44 -68.02 -12.48 -6.80
N ASP J 45 -68.92 -13.28 -6.22
CA ASP J 45 -68.61 -14.47 -5.40
C ASP J 45 -68.64 -14.14 -3.90
N THR J 46 -68.87 -15.18 -3.10
CA THR J 46 -68.91 -15.13 -1.63
C THR J 46 -70.14 -14.40 -1.06
N VAL J 47 -70.01 -13.09 -0.83
CA VAL J 47 -70.95 -12.37 0.02
C VAL J 47 -72.24 -11.90 -0.68
N PHE J 48 -72.13 -11.22 -1.83
CA PHE J 48 -73.31 -10.74 -2.56
C PHE J 48 -74.28 -11.84 -3.03
N PRO J 49 -73.75 -13.02 -3.43
CA PRO J 49 -74.63 -14.18 -3.64
C PRO J 49 -75.54 -14.48 -2.43
N MET J 50 -75.03 -14.29 -1.21
CA MET J 50 -75.78 -14.57 0.01
C MET J 50 -76.76 -13.46 0.44
N ALA J 51 -76.66 -12.28 -0.19
CA ALA J 51 -77.60 -11.18 0.04
C ALA J 51 -78.98 -11.52 -0.55
N ILE J 52 -79.02 -12.66 -1.24
CA ILE J 52 -80.24 -13.22 -1.80
C ILE J 52 -80.68 -14.40 -0.94
N LEU J 53 -79.73 -15.06 -0.27
CA LEU J 53 -80.06 -16.15 0.65
C LEU J 53 -80.57 -15.58 1.98
N GLY J 54 -79.93 -14.49 2.42
CA GLY J 54 -80.37 -13.75 3.59
C GLY J 54 -81.66 -12.97 3.33
N PHE J 55 -81.75 -12.39 2.12
CA PHE J 55 -82.96 -11.66 1.70
C PHE J 55 -84.19 -12.57 1.54
N ALA J 56 -83.99 -13.75 0.95
CA ALA J 56 -85.07 -14.71 0.75
C ALA J 56 -85.65 -15.18 2.08
N LEU J 57 -84.76 -15.52 3.03
CA LEU J 57 -85.16 -15.99 4.35
C LEU J 57 -85.83 -14.90 5.20
N SER J 58 -85.61 -13.65 4.81
CA SER J 58 -86.17 -12.50 5.51
C SER J 58 -87.44 -11.97 4.83
N GLU J 59 -87.60 -12.25 3.53
CA GLU J 59 -88.82 -11.91 2.84
C GLU J 59 -89.82 -13.07 2.90
N ALA J 60 -89.36 -14.21 3.41
CA ALA J 60 -90.23 -15.35 3.73
C ALA J 60 -91.10 -15.01 4.93
N THR J 61 -90.66 -14.01 5.68
CA THR J 61 -91.44 -13.38 6.74
C THR J 61 -92.63 -12.66 6.12
N GLY J 62 -92.35 -11.82 5.13
CA GLY J 62 -93.35 -11.01 4.44
C GLY J 62 -94.36 -11.79 3.64
N LEU J 63 -93.92 -12.90 3.05
CA LEU J 63 -94.79 -13.77 2.27
C LEU J 63 -95.77 -14.53 3.16
N PHE J 64 -95.30 -15.00 4.32
CA PHE J 64 -96.15 -15.66 5.32
C PHE J 64 -97.02 -14.67 6.08
N CYS J 65 -96.72 -13.39 5.89
CA CYS J 65 -97.35 -12.29 6.60
C CYS J 65 -98.45 -11.68 5.74
N LEU J 66 -98.13 -11.48 4.45
CA LEU J 66 -99.07 -10.98 3.47
C LEU J 66 -100.12 -12.04 3.16
N MET J 67 -99.79 -13.29 3.45
CA MET J 67 -100.68 -14.43 3.26
C MET J 67 -101.86 -14.39 4.22
N VAL J 68 -101.57 -14.07 5.48
CA VAL J 68 -102.59 -13.98 6.54
C VAL J 68 -103.51 -12.76 6.34
N SER J 69 -102.98 -11.69 5.75
CA SER J 69 -103.76 -10.50 5.41
C SER J 69 -104.66 -10.71 4.19
N PHE J 70 -104.15 -11.38 3.16
CA PHE J 70 -104.94 -11.71 1.96
C PHE J 70 -105.90 -12.87 2.18
N LEU J 71 -105.62 -13.69 3.20
CA LEU J 71 -106.53 -14.76 3.65
C LEU J 71 -107.77 -14.13 4.25
N LEU J 72 -107.58 -13.07 5.02
CA LEU J 72 -108.67 -12.33 5.63
C LEU J 72 -109.21 -11.22 4.71
N LEU J 73 -108.83 -11.28 3.44
CA LEU J 73 -109.44 -10.43 2.40
C LEU J 73 -110.42 -11.24 1.57
N PHE J 74 -109.94 -12.34 0.97
CA PHE J 74 -110.84 -13.35 0.43
C PHE J 74 -110.95 -14.47 1.47
N GLY J 75 -110.16 -15.42 1.47
N GLN K 2 -121.33 -14.80 16.27
CA GLN K 2 -120.63 -13.91 15.30
C GLN K 2 -119.56 -13.01 15.94
N LEU K 3 -119.43 -13.12 17.25
CA LEU K 3 -118.35 -12.44 17.97
C LEU K 3 -117.10 -13.30 18.09
N VAL K 4 -117.30 -14.61 18.32
CA VAL K 4 -116.19 -15.56 18.40
C VAL K 4 -115.51 -15.70 17.03
N LEU K 5 -116.29 -15.60 15.96
CA LEU K 5 -115.75 -15.56 14.60
C LEU K 5 -115.06 -14.24 14.28
N ALA K 6 -115.65 -13.13 14.74
CA ALA K 6 -115.11 -11.79 14.50
C ALA K 6 -113.77 -11.57 15.21
N ALA K 7 -113.72 -11.91 16.50
CA ALA K 7 -112.52 -11.77 17.32
C ALA K 7 -111.45 -12.82 16.96
N LYS K 8 -111.85 -13.84 16.21
CA LYS K 8 -110.93 -14.84 15.68
C LYS K 8 -110.08 -14.24 14.54
N TYR K 9 -110.69 -13.32 13.79
CA TYR K 9 -110.05 -12.72 12.61
C TYR K 9 -109.10 -11.57 12.97
N ILE K 10 -109.50 -10.77 13.95
CA ILE K 10 -108.60 -9.75 14.52
C ILE K 10 -107.47 -10.47 15.27
N GLY K 11 -107.81 -11.50 16.02
CA GLY K 11 -106.83 -12.33 16.74
C GLY K 11 -105.78 -12.97 15.85
N ALA K 12 -106.17 -13.29 14.61
CA ALA K 12 -105.25 -13.85 13.62
C ALA K 12 -104.35 -12.78 12.99
N GLY K 13 -104.87 -11.55 12.91
CA GLY K 13 -104.11 -10.41 12.40
C GLY K 13 -103.12 -9.83 13.40
N ILE K 14 -103.51 -9.84 14.68
CA ILE K 14 -102.66 -9.39 15.77
C ILE K 14 -101.45 -10.32 15.97
N SER K 15 -101.62 -11.60 15.61
CA SER K 15 -100.56 -12.61 15.74
C SER K 15 -99.41 -12.37 14.76
N THR K 16 -99.69 -11.62 13.70
CA THR K 16 -98.73 -11.41 12.61
C THR K 16 -97.64 -10.38 12.94
N ILE K 17 -97.87 -9.58 13.98
CA ILE K 17 -96.88 -8.59 14.44
C ILE K 17 -95.62 -9.24 15.02
N GLY K 18 -95.76 -10.47 15.52
CA GLY K 18 -94.63 -11.25 16.04
C GLY K 18 -93.57 -11.58 14.99
N LEU K 19 -93.97 -11.58 13.71
CA LEU K 19 -93.06 -11.82 12.57
C LEU K 19 -92.11 -10.64 12.33
N LEU K 20 -92.49 -9.46 12.82
CA LEU K 20 -91.61 -8.30 12.85
C LEU K 20 -90.29 -8.67 13.54
N GLY K 21 -90.40 -9.48 14.60
CA GLY K 21 -89.24 -9.92 15.37
C GLY K 21 -88.37 -10.95 14.67
N ALA K 22 -89.01 -11.94 14.04
CA ALA K 22 -88.30 -12.97 13.29
C ALA K 22 -87.73 -12.43 11.96
N GLY K 23 -88.43 -11.47 11.37
CA GLY K 23 -88.00 -10.83 10.11
C GLY K 23 -86.71 -10.02 10.25
N ILE K 24 -86.67 -9.19 11.30
CA ILE K 24 -85.46 -8.45 11.67
C ILE K 24 -84.38 -9.39 12.22
N GLY K 25 -84.81 -10.39 12.99
CA GLY K 25 -83.91 -11.40 13.56
C GLY K 25 -82.98 -12.11 12.58
N ILE K 26 -83.54 -12.64 11.49
CA ILE K 26 -82.76 -13.31 10.45
C ILE K 26 -81.71 -12.34 9.89
N ALA K 27 -82.16 -11.13 9.55
CA ALA K 27 -81.29 -10.08 9.01
C ALA K 27 -80.04 -9.86 9.85
N ILE K 28 -80.23 -9.73 11.16
CA ILE K 28 -79.15 -9.48 12.11
C ILE K 28 -78.06 -10.56 12.05
N VAL K 29 -78.48 -11.83 12.07
CA VAL K 29 -77.51 -12.92 12.02
C VAL K 29 -76.77 -12.97 10.68
N PHE K 30 -77.50 -12.80 9.58
CA PHE K 30 -76.91 -12.80 8.24
C PHE K 30 -76.03 -11.57 7.97
N ALA K 31 -76.40 -10.43 8.51
CA ALA K 31 -75.60 -9.22 8.38
C ALA K 31 -74.24 -9.40 9.06
N ALA K 32 -74.27 -9.98 10.25
CA ALA K 32 -73.05 -10.25 11.01
C ALA K 32 -72.23 -11.37 10.38
N LEU K 33 -72.91 -12.27 9.68
CA LEU K 33 -72.26 -13.36 8.97
C LEU K 33 -71.39 -12.81 7.84
N ILE K 34 -71.93 -11.87 7.09
CA ILE K 34 -71.19 -11.32 5.93
C ILE K 34 -70.08 -10.34 6.36
N ASN K 35 -70.32 -9.62 7.45
CA ASN K 35 -69.33 -8.69 7.99
C ASN K 35 -68.16 -9.40 8.64
N GLY K 36 -68.44 -10.55 9.24
CA GLY K 36 -67.39 -11.40 9.81
C GLY K 36 -66.55 -12.08 8.75
N VAL K 37 -67.16 -12.35 7.59
CA VAL K 37 -66.49 -13.01 6.47
C VAL K 37 -65.77 -12.00 5.58
N SER K 38 -66.06 -10.72 5.80
CA SER K 38 -65.26 -9.64 5.22
C SER K 38 -63.92 -9.53 5.96
N ARG K 39 -63.72 -10.42 6.93
CA ARG K 39 -62.45 -10.58 7.66
C ARG K 39 -61.88 -12.01 7.51
N ASN K 40 -62.72 -12.96 7.08
CA ASN K 40 -62.28 -14.32 6.72
C ASN K 40 -61.59 -15.13 7.83
N PRO K 41 -60.91 -16.26 7.48
CA PRO K 41 -60.93 -17.01 6.23
C PRO K 41 -61.73 -18.30 6.41
N SER K 42 -62.88 -18.18 7.09
CA SER K 42 -63.60 -19.34 7.62
C SER K 42 -65.06 -19.48 7.16
N ILE K 43 -65.28 -19.31 5.85
CA ILE K 43 -66.62 -19.41 5.23
C ILE K 43 -67.15 -20.85 5.19
N LYS K 44 -66.40 -21.74 4.54
CA LYS K 44 -66.71 -23.17 4.49
C LYS K 44 -66.21 -23.83 5.77
N ASP K 45 -67.14 -24.19 6.65
CA ASP K 45 -66.87 -24.65 8.02
C ASP K 45 -66.74 -23.44 8.96
N THR K 46 -66.54 -23.71 10.25
CA THR K 46 -66.44 -22.67 11.30
C THR K 46 -67.70 -21.82 11.39
N VAL K 47 -67.86 -20.93 10.41
CA VAL K 47 -68.82 -19.82 10.50
C VAL K 47 -70.22 -20.12 9.93
N PHE K 48 -70.29 -20.59 8.68
CA PHE K 48 -71.58 -20.84 8.04
C PHE K 48 -72.47 -21.87 8.76
N PRO K 49 -71.85 -22.90 9.40
CA PRO K 49 -72.60 -23.72 10.35
C PRO K 49 -73.39 -22.91 11.39
N MET K 50 -72.72 -21.99 12.08
CA MET K 50 -73.30 -21.23 13.18
C MET K 50 -74.37 -20.22 12.72
N ALA K 51 -74.46 -20.01 11.41
CA ALA K 51 -75.33 -18.98 10.83
C ALA K 51 -76.68 -19.50 10.29
N ILE K 52 -76.75 -20.81 9.99
CA ILE K 52 -78.03 -21.46 9.72
C ILE K 52 -78.61 -21.89 11.07
N LEU K 53 -77.73 -22.29 11.98
CA LEU K 53 -78.12 -22.66 13.34
C LEU K 53 -78.77 -21.46 14.04
N GLY K 54 -78.21 -20.28 13.80
CA GLY K 54 -78.77 -19.03 14.30
C GLY K 54 -80.06 -18.66 13.59
N PHE K 55 -80.11 -18.95 12.28
CA PHE K 55 -81.31 -18.72 11.47
C PHE K 55 -82.47 -19.64 11.88
N ALA K 56 -82.15 -20.90 12.11
CA ALA K 56 -83.14 -21.89 12.52
C ALA K 56 -83.79 -21.48 13.84
N LEU K 57 -82.95 -21.14 14.83
CA LEU K 57 -83.43 -20.77 16.16
C LEU K 57 -84.16 -19.43 16.20
N SER K 58 -84.03 -18.65 15.12
CA SER K 58 -84.68 -17.34 15.01
C SER K 58 -85.93 -17.38 14.11
N GLU K 59 -86.02 -18.39 13.26
CA GLU K 59 -87.25 -18.62 12.49
C GLU K 59 -88.18 -19.60 13.21
N ALA K 60 -87.68 -20.17 14.31
CA ALA K 60 -88.48 -20.96 15.24
C ALA K 60 -89.44 -20.05 16.01
N THR K 61 -89.10 -18.77 16.05
CA THR K 61 -90.01 -17.72 16.51
C THR K 61 -91.19 -17.64 15.55
N GLY K 62 -90.87 -17.55 14.26
CA GLY K 62 -91.86 -17.39 13.20
C GLY K 62 -92.80 -18.56 13.03
N LEU K 63 -92.26 -19.78 13.20
CA LEU K 63 -93.04 -21.01 13.10
C LEU K 63 -94.02 -21.16 14.27
N PHE K 64 -93.58 -20.80 15.48
CA PHE K 64 -94.44 -20.81 16.67
C PHE K 64 -95.42 -19.65 16.69
N CYS K 65 -95.19 -18.67 15.83
CA CYS K 65 -96.00 -17.45 15.77
C CYS K 65 -97.04 -17.55 14.66
N LEU K 66 -96.64 -18.13 13.54
CA LEU K 66 -97.53 -18.37 12.41
C LEU K 66 -98.53 -19.49 12.73
N MET K 67 -98.16 -20.33 13.70
CA MET K 67 -99.03 -21.42 14.14
C MET K 67 -100.24 -20.94 14.94
N VAL K 68 -100.04 -19.92 15.77
CA VAL K 68 -101.12 -19.33 16.57
C VAL K 68 -102.08 -18.51 15.69
N SER K 69 -101.55 -17.92 14.60
CA SER K 69 -102.40 -17.21 13.63
C SER K 69 -103.19 -18.18 12.77
N PHE K 70 -102.55 -19.29 12.36
CA PHE K 70 -103.21 -20.34 11.61
C PHE K 70 -104.13 -21.20 12.47
N LEU K 71 -103.85 -21.22 13.79
CA LEU K 71 -104.71 -21.87 14.77
C LEU K 71 -106.04 -21.12 14.86
N LEU K 72 -105.95 -19.79 14.84
CA LEU K 72 -107.12 -18.93 14.84
C LEU K 72 -107.53 -18.60 13.42
N LEU K 73 -106.98 -19.14 12.45
N MET L 1 -122.71 -17.32 26.89
CA MET L 1 -121.54 -16.42 27.12
C MET L 1 -120.64 -16.39 25.89
N GLN L 2 -120.74 -15.31 25.11
CA GLN L 2 -120.05 -15.21 23.84
C GLN L 2 -118.79 -14.33 23.87
N LEU L 3 -118.70 -13.47 24.88
CA LEU L 3 -117.59 -12.51 24.97
C LEU L 3 -116.31 -13.05 25.62
N VAL L 4 -116.46 -13.98 26.57
CA VAL L 4 -115.29 -14.63 27.20
C VAL L 4 -114.53 -15.49 26.18
N LEU L 5 -115.27 -16.03 25.20
CA LEU L 5 -114.67 -16.74 24.06
C LEU L 5 -114.08 -15.76 23.05
N ALA L 6 -114.79 -14.66 22.79
CA ALA L 6 -114.31 -13.63 21.86
C ALA L 6 -112.98 -13.00 22.30
N ALA L 7 -112.94 -12.51 23.54
CA ALA L 7 -111.76 -11.84 24.10
C ALA L 7 -110.62 -12.81 24.44
N LYS L 8 -110.94 -14.10 24.44
CA LYS L 8 -109.96 -15.17 24.61
C LYS L 8 -109.11 -15.30 23.33
N TYR L 9 -109.71 -15.00 22.19
CA TYR L 9 -109.09 -15.13 20.86
C TYR L 9 -108.25 -13.91 20.49
N ILE L 10 -108.72 -12.72 20.86
CA ILE L 10 -107.90 -11.51 20.75
C ILE L 10 -106.74 -11.58 21.74
N GLY L 11 -107.04 -12.01 22.97
CA GLY L 11 -106.03 -12.20 24.02
C GLY L 11 -104.89 -13.14 23.66
N ALA L 12 -105.19 -14.13 22.83
CA ALA L 12 -104.19 -15.08 22.34
C ALA L 12 -103.36 -14.52 21.20
N GLY L 13 -103.97 -13.62 20.42
CA GLY L 13 -103.28 -12.92 19.34
C GLY L 13 -102.36 -11.83 19.86
N ILE L 14 -102.83 -11.14 20.91
CA ILE L 14 -102.06 -10.08 21.56
C ILE L 14 -100.82 -10.65 22.26
N SER L 15 -100.91 -11.90 22.73
CA SER L 15 -99.79 -12.57 23.41
C SER L 15 -98.61 -12.87 22.46
N THR L 16 -98.88 -12.86 21.16
CA THR L 16 -97.88 -13.22 20.13
C THR L 16 -96.88 -12.10 19.80
N ILE L 17 -97.18 -10.87 20.23
CA ILE L 17 -96.28 -9.73 20.06
C ILE L 17 -95.02 -9.86 20.92
N GLY L 18 -95.12 -10.59 22.03
CA GLY L 18 -93.95 -10.86 22.89
C GLY L 18 -92.83 -11.65 22.24
N LEU L 19 -93.16 -12.39 21.17
CA LEU L 19 -92.18 -13.16 20.39
C LEU L 19 -91.30 -12.28 19.51
N LEU L 20 -91.75 -11.05 19.28
CA LEU L 20 -90.97 -10.00 18.66
C LEU L 20 -89.66 -9.80 19.42
N GLY L 21 -89.73 -9.87 20.75
CA GLY L 21 -88.56 -9.72 21.63
C GLY L 21 -87.60 -10.89 21.67
N ALA L 22 -88.14 -12.10 21.69
CA ALA L 22 -87.31 -13.30 21.68
C ALA L 22 -86.72 -13.57 20.29
N GLY L 23 -87.46 -13.19 19.24
CA GLY L 23 -87.02 -13.39 17.84
C GLY L 23 -85.80 -12.55 17.48
N ILE L 24 -85.84 -11.28 17.85
CA ILE L 24 -84.70 -10.38 17.73
C ILE L 24 -83.62 -10.78 18.74
N GLY L 25 -84.04 -11.19 19.94
CA GLY L 25 -83.14 -11.60 21.01
C GLY L 25 -82.11 -12.66 20.64
N ILE L 26 -82.58 -13.72 19.98
CA ILE L 26 -81.70 -14.81 19.53
C ILE L 26 -80.69 -14.28 18.52
N ALA L 27 -81.19 -13.52 17.54
CA ALA L 27 -80.37 -12.90 16.49
C ALA L 27 -79.19 -12.12 17.05
N ILE L 28 -79.47 -11.29 18.05
CA ILE L 28 -78.46 -10.48 18.74
C ILE L 28 -77.31 -11.31 19.33
N VAL L 29 -77.62 -12.39 20.05
CA VAL L 29 -76.57 -13.24 20.63
C VAL L 29 -75.78 -13.98 19.55
N PHE L 30 -76.48 -14.49 18.55
CA PHE L 30 -75.85 -15.22 17.44
C PHE L 30 -74.99 -14.34 16.52
N ALA L 31 -75.43 -13.11 16.28
CA ALA L 31 -74.65 -12.14 15.52
C ALA L 31 -73.33 -11.80 16.24
N ALA L 32 -73.40 -11.61 17.55
CA ALA L 32 -72.23 -11.31 18.37
C ALA L 32 -71.27 -12.51 18.48
N LEU L 33 -71.86 -13.70 18.39
CA LEU L 33 -71.11 -14.95 18.43
C LEU L 33 -70.25 -15.07 17.19
N ILE L 34 -70.82 -14.76 16.02
CA ILE L 34 -70.08 -14.87 14.76
C ILE L 34 -69.10 -13.71 14.54
N ASN L 35 -69.41 -12.53 15.07
CA ASN L 35 -68.48 -11.40 15.00
C ASN L 35 -67.30 -11.54 15.95
N GLY L 36 -67.52 -12.14 17.11
CA GLY L 36 -66.43 -12.42 18.06
C GLY L 36 -65.50 -13.53 17.57
N VAL L 37 -66.05 -14.43 16.76
CA VAL L 37 -65.33 -15.56 16.18
C VAL L 37 -64.57 -15.15 14.90
N SER L 38 -64.97 -14.03 14.32
CA SER L 38 -64.22 -13.40 13.23
C SER L 38 -62.91 -12.87 13.77
N ARG L 39 -62.69 -13.11 15.05
CA ARG L 39 -61.51 -12.63 15.76
C ARG L 39 -60.87 -13.72 16.62
N ASN L 40 -61.61 -14.81 16.85
CA ASN L 40 -61.13 -15.96 17.65
C ASN L 40 -60.75 -15.61 19.12
N PRO L 41 -59.89 -16.40 19.79
CA PRO L 41 -58.98 -17.50 19.42
C PRO L 41 -59.63 -18.85 19.10
N SER L 42 -60.82 -19.11 19.66
CA SER L 42 -61.52 -20.38 19.39
C SER L 42 -63.06 -20.34 19.55
N ILE L 43 -63.72 -21.10 18.69
CA ILE L 43 -65.18 -21.26 18.68
C ILE L 43 -65.60 -22.38 19.65
N LYS L 44 -64.79 -23.43 19.70
CA LYS L 44 -65.06 -24.66 20.47
C LYS L 44 -64.78 -24.47 21.96
N ASP L 45 -64.40 -23.25 22.34
CA ASP L 45 -63.96 -22.95 23.70
C ASP L 45 -64.53 -21.61 24.15
N THR L 46 -65.20 -21.63 25.30
CA THR L 46 -65.66 -20.41 26.00
C THR L 46 -66.83 -19.64 25.34
N VAL L 47 -66.76 -19.46 24.02
CA VAL L 47 -67.76 -18.67 23.28
C VAL L 47 -69.11 -19.40 23.19
N PHE L 48 -69.09 -20.54 22.51
CA PHE L 48 -70.27 -21.38 22.26
C PHE L 48 -70.88 -21.95 23.56
N PRO L 49 -70.03 -22.35 24.55
CA PRO L 49 -70.51 -22.69 25.90
C PRO L 49 -71.48 -21.67 26.53
N MET L 50 -71.51 -20.45 25.98
CA MET L 50 -72.43 -19.45 26.47
C MET L 50 -73.32 -18.86 25.37
N ALA L 51 -72.94 -19.08 24.12
CA ALA L 51 -73.69 -18.60 22.95
C ALA L 51 -75.02 -19.33 22.71
N ILE L 52 -75.20 -20.44 23.41
CA ILE L 52 -76.48 -21.17 23.43
C ILE L 52 -77.09 -21.09 24.83
N LEU L 53 -76.24 -20.85 25.84
CA LEU L 53 -76.67 -20.50 27.20
C LEU L 53 -77.45 -19.19 27.16
N GLY L 54 -76.97 -18.27 26.32
CA GLY L 54 -77.67 -17.03 26.01
C GLY L 54 -78.92 -17.26 25.19
N PHE L 55 -78.86 -18.18 24.24
CA PHE L 55 -80.03 -18.56 23.43
C PHE L 55 -81.13 -19.15 24.30
N ALA L 56 -80.73 -20.02 25.23
CA ALA L 56 -81.68 -20.69 26.14
C ALA L 56 -82.41 -19.69 27.00
N LEU L 57 -81.66 -18.76 27.58
CA LEU L 57 -82.21 -17.75 28.49
C LEU L 57 -83.05 -16.69 27.75
N SER L 58 -82.90 -16.61 26.42
CA SER L 58 -83.64 -15.67 25.59
C SER L 58 -84.85 -16.31 24.88
N GLU L 59 -84.84 -17.64 24.78
CA GLU L 59 -86.00 -18.37 24.27
C GLU L 59 -86.88 -18.85 25.43
N ALA L 60 -86.38 -18.65 26.64
CA ALA L 60 -87.17 -18.80 27.87
C ALA L 60 -88.22 -17.69 27.97
N THR L 61 -87.98 -16.61 27.23
CA THR L 61 -88.96 -15.55 27.00
C THR L 61 -90.10 -16.09 26.16
N GLY L 62 -89.74 -16.73 25.04
CA GLY L 62 -90.70 -17.27 24.07
C GLY L 62 -91.55 -18.41 24.60
N LEU L 63 -90.95 -19.26 25.44
CA LEU L 63 -91.65 -20.38 26.06
C LEU L 63 -92.66 -19.92 27.11
N PHE L 64 -92.30 -18.89 27.88
CA PHE L 64 -93.21 -18.26 28.86
C PHE L 64 -94.26 -17.37 28.22
N CYS L 65 -94.06 -17.06 26.94
CA CYS L 65 -94.92 -16.17 26.17
C CYS L 65 -95.91 -16.97 25.33
N LEU L 66 -95.43 -18.09 24.77
CA LEU L 66 -96.26 -19.02 23.98
C LEU L 66 -97.18 -19.83 24.91
N MET L 67 -96.79 -19.88 26.20
CA MET L 67 -97.56 -20.54 27.25
C MET L 67 -98.86 -19.80 27.54
N VAL L 68 -98.77 -18.47 27.63
CA VAL L 68 -99.91 -17.60 27.92
C VAL L 68 -100.87 -17.52 26.73
N SER L 69 -100.34 -17.67 25.50
CA SER L 69 -101.16 -17.71 24.29
C SER L 69 -101.89 -19.06 24.15
N PHE L 70 -101.16 -20.14 24.39
CA PHE L 70 -101.74 -21.49 24.35
C PHE L 70 -102.67 -21.76 25.55
N LEU L 71 -102.46 -21.03 26.65
CA LEU L 71 -103.35 -21.11 27.83
C LEU L 71 -104.72 -20.51 27.48
N LEU L 72 -104.70 -19.40 26.75
CA LEU L 72 -105.92 -18.75 26.28
C LEU L 72 -106.40 -19.37 24.98
N LEU L 73 -106.01 -20.49 24.62
N MET M 1 -119.97 -12.16 36.53
CA MET M 1 -119.59 -11.26 35.40
C MET M 1 -119.36 -12.02 34.10
N GLN M 2 -119.15 -11.25 33.03
CA GLN M 2 -118.72 -11.78 31.75
C GLN M 2 -117.84 -10.75 31.04
N LEU M 3 -117.85 -9.51 31.53
CA LEU M 3 -116.90 -8.48 31.12
C LEU M 3 -115.62 -8.52 31.93
N VAL M 4 -115.75 -8.75 33.24
CA VAL M 4 -114.59 -8.86 34.13
C VAL M 4 -113.74 -10.10 33.78
N LEU M 5 -114.40 -11.16 33.32
CA LEU M 5 -113.71 -12.35 32.80
C LEU M 5 -113.08 -12.09 31.41
N ALA M 6 -113.82 -11.40 30.55
CA ALA M 6 -113.35 -11.09 29.20
C ALA M 6 -112.14 -10.14 29.21
N ALA M 7 -112.25 -9.05 29.95
CA ALA M 7 -111.18 -8.05 30.06
C ALA M 7 -109.96 -8.59 30.83
N LYS M 8 -110.17 -9.63 31.62
CA LYS M 8 -109.08 -10.26 32.34
C LYS M 8 -108.21 -11.07 31.38
N TYR M 9 -108.82 -11.52 30.28
CA TYR M 9 -108.14 -12.35 29.26
C TYR M 9 -107.29 -11.54 28.29
N ILE M 10 -107.84 -10.41 27.86
CA ILE M 10 -107.09 -9.45 27.06
C ILE M 10 -106.00 -8.83 27.93
N GLY M 11 -106.35 -8.51 29.17
CA GLY M 11 -105.40 -7.96 30.15
C GLY M 11 -104.19 -8.85 30.39
N ALA M 12 -104.40 -10.16 30.31
CA ALA M 12 -103.32 -11.15 30.46
C ALA M 12 -102.45 -11.25 29.20
N GLY M 13 -103.09 -11.05 28.04
CA GLY M 13 -102.40 -11.04 26.75
C GLY M 13 -101.58 -9.79 26.56
N ILE M 14 -102.12 -8.66 27.02
CA ILE M 14 -101.46 -7.36 26.99
C ILE M 14 -100.17 -7.33 27.85
N SER M 15 -100.16 -8.07 28.96
CA SER M 15 -99.02 -8.10 29.87
C SER M 15 -97.82 -8.85 29.30
N THR M 16 -98.04 -9.62 28.23
CA THR M 16 -96.99 -10.44 27.61
C THR M 16 -96.04 -9.62 26.70
N ILE M 17 -96.47 -8.43 26.31
CA ILE M 17 -95.64 -7.53 25.50
C ILE M 17 -94.44 -7.01 26.30
N GLY M 18 -94.53 -7.01 27.63
CA GLY M 18 -93.41 -6.62 28.49
C GLY M 18 -92.21 -7.55 28.39
N LEU M 19 -92.45 -8.77 27.93
CA LEU M 19 -91.41 -9.79 27.73
C LEU M 19 -90.52 -9.48 26.53
N LEU M 20 -91.04 -8.67 25.61
CA LEU M 20 -90.28 -8.11 24.50
C LEU M 20 -89.00 -7.44 25.04
N GLY M 21 -89.16 -6.71 26.13
CA GLY M 21 -88.06 -5.99 26.77
C GLY M 21 -87.02 -6.88 27.43
N ALA M 22 -87.49 -7.87 28.18
CA ALA M 22 -86.57 -8.80 28.86
C ALA M 22 -85.90 -9.77 27.89
N GLY M 23 -86.62 -10.13 26.82
CA GLY M 23 -86.11 -11.04 25.77
C GLY M 23 -84.94 -10.45 25.01
N ILE M 24 -85.09 -9.20 24.57
CA ILE M 24 -84.01 -8.42 23.97
C ILE M 24 -82.94 -8.10 25.03
N GLY M 25 -83.39 -7.79 26.25
CA GLY M 25 -82.51 -7.43 27.36
C GLY M 25 -81.42 -8.44 27.70
N ILE M 26 -81.79 -9.71 27.77
CA ILE M 26 -80.82 -10.77 28.03
C ILE M 26 -79.78 -10.83 26.90
N ALA M 27 -80.27 -10.86 25.67
CA ALA M 27 -79.43 -10.93 24.47
C ALA M 27 -78.30 -9.89 24.44
N ILE M 28 -78.65 -8.64 24.75
CA ILE M 28 -77.72 -7.52 24.82
C ILE M 28 -76.55 -7.76 25.79
N VAL M 29 -76.87 -8.25 27.00
CA VAL M 29 -75.83 -8.54 27.99
C VAL M 29 -74.93 -9.68 27.55
N PHE M 30 -75.52 -10.76 27.04
CA PHE M 30 -74.76 -11.91 26.56
C PHE M 30 -73.95 -11.60 25.31
N ALA M 31 -74.51 -10.78 24.43
CA ALA M 31 -73.81 -10.32 23.24
C ALA M 31 -72.51 -9.61 23.61
N ALA M 32 -72.59 -8.65 24.52
CA ALA M 32 -71.44 -7.87 24.98
C ALA M 32 -70.47 -8.72 25.81
N LEU M 33 -71.00 -9.78 26.40
CA LEU M 33 -70.19 -10.70 27.18
C LEU M 33 -69.25 -11.47 26.27
N ILE M 34 -69.77 -11.97 25.15
CA ILE M 34 -68.92 -12.72 24.21
C ILE M 34 -67.99 -11.82 23.40
N ASN M 35 -68.43 -10.60 23.10
CA ASN M 35 -67.57 -9.64 22.41
C ASN M 35 -66.43 -9.10 23.26
N GLY M 36 -66.68 -8.95 24.56
CA GLY M 36 -65.62 -8.56 25.50
C GLY M 36 -64.61 -9.66 25.75
N VAL M 37 -65.04 -10.91 25.59
CA VAL M 37 -64.16 -12.06 25.82
C VAL M 37 -63.43 -12.47 24.54
N SER M 38 -63.90 -11.95 23.40
CA SER M 38 -63.13 -12.04 22.15
C SER M 38 -61.91 -11.13 22.27
N ARG M 39 -61.78 -10.51 23.44
CA ARG M 39 -60.79 -9.48 23.71
C ARG M 39 -59.95 -9.79 24.95
N ASN M 40 -60.45 -10.71 25.79
CA ASN M 40 -59.69 -11.29 26.92
C ASN M 40 -59.08 -10.30 27.95
N PRO M 41 -58.36 -10.81 28.99
CA PRO M 41 -58.16 -12.22 29.36
C PRO M 41 -59.23 -12.78 30.30
N SER M 42 -59.79 -11.95 31.17
CA SER M 42 -60.68 -12.41 32.24
C SER M 42 -62.05 -12.95 31.76
N ILE M 43 -62.06 -14.24 31.40
CA ILE M 43 -63.28 -14.96 31.01
C ILE M 43 -64.16 -15.31 32.23
N LYS M 44 -63.92 -16.47 32.84
CA LYS M 44 -64.60 -16.92 34.06
C LYS M 44 -64.10 -16.09 35.25
N ASP M 45 -64.06 -14.77 35.05
CA ASP M 45 -63.37 -13.84 35.94
C ASP M 45 -63.77 -12.42 35.59
N THR M 46 -64.19 -11.65 36.60
CA THR M 46 -64.68 -10.27 36.46
C THR M 46 -65.90 -10.13 35.54
N VAL M 47 -65.73 -10.47 34.25
CA VAL M 47 -66.77 -10.31 33.22
C VAL M 47 -67.97 -11.25 33.42
N PHE M 48 -67.69 -12.54 33.59
CA PHE M 48 -68.73 -13.55 33.81
C PHE M 48 -69.43 -13.46 35.19
N PRO M 49 -68.69 -13.14 36.26
CA PRO M 49 -69.30 -12.76 37.55
C PRO M 49 -70.05 -11.41 37.56
N MET M 50 -70.40 -10.91 36.38
CA MET M 50 -71.23 -9.69 36.25
C MET M 50 -72.28 -9.85 35.16
N ALA M 51 -72.02 -10.75 34.21
CA ALA M 51 -72.94 -11.02 33.10
C ALA M 51 -74.18 -11.80 33.56
N ILE M 52 -73.99 -12.63 34.58
CA ILE M 52 -75.09 -13.36 35.21
C ILE M 52 -75.88 -12.39 36.11
N LEU M 53 -75.15 -11.52 36.81
CA LEU M 53 -75.73 -10.45 37.63
C LEU M 53 -76.58 -9.52 36.78
N GLY M 54 -76.11 -9.27 35.55
CA GLY M 54 -76.84 -8.48 34.57
C GLY M 54 -78.05 -9.24 34.06
N PHE M 55 -77.90 -10.54 33.85
CA PHE M 55 -79.02 -11.39 33.42
C PHE M 55 -80.13 -11.48 34.48
N ALA M 56 -79.73 -11.63 35.73
CA ALA M 56 -80.67 -11.72 36.85
C ALA M 56 -81.51 -10.46 36.94
N LEU M 57 -80.84 -9.30 36.91
CA LEU M 57 -81.51 -8.01 37.03
C LEU M 57 -82.36 -7.66 35.79
N SER M 58 -82.12 -8.35 34.67
CA SER M 58 -82.89 -8.13 33.43
C SER M 58 -84.02 -9.16 33.24
N GLU M 59 -83.91 -10.30 33.93
CA GLU M 59 -85.00 -11.27 33.97
C GLU M 59 -85.91 -11.04 35.18
N ALA M 60 -85.52 -10.09 36.04
CA ALA M 60 -86.36 -9.58 37.14
C ALA M 60 -87.48 -8.73 36.55
N THR M 61 -87.28 -8.26 35.32
CA THR M 61 -88.29 -7.61 34.51
C THR M 61 -89.38 -8.63 34.16
N GLY M 62 -88.96 -9.76 33.61
CA GLY M 62 -89.87 -10.81 33.13
C GLY M 62 -90.64 -11.49 34.25
N LEU M 63 -90.00 -11.66 35.41
CA LEU M 63 -90.65 -12.29 36.57
C LEU M 63 -91.73 -11.40 37.18
N PHE M 64 -91.47 -10.09 37.23
CA PHE M 64 -92.47 -9.10 37.64
C PHE M 64 -93.52 -8.83 36.56
N CYS M 65 -93.27 -9.34 35.36
CA CYS M 65 -94.11 -9.09 34.18
C CYS M 65 -95.02 -10.28 33.92
N LEU M 66 -94.49 -11.47 34.16
CA LEU M 66 -95.24 -12.72 34.05
C LEU M 66 -96.15 -12.89 35.28
N MET M 67 -95.81 -12.19 36.36
CA MET M 67 -96.58 -12.17 37.59
C MET M 67 -97.93 -11.51 37.41
N VAL M 68 -97.93 -10.39 36.70
CA VAL M 68 -99.13 -9.60 36.45
C VAL M 68 -100.07 -10.28 35.43
N SER M 69 -99.49 -11.07 34.52
CA SER M 69 -100.30 -11.86 33.58
C SER M 69 -100.90 -13.13 34.22
N PHE M 70 -100.11 -13.83 35.05
CA PHE M 70 -100.60 -15.02 35.78
C PHE M 70 -101.56 -14.62 36.90
N LEU M 71 -101.41 -13.39 37.41
CA LEU M 71 -102.33 -12.83 38.41
C LEU M 71 -103.71 -12.65 37.80
N LEU M 72 -103.72 -12.16 36.55
CA LEU M 72 -104.94 -11.98 35.77
C LEU M 72 -105.41 -13.30 35.17
N LEU M 73 -105.01 -14.39 35.61
N MET N 1 -121.40 -1.91 38.84
CA MET N 1 -119.96 -1.62 39.11
C MET N 1 -119.01 -2.45 38.23
N GLN N 2 -119.54 -2.95 37.11
CA GLN N 2 -118.84 -3.94 36.29
C GLN N 2 -117.73 -3.37 35.39
N LEU N 3 -117.81 -2.08 35.08
CA LEU N 3 -116.85 -1.47 34.17
C LEU N 3 -115.60 -0.95 34.88
N VAL N 4 -115.78 -0.42 36.08
CA VAL N 4 -114.67 0.14 36.86
C VAL N 4 -113.69 -0.98 37.25
N LEU N 5 -114.24 -2.16 37.51
CA LEU N 5 -113.42 -3.35 37.78
C LEU N 5 -112.75 -3.89 36.52
N ALA N 6 -113.47 -3.86 35.39
CA ALA N 6 -112.97 -4.39 34.12
C ALA N 6 -111.82 -3.56 33.57
N ALA N 7 -112.03 -2.25 33.51
CA ALA N 7 -111.03 -1.32 32.99
C ALA N 7 -109.85 -1.21 33.94
N LYS N 8 -110.04 -1.64 35.18
CA LYS N 8 -108.96 -1.67 36.17
C LYS N 8 -107.98 -2.79 35.86
N TYR N 9 -108.48 -3.86 35.24
CA TYR N 9 -107.67 -5.05 34.92
C TYR N 9 -106.89 -4.88 33.63
N ILE N 10 -107.51 -4.25 32.63
CA ILE N 10 -106.81 -3.88 31.41
C ILE N 10 -105.77 -2.80 31.72
N GLY N 11 -106.17 -1.83 32.55
CA GLY N 11 -105.27 -0.77 33.02
C GLY N 11 -104.02 -1.28 33.69
N ALA N 12 -104.14 -2.38 34.44
CA ALA N 12 -102.98 -2.99 35.12
C ALA N 12 -102.07 -3.75 34.14
N GLY N 13 -102.68 -4.31 33.09
CA GLY N 13 -101.96 -5.03 32.05
C GLY N 13 -101.23 -4.08 31.11
N ILE N 14 -101.85 -2.94 30.85
CA ILE N 14 -101.26 -1.89 30.02
C ILE N 14 -100.05 -1.24 30.70
N SER N 15 -100.06 -1.22 32.04
CA SER N 15 -98.95 -0.64 32.82
C SER N 15 -97.66 -1.44 32.72
N THR N 16 -97.79 -2.70 32.34
CA THR N 16 -96.67 -3.63 32.31
C THR N 16 -95.73 -3.43 31.10
N ILE N 17 -96.20 -2.70 30.09
CA ILE N 17 -95.41 -2.40 28.90
C ILE N 17 -94.24 -1.45 29.21
N GLY N 18 -94.37 -0.68 30.27
CA GLY N 18 -93.30 0.22 30.70
C GLY N 18 -92.04 -0.48 31.16
N LEU N 19 -92.18 -1.75 31.55
CA LEU N 19 -91.04 -2.56 31.99
C LEU N 19 -90.18 -3.00 30.81
N LEU N 20 -90.73 -2.91 29.61
CA LEU N 20 -89.96 -3.11 28.37
C LEU N 20 -88.77 -2.18 28.40
N GLY N 21 -89.00 -0.95 28.87
CA GLY N 21 -87.97 0.09 28.92
C GLY N 21 -86.90 -0.14 29.98
N ALA N 22 -87.32 -0.53 31.18
CA ALA N 22 -86.41 -0.78 32.26
C ALA N 22 -85.64 -2.08 32.06
N GLY N 23 -86.28 -3.03 31.38
CA GLY N 23 -85.65 -4.34 31.08
C GLY N 23 -84.48 -4.22 30.14
N ILE N 24 -84.71 -3.54 29.02
CA ILE N 24 -83.66 -3.20 28.07
C ILE N 24 -82.66 -2.23 28.71
N GLY N 25 -83.17 -1.28 29.49
CA GLY N 25 -82.35 -0.29 30.19
C GLY N 25 -81.20 -0.84 31.04
N ILE N 26 -81.51 -1.84 31.87
CA ILE N 26 -80.50 -2.47 32.71
C ILE N 26 -79.42 -3.10 31.82
N ALA N 27 -79.86 -3.85 30.82
CA ALA N 27 -78.98 -4.55 29.89
C ALA N 27 -77.93 -3.64 29.27
N ILE N 28 -78.39 -2.50 28.76
CA ILE N 28 -77.53 -1.50 28.15
C ILE N 28 -76.40 -1.05 29.08
N VAL N 29 -76.71 -0.76 30.34
CA VAL N 29 -75.70 -0.29 31.30
C VAL N 29 -74.68 -1.40 31.60
N PHE N 30 -75.18 -2.60 31.81
CA PHE N 30 -74.31 -3.73 32.13
C PHE N 30 -73.48 -4.17 30.94
N ALA N 31 -74.05 -4.06 29.74
CA ALA N 31 -73.32 -4.40 28.52
C ALA N 31 -72.09 -3.51 28.32
N ALA N 32 -72.29 -2.21 28.49
CA ALA N 32 -71.22 -1.23 28.38
C ALA N 32 -70.23 -1.34 29.54
N LEU N 33 -70.70 -1.88 30.65
CA LEU N 33 -69.88 -2.10 31.84
C LEU N 33 -68.86 -3.20 31.58
N ILE N 34 -69.30 -4.29 30.97
CA ILE N 34 -68.39 -5.39 30.66
C ILE N 34 -67.48 -5.06 29.49
N ASN N 35 -67.97 -4.28 28.53
CA ASN N 35 -67.17 -3.85 27.39
C ASN N 35 -66.08 -2.88 27.78
N GLY N 36 -66.40 -1.99 28.71
CA GLY N 36 -65.44 -1.03 29.23
C GLY N 36 -64.34 -1.69 30.06
N VAL N 37 -64.68 -2.80 30.70
CA VAL N 37 -63.73 -3.52 31.53
C VAL N 37 -62.94 -4.53 30.72
N SER N 38 -63.37 -4.77 29.48
CA SER N 38 -62.55 -5.52 28.53
C SER N 38 -61.43 -4.62 28.01
N ARG N 39 -61.47 -3.35 28.40
CA ARG N 39 -60.41 -2.39 28.06
C ARG N 39 -59.55 -2.12 29.29
N ASN N 40 -60.18 -2.17 30.47
CA ASN N 40 -59.51 -2.01 31.77
C ASN N 40 -58.84 -0.64 32.04
N PRO N 41 -58.21 -0.44 33.23
CA PRO N 41 -58.17 -1.33 34.43
C PRO N 41 -59.15 -1.02 35.58
N SER N 42 -59.88 0.09 35.51
CA SER N 42 -60.59 0.64 36.69
C SER N 42 -62.00 0.08 37.03
N ILE N 43 -62.14 -1.25 37.06
CA ILE N 43 -63.43 -1.90 37.33
C ILE N 43 -64.01 -1.59 38.72
N LYS N 44 -63.62 -2.38 39.73
CA LYS N 44 -63.99 -2.12 41.13
C LYS N 44 -63.27 -0.85 41.54
N ASP N 45 -64.04 0.16 41.95
CA ASP N 45 -63.54 1.53 42.14
C ASP N 45 -63.57 2.26 40.79
N THR N 46 -64.03 3.51 40.80
CA THR N 46 -64.20 4.36 39.61
C THR N 46 -65.44 3.98 38.76
N VAL N 47 -65.41 2.81 38.13
CA VAL N 47 -66.49 2.39 37.23
C VAL N 47 -67.69 1.71 37.90
N PHE N 48 -67.40 0.86 38.89
CA PHE N 48 -68.45 0.13 39.61
C PHE N 48 -69.31 1.02 40.52
N PRO N 49 -68.75 2.12 41.07
CA PRO N 49 -69.52 3.24 41.64
C PRO N 49 -70.60 3.85 40.72
N MET N 50 -70.46 3.69 39.41
CA MET N 50 -71.42 4.26 38.45
C MET N 50 -72.21 3.18 37.73
N ALA N 51 -71.60 2.01 37.61
CA ALA N 51 -72.15 0.87 36.87
C ALA N 51 -73.50 0.42 37.41
N ILE N 52 -73.70 0.62 38.70
CA ILE N 52 -74.92 0.17 39.40
C ILE N 52 -75.75 1.36 39.93
N LEU N 53 -75.10 2.52 40.06
CA LEU N 53 -75.79 3.81 40.22
C LEU N 53 -76.67 4.05 38.99
N GLY N 54 -76.19 3.57 37.84
CA GLY N 54 -76.95 3.58 36.59
C GLY N 54 -78.06 2.54 36.57
N PHE N 55 -77.82 1.40 37.20
CA PHE N 55 -78.84 0.35 37.37
C PHE N 55 -79.97 0.84 38.28
N ALA N 56 -79.61 1.51 39.37
CA ALA N 56 -80.58 2.03 40.33
C ALA N 56 -81.54 3.05 39.69
N LEU N 57 -80.95 4.00 38.96
CA LEU N 57 -81.72 5.06 38.29
C LEU N 57 -82.55 4.56 37.11
N SER N 58 -82.24 3.35 36.63
CA SER N 58 -82.98 2.74 35.52
C SER N 58 -84.02 1.70 35.98
N GLU N 59 -83.84 1.19 37.20
CA GLU N 59 -84.86 0.33 37.80
C GLU N 59 -85.83 1.15 38.65
N ALA N 60 -85.54 2.45 38.80
CA ALA N 60 -86.46 3.42 39.38
C ALA N 60 -87.60 3.74 38.41
N THR N 61 -87.39 3.40 37.14
CA THR N 61 -88.45 3.39 36.12
C THR N 61 -89.42 2.27 36.43
N GLY N 62 -88.89 1.07 36.64
CA GLY N 62 -89.69 -0.13 36.90
C GLY N 62 -90.50 -0.10 38.19
N LEU N 63 -89.93 0.48 39.25
CA LEU N 63 -90.60 0.55 40.54
C LEU N 63 -91.71 1.61 40.55
N PHE N 64 -91.51 2.69 39.81
CA PHE N 64 -92.58 3.68 39.60
C PHE N 64 -93.62 3.22 38.57
N CYS N 65 -93.31 2.12 37.88
CA CYS N 65 -94.16 1.59 36.81
C CYS N 65 -94.97 0.40 37.33
N LEU N 66 -94.33 -0.40 38.18
CA LEU N 66 -94.98 -1.53 38.84
C LEU N 66 -95.95 -1.01 39.92
N MET N 67 -95.69 0.21 40.39
CA MET N 67 -96.52 0.84 41.40
C MET N 67 -97.88 1.19 40.85
N VAL N 68 -97.91 1.69 39.61
CA VAL N 68 -99.14 2.07 38.95
C VAL N 68 -99.99 0.84 38.59
N SER N 69 -99.32 -0.27 38.27
CA SER N 69 -100.04 -1.52 37.97
C SER N 69 -100.59 -2.16 39.25
N PHE N 70 -99.80 -2.13 40.32
CA PHE N 70 -100.21 -2.65 41.62
C PHE N 70 -101.23 -1.74 42.31
N LEU N 71 -101.23 -0.47 41.95
CA LEU N 71 -102.22 0.49 42.43
C LEU N 71 -103.57 0.16 41.82
N LEU N 72 -103.56 -0.22 40.54
CA LEU N 72 -104.79 -0.62 39.83
C LEU N 72 -105.18 -2.07 40.12
N LEU N 73 -104.67 -2.59 41.24
CA LEU N 73 -105.03 -3.89 41.77
C LEU N 73 -105.24 -3.77 43.27
N PHE N 74 -104.97 -4.69 44.04
N MET O 1 -121.91 7.93 36.33
CA MET O 1 -120.61 8.47 35.86
C MET O 1 -119.51 7.40 35.96
N GLN O 2 -119.81 6.23 35.41
CA GLN O 2 -118.95 5.08 35.55
C GLN O 2 -117.90 5.06 34.44
N LEU O 3 -118.26 5.54 33.26
CA LEU O 3 -117.31 5.58 32.15
C LEU O 3 -116.14 6.52 32.39
N VAL O 4 -116.42 7.66 33.03
CA VAL O 4 -115.38 8.65 33.37
C VAL O 4 -114.37 8.06 34.35
N LEU O 5 -114.85 7.23 35.27
CA LEU O 5 -113.95 6.51 36.17
C LEU O 5 -113.23 5.36 35.48
N ALA O 6 -113.93 4.66 34.58
CA ALA O 6 -113.35 3.53 33.86
C ALA O 6 -112.22 3.94 32.90
N ALA O 7 -112.49 4.97 32.09
CA ALA O 7 -111.51 5.47 31.13
C ALA O 7 -110.37 6.23 31.81
N LYS O 8 -110.60 6.60 33.07
CA LYS O 8 -109.58 7.25 33.88
C LYS O 8 -108.50 6.25 34.28
N TYR O 9 -108.87 4.98 34.41
CA TYR O 9 -107.97 3.94 34.87
C TYR O 9 -107.18 3.35 33.73
N ILE O 10 -107.82 3.24 32.56
CA ILE O 10 -107.10 2.85 31.34
C ILE O 10 -106.14 3.96 30.95
N GLY O 11 -106.63 5.20 31.06
CA GLY O 11 -105.82 6.38 30.79
C GLY O 11 -104.55 6.47 31.64
N ALA O 12 -104.62 6.02 32.88
CA ALA O 12 -103.47 6.05 33.78
C ALA O 12 -102.47 4.97 33.45
N GLY O 13 -102.98 3.86 32.95
CA GLY O 13 -102.17 2.72 32.56
C GLY O 13 -101.50 2.98 31.24
N ILE O 14 -102.18 3.69 30.35
CA ILE O 14 -101.62 4.04 29.04
C ILE O 14 -100.47 5.05 29.19
N SER O 15 -100.55 5.89 30.24
CA SER O 15 -99.52 6.89 30.52
C SER O 15 -98.17 6.31 30.92
N THR O 16 -98.18 5.05 31.35
CA THR O 16 -96.97 4.44 31.88
C THR O 16 -96.02 3.97 30.77
N ILE O 17 -96.51 3.90 29.54
CA ILE O 17 -95.69 3.47 28.38
C ILE O 17 -94.60 4.49 28.05
N GLY O 18 -94.82 5.74 28.46
CA GLY O 18 -93.82 6.79 28.26
C GLY O 18 -92.54 6.59 29.06
N LEU O 19 -92.61 5.82 30.14
CA LEU O 19 -91.44 5.52 30.97
C LEU O 19 -90.48 4.56 30.29
N LEU O 20 -90.98 3.86 29.27
CA LEU O 20 -90.15 3.02 28.39
C LEU O 20 -89.02 3.89 27.83
N GLY O 21 -89.36 5.12 27.48
CA GLY O 21 -88.40 6.07 26.93
C GLY O 21 -87.40 6.61 27.94
N ALA O 22 -87.88 6.93 29.14
CA ALA O 22 -87.01 7.45 30.20
C ALA O 22 -86.14 6.36 30.78
N GLY O 23 -86.66 5.14 30.82
CA GLY O 23 -85.93 3.99 31.34
C GLY O 23 -84.71 3.62 30.50
N ILE O 24 -84.92 3.49 29.20
CA ILE O 24 -83.85 3.26 28.24
C ILE O 24 -82.95 4.51 28.16
N GLY O 25 -83.56 5.69 28.24
CA GLY O 25 -82.85 6.96 28.17
C GLY O 25 -81.72 7.08 29.17
N ILE O 26 -82.00 6.77 30.43
CA ILE O 26 -80.99 6.85 31.48
C ILE O 26 -79.86 5.89 31.15
N ALA O 27 -80.21 4.67 30.77
CA ALA O 27 -79.23 3.64 30.42
C ALA O 27 -78.22 4.12 29.40
N ILE O 28 -78.73 4.69 28.30
CA ILE O 28 -77.91 5.18 27.20
C ILE O 28 -76.85 6.17 27.65
N VAL O 29 -77.24 7.14 28.50
CA VAL O 29 -76.29 8.13 29.00
C VAL O 29 -75.22 7.52 29.92
N PHE O 30 -75.64 6.68 30.86
CA PHE O 30 -74.69 6.03 31.76
C PHE O 30 -73.79 5.05 31.05
N ALA O 31 -74.30 4.43 29.99
CA ALA O 31 -73.51 3.46 29.22
C ALA O 31 -72.36 4.17 28.52
N ALA O 32 -72.65 5.31 27.89
CA ALA O 32 -71.61 6.09 27.22
C ALA O 32 -70.69 6.77 28.23
N LEU O 33 -71.17 6.94 29.46
CA LEU O 33 -70.39 7.53 30.52
C LEU O 33 -69.30 6.57 30.98
N ILE O 34 -69.65 5.29 31.13
CA ILE O 34 -68.64 4.31 31.52
C ILE O 34 -67.72 3.92 30.36
N ASN O 35 -68.24 3.94 29.13
CA ASN O 35 -67.42 3.70 27.94
C ASN O 35 -66.40 4.79 27.68
N GLY O 36 -66.80 6.04 27.88
CA GLY O 36 -65.91 7.17 27.74
C GLY O 36 -64.82 7.22 28.80
N VAL O 37 -65.12 6.69 29.98
CA VAL O 37 -64.16 6.69 31.09
C VAL O 37 -63.28 5.45 31.04
N SER O 38 -63.62 4.50 30.18
CA SER O 38 -62.71 3.38 29.87
C SER O 38 -61.62 3.85 28.93
N ARG O 39 -61.69 5.12 28.53
CA ARG O 39 -60.72 5.72 27.63
C ARG O 39 -60.12 6.95 28.29
N ASN O 40 -60.76 7.39 29.38
CA ASN O 40 -60.23 8.41 30.26
C ASN O 40 -59.89 9.76 29.58
N PRO O 41 -59.19 10.66 30.32
CA PRO O 41 -58.77 10.56 31.73
C PRO O 41 -59.67 11.28 32.72
N SER O 42 -60.59 12.09 32.21
CA SER O 42 -61.38 13.02 33.02
C SER O 42 -62.60 12.39 33.71
N ILE O 43 -62.33 11.49 34.66
CA ILE O 43 -63.34 10.77 35.46
C ILE O 43 -64.36 11.74 36.10
N LYS O 44 -64.10 12.16 37.34
CA LYS O 44 -64.86 13.24 37.97
C LYS O 44 -64.38 14.52 37.30
N ASP O 45 -65.31 15.43 37.01
CA ASP O 45 -65.04 16.62 36.18
C ASP O 45 -65.12 16.23 34.70
N THR O 46 -65.52 17.19 33.87
CA THR O 46 -65.71 17.00 32.42
C THR O 46 -66.90 16.09 32.12
N VAL O 47 -66.67 14.79 32.25
CA VAL O 47 -67.61 13.77 31.79
C VAL O 47 -68.69 13.41 32.84
N PHE O 48 -68.34 13.51 34.12
CA PHE O 48 -69.28 13.18 35.19
C PHE O 48 -70.34 14.24 35.45
N PRO O 49 -69.97 15.55 35.37
CA PRO O 49 -70.93 16.65 35.48
C PRO O 49 -72.05 16.62 34.42
N MET O 50 -71.70 16.22 33.20
CA MET O 50 -72.68 16.18 32.11
C MET O 50 -73.58 14.97 32.22
N ALA O 51 -73.03 13.85 32.69
CA ALA O 51 -73.77 12.58 32.81
C ALA O 51 -74.91 12.66 33.82
N ILE O 52 -74.77 13.54 34.82
CA ILE O 52 -75.83 13.78 35.79
C ILE O 52 -76.81 14.82 35.24
N LEU O 53 -76.27 15.74 34.45
CA LEU O 53 -77.07 16.76 33.77
C LEU O 53 -77.90 16.11 32.66
N GLY O 54 -77.33 15.08 32.04
CA GLY O 54 -78.03 14.31 31.01
C GLY O 54 -79.09 13.40 31.60
N PHE O 55 -78.80 12.85 32.78
CA PHE O 55 -79.74 12.04 33.53
C PHE O 55 -80.95 12.87 34.00
N ALA O 56 -80.69 14.07 34.51
CA ALA O 56 -81.75 14.96 34.96
C ALA O 56 -82.70 15.30 33.82
N LEU O 57 -82.15 15.70 32.67
CA LEU O 57 -82.94 16.09 31.50
C LEU O 57 -83.68 14.93 30.84
N SER O 58 -83.31 13.69 31.19
CA SER O 58 -83.95 12.49 30.64
C SER O 58 -84.96 11.87 31.63
N GLU O 59 -84.81 12.19 32.91
CA GLU O 59 -85.77 11.76 33.92
C GLU O 59 -86.84 12.84 34.12
N ALA O 60 -86.62 13.99 33.49
CA ALA O 60 -87.61 15.06 33.37
C ALA O 60 -88.74 14.63 32.43
N THR O 61 -88.44 13.63 31.58
CA THR O 61 -89.45 12.93 30.77
C THR O 61 -90.35 12.11 31.68
N GLY O 62 -89.73 11.33 32.57
CA GLY O 62 -90.43 10.48 33.51
C GLY O 62 -91.30 11.20 34.53
N LEU O 63 -90.84 12.36 35.01
CA LEU O 63 -91.59 13.12 36.00
C LEU O 63 -92.77 13.86 35.39
N PHE O 64 -92.62 14.31 34.14
CA PHE O 64 -93.74 14.89 33.38
C PHE O 64 -94.71 13.84 32.84
N CYS O 65 -94.31 12.57 32.92
CA CYS O 65 -95.07 11.45 32.41
C CYS O 65 -95.82 10.73 33.53
N LEU O 66 -95.18 10.63 34.69
CA LEU O 66 -95.77 10.06 35.88
C LEU O 66 -96.80 11.03 36.47
N MET O 67 -96.64 12.30 36.11
CA MET O 67 -97.55 13.34 36.55
C MET O 67 -98.92 13.17 35.89
N VAL O 68 -98.93 12.83 34.61
CA VAL O 68 -100.16 12.65 33.83
C VAL O 68 -100.92 11.40 34.27
N SER O 69 -100.19 10.37 34.70
CA SER O 69 -100.83 9.15 35.20
C SER O 69 -101.37 9.35 36.63
N PHE O 70 -100.62 10.08 37.46
CA PHE O 70 -101.06 10.40 38.82
C PHE O 70 -102.16 11.46 38.84
N LEU O 71 -102.20 12.27 37.78
CA LEU O 71 -103.28 13.23 37.60
C LEU O 71 -104.57 12.45 37.31
N LEU O 72 -104.45 11.39 36.53
CA LEU O 72 -105.58 10.54 36.15
C LEU O 72 -105.90 9.47 37.17
N LEU O 73 -105.18 9.42 38.28
CA LEU O 73 -105.60 8.53 39.33
C LEU O 73 -106.02 9.30 40.58
N PHE O 74 -106.00 10.62 40.46
CA PHE O 74 -106.30 11.51 41.58
C PHE O 74 -106.99 12.77 41.07
N GLY O 75 -108.10 13.09 41.49
N MET P 1 -121.54 14.98 26.86
CA MET P 1 -121.13 14.57 28.23
C MET P 1 -120.75 13.10 28.32
N GLN P 2 -120.11 12.75 29.44
CA GLN P 2 -119.66 11.39 29.76
C GLN P 2 -118.68 10.76 28.77
N LEU P 3 -119.12 10.45 27.55
CA LEU P 3 -118.21 9.91 26.54
C LEU P 3 -117.11 10.90 26.14
N VAL P 4 -117.49 12.17 26.03
CA VAL P 4 -116.54 13.23 25.72
C VAL P 4 -115.54 13.41 26.85
N LEU P 5 -115.97 13.23 28.10
CA LEU P 5 -115.05 13.26 29.25
C LEU P 5 -114.19 12.00 29.34
N ALA P 6 -114.77 10.85 29.02
CA ALA P 6 -114.09 9.57 29.09
C ALA P 6 -112.97 9.45 28.05
N ALA P 7 -113.31 9.71 26.79
CA ALA P 7 -112.34 9.66 25.70
C ALA P 7 -111.30 10.76 25.82
N LYS P 8 -111.62 11.76 26.64
CA LYS P 8 -110.69 12.84 26.95
C LYS P 8 -109.55 12.36 27.84
N TYR P 9 -109.84 11.39 28.71
CA TYR P 9 -108.86 10.88 29.67
C TYR P 9 -107.97 9.82 29.05
N ILE P 10 -108.53 9.01 28.16
CA ILE P 10 -107.75 8.05 27.39
C ILE P 10 -106.88 8.80 26.41
N GLY P 11 -107.47 9.82 25.77
CA GLY P 11 -106.74 10.69 24.87
C GLY P 11 -105.50 11.34 25.50
N ALA P 12 -105.61 11.67 26.79
CA ALA P 12 -104.51 12.33 27.51
C ALA P 12 -103.42 11.34 27.88
N GLY P 13 -103.84 10.10 28.11
CA GLY P 13 -102.91 9.02 28.38
C GLY P 13 -102.19 8.55 27.14
N ILE P 14 -102.91 8.52 26.02
CA ILE P 14 -102.34 8.11 24.73
C ILE P 14 -101.29 9.13 24.26
N SER P 15 -101.46 10.38 24.66
CA SER P 15 -100.54 11.46 24.28
C SER P 15 -99.17 11.35 24.92
N THR P 16 -99.08 10.57 26.00
CA THR P 16 -97.86 10.47 26.79
C THR P 16 -96.80 9.51 26.20
N ILE P 17 -97.22 8.70 25.23
CA ILE P 17 -96.33 7.76 24.53
C ILE P 17 -95.32 8.49 23.65
N GLY P 18 -95.65 9.71 23.24
CA GLY P 18 -94.72 10.53 22.45
C GLY P 18 -93.46 10.95 23.19
N LEU P 19 -93.52 10.95 24.52
CA LEU P 19 -92.35 11.27 25.36
C LEU P 19 -91.31 10.15 25.39
N LEU P 20 -91.71 8.95 24.99
CA LEU P 20 -90.79 7.84 24.71
C LEU P 20 -89.73 8.32 23.72
N GLY P 21 -90.16 9.08 22.71
CA GLY P 21 -89.28 9.60 21.67
C GLY P 21 -88.35 10.69 22.16
N ALA P 22 -88.86 11.61 22.96
CA ALA P 22 -88.06 12.71 23.50
C ALA P 22 -87.13 12.25 24.61
N GLY P 23 -87.56 11.24 25.38
CA GLY P 23 -86.75 10.67 26.46
C GLY P 23 -85.48 9.95 26.00
N ILE P 24 -85.65 9.09 24.99
CA ILE P 24 -84.54 8.45 24.30
C ILE P 24 -83.73 9.48 23.51
N GLY P 25 -84.43 10.43 22.89
CA GLY P 25 -83.79 11.51 22.11
C GLY P 25 -82.72 12.31 22.84
N ILE P 26 -83.03 12.75 24.06
CA ILE P 26 -82.08 13.48 24.90
C ILE P 26 -80.84 12.62 25.13
N ALA P 27 -81.06 11.39 25.58
CA ALA P 27 -79.98 10.44 25.85
C ALA P 27 -78.98 10.33 24.70
N ILE P 28 -79.49 10.07 23.51
CA ILE P 28 -78.68 9.92 22.31
C ILE P 28 -77.72 11.09 22.09
N VAL P 29 -78.22 12.32 22.24
CA VAL P 29 -77.38 13.50 22.05
C VAL P 29 -76.31 13.62 23.13
N PHE P 30 -76.71 13.43 24.38
CA PHE P 30 -75.78 13.49 25.50
C PHE P 30 -74.77 12.35 25.50
N ALA P 31 -75.17 11.17 25.02
CA ALA P 31 -74.26 10.04 24.93
C ALA P 31 -73.15 10.29 23.93
N ALA P 32 -73.51 10.82 22.76
CA ALA P 32 -72.51 11.16 21.74
C ALA P 32 -71.66 12.37 22.15
N LEU P 33 -72.20 13.18 23.04
CA LEU P 33 -71.51 14.35 23.54
C LEU P 33 -70.38 13.92 24.45
N ILE P 34 -70.62 12.96 25.32
CA ILE P 34 -69.57 12.48 26.21
C ILE P 34 -68.58 11.57 25.48
N ASN P 35 -69.03 10.86 24.46
CA ASN P 35 -68.14 10.04 23.66
C ASN P 35 -67.22 10.87 22.80
N GLY P 36 -67.75 11.97 22.28
CA GLY P 36 -66.95 12.88 21.47
C GLY P 36 -65.90 13.61 22.27
N VAL P 37 -66.18 13.82 23.55
CA VAL P 37 -65.27 14.53 24.44
C VAL P 37 -64.33 13.55 25.17
N SER P 38 -64.56 12.25 25.00
CA SER P 38 -63.57 11.25 25.39
C SER P 38 -62.44 11.25 24.36
N ARG P 39 -62.52 12.20 23.45
CA ARG P 39 -61.50 12.45 22.44
C ARG P 39 -61.07 13.91 22.49
N ASN P 40 -61.74 14.67 23.36
CA ASN P 40 -61.36 16.04 23.77
C ASN P 40 -61.25 17.11 22.68
N PRO P 41 -61.00 18.40 23.07
CA PRO P 41 -61.14 19.04 24.36
C PRO P 41 -62.17 20.16 24.23
N SER P 42 -63.05 20.03 23.24
CA SER P 42 -63.98 21.10 22.91
C SER P 42 -65.15 21.17 23.92
N ILE P 43 -64.83 20.77 25.16
CA ILE P 43 -65.73 20.76 26.33
C ILE P 43 -66.77 21.89 26.36
N LYS P 44 -66.30 23.11 26.62
CA LYS P 44 -67.15 24.30 26.54
C LYS P 44 -66.92 24.92 25.16
N ASP P 45 -68.03 25.35 24.53
CA ASP P 45 -68.02 25.84 23.14
C ASP P 45 -67.66 24.72 22.15
N THR P 46 -68.22 24.81 20.94
CA THR P 46 -68.19 23.72 19.97
C THR P 46 -69.19 22.64 20.40
N VAL P 47 -68.77 21.66 21.19
CA VAL P 47 -69.65 20.54 21.54
C VAL P 47 -70.82 20.96 22.45
N PHE P 48 -70.52 21.41 23.66
CA PHE P 48 -71.55 21.77 24.67
C PHE P 48 -72.75 22.55 24.10
N PRO P 49 -72.51 23.61 23.31
CA PRO P 49 -73.58 24.25 22.55
C PRO P 49 -74.41 23.27 21.71
N MET P 50 -73.81 22.71 20.65
CA MET P 50 -74.51 21.83 19.71
C MET P 50 -75.34 20.78 20.43
N ALA P 51 -74.86 20.37 21.60
CA ALA P 51 -75.56 19.45 22.47
C ALA P 51 -76.80 20.08 23.09
N ILE P 52 -76.64 21.24 23.74
CA ILE P 52 -77.77 21.97 24.34
C ILE P 52 -78.73 22.47 23.26
N LEU P 53 -78.18 22.80 22.09
CA LEU P 53 -78.98 23.16 20.92
C LEU P 53 -79.71 21.92 20.39
N GLY P 54 -79.06 20.76 20.48
CA GLY P 54 -79.67 19.49 20.10
C GLY P 54 -80.70 19.01 21.12
N PHE P 55 -80.41 19.27 22.41
CA PHE P 55 -81.32 18.96 23.50
C PHE P 55 -82.59 19.80 23.42
N ALA P 56 -82.44 21.10 23.13
CA ALA P 56 -83.57 21.99 23.01
C ALA P 56 -84.50 21.56 21.89
N LEU P 57 -83.92 21.25 20.73
CA LEU P 57 -84.68 20.83 19.55
C LEU P 57 -85.31 19.45 19.69
N SER P 58 -84.85 18.68 20.67
CA SER P 58 -85.40 17.35 20.95
C SER P 58 -86.39 17.33 22.12
N GLU P 59 -86.31 18.35 22.98
CA GLU P 59 -87.28 18.51 24.06
C GLU P 59 -88.43 19.40 23.60
N ALA P 60 -88.27 19.99 22.41
CA ALA P 60 -89.34 20.70 21.73
C ALA P 60 -90.39 19.71 21.22
N THR P 61 -89.99 18.44 21.11
CA THR P 61 -90.91 17.33 20.86
C THR P 61 -91.80 17.13 22.08
N GLY P 62 -91.16 17.08 23.25
CA GLY P 62 -91.84 16.86 24.52
C GLY P 62 -92.79 17.96 24.95
N LEU P 63 -92.43 19.21 24.68
CA LEU P 63 -93.27 20.34 25.04
C LEU P 63 -94.48 20.48 24.13
N PHE P 64 -94.32 20.13 22.85
CA PHE P 64 -95.43 20.07 21.91
C PHE P 64 -96.30 18.83 22.09
N CYS P 65 -95.81 17.88 22.88
CA CYS P 65 -96.48 16.61 23.11
C CYS P 65 -97.21 16.62 24.46
N LEU P 66 -96.60 17.27 25.45
CA LEU P 66 -97.18 17.45 26.77
C LEU P 66 -98.31 18.48 26.68
N MET P 67 -98.24 19.32 25.66
CA MET P 67 -99.25 20.33 25.40
C MET P 67 -100.58 19.70 24.97
N VAL P 68 -100.50 18.70 24.10
CA VAL P 68 -101.69 18.00 23.60
C VAL P 68 -102.36 17.18 24.70
N SER P 69 -101.56 16.69 25.65
CA SER P 69 -102.11 15.93 26.77
C SER P 69 -102.72 16.85 27.81
N PHE P 70 -102.06 17.99 28.07
CA PHE P 70 -102.58 18.98 29.00
C PHE P 70 -103.75 19.76 28.43
N LEU P 71 -103.85 19.79 27.10
CA LEU P 71 -104.99 20.37 26.40
C LEU P 71 -106.21 19.49 26.63
N LEU P 72 -106.01 18.18 26.59
CA LEU P 72 -107.08 17.21 26.82
C LEU P 72 -107.25 16.89 28.30
N LEU P 73 -106.47 17.52 29.17
CA LEU P 73 -106.68 17.36 30.59
C LEU P 73 -107.44 18.55 31.14
N PHE P 74 -107.43 19.64 30.39
CA PHE P 74 -108.08 20.87 30.80
C PHE P 74 -108.68 21.61 29.58
N GLY P 75 -109.89 21.58 29.35
N MET Q 1 -123.72 12.70 16.87
CA MET Q 1 -122.34 13.29 16.83
C MET Q 1 -121.60 13.21 18.17
N GLN Q 2 -122.23 12.56 19.15
CA GLN Q 2 -121.61 12.26 20.46
C GLN Q 2 -120.29 11.48 20.26
N LEU Q 3 -120.34 10.52 19.35
CA LEU Q 3 -119.20 9.67 18.98
C LEU Q 3 -118.19 10.38 18.11
N VAL Q 4 -118.65 11.27 17.25
CA VAL Q 4 -117.76 12.02 16.35
C VAL Q 4 -116.82 12.93 17.16
N LEU Q 5 -117.33 13.47 18.26
CA LEU Q 5 -116.51 14.24 19.19
C LEU Q 5 -115.56 13.37 20.03
N ALA Q 6 -116.06 12.21 20.45
CA ALA Q 6 -115.29 11.27 21.27
C ALA Q 6 -114.09 10.66 20.51
N ALA Q 7 -114.34 10.15 19.31
CA ALA Q 7 -113.31 9.55 18.46
C ALA Q 7 -112.36 10.61 17.89
N LYS Q 8 -112.79 11.87 17.97
CA LYS Q 8 -111.96 13.00 17.56
C LYS Q 8 -110.85 13.22 18.59
N TYR Q 9 -111.14 12.94 19.86
CA TYR Q 9 -110.17 13.16 20.94
C TYR Q 9 -109.15 12.02 21.08
N ILE Q 10 -109.61 10.80 20.85
CA ILE Q 10 -108.71 9.63 20.79
C ILE Q 10 -107.86 9.75 19.53
N GLY Q 11 -108.49 10.16 18.42
CA GLY Q 11 -107.78 10.42 17.17
C GLY Q 11 -106.64 11.43 17.28
N ALA Q 12 -106.83 12.45 18.11
CA ALA Q 12 -105.81 13.48 18.34
C ALA Q 12 -104.68 12.98 19.23
N GLY Q 13 -105.02 12.08 20.15
CA GLY Q 13 -104.03 11.46 21.04
C GLY Q 13 -103.20 10.41 20.33
N ILE Q 14 -103.85 9.67 19.42
CA ILE Q 14 -103.19 8.64 18.63
C ILE Q 14 -102.19 9.28 17.64
N SER Q 15 -102.47 10.51 17.21
CA SER Q 15 -101.59 11.23 16.28
C SER Q 15 -100.27 11.65 16.90
N THR Q 16 -100.20 11.65 18.23
CA THR Q 16 -99.03 12.13 18.98
C THR Q 16 -97.87 11.12 19.04
N ILE Q 17 -98.15 9.86 18.73
CA ILE Q 17 -97.15 8.79 18.69
C ILE Q 17 -96.15 8.98 17.55
N GLY Q 18 -96.55 9.69 16.49
CA GLY Q 18 -95.65 9.98 15.38
C GLY Q 18 -94.47 10.87 15.75
N LEU Q 19 -94.61 11.62 16.84
CA LEU Q 19 -93.54 12.48 17.35
C LEU Q 19 -92.40 11.71 18.01
N LEU Q 20 -92.68 10.44 18.36
CA LEU Q 20 -91.67 9.49 18.81
C LEU Q 20 -90.56 9.37 17.75
N GLY Q 21 -90.98 9.37 16.48
CA GLY Q 21 -90.07 9.27 15.34
C GLY Q 21 -89.27 10.53 15.08
N ALA Q 22 -89.92 11.68 15.19
CA ALA Q 22 -89.24 12.98 15.02
C ALA Q 22 -88.35 13.34 16.20
N GLY Q 23 -88.75 12.96 17.42
CA GLY Q 23 -87.97 13.22 18.63
C GLY Q 23 -86.63 12.48 18.67
N ILE Q 24 -86.67 11.18 18.34
CA ILE Q 24 -85.48 10.36 18.17
C ILE Q 24 -84.70 10.79 16.92
N GLY Q 25 -85.41 11.12 15.85
CA GLY Q 25 -84.79 11.59 14.60
C GLY Q 25 -83.82 12.77 14.71
N ILE Q 26 -84.24 13.82 15.43
CA ILE Q 26 -83.40 14.98 15.69
C ILE Q 26 -82.12 14.55 16.40
N ALA Q 27 -82.30 13.77 17.46
CA ALA Q 27 -81.18 13.28 18.28
C ALA Q 27 -80.09 12.58 17.47
N ILE Q 28 -80.50 11.65 16.61
CA ILE Q 28 -79.61 10.90 15.73
C ILE Q 28 -78.73 11.80 14.86
N VAL Q 29 -79.33 12.82 14.23
CA VAL Q 29 -78.58 13.75 13.39
C VAL Q 29 -77.58 14.58 14.21
N PHE Q 30 -78.03 15.11 15.34
CA PHE Q 30 -77.18 15.92 16.22
C PHE Q 30 -76.09 15.12 16.91
N ALA Q 31 -76.39 13.85 17.20
CA ALA Q 31 -75.41 12.94 17.80
C ALA Q 31 -74.25 12.69 16.83
N ALA Q 32 -74.58 12.40 15.57
CA ALA Q 32 -73.58 12.16 14.54
C ALA Q 32 -72.81 13.43 14.17
N LEU Q 33 -73.45 14.57 14.43
CA LEU Q 33 -72.86 15.87 14.16
C LEU Q 33 -71.74 16.15 15.15
N ILE Q 34 -71.97 15.85 16.43
CA ILE Q 34 -70.95 16.09 17.44
C ILE Q 34 -69.85 15.03 17.40
N ASN Q 35 -70.21 13.81 17.00
CA ASN Q 35 -69.22 12.76 16.82
C ASN Q 35 -68.28 12.99 15.65
N GLY Q 36 -68.82 13.52 14.56
CA GLY Q 36 -68.01 13.84 13.40
C GLY Q 36 -67.08 15.00 13.64
N VAL Q 37 -67.48 15.91 14.51
CA VAL Q 37 -66.69 17.11 14.81
C VAL Q 37 -65.72 16.80 15.96
N SER Q 38 -65.86 15.64 16.56
CA SER Q 38 -64.89 15.15 17.52
C SER Q 38 -63.72 14.61 16.75
N ARG Q 39 -63.82 14.68 15.43
CA ARG Q 39 -62.76 14.24 14.54
C ARG Q 39 -62.25 15.38 13.65
N ASN Q 40 -63.12 16.37 13.39
CA ASN Q 40 -62.71 17.67 12.79
C ASN Q 40 -62.22 17.65 11.33
N PRO Q 41 -61.83 18.82 10.77
CA PRO Q 41 -61.96 20.20 11.30
C PRO Q 41 -63.25 20.93 10.88
N SER Q 42 -64.23 20.19 10.34
CA SER Q 42 -65.36 20.79 9.62
C SER Q 42 -66.50 21.34 10.49
N ILE Q 43 -66.13 22.00 11.59
CA ILE Q 43 -67.09 22.67 12.49
C ILE Q 43 -67.98 23.65 11.71
N LYS Q 44 -67.42 24.80 11.37
CA LYS Q 44 -68.03 25.71 10.43
C LYS Q 44 -67.76 25.12 9.06
N ASP Q 45 -68.64 25.42 8.10
CA ASP Q 45 -68.59 24.84 6.75
C ASP Q 45 -68.89 23.33 6.79
N THR Q 46 -69.23 22.78 5.62
CA THR Q 46 -69.27 21.34 5.39
C THR Q 46 -70.35 20.57 6.16
N VAL Q 47 -70.35 20.63 7.49
CA VAL Q 47 -71.21 19.74 8.28
C VAL Q 47 -72.44 20.43 8.92
N PHE Q 48 -72.20 21.48 9.70
CA PHE Q 48 -73.29 22.22 10.34
C PHE Q 48 -74.41 22.58 9.35
N PRO Q 49 -74.05 23.02 8.11
CA PRO Q 49 -75.07 23.25 7.09
C PRO Q 49 -75.93 22.04 6.73
N MET Q 50 -75.43 20.84 6.98
CA MET Q 50 -76.22 19.62 6.79
C MET Q 50 -76.92 19.20 8.07
N ALA Q 51 -76.41 19.71 9.20
CA ALA Q 51 -76.94 19.39 10.53
C ALA Q 51 -78.32 20.00 10.77
N ILE Q 52 -78.54 21.21 10.25
CA ILE Q 52 -79.84 21.85 10.39
C ILE Q 52 -80.66 21.71 9.08
N LEU Q 53 -80.03 21.22 8.02
CA LEU Q 53 -80.78 20.76 6.83
C LEU Q 53 -81.39 19.39 7.13
N GLY Q 54 -80.66 18.57 7.87
CA GLY Q 54 -81.14 17.27 8.32
C GLY Q 54 -82.19 17.38 9.42
N PHE Q 55 -82.02 18.35 10.31
CA PHE Q 55 -82.97 18.66 11.36
C PHE Q 55 -84.30 19.18 10.80
N ALA Q 56 -84.21 20.05 9.80
CA ALA Q 56 -85.39 20.60 9.16
C ALA Q 56 -86.21 19.50 8.50
N LEU Q 57 -85.53 18.62 7.76
CA LEU Q 57 -86.20 17.54 7.05
C LEU Q 57 -86.75 16.45 7.97
N SER Q 58 -86.29 16.43 9.22
CA SER Q 58 -86.76 15.46 10.22
C SER Q 58 -87.80 16.03 11.18
N GLU Q 59 -87.84 17.36 11.30
CA GLU Q 59 -88.89 18.03 12.07
C GLU Q 59 -90.08 18.38 11.16
N ALA Q 60 -89.89 18.19 9.86
CA ALA Q 60 -90.99 18.27 8.88
C ALA Q 60 -91.92 17.07 9.05
N THR Q 61 -91.41 16.01 9.70
CA THR Q 61 -92.23 14.88 10.15
C THR Q 61 -93.18 15.37 11.25
N GLY Q 62 -92.61 16.07 12.23
CA GLY Q 62 -93.34 16.57 13.38
C GLY Q 62 -94.40 17.61 13.08
N LEU Q 63 -94.12 18.50 12.13
CA LEU Q 63 -95.07 19.54 11.76
C LEU Q 63 -96.23 19.01 10.92
N PHE Q 64 -95.96 18.00 10.09
CA PHE Q 64 -97.01 17.29 9.35
C PHE Q 64 -97.78 16.30 10.22
N CYS Q 65 -97.27 16.05 11.42
CA CYS Q 65 -97.86 15.09 12.35
C CYS Q 65 -98.66 15.80 13.43
N LEU Q 66 -98.17 16.97 13.84
CA LEU Q 66 -98.86 17.85 14.80
C LEU Q 66 -100.05 18.53 14.12
N MET Q 67 -99.98 18.62 12.80
CA MET Q 67 -101.04 19.21 11.99
C MET Q 67 -102.29 18.32 11.99
N VAL Q 68 -102.08 17.00 11.90
CA VAL Q 68 -103.18 16.03 11.91
C VAL Q 68 -103.86 15.94 13.28
N SER Q 69 -103.10 16.17 14.34
CA SER Q 69 -103.65 16.16 15.71
C SER Q 69 -104.40 17.47 16.00
N PHE Q 70 -103.83 18.59 15.56
CA PHE Q 70 -104.47 19.90 15.70
C PHE Q 70 -105.67 20.08 14.77
N LEU Q 71 -105.68 19.32 13.68
CA LEU Q 71 -106.81 19.27 12.75
C LEU Q 71 -107.98 18.57 13.42
N LEU Q 72 -107.68 17.49 14.13
CA LEU Q 72 -108.68 16.76 14.90
C LEU Q 72 -108.95 17.47 16.24
N LEU Q 73 -108.67 18.78 16.27
CA LEU Q 73 -108.97 19.64 17.39
C LEU Q 73 -109.78 20.86 16.91
N PHE Q 74 -109.29 21.99 16.83
N MET R 1 -123.45 4.92 8.90
CA MET R 1 -123.95 6.33 9.03
C MET R 1 -123.03 7.18 9.90
N GLN R 2 -123.11 6.98 11.22
CA GLN R 2 -122.35 7.77 12.20
C GLN R 2 -121.02 7.13 12.63
N LEU R 3 -121.04 5.81 12.78
CA LEU R 3 -119.84 5.02 13.07
C LEU R 3 -118.80 5.13 11.95
N VAL R 4 -119.26 5.33 10.72
CA VAL R 4 -118.36 5.51 9.57
C VAL R 4 -117.61 6.84 9.67
N LEU R 5 -118.23 7.84 10.31
CA LEU R 5 -117.57 9.10 10.66
C LEU R 5 -116.60 8.94 11.82
N ALA R 6 -117.02 8.20 12.85
CA ALA R 6 -116.22 7.97 14.05
C ALA R 6 -114.93 7.17 13.77
N ALA R 7 -115.08 6.05 13.08
CA ALA R 7 -113.95 5.16 12.74
C ALA R 7 -113.05 5.76 11.64
N LYS R 8 -113.57 6.79 10.97
CA LYS R 8 -112.81 7.57 10.00
C LYS R 8 -111.75 8.41 10.72
N TYR R 9 -112.10 8.91 11.90
CA TYR R 9 -111.24 9.81 12.69
C TYR R 9 -110.13 9.07 13.42
N ILE R 10 -110.46 7.90 13.96
CA ILE R 10 -109.47 7.02 14.55
C ILE R 10 -108.60 6.45 13.45
N GLY R 11 -109.22 6.10 12.32
CA GLY R 11 -108.49 5.63 11.14
C GLY R 11 -107.47 6.63 10.64
N ALA R 12 -107.77 7.92 10.81
CA ALA R 12 -106.87 9.01 10.41
C ALA R 12 -105.73 9.21 11.40
N GLY R 13 -106.01 8.97 12.67
CA GLY R 13 -105.00 9.06 13.73
C GLY R 13 -104.04 7.90 13.72
N ILE R 14 -104.56 6.70 13.45
CA ILE R 14 -103.76 5.48 13.37
C ILE R 14 -102.79 5.51 12.16
N SER R 15 -103.15 6.29 11.14
CA SER R 15 -102.31 6.44 9.93
C SER R 15 -101.04 7.27 10.17
N THR R 16 -101.03 8.05 11.26
CA THR R 16 -99.91 8.95 11.58
C THR R 16 -98.70 8.22 12.20
N ILE R 17 -98.90 6.99 12.68
CA ILE R 17 -97.83 6.18 13.27
C ILE R 17 -96.78 5.81 12.22
N GLY R 18 -97.20 5.69 10.97
CA GLY R 18 -96.27 5.41 9.87
C GLY R 18 -95.18 6.45 9.71
N LEU R 19 -95.46 7.67 10.17
CA LEU R 19 -94.50 8.80 10.10
C LEU R 19 -93.32 8.64 11.05
N LEU R 20 -93.50 7.79 12.06
CA LEU R 20 -92.41 7.39 12.95
C LEU R 20 -91.27 6.80 12.12
N GLY R 21 -91.63 6.02 11.11
CA GLY R 21 -90.67 5.38 10.21
C GLY R 21 -89.92 6.33 9.31
N ALA R 22 -90.62 7.27 8.69
CA ALA R 22 -90.00 8.26 7.82
C ALA R 22 -89.24 9.32 8.62
N GLY R 23 -89.69 9.63 9.83
CA GLY R 23 -89.05 10.63 10.67
C GLY R 23 -87.67 10.19 11.11
N ILE R 24 -87.59 8.94 11.55
CA ILE R 24 -86.34 8.29 11.89
C ILE R 24 -85.51 8.00 10.63
N GLY R 25 -86.18 7.61 9.55
CA GLY R 25 -85.55 7.32 8.26
C GLY R 25 -84.66 8.43 7.72
N ILE R 26 -85.21 9.65 7.68
CA ILE R 26 -84.45 10.83 7.23
C ILE R 26 -83.19 10.99 8.05
N ALA R 27 -83.36 10.99 9.37
CA ALA R 27 -82.27 11.15 10.32
C ALA R 27 -81.10 10.21 10.04
N ILE R 28 -81.44 8.94 9.79
CA ILE R 28 -80.46 7.90 9.51
C ILE R 28 -79.58 8.24 8.31
N VAL R 29 -80.20 8.62 7.20
CA VAL R 29 -79.45 8.98 5.99
C VAL R 29 -78.56 10.21 6.21
N PHE R 30 -79.12 11.24 6.83
CA PHE R 30 -78.37 12.47 7.09
C PHE R 30 -77.26 12.31 8.11
N ALA R 31 -77.48 11.46 9.12
CA ALA R 31 -76.44 11.17 10.10
C ALA R 31 -75.22 10.51 9.46
N ALA R 32 -75.47 9.54 8.59
CA ALA R 32 -74.42 8.84 7.87
C ALA R 32 -73.74 9.75 6.84
N LEU R 33 -74.49 10.73 6.35
CA LEU R 33 -73.95 11.67 5.39
C LEU R 33 -72.92 12.57 6.07
N ILE R 34 -73.21 13.00 7.30
CA ILE R 34 -72.26 13.88 8.01
C ILE R 34 -71.07 13.14 8.60
N ASN R 35 -71.27 11.87 8.96
CA ASN R 35 -70.15 11.03 9.41
C ASN R 35 -69.23 10.61 8.28
N GLY R 36 -69.78 10.37 7.10
CA GLY R 36 -68.98 10.05 5.92
C GLY R 36 -68.15 11.23 5.42
N VAL R 37 -68.66 12.44 5.65
CA VAL R 37 -67.98 13.66 5.23
C VAL R 37 -67.03 14.18 6.32
N SER R 38 -67.12 13.62 7.52
CA SER R 38 -66.10 13.83 8.54
C SER R 38 -64.89 12.98 8.22
N ARG R 39 -64.95 12.32 7.06
CA ARG R 39 -63.91 11.41 6.60
C ARG R 39 -63.41 11.79 5.20
N ASN R 40 -64.33 12.20 4.31
CA ASN R 40 -64.00 12.66 2.95
C ASN R 40 -63.57 11.52 1.99
N PRO R 41 -63.13 11.84 0.75
CA PRO R 41 -63.06 13.17 0.09
C PRO R 41 -64.36 13.60 -0.59
N SER R 42 -65.41 12.78 -0.44
CA SER R 42 -66.59 12.84 -1.30
C SER R 42 -67.72 13.81 -0.89
N ILE R 43 -67.36 15.06 -0.54
CA ILE R 43 -68.32 16.10 -0.12
C ILE R 43 -69.37 16.42 -1.20
N LYS R 44 -69.04 17.36 -2.10
CA LYS R 44 -69.90 17.69 -3.22
C LYS R 44 -69.65 16.64 -4.31
N ASP R 45 -70.74 16.15 -4.89
CA ASP R 45 -70.74 15.05 -5.88
C ASP R 45 -70.39 13.71 -5.21
N THR R 46 -70.72 12.62 -5.90
CA THR R 46 -70.56 11.26 -5.40
C THR R 46 -71.57 10.97 -4.26
N VAL R 47 -71.33 11.51 -3.07
CA VAL R 47 -72.12 11.15 -1.89
C VAL R 47 -73.44 11.92 -1.73
N PHE R 48 -73.40 13.22 -1.97
CA PHE R 48 -74.60 14.06 -1.83
C PHE R 48 -75.68 13.81 -2.89
N PRO R 49 -75.29 13.56 -4.17
CA PRO R 49 -76.24 13.17 -5.22
C PRO R 49 -77.05 11.91 -4.89
N MET R 50 -76.60 11.15 -3.90
CA MET R 50 -77.33 9.95 -3.46
C MET R 50 -77.98 10.19 -2.11
N ALA R 51 -77.51 11.23 -1.41
CA ALA R 51 -77.95 11.54 -0.05
C ALA R 51 -79.38 12.09 0.00
N ILE R 52 -79.66 13.08 -0.85
CA ILE R 52 -81.00 13.65 -0.95
C ILE R 52 -81.87 12.76 -1.87
N LEU R 53 -81.22 11.90 -2.66
CA LEU R 53 -81.88 10.80 -3.36
C LEU R 53 -82.40 9.76 -2.35
N GLY R 54 -81.63 9.57 -1.27
CA GLY R 54 -82.04 8.69 -0.17
C GLY R 54 -83.13 9.33 0.67
N PHE R 55 -83.08 10.66 0.81
CA PHE R 55 -84.11 11.41 1.51
C PHE R 55 -85.44 11.37 0.78
N ALA R 56 -85.40 11.54 -0.54
CA ALA R 56 -86.60 11.53 -1.36
C ALA R 56 -87.29 10.17 -1.31
N LEU R 57 -86.50 9.10 -1.42
CA LEU R 57 -87.04 7.74 -1.38
C LEU R 57 -87.55 7.31 0.01
N SER R 58 -87.15 8.05 1.05
CA SER R 58 -87.58 7.76 2.44
C SER R 58 -88.69 8.71 2.91
N GLU R 59 -88.84 9.85 2.24
CA GLU R 59 -89.95 10.75 2.52
C GLU R 59 -91.14 10.40 1.61
N ALA R 60 -90.90 9.51 0.64
CA ALA R 60 -91.95 8.94 -0.21
C ALA R 60 -92.79 7.94 0.60
N THR R 61 -92.24 7.52 1.73
CA THR R 61 -92.96 6.77 2.76
C THR R 61 -94.01 7.68 3.38
N GLY R 62 -93.56 8.86 3.81
CA GLY R 62 -94.41 9.84 4.48
C GLY R 62 -95.51 10.43 3.62
N LEU R 63 -95.23 10.62 2.33
CA LEU R 63 -96.21 11.16 1.41
C LEU R 63 -97.29 10.15 1.04
N PHE R 64 -96.90 8.87 0.93
CA PHE R 64 -97.85 7.76 0.74
C PHE R 64 -98.61 7.42 2.02
N CYS R 65 -98.12 7.94 3.15
CA CYS R 65 -98.68 7.66 4.47
C CYS R 65 -99.60 8.79 4.93
N LEU R 66 -99.20 10.02 4.63
CA LEU R 66 -100.01 11.20 4.92
C LEU R 66 -101.20 11.25 3.97
N MET R 67 -101.06 10.55 2.84
CA MET R 67 -102.11 10.44 1.84
C MET R 67 -103.31 9.65 2.35
N VAL R 68 -103.02 8.53 3.03
CA VAL R 68 -104.07 7.65 3.57
C VAL R 68 -104.76 8.29 4.77
N SER R 69 -104.04 9.13 5.50
CA SER R 69 -104.61 9.89 6.63
C SER R 69 -105.51 11.02 6.12
N PHE R 70 -105.02 11.74 5.12
CA PHE R 70 -105.79 12.83 4.50
C PHE R 70 -106.92 12.32 3.61
N LEU R 71 -106.82 11.06 3.18
CA LEU R 71 -107.89 10.38 2.45
C LEU R 71 -109.07 10.09 3.38
N LEU R 72 -108.75 9.71 4.63
CA LEU R 72 -109.77 9.46 5.65
C LEU R 72 -110.13 10.73 6.45
N LEU R 73 -109.80 11.91 5.92
CA LEU R 73 -110.03 13.18 6.60
C LEU R 73 -110.54 14.27 5.64
N PHE R 74 -110.54 15.48 5.90
N GLN S 2 -122.96 -0.57 7.50
CA GLN S 2 -122.79 0.18 8.77
C GLN S 2 -121.41 -0.08 9.43
N LEU S 3 -121.18 -1.31 9.88
CA LEU S 3 -119.91 -1.73 10.51
C LEU S 3 -118.83 -2.14 9.52
N VAL S 4 -119.24 -2.75 8.41
CA VAL S 4 -118.32 -3.19 7.35
C VAL S 4 -117.60 -1.99 6.72
N LEU S 5 -118.31 -0.85 6.63
CA LEU S 5 -117.71 0.40 6.17
C LEU S 5 -116.85 1.07 7.25
N ALA S 6 -117.30 0.97 8.51
CA ALA S 6 -116.57 1.54 9.65
C ALA S 6 -115.22 0.87 9.90
N ALA S 7 -115.23 -0.46 10.00
CA ALA S 7 -114.01 -1.24 10.23
C ALA S 7 -113.13 -1.32 8.98
N LYS S 8 -113.67 -0.90 7.84
CA LYS S 8 -112.91 -0.77 6.60
C LYS S 8 -111.97 0.43 6.67
N TYR S 9 -112.38 1.46 7.41
CA TYR S 9 -111.63 2.71 7.54
C TYR S 9 -110.55 2.62 8.62
N ILE S 10 -110.86 1.93 9.71
CA ILE S 10 -109.86 1.59 10.75
C ILE S 10 -108.82 0.61 10.18
N GLY S 11 -109.31 -0.40 9.45
CA GLY S 11 -108.45 -1.37 8.78
C GLY S 11 -107.48 -0.77 7.75
N ALA S 12 -107.90 0.33 7.12
CA ALA S 12 -107.06 1.05 6.16
C ALA S 12 -105.99 1.90 6.86
N GLY S 13 -106.33 2.39 8.06
CA GLY S 13 -105.39 3.17 8.88
C GLY S 13 -104.38 2.31 9.61
N ILE S 14 -104.81 1.13 10.05
CA ILE S 14 -103.93 0.16 10.72
C ILE S 14 -102.93 -0.43 9.71
N SER S 15 -103.28 -0.43 8.43
CA SER S 15 -102.39 -0.91 7.36
C SER S 15 -101.15 -0.01 7.16
N THR S 16 -101.27 1.26 7.55
CA THR S 16 -100.24 2.29 7.31
C THR S 16 -99.01 2.17 8.22
N ILE S 17 -99.15 1.44 9.33
CA ILE S 17 -98.06 1.21 10.28
C ILE S 17 -96.94 0.36 9.66
N GLY S 18 -97.27 -0.46 8.68
CA GLY S 18 -96.27 -1.25 7.96
C GLY S 18 -95.24 -0.43 7.21
N LEU S 19 -95.62 0.81 6.86
CA LEU S 19 -94.73 1.73 6.16
C LEU S 19 -93.59 2.24 7.05
N LEU S 20 -93.79 2.14 8.36
CA LEU S 20 -92.74 2.42 9.34
C LEU S 20 -91.52 1.53 9.06
N GLY S 21 -91.77 0.29 8.65
CA GLY S 21 -90.70 -0.65 8.30
C GLY S 21 -89.97 -0.31 7.00
N ALA S 22 -90.74 0.02 5.96
CA ALA S 22 -90.16 0.37 4.67
C ALA S 22 -89.46 1.73 4.70
N GLY S 23 -89.96 2.65 5.53
CA GLY S 23 -89.39 3.99 5.68
C GLY S 23 -88.02 4.00 6.31
N ILE S 24 -87.88 3.24 7.40
CA ILE S 24 -86.61 3.01 8.07
C ILE S 24 -85.72 2.13 7.19
N GLY S 25 -86.33 1.14 6.54
CA GLY S 25 -85.62 0.22 5.65
C GLY S 25 -84.78 0.88 4.57
N ILE S 26 -85.37 1.81 3.83
CA ILE S 26 -84.66 2.57 2.79
C ILE S 26 -83.46 3.29 3.39
N ALA S 27 -83.70 3.99 4.49
CA ALA S 27 -82.68 4.77 5.18
C ALA S 27 -81.42 3.95 5.49
N ILE S 28 -81.62 2.76 6.06
CA ILE S 28 -80.55 1.85 6.44
C ILE S 28 -79.63 1.52 5.26
N VAL S 29 -80.23 1.17 4.12
CA VAL S 29 -79.48 0.83 2.92
C VAL S 29 -78.70 2.02 2.40
N PHE S 30 -79.35 3.18 2.27
CA PHE S 30 -78.71 4.40 1.78
C PHE S 30 -77.67 4.95 2.73
N ALA S 31 -77.88 4.75 4.03
CA ALA S 31 -76.91 5.14 5.04
C ALA S 31 -75.60 4.37 4.86
N ALA S 32 -75.71 3.05 4.74
CA ALA S 32 -74.53 2.18 4.58
C ALA S 32 -73.89 2.33 3.21
N LEU S 33 -74.68 2.83 2.27
CA LEU S 33 -74.23 3.11 0.92
C LEU S 33 -73.30 4.32 0.93
N ILE S 34 -73.65 5.36 1.69
CA ILE S 34 -72.79 6.55 1.77
C ILE S 34 -71.57 6.36 2.68
N ASN S 35 -71.73 5.52 3.70
CA ASN S 35 -70.61 5.19 4.59
C ASN S 35 -69.56 4.30 3.93
N GLY S 36 -70.02 3.37 3.10
CA GLY S 36 -69.15 2.49 2.34
C GLY S 36 -68.40 3.24 1.26
N VAL S 37 -68.99 4.31 0.75
CA VAL S 37 -68.38 5.13 -0.30
C VAL S 37 -67.52 6.27 0.28
N SER S 38 -67.62 6.50 1.59
CA SER S 38 -66.66 7.35 2.29
C SER S 38 -65.33 6.59 2.42
N ARG S 39 -65.28 5.42 1.77
CA ARG S 39 -64.14 4.51 1.79
C ARG S 39 -63.73 4.11 0.36
N ASN S 40 -64.69 4.19 -0.58
CA ASN S 40 -64.44 4.00 -2.02
C ASN S 40 -63.91 2.61 -2.41
N PRO S 41 -63.45 2.44 -3.67
CA PRO S 41 -63.47 3.35 -4.82
C PRO S 41 -64.60 3.08 -5.82
N SER S 42 -65.64 2.36 -5.38
CA SER S 42 -66.65 1.87 -6.32
C SER S 42 -67.97 2.64 -6.24
N ILE S 43 -67.91 3.94 -6.46
CA ILE S 43 -69.12 4.79 -6.48
C ILE S 43 -70.11 4.36 -7.58
N LYS S 44 -69.69 4.39 -8.84
CA LYS S 44 -70.46 3.83 -9.94
C LYS S 44 -70.03 2.38 -10.17
N ASP S 45 -70.99 1.45 -10.07
CA ASP S 45 -70.78 -0.01 -10.13
C ASP S 45 -70.31 -0.61 -8.80
N THR S 46 -70.73 -1.85 -8.54
CA THR S 46 -70.56 -2.54 -7.25
C THR S 46 -71.44 -1.89 -6.19
N VAL S 47 -71.11 -0.66 -5.82
CA VAL S 47 -71.79 0.07 -4.74
C VAL S 47 -73.29 0.31 -4.99
N PHE S 48 -73.62 0.99 -6.09
CA PHE S 48 -75.00 1.37 -6.36
C PHE S 48 -75.89 0.23 -6.90
N PRO S 49 -75.33 -0.65 -7.78
CA PRO S 49 -76.05 -1.87 -8.23
C PRO S 49 -76.56 -2.79 -7.10
N MET S 50 -75.88 -2.78 -5.97
CA MET S 50 -76.33 -3.55 -4.80
C MET S 50 -77.33 -2.71 -4.01
N ALA S 51 -77.11 -1.39 -4.01
CA ALA S 51 -77.90 -0.45 -3.23
C ALA S 51 -79.31 -0.24 -3.76
N ILE S 52 -79.42 0.12 -5.04
CA ILE S 52 -80.72 0.35 -5.68
C ILE S 52 -81.55 -0.95 -5.73
N LEU S 53 -80.84 -2.07 -5.86
CA LEU S 53 -81.43 -3.40 -5.78
C LEU S 53 -81.97 -3.65 -4.37
N GLY S 54 -81.26 -3.11 -3.38
CA GLY S 54 -81.68 -3.17 -1.98
C GLY S 54 -82.89 -2.28 -1.69
N PHE S 55 -82.91 -1.08 -2.29
CA PHE S 55 -84.05 -0.17 -2.18
C PHE S 55 -85.33 -0.77 -2.78
N ALA S 56 -85.19 -1.41 -3.94
CA ALA S 56 -86.33 -2.01 -4.63
C ALA S 56 -86.95 -3.11 -3.78
N LEU S 57 -86.10 -3.99 -3.25
CA LEU S 57 -86.54 -5.12 -2.41
C LEU S 57 -87.14 -4.69 -1.07
N SER S 58 -86.83 -3.46 -0.65
CA SER S 58 -87.32 -2.92 0.62
C SER S 58 -88.53 -1.98 0.44
N GLU S 59 -88.70 -1.45 -0.78
CA GLU S 59 -89.91 -0.68 -1.10
C GLU S 59 -91.00 -1.60 -1.67
N ALA S 60 -90.63 -2.85 -1.92
CA ALA S 60 -91.59 -3.91 -2.27
C ALA S 60 -92.43 -4.30 -1.05
N THR S 61 -91.92 -3.97 0.13
CA THR S 61 -92.67 -4.08 1.39
C THR S 61 -93.80 -3.05 1.36
N GLY S 62 -93.43 -1.80 1.04
CA GLY S 62 -94.36 -0.67 0.99
C GLY S 62 -95.44 -0.75 -0.09
N LEU S 63 -95.10 -1.33 -1.24
CA LEU S 63 -96.06 -1.49 -2.34
C LEU S 63 -97.07 -2.61 -2.07
N PHE S 64 -96.62 -3.68 -1.41
CA PHE S 64 -97.52 -4.76 -0.96
C PHE S 64 -98.29 -4.36 0.31
N CYS S 65 -97.88 -3.24 0.90
CA CYS S 65 -98.45 -2.74 2.14
C CYS S 65 -99.49 -1.65 1.87
N LEU S 66 -99.18 -0.77 0.92
CA LEU S 66 -100.09 0.28 0.46
C LEU S 66 -101.23 -0.32 -0.36
N MET S 67 -101.00 -1.52 -0.88
CA MET S 67 -101.98 -2.29 -1.65
C MET S 67 -103.13 -2.75 -0.76
N VAL S 68 -102.80 -3.23 0.44
CA VAL S 68 -103.78 -3.71 1.42
C VAL S 68 -104.60 -2.55 2.01
N SER S 69 -104.00 -1.37 2.11
CA SER S 69 -104.70 -0.17 2.58
C SER S 69 -105.65 0.40 1.51
N PHE S 70 -105.16 0.45 0.27
CA PHE S 70 -105.95 0.92 -0.87
C PHE S 70 -107.03 -0.07 -1.29
N LEU S 71 -106.83 -1.35 -0.98
CA LEU S 71 -107.84 -2.39 -1.21
C LEU S 71 -109.00 -2.21 -0.26
N LEU S 72 -108.69 -1.78 0.97
CA LEU S 72 -109.69 -1.51 1.99
C LEU S 72 -110.17 -0.05 1.96
N LEU S 73 -109.82 0.69 0.91
CA LEU S 73 -110.27 2.07 0.75
C LEU S 73 -110.39 2.42 -0.73
N PHE S 74 -111.45 2.21 -1.33
PG ANP T . 16.63 11.52 -28.78
O1G ANP T . 16.70 11.07 -30.31
O2G ANP T . 17.56 12.81 -28.51
O3G ANP T . 17.06 10.31 -27.80
PB ANP T . 14.94 13.63 -27.99
O1B ANP T . 15.41 13.75 -26.49
O2B ANP T . 15.91 14.54 -28.86
N3B ANP T . 15.00 11.99 -28.49
PA ANP T . 12.90 14.12 -29.80
O1A ANP T . 13.22 15.62 -30.22
O2A ANP T . 13.65 13.04 -30.69
O3A ANP T . 13.39 13.97 -28.26
O5' ANP T . 11.33 13.85 -29.79
C5' ANP T . 10.92 12.50 -29.59
C4' ANP T . 9.84 12.15 -30.62
O4' ANP T . 8.63 12.79 -30.25
C3' ANP T . 10.22 12.65 -32.00
O3' ANP T . 10.10 11.51 -32.83
C2' ANP T . 9.18 13.69 -32.38
O2' ANP T . 8.58 13.46 -33.65
C1' ANP T . 8.16 13.67 -31.25
N9 ANP T . 7.86 14.96 -30.59
C8 ANP T . 8.67 15.74 -29.83
N7 ANP T . 8.02 16.86 -29.37
C5 ANP T . 6.75 16.78 -29.82
C6 ANP T . 5.47 17.54 -29.76
N6 ANP T . 5.41 18.70 -29.06
N1 ANP T . 4.37 17.08 -30.40
C2 ANP T . 4.39 15.93 -31.10
N3 ANP T . 5.47 15.16 -31.22
C4 ANP T . 6.68 15.56 -30.58
MG MG U . 17.58 14.31 -29.88
PG ANP V . 29.15 13.46 18.90
O1G ANP V . 29.31 15.00 18.50
O2G ANP V . 30.41 12.99 19.74
O3G ANP V . 28.97 12.56 17.60
PB ANP V . 27.64 11.95 20.90
O1B ANP V . 26.91 10.72 20.21
O2B ANP V . 29.12 11.57 21.33
N3B ANP V . 27.70 13.31 19.84
PA ANP V . 27.53 13.63 23.01
O1A ANP V . 28.22 13.11 24.34
O2A ANP V . 28.54 14.44 22.10
O3A ANP V . 26.85 12.44 22.20
O5' ANP V . 26.25 14.49 23.42
C5' ANP V . 25.25 14.85 22.48
C4' ANP V . 24.59 16.06 23.10
O4' ANP V . 23.41 15.69 23.81
C3' ANP V . 25.56 16.66 24.10
O3' ANP V . 25.86 17.98 23.68
C2' ANP V . 24.88 16.60 25.46
O2' ANP V . 24.78 17.89 26.04
C1' ANP V . 23.51 16.00 25.21
N9 ANP V . 23.24 14.80 26.04
C8 ANP V . 23.79 13.56 25.94
N7 ANP V . 23.32 12.67 26.87
C5 ANP V . 22.41 13.34 27.61
C6 ANP V . 21.49 13.11 28.75
N6 ANP V . 21.43 11.89 29.34
N1 ANP V . 20.70 14.12 29.19
C2 ANP V . 20.71 15.36 28.65
N3 ANP V . 21.50 15.69 27.61
C4 ANP V . 22.38 14.69 27.06
MG MG W . 31.39 12.75 21.22
PG ANP X . 23.67 -27.03 -3.36
O1G ANP X . 24.43 -27.98 -2.33
O2G ANP X . 24.14 -27.38 -4.84
O3G ANP X . 23.86 -25.49 -2.97
PB ANP X . 21.14 -27.61 -4.70
O1B ANP X . 20.81 -26.24 -5.40
O2B ANP X . 22.05 -28.58 -5.59
N3B ANP X . 21.97 -27.29 -3.23
PA ANP X . 19.91 -29.88 -3.69
O1A ANP X . 19.39 -30.95 -4.74
O2A ANP X . 21.40 -30.16 -3.19
O3A ANP X . 19.80 -28.39 -4.26
O5' ANP X . 18.89 -29.93 -2.48
C5' ANP X . 19.19 -29.56 -1.15
C4' ANP X . 18.21 -30.35 -0.29
O4' ANP X . 16.84 -30.17 -0.68
C3' ANP X . 18.54 -31.82 -0.39
O3' ANP X . 18.70 -32.29 0.95
C2' ANP X . 17.33 -32.51 -0.94
O2' ANP X . 16.94 -33.61 -0.17
C1' ANP X . 16.27 -31.45 -0.96
N9 ANP X . 15.44 -31.65 -2.14
C8 ANP X . 15.68 -31.50 -3.46
N7 ANP X . 14.59 -31.86 -4.23
C5 ANP X . 13.65 -32.27 -3.36
C6 ANP X . 12.28 -32.80 -3.36
N6 ANP X . 11.64 -32.99 -4.53
N1 ANP X . 11.68 -33.09 -2.20
C2 ANP X . 12.28 -32.93 -0.99
N3 ANP X . 13.52 -32.47 -0.85
C4 ANP X . 14.22 -32.14 -2.06
MG MG Y . 24.11 -28.99 -5.65
PG ANP Z . 18.14 -14.36 -27.36
O1G ANP Z . 19.17 -15.16 -26.40
O2G ANP Z . 18.53 -14.30 -28.92
O3G ANP Z . 17.98 -12.88 -26.78
PB ANP Z . 15.32 -14.24 -27.84
O1B ANP Z . 15.14 -12.86 -27.07
O2B ANP Z . 15.74 -14.01 -29.35
N3B ANP Z . 16.60 -15.14 -27.15
PA ANP Z . 13.64 -16.08 -28.83
O1A ANP Z . 13.23 -15.28 -30.14
O2A ANP Z . 14.79 -17.17 -29.01
O3A ANP Z . 14.01 -15.10 -27.65
O5' ANP Z . 12.34 -16.76 -28.25
C5' ANP Z . 12.51 -17.20 -26.94
C4' ANP Z . 11.26 -17.93 -26.58
O4' ANP Z . 10.16 -17.07 -26.33
C3' ANP Z . 10.81 -19.01 -27.55
O3' ANP Z . 11.33 -20.30 -27.27
C2' ANP Z . 9.31 -18.85 -27.64
O2' ANP Z . 8.71 -19.75 -26.73
C1' ANP Z . 8.98 -17.57 -26.94
N9 ANP Z . 8.46 -16.70 -28.01
C8 ANP Z . 9.10 -15.72 -28.69
N7 ANP Z . 8.30 -15.15 -29.66
C5 ANP Z . 7.10 -15.79 -29.61
C6 ANP Z . 5.77 -15.78 -30.27
N6 ANP Z . 5.49 -14.91 -31.27
N1 ANP Z . 4.82 -16.66 -29.87
C2 ANP Z . 5.02 -17.56 -28.89
N3 ANP Z . 6.17 -17.68 -28.21
C4 ANP Z . 7.24 -16.78 -28.55
MG MG AA . 17.47 -15.29 -30.07
PG ANP BA . 31.50 -12.70 17.88
O1G ANP BA . 32.21 -11.44 18.55
O2G ANP BA . 32.27 -14.05 18.25
O3G ANP BA . 31.43 -12.35 16.30
PB ANP BA . 29.17 -14.49 18.47
O1B ANP BA . 28.20 -14.32 17.24
O2B ANP BA . 30.00 -15.84 18.52
N3B ANP BA . 29.94 -12.94 18.61
PA ANP BA . 28.31 -14.81 21.15
O1A ANP BA . 28.24 -16.37 21.45
O2A ANP BA . 29.59 -13.99 21.62
O3A ANP BA . 28.07 -14.61 19.58
O5' ANP BA . 26.95 -14.09 21.57
C5' ANP BA . 26.96 -12.68 21.47
C4' ANP BA . 25.95 -12.25 22.54
O4' ANP BA . 24.63 -12.58 22.11
C3' ANP BA . 26.17 -12.80 23.99
O3' ANP BA . 26.68 -11.88 24.95
C2' ANP BA . 24.83 -13.36 24.43
O2' ANP BA . 24.23 -12.51 25.39
C1' ANP BA . 23.94 -13.22 23.19
N9 ANP BA . 23.58 -14.59 22.82
C8 ANP BA . 24.01 -15.31 21.75
N7 ANP BA . 23.47 -16.57 21.74
C5 ANP BA . 22.67 -16.64 22.84
C6 ANP BA . 21.79 -17.60 23.51
N6 ANP BA . 21.67 -18.80 22.90
N1 ANP BA . 21.15 -17.26 24.67
C2 ANP BA . 21.28 -16.05 25.26
N3 ANP BA . 22.07 -15.08 24.76
C4 ANP BA . 22.78 -15.37 23.53
MG MG CA . 32.22 -15.48 19.05
#